data_5CNS
#
_entry.id   5CNS
#
_cell.length_a   274.154
_cell.length_b   157.830
_cell.length_c   164.251
_cell.angle_alpha   90.00
_cell.angle_beta   118.82
_cell.angle_gamma   90.00
#
_symmetry.space_group_name_H-M   'C 1 2 1'
#
loop_
_entity.id
_entity.type
_entity.pdbx_description
1 polymer 'Ribonucleoside-diphosphate reductase 1 subunit alpha'
2 polymer 'Ribonucleoside-diphosphate reductase 1 subunit beta'
3 non-polymer "CYTIDINE-5'-DIPHOSPHATE"
4 non-polymer "2'-DEOXYADENOSINE-5'-DIPHOSPHATE"
5 non-polymer 'MAGNESIUM ION'
6 non-polymer "2'-DEOXYADENOSINE 5'-TRIPHOSPHATE"
7 non-polymer MU-OXO-DIIRON
8 water water
#
loop_
_entity_poly.entity_id
_entity_poly.type
_entity_poly.pdbx_seq_one_letter_code
_entity_poly.pdbx_strand_id
1 'polypeptide(L)'
;MNQNLLVTKRDGSTERINLDKIHRVLDWAAEGLHNVSISQVELRSHIQFYDGIKTSDIHETIIKAAADLISRDAPDYQYL
AARLAIFHLRKKAYGQFEPPALYDHVVKMVEMGKYDNHLLEDYTEEEFKQMDTFIDHDRDMTFSYAAVKQLEGKYLVQNR
VTGEIYESAQFLYILVAACLFSNYPRETRLQYVKRFYDAVSTFKISLPTPIMSGVRTPTRQFSSCVLIECGDSLDSINAT
SSAIVKYVSQRAGIGINAGRIRALGSPIRGGEAFHTGCIPFYKHFQTAVKSCSQGGVRGGAATLFYPMWHLEVESLLVLK
NNRGVEGNRVRHMDYGVQINKLMYTRLLKGEDITLFSPSDVPGLYDAFFADQEEFERLYTKYEKDDSIRKQRVKAVELFS
LMMQERASTGRIYIQNVDHCNTHSPFDPAIAPVRQSNLCLEIALPTKPLNDVNDENGEIALCTLSAFNLGAINNLDELEE
LAILAVRALDALLDYQDYPIPAAKRGAMGRRTLGIGVINFAYYLAKHGKRYSDGSANNLTHKTFEAIQYYLLKASNELAK
EQGACPWFNETTYAKGILPIDTYKKDLDTIANEPLHYDWEALRESIKTHGLRNSTLSALMPSETSSQISNATNGIEPPRG
YVSIKASKDGILRQVVPDYEHLHDAYELLWEMPGNDGYLQLVGIMQKFIDQSISANTNYDPSRFPSGKVPMQQLLKDLLT
AYKFGVKTLYYQNTRDGAEDAQDDLVPSIQDDGCESGACKI
;
A,B,C,D
2 'polypeptide(L)'
;AYTTFSQTKNDQLKEPMFFGQPVNVARYDQQKYDIFEKLIEKQLSFFWRPEEVDVSRDRIDYQALPEHEKHIFISNLKYQ
TLLDSIQGRSPNVALLPLISIPELETWVETWAFSETIHSRSYTHIIRNIVNDPSVVFDDIVTNEQIQKRAEGISSYYDEL
IEMTSYWHLLGEGTHTVNGKTVTVSLRELKKKLYLCLMSVNALEAIRFYVSFACSFAFAERELMEGNAKIIRLIARDEAL
HLTGTQHMLNLLRSGADDPEMAEIAEECKQECYDLFVQAAQQEKDWADYLFRDGSMIGLNKDILCQYVEYITNIRMQAVG
LDLPFQTRSNPIPWINTWLVSDNVQVAPQEVEVSSYLVGQIDSEVDTDDLSNFQL
;
E,F,G,H
#
loop_
_chem_comp.id
_chem_comp.type
_chem_comp.name
_chem_comp.formula
CDP non-polymer CYTIDINE-5'-DIPHOSPHATE 'C9 H15 N3 O11 P2'
DAT non-polymer 2'-DEOXYADENOSINE-5'-DIPHOSPHATE 'C10 H15 N5 O9 P2'
DTP non-polymer '2'-DEOXYADENOSINE 5'-TRIPHOSPHATE' 'C10 H16 N5 O12 P3'
FEO non-polymer MU-OXO-DIIRON 'Fe2 O'
MG non-polymer 'MAGNESIUM ION' 'Mg 2'
#
# COMPACT_ATOMS: atom_id res chain seq x y z
N LEU A 5 41.53 -51.62 -13.20
CA LEU A 5 41.51 -50.56 -14.21
C LEU A 5 42.93 -50.23 -14.67
N LEU A 6 43.03 -49.60 -15.84
CA LEU A 6 44.30 -49.36 -16.51
C LEU A 6 44.63 -47.88 -16.58
N VAL A 7 45.93 -47.59 -16.55
CA VAL A 7 46.46 -46.25 -16.78
C VAL A 7 47.24 -46.30 -18.11
N THR A 8 47.53 -45.11 -18.63
CA THR A 8 48.27 -44.98 -19.89
C THR A 8 49.65 -44.42 -19.58
N LYS A 9 50.69 -45.22 -19.81
CA LYS A 9 52.07 -44.82 -19.54
C LYS A 9 52.53 -43.74 -20.52
N ARG A 10 53.73 -43.21 -20.26
CA ARG A 10 54.27 -42.15 -21.11
C ARG A 10 54.61 -42.65 -22.51
N ASP A 11 54.96 -43.93 -22.64
CA ASP A 11 55.28 -44.49 -23.95
C ASP A 11 54.03 -44.89 -24.73
N GLY A 12 52.84 -44.72 -24.17
CA GLY A 12 51.60 -45.07 -24.81
C GLY A 12 51.01 -46.38 -24.35
N SER A 13 51.82 -47.26 -23.77
CA SER A 13 51.35 -48.56 -23.30
C SER A 13 50.46 -48.40 -22.08
N THR A 14 49.75 -49.48 -21.75
CA THR A 14 48.82 -49.50 -20.62
C THR A 14 49.16 -50.65 -19.68
N GLU A 15 48.91 -50.42 -18.39
CA GLU A 15 49.05 -51.45 -17.37
C GLU A 15 48.12 -51.11 -16.22
N ARG A 16 47.75 -52.13 -15.46
CA ARG A 16 46.78 -51.92 -14.39
C ARG A 16 47.38 -51.11 -13.24
N ILE A 17 46.50 -50.38 -12.56
CA ILE A 17 46.92 -49.36 -11.60
C ILE A 17 47.63 -50.00 -10.42
N ASN A 18 48.69 -49.34 -9.96
CA ASN A 18 49.49 -49.81 -8.83
C ASN A 18 49.89 -48.59 -8.01
N LEU A 19 49.26 -48.41 -6.85
CA LEU A 19 49.52 -47.24 -6.02
C LEU A 19 50.93 -47.24 -5.44
N ASP A 20 51.61 -48.39 -5.44
CA ASP A 20 52.99 -48.42 -4.98
C ASP A 20 53.89 -47.57 -5.86
N LYS A 21 53.54 -47.42 -7.14
CA LYS A 21 54.29 -46.53 -8.01
C LYS A 21 54.20 -45.09 -7.52
N ILE A 22 53.02 -44.68 -7.04
CA ILE A 22 52.86 -43.34 -6.49
C ILE A 22 53.54 -43.22 -5.13
N HIS A 23 53.45 -44.27 -4.31
CA HIS A 23 54.13 -44.27 -3.02
C HIS A 23 55.63 -44.12 -3.18
N ARG A 24 56.22 -44.86 -4.12
CA ARG A 24 57.67 -44.86 -4.28
C ARG A 24 58.20 -43.49 -4.72
N VAL A 25 57.56 -42.89 -5.72
CA VAL A 25 58.00 -41.59 -6.23
C VAL A 25 57.87 -40.52 -5.17
N LEU A 26 56.87 -40.63 -4.30
CA LEU A 26 56.70 -39.66 -3.23
C LEU A 26 57.71 -39.89 -2.12
N ASP A 27 57.98 -41.15 -1.77
CA ASP A 27 59.02 -41.44 -0.79
C ASP A 27 60.36 -40.89 -1.23
N TRP A 28 60.67 -41.00 -2.52
CA TRP A 28 61.92 -40.45 -3.04
C TRP A 28 61.94 -38.93 -2.94
N ALA A 29 60.84 -38.28 -3.29
CA ALA A 29 60.79 -36.82 -3.25
C ALA A 29 60.79 -36.28 -1.83
N ALA A 30 60.36 -37.07 -0.85
CA ALA A 30 60.30 -36.62 0.54
C ALA A 30 61.50 -37.06 1.36
N GLU A 31 62.46 -37.75 0.76
CA GLU A 31 63.61 -38.24 1.51
C GLU A 31 64.42 -37.09 2.07
N GLY A 32 64.72 -37.16 3.36
CA GLY A 32 65.52 -36.13 4.02
C GLY A 32 64.77 -34.89 4.43
N LEU A 33 63.52 -34.74 3.99
CA LEU A 33 62.75 -33.55 4.33
C LEU A 33 62.10 -33.70 5.70
N HIS A 34 61.83 -32.56 6.33
CA HIS A 34 61.22 -32.52 7.65
C HIS A 34 59.78 -32.08 7.54
N ASN A 35 58.91 -32.73 8.31
CA ASN A 35 57.52 -32.32 8.51
C ASN A 35 56.72 -32.37 7.20
N VAL A 36 57.04 -33.31 6.32
CA VAL A 36 56.25 -33.54 5.12
C VAL A 36 55.53 -34.88 5.28
N SER A 37 54.50 -35.09 4.46
CA SER A 37 53.64 -36.25 4.60
C SER A 37 53.28 -36.80 3.21
N ILE A 38 53.75 -38.01 2.93
CA ILE A 38 53.33 -38.73 1.72
C ILE A 38 51.82 -38.87 1.69
N SER A 39 51.23 -39.21 2.84
CA SER A 39 49.79 -39.37 2.92
C SER A 39 49.07 -38.08 2.55
N GLN A 40 49.56 -36.95 3.05
CA GLN A 40 48.90 -35.67 2.79
C GLN A 40 48.90 -35.34 1.29
N VAL A 41 50.00 -35.63 0.59
CA VAL A 41 50.08 -35.29 -0.82
C VAL A 41 49.08 -36.10 -1.64
N GLU A 42 48.99 -37.41 -1.36
CA GLU A 42 48.07 -38.26 -2.11
C GLU A 42 46.62 -37.86 -1.87
N LEU A 43 46.28 -37.53 -0.61
CA LEU A 43 44.90 -37.21 -0.29
C LEU A 43 44.50 -35.83 -0.80
N ARG A 44 45.42 -34.87 -0.75
CA ARG A 44 45.14 -33.54 -1.29
C ARG A 44 45.11 -33.52 -2.81
N SER A 45 45.60 -34.57 -3.46
CA SER A 45 45.53 -34.65 -4.91
C SER A 45 44.10 -34.80 -5.40
N HIS A 46 43.24 -35.45 -4.60
CA HIS A 46 41.86 -35.73 -4.98
C HIS A 46 41.79 -36.33 -6.39
N ILE A 47 42.74 -37.24 -6.67
CA ILE A 47 42.89 -37.77 -8.03
C ILE A 47 41.72 -38.69 -8.33
N GLN A 48 41.01 -38.39 -9.43
CA GLN A 48 39.86 -39.18 -9.87
C GLN A 48 40.33 -40.15 -10.95
N PHE A 49 40.54 -41.42 -10.56
CA PHE A 49 41.00 -42.42 -11.52
C PHE A 49 39.86 -42.87 -12.43
N TYR A 50 40.12 -42.82 -13.73
CA TYR A 50 39.24 -43.41 -14.73
C TYR A 50 40.07 -44.37 -15.57
N ASP A 51 39.39 -45.32 -16.20
CA ASP A 51 40.09 -46.34 -16.98
C ASP A 51 40.76 -45.69 -18.18
N GLY A 52 42.08 -45.83 -18.26
CA GLY A 52 42.85 -45.19 -19.31
C GLY A 52 43.41 -43.83 -18.96
N ILE A 53 43.45 -43.48 -17.67
CA ILE A 53 43.95 -42.17 -17.25
C ILE A 53 45.43 -42.06 -17.56
N LYS A 54 45.82 -40.92 -18.14
CA LYS A 54 47.22 -40.69 -18.48
C LYS A 54 48.07 -40.66 -17.22
N THR A 55 49.22 -41.34 -17.25
CA THR A 55 50.12 -41.32 -16.11
C THR A 55 50.78 -39.96 -15.93
N SER A 56 50.88 -39.16 -16.98
CA SER A 56 51.46 -37.82 -16.85
C SER A 56 50.49 -36.85 -16.20
N ASP A 57 49.18 -37.03 -16.41
CA ASP A 57 48.20 -36.21 -15.70
C ASP A 57 48.20 -36.53 -14.22
N ILE A 58 48.42 -37.80 -13.86
CA ILE A 58 48.52 -38.18 -12.45
C ILE A 58 49.67 -37.44 -11.78
N HIS A 59 50.83 -37.41 -12.45
CA HIS A 59 51.99 -36.77 -11.83
C HIS A 59 51.79 -35.27 -11.68
N GLU A 60 51.20 -34.62 -12.70
CA GLU A 60 50.94 -33.19 -12.60
C GLU A 60 49.97 -32.88 -11.47
N THR A 61 49.03 -33.80 -11.20
CA THR A 61 48.07 -33.59 -10.11
C THR A 61 48.75 -33.62 -8.75
N ILE A 62 49.68 -34.57 -8.54
CA ILE A 62 50.34 -34.63 -7.23
C ILE A 62 51.42 -33.57 -7.10
N ILE A 63 51.88 -32.97 -8.20
CA ILE A 63 52.78 -31.83 -8.10
C ILE A 63 52.03 -30.62 -7.56
N LYS A 64 50.84 -30.35 -8.10
CA LYS A 64 50.05 -29.22 -7.63
C LYS A 64 49.66 -29.40 -6.17
N ALA A 65 49.34 -30.63 -5.77
CA ALA A 65 48.92 -30.86 -4.39
C ALA A 65 50.06 -30.59 -3.42
N ALA A 66 51.24 -31.14 -3.69
CA ALA A 66 52.37 -30.90 -2.81
C ALA A 66 52.80 -29.44 -2.85
N ALA A 67 52.65 -28.78 -4.01
CA ALA A 67 53.03 -27.38 -4.12
C ALA A 67 52.12 -26.50 -3.28
N ASP A 68 50.84 -26.85 -3.15
CA ASP A 68 49.90 -26.06 -2.38
C ASP A 68 50.01 -26.31 -0.88
N LEU A 69 50.80 -27.29 -0.46
CA LEU A 69 51.02 -27.58 0.95
C LEU A 69 52.15 -26.77 1.54
N ILE A 70 52.81 -25.94 0.74
CA ILE A 70 53.87 -25.06 1.24
C ILE A 70 53.29 -24.09 2.25
N SER A 71 53.82 -24.13 3.48
CA SER A 71 53.30 -23.30 4.56
C SER A 71 54.43 -22.97 5.52
N ARG A 72 54.11 -22.15 6.52
CA ARG A 72 55.10 -21.83 7.54
C ARG A 72 55.41 -23.04 8.42
N ASP A 73 54.42 -23.88 8.68
CA ASP A 73 54.62 -25.03 9.55
C ASP A 73 55.39 -26.15 8.86
N ALA A 74 55.29 -26.23 7.54
CA ALA A 74 56.00 -27.24 6.74
C ALA A 74 56.61 -26.57 5.53
N PRO A 75 57.72 -25.84 5.71
CA PRO A 75 58.35 -25.17 4.55
C PRO A 75 59.04 -26.13 3.60
N ASP A 76 59.41 -27.33 4.05
CA ASP A 76 60.14 -28.27 3.20
C ASP A 76 59.32 -28.80 2.03
N TYR A 77 58.02 -28.51 1.97
CA TYR A 77 57.25 -28.87 0.78
C TYR A 77 57.75 -28.15 -0.45
N GLN A 78 58.47 -27.03 -0.29
CA GLN A 78 59.02 -26.33 -1.43
C GLN A 78 60.02 -27.20 -2.18
N TYR A 79 60.66 -28.13 -1.48
CA TYR A 79 61.63 -29.03 -2.11
C TYR A 79 60.99 -30.32 -2.58
N LEU A 80 59.97 -30.81 -1.89
CA LEU A 80 59.26 -32.00 -2.34
C LEU A 80 58.59 -31.76 -3.68
N ALA A 81 57.89 -30.64 -3.81
CA ALA A 81 57.23 -30.31 -5.07
C ALA A 81 58.25 -30.03 -6.16
N ALA A 82 59.38 -29.41 -5.81
CA ALA A 82 60.41 -29.15 -6.80
C ALA A 82 61.00 -30.45 -7.34
N ARG A 83 61.30 -31.40 -6.45
CA ARG A 83 61.84 -32.68 -6.89
C ARG A 83 60.85 -33.43 -7.78
N LEU A 84 59.56 -33.39 -7.43
CA LEU A 84 58.55 -34.00 -8.29
C LEU A 84 58.46 -33.29 -9.63
N ALA A 85 58.58 -31.96 -9.63
CA ALA A 85 58.48 -31.19 -10.87
C ALA A 85 59.72 -31.38 -11.74
N ILE A 86 60.90 -31.45 -11.12
CA ILE A 86 62.12 -31.76 -11.86
C ILE A 86 61.99 -33.12 -12.51
N PHE A 87 61.54 -34.12 -11.75
CA PHE A 87 61.30 -35.46 -12.28
C PHE A 87 60.34 -35.41 -13.47
N HIS A 88 59.26 -34.65 -13.34
CA HIS A 88 58.30 -34.52 -14.44
C HIS A 88 58.93 -33.86 -15.65
N LEU A 89 59.72 -32.80 -15.45
CA LEU A 89 60.34 -32.11 -16.57
C LEU A 89 61.40 -32.96 -17.26
N ARG A 90 62.07 -33.84 -16.51
CA ARG A 90 63.03 -34.75 -17.14
C ARG A 90 62.33 -35.68 -18.13
N LYS A 91 61.19 -36.24 -17.72
CA LYS A 91 60.46 -37.15 -18.60
C LYS A 91 59.94 -36.44 -19.84
N LYS A 92 59.46 -35.21 -19.70
CA LYS A 92 58.90 -34.49 -20.84
C LYS A 92 59.93 -34.26 -21.94
N ALA A 93 61.16 -33.93 -21.55
CA ALA A 93 62.18 -33.57 -22.53
C ALA A 93 62.98 -34.76 -23.02
N TYR A 94 63.15 -35.79 -22.17
CA TYR A 94 64.05 -36.91 -22.48
C TYR A 94 63.37 -38.26 -22.51
N GLY A 95 62.14 -38.38 -21.99
CA GLY A 95 61.51 -39.68 -21.86
C GLY A 95 62.06 -40.56 -20.76
N GLN A 96 63.06 -40.07 -20.02
CA GLN A 96 63.69 -40.80 -18.94
C GLN A 96 64.19 -39.79 -17.90
N PHE A 97 64.77 -40.29 -16.82
CA PHE A 97 65.26 -39.38 -15.78
C PHE A 97 66.63 -38.84 -16.10
N GLU A 98 67.54 -39.69 -16.56
CA GLU A 98 68.91 -39.27 -16.80
C GLU A 98 68.99 -38.50 -18.11
N PRO A 99 69.53 -37.27 -18.12
CA PRO A 99 69.62 -36.53 -19.37
C PRO A 99 70.68 -37.13 -20.28
N PRO A 100 70.56 -36.94 -21.59
CA PRO A 100 71.57 -37.48 -22.50
C PRO A 100 72.90 -36.72 -22.44
N ALA A 101 73.85 -37.11 -23.26
CA ALA A 101 75.10 -36.38 -23.36
C ALA A 101 74.85 -34.99 -23.95
N LEU A 102 75.68 -34.03 -23.56
CA LEU A 102 75.50 -32.66 -24.04
C LEU A 102 75.59 -32.58 -25.55
N TYR A 103 76.57 -33.28 -26.13
CA TYR A 103 76.75 -33.22 -27.58
C TYR A 103 75.55 -33.82 -28.31
N ASP A 104 75.11 -35.01 -27.88
CA ASP A 104 73.99 -35.67 -28.55
C ASP A 104 72.74 -34.79 -28.48
N HIS A 105 72.57 -34.08 -27.37
CA HIS A 105 71.42 -33.18 -27.22
C HIS A 105 71.53 -31.98 -28.14
N VAL A 106 72.69 -31.32 -28.16
CA VAL A 106 72.88 -30.12 -28.99
C VAL A 106 72.67 -30.45 -30.46
N VAL A 107 73.20 -31.59 -30.92
CA VAL A 107 73.05 -31.98 -32.33
C VAL A 107 71.57 -32.12 -32.67
N LYS A 108 70.82 -32.84 -31.84
CA LYS A 108 69.40 -33.03 -32.10
C LYS A 108 68.64 -31.71 -32.06
N MET A 109 69.04 -30.79 -31.19
CA MET A 109 68.32 -29.54 -31.04
C MET A 109 68.62 -28.56 -32.16
N VAL A 110 69.84 -28.56 -32.69
CA VAL A 110 70.15 -27.70 -33.81
C VAL A 110 69.42 -28.18 -35.06
N GLU A 111 69.33 -29.49 -35.24
CA GLU A 111 68.62 -30.04 -36.39
C GLU A 111 67.14 -29.71 -36.33
N MET A 112 66.56 -29.66 -35.12
CA MET A 112 65.16 -29.29 -34.97
C MET A 112 64.93 -27.78 -35.05
N GLY A 113 65.99 -26.98 -35.14
CA GLY A 113 65.85 -25.53 -35.21
C GLY A 113 65.58 -24.85 -33.89
N LYS A 114 65.79 -25.54 -32.76
CA LYS A 114 65.53 -24.95 -31.45
C LYS A 114 66.76 -24.28 -30.85
N TYR A 115 67.97 -24.68 -31.26
CA TYR A 115 69.20 -24.01 -30.88
C TYR A 115 69.82 -23.31 -32.07
N ASP A 116 70.71 -22.37 -31.78
CA ASP A 116 71.48 -21.70 -32.82
C ASP A 116 72.59 -22.61 -33.33
N ASN A 117 72.71 -22.70 -34.65
CA ASN A 117 73.67 -23.62 -35.27
C ASN A 117 75.12 -23.21 -35.04
N HIS A 118 75.37 -22.00 -34.53
CA HIS A 118 76.74 -21.60 -34.25
C HIS A 118 77.37 -22.44 -33.17
N LEU A 119 76.57 -23.12 -32.36
CA LEU A 119 77.11 -23.97 -31.30
C LEU A 119 77.95 -25.10 -31.89
N LEU A 120 77.50 -25.66 -33.02
CA LEU A 120 78.23 -26.74 -33.66
C LEU A 120 79.42 -26.24 -34.48
N GLU A 121 79.47 -24.93 -34.77
CA GLU A 121 80.58 -24.36 -35.50
C GLU A 121 81.71 -23.89 -34.58
N ASP A 122 81.38 -23.40 -33.39
CA ASP A 122 82.37 -22.83 -32.49
C ASP A 122 82.91 -23.85 -31.49
N TYR A 123 82.26 -24.99 -31.33
CA TYR A 123 82.71 -26.02 -30.41
C TYR A 123 82.72 -27.37 -31.13
N THR A 124 83.80 -28.12 -30.91
CA THR A 124 83.95 -29.47 -31.46
C THR A 124 83.29 -30.49 -30.54
N GLU A 125 83.13 -31.71 -31.04
CA GLU A 125 82.54 -32.77 -30.23
C GLU A 125 83.40 -33.06 -29.00
N GLU A 126 84.73 -32.95 -29.13
CA GLU A 126 85.59 -33.17 -27.98
C GLU A 126 85.41 -32.08 -26.94
N GLU A 127 85.08 -30.86 -27.36
CA GLU A 127 84.83 -29.77 -26.41
C GLU A 127 83.48 -29.91 -25.73
N PHE A 128 82.45 -30.37 -26.47
CA PHE A 128 81.15 -30.58 -25.86
C PHE A 128 81.21 -31.66 -24.80
N LYS A 129 81.95 -32.75 -25.07
CA LYS A 129 82.12 -33.80 -24.07
C LYS A 129 82.91 -33.30 -22.87
N GLN A 130 83.75 -32.29 -23.06
CA GLN A 130 84.50 -31.74 -21.94
C GLN A 130 83.63 -30.84 -21.07
N MET A 131 82.66 -30.15 -21.67
CA MET A 131 81.72 -29.37 -20.88
C MET A 131 80.71 -30.26 -20.17
N ASP A 132 80.49 -31.48 -20.67
CA ASP A 132 79.60 -32.41 -19.98
C ASP A 132 80.18 -32.85 -18.65
N THR A 133 81.51 -32.82 -18.51
CA THR A 133 82.15 -33.10 -17.24
C THR A 133 82.03 -31.94 -16.25
N PHE A 134 81.79 -30.72 -16.75
CA PHE A 134 81.53 -29.59 -15.85
C PHE A 134 80.16 -29.72 -15.20
N ILE A 135 79.17 -30.22 -15.94
CA ILE A 135 77.79 -30.25 -15.51
C ILE A 135 77.62 -31.18 -14.32
N ASP A 136 76.85 -30.72 -13.33
CA ASP A 136 76.40 -31.54 -12.20
C ASP A 136 74.88 -31.50 -12.19
N HIS A 137 74.24 -32.54 -12.76
CA HIS A 137 72.79 -32.59 -12.84
C HIS A 137 72.12 -32.70 -11.48
N ASP A 138 72.86 -33.04 -10.42
CA ASP A 138 72.29 -33.05 -9.08
C ASP A 138 71.95 -31.65 -8.59
N ARG A 139 72.45 -30.61 -9.27
CA ARG A 139 72.11 -29.24 -8.91
C ARG A 139 70.68 -28.90 -9.26
N ASP A 140 69.99 -29.75 -10.01
CA ASP A 140 68.54 -29.61 -10.16
C ASP A 140 67.81 -29.93 -8.86
N MET A 141 68.50 -30.57 -7.91
CA MET A 141 67.91 -30.92 -6.63
C MET A 141 68.11 -29.85 -5.57
N THR A 142 68.55 -28.65 -5.97
CA THR A 142 68.72 -27.53 -5.04
C THR A 142 67.71 -26.42 -5.30
N PHE A 143 66.88 -26.55 -6.33
CA PHE A 143 65.84 -25.58 -6.63
C PHE A 143 64.69 -25.69 -5.65
N SER A 144 63.96 -24.58 -5.49
CA SER A 144 62.66 -24.62 -4.84
C SER A 144 61.57 -24.75 -5.91
N TYR A 145 60.34 -24.98 -5.45
CA TYR A 145 59.25 -25.20 -6.40
C TYR A 145 59.00 -23.98 -7.27
N ALA A 146 59.04 -22.79 -6.68
CA ALA A 146 58.84 -21.57 -7.46
C ALA A 146 59.89 -21.44 -8.56
N ALA A 147 61.12 -21.87 -8.29
CA ALA A 147 62.16 -21.83 -9.30
C ALA A 147 61.81 -22.71 -10.50
N VAL A 148 61.36 -23.94 -10.23
CA VAL A 148 61.08 -24.88 -11.31
C VAL A 148 59.90 -24.42 -12.15
N LYS A 149 58.88 -23.84 -11.52
CA LYS A 149 57.72 -23.38 -12.30
C LYS A 149 58.08 -22.21 -13.20
N GLN A 150 59.04 -21.37 -12.78
CA GLN A 150 59.51 -20.34 -13.68
C GLN A 150 60.37 -20.93 -14.79
N LEU A 151 61.14 -21.97 -14.46
CA LEU A 151 61.94 -22.64 -15.49
C LEU A 151 61.04 -23.25 -16.57
N GLU A 152 60.07 -24.07 -16.17
CA GLU A 152 59.23 -24.72 -17.17
C GLU A 152 58.28 -23.74 -17.84
N GLY A 153 57.92 -22.65 -17.16
CA GLY A 153 56.93 -21.75 -17.71
C GLY A 153 57.51 -20.71 -18.64
N LYS A 154 58.72 -20.27 -18.35
CA LYS A 154 59.29 -19.14 -19.06
C LYS A 154 60.64 -19.41 -19.69
N TYR A 155 61.52 -20.14 -19.01
CA TYR A 155 62.94 -20.13 -19.34
C TYR A 155 63.40 -21.30 -20.21
N LEU A 156 63.02 -22.52 -19.86
CA LEU A 156 63.45 -23.67 -20.66
C LEU A 156 62.90 -23.56 -22.07
N VAL A 157 63.75 -23.88 -23.06
CA VAL A 157 63.34 -23.80 -24.46
C VAL A 157 62.16 -24.74 -24.69
N GLN A 158 61.09 -24.21 -25.25
CA GLN A 158 59.85 -24.96 -25.37
C GLN A 158 59.06 -24.45 -26.56
N ASN A 159 58.05 -25.23 -26.93
CA ASN A 159 57.14 -24.87 -28.02
C ASN A 159 55.92 -24.15 -27.45
N ARG A 160 55.71 -22.90 -27.89
CA ARG A 160 54.64 -22.07 -27.36
C ARG A 160 53.27 -22.39 -27.93
N VAL A 161 53.18 -23.33 -28.87
CA VAL A 161 51.90 -23.81 -29.38
C VAL A 161 51.57 -25.19 -28.86
N THR A 162 52.57 -26.06 -28.74
CA THR A 162 52.39 -27.42 -28.25
C THR A 162 52.49 -27.52 -26.73
N GLY A 163 53.38 -26.74 -26.14
CA GLY A 163 53.70 -26.91 -24.73
C GLY A 163 54.79 -27.91 -24.47
N GLU A 164 55.47 -28.36 -25.52
CA GLU A 164 56.46 -29.42 -25.43
C GLU A 164 57.77 -28.85 -24.89
N ILE A 165 58.27 -29.44 -23.81
CA ILE A 165 59.55 -29.05 -23.20
C ILE A 165 60.67 -29.80 -23.88
N TYR A 166 61.80 -29.11 -24.13
CA TYR A 166 62.91 -29.68 -24.89
C TYR A 166 64.21 -29.83 -24.12
N GLU A 167 64.37 -29.18 -22.97
CA GLU A 167 65.66 -29.20 -22.26
C GLU A 167 65.43 -29.22 -20.76
N SER A 168 66.52 -29.30 -20.01
CA SER A 168 66.51 -29.26 -18.55
C SER A 168 67.36 -28.08 -18.07
N ALA A 169 67.39 -27.89 -16.75
CA ALA A 169 67.97 -26.66 -16.18
C ALA A 169 69.47 -26.57 -16.38
N GLN A 170 70.19 -27.69 -16.23
CA GLN A 170 71.65 -27.63 -16.31
C GLN A 170 72.12 -27.43 -17.74
N PHE A 171 71.40 -27.97 -18.73
CA PHE A 171 71.72 -27.68 -20.12
C PHE A 171 71.50 -26.20 -20.43
N LEU A 172 70.48 -25.59 -19.84
CA LEU A 172 70.28 -24.15 -19.99
C LEU A 172 71.50 -23.38 -19.49
N TYR A 173 72.00 -23.72 -18.31
CA TYR A 173 73.13 -23.00 -17.73
C TYR A 173 74.39 -23.16 -18.58
N ILE A 174 74.75 -24.39 -18.91
CA ILE A 174 76.02 -24.64 -19.58
C ILE A 174 76.04 -24.03 -20.97
N LEU A 175 74.89 -23.94 -21.64
CA LEU A 175 74.85 -23.38 -22.98
C LEU A 175 74.77 -21.86 -22.96
N VAL A 176 74.27 -21.26 -21.87
CA VAL A 176 74.40 -19.82 -21.72
C VAL A 176 75.86 -19.44 -21.51
N ALA A 177 76.60 -20.24 -20.73
CA ALA A 177 78.02 -19.99 -20.59
C ALA A 177 78.76 -20.23 -21.90
N ALA A 178 78.40 -21.31 -22.61
CA ALA A 178 79.08 -21.62 -23.87
C ALA A 178 78.88 -20.52 -24.90
N CYS A 179 77.64 -20.05 -25.05
CA CYS A 179 77.35 -19.04 -26.05
C CYS A 179 78.02 -17.71 -25.71
N LEU A 180 78.00 -17.32 -24.44
CA LEU A 180 78.51 -16.00 -24.07
C LEU A 180 80.03 -15.92 -24.23
N PHE A 181 80.75 -17.00 -23.92
CA PHE A 181 82.19 -17.04 -24.06
C PHE A 181 82.63 -17.75 -25.33
N SER A 182 81.73 -17.89 -26.30
CA SER A 182 82.05 -18.66 -27.51
C SER A 182 83.16 -18.01 -28.32
N ASN A 183 83.31 -16.69 -28.24
CA ASN A 183 84.34 -15.98 -28.99
C ASN A 183 85.58 -15.70 -28.17
N TYR A 184 85.72 -16.33 -27.02
CA TYR A 184 86.93 -16.14 -26.24
C TYR A 184 88.08 -16.96 -26.79
N PRO A 185 89.32 -16.54 -26.55
CA PRO A 185 90.47 -17.35 -26.94
C PRO A 185 90.44 -18.75 -26.35
N ARG A 186 90.86 -19.73 -27.14
CA ARG A 186 90.86 -21.12 -26.68
C ARG A 186 91.82 -21.35 -25.52
N GLU A 187 92.78 -20.45 -25.28
CA GLU A 187 93.68 -20.62 -24.14
C GLU A 187 92.94 -20.45 -22.81
N THR A 188 91.84 -19.70 -22.82
CA THR A 188 91.09 -19.43 -21.59
C THR A 188 89.59 -19.63 -21.72
N ARG A 189 89.11 -20.09 -22.87
CA ARG A 189 87.66 -20.15 -23.10
C ARG A 189 86.99 -21.10 -22.12
N LEU A 190 87.38 -22.37 -22.13
CA LEU A 190 86.72 -23.35 -21.26
C LEU A 190 86.94 -23.07 -19.78
N GLN A 191 87.99 -22.32 -19.42
CA GLN A 191 88.12 -21.93 -18.02
C GLN A 191 87.00 -20.98 -17.63
N TYR A 192 86.73 -19.97 -18.47
CA TYR A 192 85.64 -19.06 -18.17
C TYR A 192 84.29 -19.75 -18.26
N VAL A 193 84.15 -20.74 -19.14
CA VAL A 193 82.89 -21.47 -19.27
C VAL A 193 82.57 -22.22 -17.99
N LYS A 194 83.58 -22.87 -17.40
CA LYS A 194 83.36 -23.56 -16.14
C LYS A 194 83.04 -22.57 -15.03
N ARG A 195 83.82 -21.49 -14.93
CA ARG A 195 83.67 -20.55 -13.83
C ARG A 195 82.31 -19.86 -13.86
N PHE A 196 81.83 -19.49 -15.04
CA PHE A 196 80.53 -18.84 -15.14
C PHE A 196 79.40 -19.84 -14.97
N TYR A 197 79.58 -21.08 -15.43
CA TYR A 197 78.56 -22.10 -15.18
C TYR A 197 78.43 -22.37 -13.69
N ASP A 198 79.56 -22.54 -12.99
CA ASP A 198 79.51 -22.76 -11.55
C ASP A 198 78.86 -21.57 -10.85
N ALA A 199 79.10 -20.36 -11.36
CA ALA A 199 78.57 -19.16 -10.71
C ALA A 199 77.05 -19.10 -10.78
N VAL A 200 76.47 -19.45 -11.93
CA VAL A 200 75.03 -19.32 -12.10
C VAL A 200 74.26 -20.56 -11.65
N SER A 201 74.88 -21.75 -11.73
CA SER A 201 74.19 -22.96 -11.31
C SER A 201 74.24 -23.17 -9.81
N THR A 202 75.15 -22.50 -9.11
CA THR A 202 75.17 -22.47 -7.65
C THR A 202 74.66 -21.14 -7.11
N PHE A 203 73.99 -20.35 -7.96
CA PHE A 203 73.24 -19.17 -7.57
C PHE A 203 74.12 -18.05 -7.01
N LYS A 204 75.35 -17.93 -7.50
CA LYS A 204 76.15 -16.75 -7.16
C LYS A 204 75.74 -15.54 -8.00
N ILE A 205 75.32 -15.77 -9.24
CA ILE A 205 74.90 -14.71 -10.16
C ILE A 205 73.53 -15.05 -10.70
N SER A 206 72.66 -14.04 -10.79
CA SER A 206 71.32 -14.19 -11.34
C SER A 206 71.25 -13.61 -12.74
N LEU A 207 70.60 -14.33 -13.65
CA LEU A 207 70.49 -13.93 -15.05
C LEU A 207 69.06 -13.50 -15.37
N PRO A 208 68.88 -12.51 -16.25
CA PRO A 208 67.54 -11.99 -16.53
C PRO A 208 66.73 -12.95 -17.39
N THR A 209 65.43 -12.64 -17.50
CA THR A 209 64.53 -13.42 -18.33
C THR A 209 65.00 -13.58 -19.77
N PRO A 210 65.40 -12.53 -20.50
CA PRO A 210 65.79 -12.74 -21.90
C PRO A 210 67.04 -13.57 -22.07
N ILE A 211 67.99 -13.48 -21.14
CA ILE A 211 69.18 -14.33 -21.22
C ILE A 211 68.80 -15.77 -20.90
N MET A 212 68.02 -15.97 -19.84
CA MET A 212 67.60 -17.31 -19.45
C MET A 212 66.79 -17.97 -20.55
N SER A 213 65.83 -17.25 -21.13
CA SER A 213 64.95 -17.84 -22.13
C SER A 213 65.54 -17.80 -23.54
N GLY A 214 66.62 -17.07 -23.76
CA GLY A 214 67.05 -16.84 -25.12
C GLY A 214 68.44 -17.29 -25.52
N VAL A 215 69.44 -17.06 -24.67
CA VAL A 215 70.83 -17.28 -25.07
C VAL A 215 71.09 -18.76 -25.31
N ARG A 216 70.93 -19.17 -26.57
CA ARG A 216 71.20 -20.48 -27.17
C ARG A 216 70.18 -20.74 -28.27
N THR A 217 69.21 -19.78 -28.46
CA THR A 217 68.14 -19.84 -29.44
C THR A 217 68.49 -19.04 -30.69
N PRO A 218 67.90 -19.39 -31.84
CA PRO A 218 68.24 -18.69 -33.09
C PRO A 218 68.06 -17.19 -33.05
N THR A 219 67.09 -16.68 -32.30
CA THR A 219 66.82 -15.24 -32.25
C THR A 219 67.69 -14.63 -31.15
N ARG A 220 68.62 -13.78 -31.53
CA ARG A 220 69.60 -13.22 -30.60
C ARG A 220 69.18 -11.81 -30.24
N GLN A 221 68.31 -11.69 -29.24
CA GLN A 221 68.03 -10.41 -28.59
C GLN A 221 67.87 -10.71 -27.11
N PHE A 222 68.74 -10.13 -26.29
CA PHE A 222 68.78 -10.47 -24.88
C PHE A 222 68.87 -9.24 -23.98
N SER A 223 68.74 -8.04 -24.53
CA SER A 223 68.72 -6.84 -23.72
C SER A 223 67.31 -6.62 -23.18
N SER A 224 67.18 -6.51 -21.86
CA SER A 224 65.86 -6.41 -21.26
C SER A 224 65.21 -5.05 -21.49
N CYS A 225 66.02 -3.99 -21.56
CA CYS A 225 65.52 -2.62 -21.55
C CYS A 225 65.87 -1.94 -22.87
N VAL A 226 64.88 -1.27 -23.45
CA VAL A 226 65.06 -0.49 -24.67
C VAL A 226 64.52 0.90 -24.38
N LEU A 227 65.38 1.90 -24.50
CA LEU A 227 65.01 3.29 -24.23
C LEU A 227 64.99 4.04 -25.55
N ILE A 228 63.80 4.51 -25.93
CA ILE A 228 63.59 5.21 -27.19
C ILE A 228 63.13 6.62 -26.89
N GLU A 229 63.77 7.59 -27.54
CA GLU A 229 63.36 9.00 -27.44
C GLU A 229 62.62 9.38 -28.71
N CYS A 230 61.47 10.02 -28.54
CA CYS A 230 60.61 10.41 -29.65
C CYS A 230 60.73 11.90 -29.89
N GLY A 231 60.97 12.29 -31.14
CA GLY A 231 61.02 13.69 -31.50
C GLY A 231 59.65 14.24 -31.87
N ASP A 232 59.60 15.56 -32.05
CA ASP A 232 58.33 16.24 -32.35
C ASP A 232 58.09 16.30 -33.86
N SER A 233 57.93 15.12 -34.45
CA SER A 233 57.70 15.03 -35.88
C SER A 233 57.07 13.68 -36.20
N LEU A 234 56.31 13.63 -37.29
CA LEU A 234 55.68 12.37 -37.69
C LEU A 234 56.70 11.32 -38.11
N ASP A 235 57.84 11.74 -38.65
CA ASP A 235 58.89 10.77 -38.99
C ASP A 235 59.42 10.09 -37.74
N SER A 236 59.58 10.84 -36.65
CA SER A 236 60.08 10.27 -35.42
C SER A 236 59.02 9.41 -34.73
N ILE A 237 57.76 9.84 -34.80
CA ILE A 237 56.67 9.08 -34.20
C ILE A 237 56.53 7.73 -34.87
N ASN A 238 56.69 7.70 -36.21
CA ASN A 238 56.70 6.42 -36.91
C ASN A 238 57.92 5.60 -36.53
N ALA A 239 59.08 6.24 -36.44
CA ALA A 239 60.30 5.51 -36.07
C ALA A 239 60.18 4.92 -34.67
N THR A 240 59.71 5.72 -33.72
CA THR A 240 59.49 5.21 -32.38
C THR A 240 58.52 4.03 -32.41
N SER A 241 57.40 4.19 -33.12
CA SER A 241 56.40 3.14 -33.18
C SER A 241 56.95 1.86 -33.80
N SER A 242 57.74 1.98 -34.87
CA SER A 242 58.30 0.79 -35.50
C SER A 242 59.35 0.14 -34.62
N ALA A 243 60.15 0.93 -33.91
CA ALA A 243 61.16 0.37 -33.03
C ALA A 243 60.52 -0.37 -31.86
N ILE A 244 59.41 0.16 -31.34
CA ILE A 244 58.70 -0.51 -30.25
C ILE A 244 58.20 -1.87 -30.70
N VAL A 245 57.53 -1.92 -31.86
CA VAL A 245 57.00 -3.19 -32.36
C VAL A 245 58.11 -4.21 -32.50
N LYS A 246 59.26 -3.79 -33.02
CA LYS A 246 60.36 -4.72 -33.25
C LYS A 246 60.89 -5.28 -31.93
N TYR A 247 61.08 -4.41 -30.94
CA TYR A 247 61.74 -4.85 -29.72
C TYR A 247 60.82 -5.57 -28.75
N VAL A 248 59.51 -5.26 -28.73
CA VAL A 248 58.61 -6.05 -27.90
C VAL A 248 58.57 -7.48 -28.42
N SER A 249 58.54 -7.65 -29.75
CA SER A 249 58.53 -8.99 -30.31
C SER A 249 59.82 -9.76 -30.03
N GLN A 250 60.85 -9.08 -29.54
CA GLN A 250 62.11 -9.75 -29.25
C GLN A 250 62.55 -9.52 -27.81
N ARG A 251 61.64 -9.80 -26.86
CA ARG A 251 61.92 -9.98 -25.44
C ARG A 251 62.21 -8.69 -24.69
N ALA A 252 61.88 -7.51 -25.24
CA ALA A 252 62.32 -6.28 -24.62
C ALA A 252 61.15 -5.49 -24.04
N GLY A 253 61.42 -4.81 -22.94
CA GLY A 253 60.49 -3.86 -22.35
C GLY A 253 60.94 -2.44 -22.69
N ILE A 254 59.98 -1.56 -22.93
CA ILE A 254 60.23 -0.29 -23.60
C ILE A 254 60.13 0.85 -22.60
N GLY A 255 60.97 1.86 -22.80
CA GLY A 255 60.80 3.15 -22.14
C GLY A 255 60.74 4.23 -23.20
N ILE A 256 59.62 4.93 -23.28
CA ILE A 256 59.37 5.90 -24.34
C ILE A 256 59.46 7.31 -23.76
N ASN A 257 60.16 8.19 -24.47
CA ASN A 257 60.26 9.60 -24.09
C ASN A 257 59.47 10.39 -25.12
N ALA A 258 58.22 10.74 -24.77
CA ALA A 258 57.34 11.48 -25.65
C ALA A 258 57.02 12.87 -25.10
N GLY A 259 57.94 13.45 -24.33
CA GLY A 259 57.74 14.79 -23.79
C GLY A 259 57.94 15.91 -24.80
N ARG A 260 58.63 15.63 -25.91
CA ARG A 260 58.88 16.64 -26.93
C ARG A 260 57.66 16.94 -27.78
N ILE A 261 56.71 16.00 -27.86
CA ILE A 261 55.53 16.21 -28.70
C ILE A 261 54.76 17.41 -28.20
N ARG A 262 54.50 18.36 -29.11
CA ARG A 262 53.88 19.63 -28.75
C ARG A 262 52.44 19.42 -28.27
N ALA A 263 51.91 20.46 -27.62
CA ALA A 263 50.64 20.35 -26.92
C ALA A 263 49.44 20.44 -27.87
N LEU A 264 48.30 19.99 -27.37
CA LEU A 264 47.05 20.05 -28.11
C LEU A 264 46.68 21.50 -28.42
N GLY A 265 46.41 21.77 -29.69
CA GLY A 265 46.03 23.10 -30.12
C GLY A 265 47.17 23.93 -30.67
N SER A 266 48.39 23.41 -30.64
CA SER A 266 49.53 24.14 -31.19
C SER A 266 49.43 24.22 -32.72
N PRO A 267 49.91 25.30 -33.31
CA PRO A 267 49.87 25.41 -34.77
C PRO A 267 50.84 24.44 -35.43
N ILE A 268 50.44 23.96 -36.61
CA ILE A 268 51.26 23.12 -37.47
C ILE A 268 51.41 23.81 -38.81
N ARG A 269 52.66 23.97 -39.25
CA ARG A 269 52.96 24.62 -40.53
C ARG A 269 52.35 26.02 -40.57
N GLY A 270 52.52 26.76 -39.48
CA GLY A 270 52.03 28.12 -39.40
C GLY A 270 50.52 28.26 -39.28
N GLY A 271 49.79 27.15 -39.16
CA GLY A 271 48.35 27.21 -39.04
C GLY A 271 47.64 26.45 -40.14
N GLU A 272 48.40 25.68 -40.93
CA GLU A 272 47.76 24.84 -41.93
C GLU A 272 46.94 23.74 -41.28
N ALA A 273 47.29 23.36 -40.05
CA ALA A 273 46.57 22.31 -39.34
C ALA A 273 46.56 22.62 -37.85
N PHE A 274 45.61 22.02 -37.16
CA PHE A 274 45.42 22.13 -35.72
C PHE A 274 45.96 20.85 -35.07
N HIS A 275 46.93 20.99 -34.17
CA HIS A 275 47.55 19.82 -33.57
C HIS A 275 46.59 19.11 -32.63
N THR A 276 46.41 17.80 -32.83
CA THR A 276 45.41 17.03 -32.10
C THR A 276 45.85 16.66 -30.68
N GLY A 277 47.12 16.76 -30.36
CA GLY A 277 47.61 16.54 -29.02
C GLY A 277 48.43 15.26 -28.91
N CYS A 278 48.93 15.04 -27.69
CA CYS A 278 49.76 13.88 -27.41
C CYS A 278 48.94 12.60 -27.31
N ILE A 279 47.75 12.67 -26.71
CA ILE A 279 46.99 11.45 -26.41
C ILE A 279 46.74 10.59 -27.64
N PRO A 280 46.35 11.13 -28.81
CA PRO A 280 46.22 10.24 -29.98
C PRO A 280 47.52 9.56 -30.37
N PHE A 281 48.66 10.17 -30.08
CA PHE A 281 49.94 9.50 -30.36
C PHE A 281 50.29 8.49 -29.28
N TYR A 282 49.95 8.79 -28.01
CA TYR A 282 50.15 7.81 -26.94
C TYR A 282 49.36 6.54 -27.20
N LYS A 283 48.12 6.68 -27.67
CA LYS A 283 47.33 5.50 -28.03
C LYS A 283 48.03 4.69 -29.10
N HIS A 284 48.73 5.35 -30.02
CA HIS A 284 49.46 4.65 -31.08
C HIS A 284 50.65 3.88 -30.51
N PHE A 285 51.35 4.48 -29.55
CA PHE A 285 52.44 3.77 -28.88
C PHE A 285 51.93 2.58 -28.11
N GLN A 286 50.72 2.67 -27.54
CA GLN A 286 50.19 1.55 -26.77
C GLN A 286 49.88 0.36 -27.66
N THR A 287 49.24 0.59 -28.81
CA THR A 287 48.96 -0.52 -29.70
C THR A 287 50.23 -1.12 -30.27
N ALA A 288 51.31 -0.34 -30.36
CA ALA A 288 52.60 -0.89 -30.76
C ALA A 288 53.13 -1.84 -29.70
N VAL A 289 53.06 -1.44 -28.43
CA VAL A 289 53.52 -2.30 -27.34
C VAL A 289 52.66 -3.55 -27.23
N LYS A 290 51.35 -3.40 -27.39
CA LYS A 290 50.43 -4.51 -27.21
C LYS A 290 50.24 -5.36 -28.46
N SER A 291 50.80 -4.97 -29.60
CA SER A 291 50.58 -5.74 -30.82
C SER A 291 51.21 -7.12 -30.76
N CYS A 292 52.30 -7.26 -30.01
CA CYS A 292 53.07 -8.50 -29.98
C CYS A 292 53.25 -8.97 -28.55
N SER A 293 53.55 -10.26 -28.42
CA SER A 293 54.02 -10.81 -27.17
C SER A 293 55.51 -10.52 -27.02
N GLN A 294 55.99 -10.66 -25.79
CA GLN A 294 57.40 -10.36 -25.48
C GLN A 294 58.25 -11.62 -25.68
N GLY A 295 58.46 -11.95 -26.94
CA GLY A 295 59.21 -13.15 -27.27
C GLY A 295 58.47 -14.43 -26.98
N GLY A 296 57.15 -14.36 -26.83
CA GLY A 296 56.36 -15.52 -26.45
C GLY A 296 56.38 -15.85 -24.98
N VAL A 297 57.13 -15.10 -24.17
CA VAL A 297 57.30 -15.38 -22.75
C VAL A 297 56.26 -14.67 -21.91
N ARG A 298 56.06 -13.37 -22.16
CA ARG A 298 55.13 -12.57 -21.37
C ARG A 298 54.57 -11.46 -22.26
N GLY A 299 53.78 -10.57 -21.66
CA GLY A 299 53.19 -9.49 -22.42
C GLY A 299 54.13 -8.30 -22.55
N GLY A 300 53.88 -7.50 -23.58
CA GLY A 300 54.67 -6.30 -23.80
C GLY A 300 54.19 -5.17 -22.91
N ALA A 301 55.16 -4.48 -22.30
CA ALA A 301 54.88 -3.35 -21.44
C ALA A 301 55.79 -2.18 -21.79
N ALA A 302 55.34 -0.98 -21.45
CA ALA A 302 56.14 0.21 -21.68
C ALA A 302 55.78 1.27 -20.66
N THR A 303 56.76 2.12 -20.36
CA THR A 303 56.55 3.30 -19.52
C THR A 303 56.85 4.54 -20.34
N LEU A 304 55.97 5.53 -20.25
CA LEU A 304 56.08 6.74 -21.05
C LEU A 304 56.43 7.92 -20.15
N PHE A 305 57.33 8.78 -20.62
CA PHE A 305 57.88 9.86 -19.82
C PHE A 305 57.56 11.22 -20.44
N TYR A 306 57.21 12.18 -19.59
CA TYR A 306 56.94 13.55 -20.00
C TYR A 306 57.28 14.46 -18.84
N PRO A 307 57.71 15.69 -19.11
CA PRO A 307 58.03 16.61 -18.01
C PRO A 307 56.76 17.06 -17.29
N MET A 308 56.93 17.36 -15.99
CA MET A 308 55.80 17.80 -15.19
C MET A 308 55.19 19.09 -15.74
N TRP A 309 56.00 19.94 -16.35
CA TRP A 309 55.54 21.23 -16.83
C TRP A 309 54.95 21.17 -18.24
N HIS A 310 54.69 19.98 -18.79
CA HIS A 310 54.07 19.91 -20.10
C HIS A 310 52.67 20.51 -20.05
N LEU A 311 52.26 21.13 -21.17
CA LEU A 311 50.98 21.84 -21.17
C LEU A 311 49.79 20.90 -21.00
N GLU A 312 49.94 19.64 -21.40
CA GLU A 312 48.86 18.66 -21.27
C GLU A 312 48.99 17.79 -20.03
N VAL A 313 49.82 18.20 -19.06
CA VAL A 313 50.19 17.30 -17.97
C VAL A 313 48.96 16.86 -17.17
N GLU A 314 47.98 17.74 -17.01
CA GLU A 314 46.79 17.37 -16.23
C GLU A 314 45.95 16.32 -16.94
N SER A 315 46.01 16.28 -18.27
CA SER A 315 45.33 15.25 -19.03
C SER A 315 46.15 13.97 -19.13
N LEU A 316 47.48 14.08 -19.01
CA LEU A 316 48.36 12.92 -19.08
C LEU A 316 48.46 12.19 -17.74
N LEU A 317 48.28 12.90 -16.63
CA LEU A 317 48.37 12.27 -15.32
C LEU A 317 47.21 11.31 -15.06
N VAL A 318 46.10 11.46 -15.77
CA VAL A 318 44.88 10.70 -15.50
C VAL A 318 44.62 9.66 -16.57
N LEU A 319 45.63 9.29 -17.35
CA LEU A 319 45.43 8.35 -18.44
C LEU A 319 45.13 6.93 -17.97
N LYS A 320 45.35 6.61 -16.69
CA LYS A 320 45.19 5.25 -16.21
C LYS A 320 43.86 4.98 -15.52
N ASN A 321 43.22 5.98 -14.91
CA ASN A 321 41.96 5.76 -14.20
C ASN A 321 40.81 5.49 -15.17
N ASN A 322 39.78 4.83 -14.64
CA ASN A 322 38.63 4.40 -15.43
C ASN A 322 37.47 5.39 -15.43
N ARG A 323 37.64 6.58 -14.83
CA ARG A 323 36.57 7.57 -14.75
C ARG A 323 36.48 8.47 -15.98
N GLY A 324 36.81 7.97 -17.17
CA GLY A 324 36.82 8.81 -18.35
C GLY A 324 36.37 8.03 -19.57
N VAL A 325 36.24 8.75 -20.68
CA VAL A 325 35.85 8.10 -21.92
C VAL A 325 37.06 7.43 -22.56
N GLU A 326 36.79 6.51 -23.49
CA GLU A 326 37.86 5.79 -24.17
C GLU A 326 38.77 6.73 -24.95
N GLY A 327 38.25 7.89 -25.38
CA GLY A 327 39.03 8.78 -26.20
C GLY A 327 40.17 9.46 -25.48
N ASN A 328 40.02 9.69 -24.18
CA ASN A 328 41.04 10.40 -23.40
C ASN A 328 41.71 9.53 -22.37
N ARG A 329 41.81 8.23 -22.62
CA ARG A 329 42.40 7.32 -21.65
C ARG A 329 43.35 6.38 -22.38
N VAL A 330 44.54 6.19 -21.83
CA VAL A 330 45.51 5.22 -22.35
C VAL A 330 45.97 4.38 -21.17
N ARG A 331 45.20 3.34 -20.85
CA ARG A 331 45.30 2.70 -19.55
C ARG A 331 46.38 1.62 -19.47
N HIS A 332 46.78 1.04 -20.59
CA HIS A 332 47.65 -0.13 -20.58
C HIS A 332 49.13 0.20 -20.67
N MET A 333 49.52 1.43 -20.36
CA MET A 333 50.92 1.80 -20.26
C MET A 333 51.14 2.57 -18.97
N ASP A 334 52.34 2.46 -18.42
CA ASP A 334 52.72 3.21 -17.25
C ASP A 334 53.34 4.55 -17.65
N TYR A 335 53.44 5.46 -16.68
CA TYR A 335 53.91 6.80 -16.96
C TYR A 335 54.92 7.23 -15.89
N GLY A 336 55.94 7.95 -16.33
CA GLY A 336 56.90 8.55 -15.44
C GLY A 336 56.91 10.06 -15.58
N VAL A 337 56.58 10.77 -14.49
CA VAL A 337 56.58 12.22 -14.48
C VAL A 337 57.96 12.72 -14.08
N GLN A 338 58.53 13.59 -14.90
CA GLN A 338 59.88 14.10 -14.70
C GLN A 338 59.83 15.41 -13.92
N ILE A 339 60.58 15.47 -12.82
CA ILE A 339 60.55 16.58 -11.88
C ILE A 339 61.98 17.01 -11.58
N ASN A 340 62.18 18.30 -11.35
CA ASN A 340 63.48 18.80 -10.91
C ASN A 340 63.28 19.70 -9.69
N LYS A 341 64.40 20.23 -9.17
CA LYS A 341 64.39 20.95 -7.91
C LYS A 341 63.47 22.17 -7.94
N LEU A 342 63.40 22.85 -9.09
CA LEU A 342 62.55 24.03 -9.20
C LEU A 342 61.08 23.69 -8.96
N MET A 343 60.62 22.56 -9.52
CA MET A 343 59.23 22.15 -9.33
C MET A 343 58.93 21.92 -7.86
N TYR A 344 59.83 21.21 -7.16
CA TYR A 344 59.64 20.94 -5.74
C TYR A 344 59.63 22.24 -4.94
N THR A 345 60.46 23.21 -5.34
CA THR A 345 60.52 24.48 -4.62
C THR A 345 59.19 25.22 -4.73
N ARG A 346 58.57 25.20 -5.91
CA ARG A 346 57.25 25.82 -6.06
C ARG A 346 56.23 25.16 -5.15
N LEU A 347 56.37 23.86 -4.90
CA LEU A 347 55.46 23.17 -3.99
C LEU A 347 55.67 23.61 -2.55
N LEU A 348 56.94 23.67 -2.12
CA LEU A 348 57.24 24.03 -0.74
C LEU A 348 56.86 25.47 -0.44
N LYS A 349 56.96 26.36 -1.42
CA LYS A 349 56.64 27.77 -1.23
C LYS A 349 55.17 28.07 -1.51
N GLY A 350 54.38 27.06 -1.87
CA GLY A 350 52.99 27.29 -2.17
C GLY A 350 52.76 28.21 -3.35
N GLU A 351 53.69 28.24 -4.29
CA GLU A 351 53.57 29.12 -5.44
C GLU A 351 52.93 28.32 -6.59
N ASP A 352 53.02 28.83 -7.81
CA ASP A 352 52.41 28.19 -8.96
C ASP A 352 53.45 27.51 -9.82
N ILE A 353 52.99 26.61 -10.69
CA ILE A 353 53.81 26.00 -11.72
C ILE A 353 53.21 26.37 -13.06
N THR A 354 54.04 26.91 -13.95
CA THR A 354 53.58 27.30 -15.29
C THR A 354 53.81 26.15 -16.26
N LEU A 355 52.78 25.84 -17.04
CA LEU A 355 52.83 24.77 -18.02
C LEU A 355 53.07 25.37 -19.39
N PHE A 356 53.98 24.76 -20.14
CA PHE A 356 54.33 25.20 -21.48
C PHE A 356 54.27 24.03 -22.45
N SER A 357 54.00 24.34 -23.70
CA SER A 357 54.28 23.38 -24.75
C SER A 357 55.75 23.47 -25.13
N PRO A 358 56.47 22.35 -25.19
CA PRO A 358 57.91 22.44 -25.53
C PRO A 358 58.18 23.09 -26.87
N SER A 359 57.16 23.19 -27.74
CA SER A 359 57.33 23.84 -29.03
C SER A 359 57.36 25.36 -28.91
N ASP A 360 56.89 25.91 -27.79
CA ASP A 360 56.79 27.35 -27.60
C ASP A 360 57.87 27.92 -26.70
N VAL A 361 58.78 27.09 -26.20
CA VAL A 361 59.80 27.54 -25.27
C VAL A 361 61.17 27.06 -25.73
N PRO A 362 61.88 27.88 -26.51
CA PRO A 362 63.15 27.42 -27.11
C PRO A 362 64.21 27.14 -26.06
N GLY A 363 64.77 25.93 -26.10
CA GLY A 363 65.84 25.55 -25.22
C GLY A 363 65.44 25.15 -23.82
N LEU A 364 64.16 25.29 -23.47
CA LEU A 364 63.72 24.93 -22.13
C LEU A 364 63.77 23.42 -21.90
N TYR A 365 63.40 22.64 -22.91
CA TYR A 365 63.37 21.19 -22.74
C TYR A 365 64.78 20.63 -22.51
N ASP A 366 65.75 21.04 -23.34
CA ASP A 366 67.10 20.51 -23.19
C ASP A 366 67.72 20.92 -21.85
N ALA A 367 67.48 22.17 -21.44
CA ALA A 367 68.04 22.62 -20.17
C ALA A 367 67.43 21.87 -18.99
N PHE A 368 66.17 21.45 -19.12
CA PHE A 368 65.46 20.77 -18.04
C PHE A 368 66.24 19.56 -17.52
N PHE A 369 67.06 18.95 -18.37
CA PHE A 369 67.88 17.80 -17.99
C PHE A 369 69.35 18.18 -17.81
N ALA A 370 69.92 18.95 -18.74
CA ALA A 370 71.37 19.11 -18.80
C ALA A 370 71.87 20.20 -17.86
N ASP A 371 71.18 21.34 -17.80
CA ASP A 371 71.68 22.52 -17.11
C ASP A 371 70.57 23.09 -16.22
N GLN A 372 70.71 22.90 -14.91
CA GLN A 372 69.64 23.34 -14.01
C GLN A 372 69.58 24.85 -13.89
N GLU A 373 70.73 25.54 -13.96
CA GLU A 373 70.71 27.00 -13.91
C GLU A 373 70.11 27.58 -15.20
N GLU A 374 70.49 27.04 -16.35
CA GLU A 374 69.94 27.54 -17.61
C GLU A 374 68.44 27.31 -17.68
N PHE A 375 67.95 26.21 -17.11
CA PHE A 375 66.52 25.98 -17.07
C PHE A 375 65.82 27.06 -16.26
N GLU A 376 66.34 27.34 -15.06
CA GLU A 376 65.72 28.36 -14.21
C GLU A 376 65.72 29.73 -14.89
N ARG A 377 66.78 30.04 -15.64
CA ARG A 377 66.82 31.30 -16.36
C ARG A 377 65.71 31.35 -17.41
N LEU A 378 65.65 30.33 -18.26
CA LEU A 378 64.65 30.30 -19.32
C LEU A 378 63.24 30.19 -18.75
N TYR A 379 63.07 29.40 -17.68
CA TYR A 379 61.73 29.18 -17.14
C TYR A 379 61.12 30.48 -16.61
N THR A 380 61.85 31.20 -15.77
CA THR A 380 61.33 32.46 -15.25
C THR A 380 61.17 33.50 -16.35
N LYS A 381 62.06 33.49 -17.34
CA LYS A 381 61.93 34.43 -18.45
C LYS A 381 60.65 34.17 -19.24
N TYR A 382 60.40 32.91 -19.58
CA TYR A 382 59.22 32.57 -20.36
C TYR A 382 57.94 32.72 -19.56
N GLU A 383 58.02 32.71 -18.23
CA GLU A 383 56.83 33.01 -17.43
C GLU A 383 56.44 34.48 -17.54
N LYS A 384 57.41 35.36 -17.78
CA LYS A 384 57.11 36.78 -17.93
C LYS A 384 56.53 37.08 -19.31
N ASP A 385 57.02 36.40 -20.34
CA ASP A 385 56.61 36.67 -21.72
C ASP A 385 55.12 36.41 -21.90
N ASP A 386 54.39 37.44 -22.34
CA ASP A 386 52.96 37.34 -22.52
C ASP A 386 52.57 36.81 -23.89
N SER A 387 53.51 36.68 -24.82
CA SER A 387 53.21 36.15 -26.14
C SER A 387 53.26 34.63 -26.19
N ILE A 388 53.74 33.98 -25.13
CA ILE A 388 53.91 32.52 -25.12
C ILE A 388 52.69 31.89 -24.48
N ARG A 389 52.10 30.91 -25.17
CA ARG A 389 50.96 30.20 -24.62
C ARG A 389 51.35 29.42 -23.38
N LYS A 390 50.63 29.64 -22.29
CA LYS A 390 50.98 29.03 -21.01
C LYS A 390 49.70 28.83 -20.20
N GLN A 391 49.85 28.13 -19.08
CA GLN A 391 48.75 27.85 -18.17
C GLN A 391 49.34 27.71 -16.78
N ARG A 392 48.80 28.44 -15.81
CA ARG A 392 49.33 28.43 -14.46
C ARG A 392 48.49 27.50 -13.58
N VAL A 393 49.16 26.71 -12.76
CA VAL A 393 48.52 25.76 -11.86
C VAL A 393 49.19 25.87 -10.50
N LYS A 394 48.38 25.81 -9.45
CA LYS A 394 48.93 25.74 -8.10
C LYS A 394 49.75 24.46 -7.95
N ALA A 395 50.99 24.61 -7.50
CA ALA A 395 51.88 23.47 -7.35
C ALA A 395 51.29 22.41 -6.42
N VAL A 396 50.55 22.84 -5.40
CA VAL A 396 49.92 21.90 -4.49
C VAL A 396 48.90 21.04 -5.22
N GLU A 397 48.10 21.65 -6.09
CA GLU A 397 47.09 20.89 -6.81
C GLU A 397 47.71 19.93 -7.81
N LEU A 398 48.75 20.37 -8.53
CA LEU A 398 49.39 19.51 -9.52
C LEU A 398 50.06 18.32 -8.85
N PHE A 399 50.80 18.56 -7.76
CA PHE A 399 51.44 17.48 -7.03
C PHE A 399 50.41 16.54 -6.42
N SER A 400 49.28 17.07 -5.96
CA SER A 400 48.24 16.23 -5.38
C SER A 400 47.61 15.33 -6.44
N LEU A 401 47.33 15.88 -7.62
CA LEU A 401 46.78 15.06 -8.70
C LEU A 401 47.74 13.94 -9.08
N MET A 402 49.04 14.25 -9.16
CA MET A 402 50.02 13.24 -9.55
C MET A 402 50.11 12.12 -8.51
N MET A 403 50.22 12.48 -7.24
CA MET A 403 50.28 11.47 -6.19
C MET A 403 48.96 10.74 -6.05
N GLN A 404 47.85 11.39 -6.35
CA GLN A 404 46.55 10.73 -6.32
C GLN A 404 46.46 9.63 -7.37
N GLU A 405 46.81 9.95 -8.62
CA GLU A 405 46.83 8.92 -9.66
C GLU A 405 47.94 7.90 -9.41
N ARG A 406 49.02 8.31 -8.76
CA ARG A 406 50.05 7.34 -8.39
C ARG A 406 49.52 6.36 -7.36
N ALA A 407 48.71 6.84 -6.41
CA ALA A 407 48.19 5.96 -5.37
C ALA A 407 47.07 5.06 -5.88
N SER A 408 46.25 5.55 -6.82
CA SER A 408 45.15 4.75 -7.33
C SER A 408 45.64 3.56 -8.15
N THR A 409 46.54 3.81 -9.10
CA THR A 409 47.02 2.79 -10.01
C THR A 409 48.29 2.13 -9.55
N GLY A 410 49.14 2.85 -8.81
CA GLY A 410 50.44 2.35 -8.45
C GLY A 410 51.47 2.42 -9.57
N ARG A 411 51.11 2.98 -10.72
CA ARG A 411 51.94 2.92 -11.92
C ARG A 411 52.30 4.29 -12.47
N ILE A 412 52.13 5.34 -11.67
CA ILE A 412 52.57 6.69 -12.04
C ILE A 412 53.89 6.93 -11.34
N TYR A 413 54.97 6.90 -12.10
CA TYR A 413 56.32 6.92 -11.56
C TYR A 413 56.90 8.33 -11.58
N ILE A 414 57.98 8.50 -10.82
CA ILE A 414 58.66 9.79 -10.69
C ILE A 414 60.12 9.60 -11.07
N GLN A 415 60.64 10.51 -11.90
CA GLN A 415 62.06 10.59 -12.22
C GLN A 415 62.57 11.98 -11.89
N ASN A 416 63.56 12.05 -11.00
CA ASN A 416 64.19 13.32 -10.64
C ASN A 416 65.31 13.60 -11.65
N VAL A 417 65.00 14.39 -12.68
CA VAL A 417 65.92 14.51 -13.81
C VAL A 417 67.21 15.23 -13.43
N ASP A 418 67.18 16.11 -12.43
CA ASP A 418 68.44 16.76 -12.06
C ASP A 418 69.38 15.78 -11.37
N HIS A 419 68.86 14.93 -10.48
CA HIS A 419 69.68 13.90 -9.87
C HIS A 419 70.23 12.93 -10.90
N CYS A 420 69.45 12.63 -11.94
CA CYS A 420 69.87 11.70 -12.97
C CYS A 420 71.02 12.23 -13.81
N ASN A 421 71.32 13.53 -13.74
CA ASN A 421 72.38 14.14 -14.54
C ASN A 421 73.51 14.74 -13.73
N THR A 422 73.26 15.19 -12.50
CA THR A 422 74.36 15.65 -11.66
C THR A 422 75.14 14.50 -11.04
N HIS A 423 74.50 13.35 -10.86
CA HIS A 423 75.14 12.18 -10.28
C HIS A 423 75.02 10.97 -11.21
N SER A 424 75.59 11.08 -12.40
CA SER A 424 75.51 10.02 -13.41
C SER A 424 76.88 9.82 -14.02
N PRO A 425 77.10 8.68 -14.68
CA PRO A 425 78.35 8.47 -15.41
C PRO A 425 78.44 9.20 -16.74
N PHE A 426 77.53 10.12 -17.03
CA PHE A 426 77.53 10.82 -18.31
C PHE A 426 77.62 12.33 -18.09
N ASP A 427 78.26 13.00 -19.04
CA ASP A 427 78.38 14.45 -19.04
C ASP A 427 77.13 15.06 -19.66
N PRO A 428 76.33 15.80 -18.89
CA PRO A 428 75.07 16.34 -19.43
C PRO A 428 75.24 17.24 -20.63
N ALA A 429 76.42 17.83 -20.82
CA ALA A 429 76.64 18.67 -21.99
C ALA A 429 76.76 17.86 -23.26
N ILE A 430 77.24 16.63 -23.17
CA ILE A 430 77.48 15.78 -24.33
C ILE A 430 76.38 14.73 -24.49
N ALA A 431 76.05 14.01 -23.41
CA ALA A 431 75.08 12.92 -23.46
C ALA A 431 74.21 12.94 -22.21
N PRO A 432 73.23 13.83 -22.16
CA PRO A 432 72.36 13.92 -20.99
C PRO A 432 71.44 12.72 -20.89
N VAL A 433 70.93 12.49 -19.68
CA VAL A 433 69.92 11.48 -19.42
C VAL A 433 68.56 12.17 -19.42
N ARG A 434 67.67 11.76 -20.33
CA ARG A 434 66.40 12.44 -20.49
C ARG A 434 65.19 11.55 -20.21
N GLN A 435 65.39 10.32 -19.78
CA GLN A 435 64.26 9.41 -19.56
C GLN A 435 64.75 8.24 -18.71
N SER A 436 63.87 7.26 -18.51
CA SER A 436 64.21 6.03 -17.81
C SER A 436 63.58 4.87 -18.60
N ASN A 437 63.49 3.70 -17.96
CA ASN A 437 62.98 2.52 -18.62
C ASN A 437 61.62 2.11 -18.04
N LEU A 438 61.24 0.85 -18.25
CA LEU A 438 59.95 0.37 -17.78
C LEU A 438 59.87 0.37 -16.26
N CYS A 439 60.95 -0.03 -15.58
CA CYS A 439 60.94 -0.20 -14.14
C CYS A 439 61.80 0.84 -13.43
N LEU A 440 62.18 1.91 -14.11
CA LEU A 440 62.75 3.10 -13.51
C LEU A 440 64.10 2.86 -12.84
N GLU A 441 64.86 1.88 -13.32
CA GLU A 441 66.21 1.68 -12.82
C GLU A 441 67.29 1.98 -13.85
N ILE A 442 66.93 2.14 -15.12
CA ILE A 442 67.89 2.40 -16.19
C ILE A 442 67.84 3.87 -16.56
N ALA A 443 69.02 4.50 -16.62
CA ALA A 443 69.13 5.91 -17.01
C ALA A 443 70.31 6.04 -17.98
N LEU A 444 70.00 6.11 -19.27
CA LEU A 444 71.01 6.09 -20.33
C LEU A 444 70.72 7.17 -21.36
N PRO A 445 71.74 7.65 -22.06
CA PRO A 445 71.52 8.69 -23.08
C PRO A 445 70.77 8.17 -24.29
N THR A 446 69.98 9.06 -24.89
CA THR A 446 69.22 8.76 -26.10
C THR A 446 69.20 9.99 -26.99
N LYS A 447 69.04 9.76 -28.30
CA LYS A 447 68.82 10.83 -29.28
C LYS A 447 67.71 10.36 -30.20
N PRO A 448 66.72 11.22 -30.49
CA PRO A 448 65.57 10.78 -31.28
C PRO A 448 65.95 10.34 -32.69
N LEU A 449 65.07 9.52 -33.28
CA LEU A 449 65.27 8.98 -34.61
C LEU A 449 64.42 9.73 -35.62
N ASN A 450 64.92 9.80 -36.85
CA ASN A 450 64.16 10.33 -37.98
C ASN A 450 63.67 9.26 -38.93
N ASP A 451 64.08 8.00 -38.73
CA ASP A 451 63.66 6.87 -39.53
C ASP A 451 64.01 5.61 -38.75
N VAL A 452 63.35 4.50 -39.11
CA VAL A 452 63.65 3.23 -38.46
C VAL A 452 65.12 2.89 -38.62
N ASN A 453 65.72 3.27 -39.74
CA ASN A 453 67.12 2.98 -40.03
C ASN A 453 68.01 4.22 -39.94
N ASP A 454 67.55 5.26 -39.23
CA ASP A 454 68.35 6.47 -39.08
C ASP A 454 69.65 6.17 -38.36
N GLU A 455 70.78 6.50 -38.99
CA GLU A 455 72.09 6.28 -38.37
C GLU A 455 72.41 7.31 -37.30
N ASN A 456 71.71 8.46 -37.28
CA ASN A 456 72.05 9.52 -36.33
C ASN A 456 71.40 9.32 -34.97
N GLY A 457 70.22 8.72 -34.91
CA GLY A 457 69.56 8.49 -33.64
C GLY A 457 70.30 7.47 -32.78
N GLU A 458 70.00 7.52 -31.48
CA GLU A 458 70.58 6.61 -30.50
C GLU A 458 69.47 6.02 -29.65
N ILE A 459 69.34 4.69 -29.66
CA ILE A 459 68.44 3.96 -28.78
C ILE A 459 69.29 3.29 -27.70
N ALA A 460 68.91 3.46 -26.44
CA ALA A 460 69.68 2.94 -25.33
C ALA A 460 69.22 1.54 -24.97
N LEU A 461 70.13 0.58 -25.04
CA LEU A 461 69.92 -0.78 -24.57
C LEU A 461 70.66 -1.00 -23.26
N CYS A 462 70.15 -1.91 -22.44
CA CYS A 462 70.87 -2.30 -21.24
C CYS A 462 70.69 -3.79 -20.99
N THR A 463 71.81 -4.46 -20.79
CA THR A 463 71.84 -5.88 -20.45
C THR A 463 72.03 -6.02 -18.95
N LEU A 464 71.33 -6.99 -18.36
CA LEU A 464 71.22 -7.05 -16.90
C LEU A 464 71.81 -8.35 -16.35
N SER A 465 72.02 -8.33 -15.03
CA SER A 465 72.37 -9.50 -14.21
C SER A 465 72.36 -9.02 -12.76
N ALA A 466 72.58 -9.96 -11.84
CA ALA A 466 72.51 -9.60 -10.43
C ALA A 466 73.43 -10.48 -9.61
N PHE A 467 74.00 -9.88 -8.55
CA PHE A 467 74.75 -10.61 -7.54
C PHE A 467 73.81 -11.09 -6.44
N ASN A 468 73.93 -12.37 -6.08
CA ASN A 468 73.12 -12.92 -4.99
C ASN A 468 73.82 -12.63 -3.67
N LEU A 469 73.36 -11.58 -2.97
CA LEU A 469 73.97 -11.21 -1.70
C LEU A 469 73.79 -12.28 -0.62
N GLY A 470 72.85 -13.21 -0.81
CA GLY A 470 72.71 -14.29 0.15
C GLY A 470 73.63 -15.46 -0.08
N ALA A 471 74.37 -15.47 -1.19
CA ALA A 471 75.27 -16.55 -1.51
C ALA A 471 76.72 -16.23 -1.25
N ILE A 472 77.04 -14.99 -0.90
CA ILE A 472 78.42 -14.59 -0.62
C ILE A 472 78.65 -14.63 0.89
N ASN A 473 79.85 -15.07 1.28
CA ASN A 473 80.25 -15.08 2.67
C ASN A 473 81.22 -13.95 3.00
N ASN A 474 81.85 -13.37 1.99
CA ASN A 474 82.80 -12.28 2.15
C ASN A 474 82.57 -11.31 0.99
N LEU A 475 82.64 -10.02 1.29
CA LEU A 475 82.44 -9.02 0.24
C LEU A 475 83.52 -9.08 -0.82
N ASP A 476 84.69 -9.65 -0.50
CA ASP A 476 85.76 -9.78 -1.47
C ASP A 476 85.49 -10.89 -2.48
N GLU A 477 84.48 -11.72 -2.25
CA GLU A 477 84.04 -12.65 -3.29
C GLU A 477 83.46 -11.92 -4.49
N LEU A 478 83.11 -10.65 -4.32
CA LEU A 478 82.55 -9.87 -5.42
C LEU A 478 83.59 -9.60 -6.51
N GLU A 479 84.87 -9.53 -6.14
CA GLU A 479 85.92 -9.31 -7.15
C GLU A 479 85.87 -10.40 -8.21
N GLU A 480 85.78 -11.65 -7.78
CA GLU A 480 85.67 -12.77 -8.70
C GLU A 480 84.35 -12.75 -9.47
N LEU A 481 83.26 -12.43 -8.78
CA LEU A 481 81.95 -12.47 -9.44
C LEU A 481 81.80 -11.31 -10.42
N ALA A 482 82.36 -10.14 -10.10
CA ALA A 482 82.27 -9.01 -11.02
C ALA A 482 83.01 -9.28 -12.32
N ILE A 483 84.18 -9.90 -12.24
CA ILE A 483 84.92 -10.27 -13.45
C ILE A 483 84.07 -11.16 -14.34
N LEU A 484 83.48 -12.20 -13.75
CA LEU A 484 82.67 -13.13 -14.54
C LEU A 484 81.42 -12.45 -15.09
N ALA A 485 80.76 -11.63 -14.28
CA ALA A 485 79.52 -11.00 -14.72
C ALA A 485 79.78 -9.96 -15.80
N VAL A 486 80.79 -9.11 -15.60
CA VAL A 486 81.07 -8.07 -16.58
C VAL A 486 81.53 -8.69 -17.89
N ARG A 487 82.43 -9.67 -17.81
CA ARG A 487 82.92 -10.33 -19.03
C ARG A 487 81.80 -11.03 -19.78
N ALA A 488 80.87 -11.66 -19.06
CA ALA A 488 79.79 -12.39 -19.72
C ALA A 488 78.83 -11.43 -20.43
N LEU A 489 78.42 -10.36 -19.74
CA LEU A 489 77.49 -9.43 -20.36
C LEU A 489 78.14 -8.60 -21.46
N ASP A 490 79.43 -8.31 -21.33
CA ASP A 490 80.09 -7.52 -22.37
C ASP A 490 80.26 -8.34 -23.64
N ALA A 491 80.62 -9.62 -23.50
CA ALA A 491 80.67 -10.49 -24.66
C ALA A 491 79.28 -10.67 -25.28
N LEU A 492 78.24 -10.54 -24.46
CA LEU A 492 76.88 -10.67 -24.97
C LEU A 492 76.53 -9.55 -25.93
N LEU A 493 77.07 -8.34 -25.71
CA LEU A 493 76.75 -7.23 -26.58
C LEU A 493 77.20 -7.49 -28.01
N ASP A 494 78.36 -8.13 -28.18
CA ASP A 494 78.83 -8.47 -29.52
C ASP A 494 78.14 -9.71 -30.08
N TYR A 495 77.60 -10.56 -29.21
CA TYR A 495 77.04 -11.84 -29.63
C TYR A 495 75.64 -11.69 -30.21
N GLN A 496 74.85 -10.76 -29.68
CA GLN A 496 73.44 -10.65 -30.06
C GLN A 496 73.27 -9.80 -31.31
N ASP A 497 72.04 -9.84 -31.84
CA ASP A 497 71.67 -9.06 -33.02
C ASP A 497 70.86 -7.84 -32.60
N TYR A 498 70.70 -6.91 -33.55
CA TYR A 498 70.04 -5.63 -33.29
C TYR A 498 69.05 -5.33 -34.41
N PRO A 499 67.74 -5.44 -34.16
CA PRO A 499 66.78 -5.18 -35.24
C PRO A 499 66.72 -3.72 -35.65
N ILE A 500 67.15 -2.78 -34.81
CA ILE A 500 67.12 -1.36 -35.11
C ILE A 500 68.55 -0.83 -35.11
N PRO A 501 69.03 -0.25 -36.22
CA PRO A 501 70.42 0.24 -36.25
C PRO A 501 70.75 1.24 -35.16
N ALA A 502 69.81 2.13 -34.80
CA ALA A 502 70.09 3.11 -33.76
C ALA A 502 70.36 2.45 -32.42
N ALA A 503 69.80 1.26 -32.19
CA ALA A 503 70.04 0.55 -30.94
C ALA A 503 71.42 -0.07 -30.91
N LYS A 504 71.86 -0.66 -32.04
CA LYS A 504 73.21 -1.17 -32.10
C LYS A 504 74.23 -0.06 -31.96
N ARG A 505 73.92 1.13 -32.47
CA ARG A 505 74.83 2.25 -32.35
C ARG A 505 75.08 2.59 -30.89
N GLY A 506 74.00 2.73 -30.12
CA GLY A 506 74.15 3.01 -28.69
C GLY A 506 74.83 1.88 -27.94
N ALA A 507 74.48 0.63 -28.26
CA ALA A 507 75.05 -0.50 -27.54
C ALA A 507 76.55 -0.61 -27.79
N MET A 508 76.97 -0.61 -29.06
CA MET A 508 78.39 -0.70 -29.37
C MET A 508 79.14 0.55 -28.94
N GLY A 509 78.46 1.71 -28.92
CA GLY A 509 79.14 2.94 -28.56
C GLY A 509 79.46 3.02 -27.07
N ARG A 510 78.47 2.73 -26.23
CA ARG A 510 78.61 2.88 -24.79
C ARG A 510 78.82 1.57 -24.05
N ARG A 511 78.33 0.46 -24.59
CA ARG A 511 78.46 -0.86 -23.96
C ARG A 511 77.96 -0.84 -22.52
N THR A 512 76.75 -0.32 -22.34
CA THR A 512 76.21 -0.10 -21.00
C THR A 512 75.67 -1.40 -20.42
N LEU A 513 76.07 -1.69 -19.18
CA LEU A 513 75.58 -2.84 -18.42
C LEU A 513 74.81 -2.37 -17.21
N GLY A 514 73.90 -3.22 -16.73
CA GLY A 514 73.13 -2.93 -15.54
C GLY A 514 73.09 -4.13 -14.62
N ILE A 515 74.04 -4.21 -13.69
CA ILE A 515 74.16 -5.33 -12.78
C ILE A 515 73.70 -4.89 -11.40
N GLY A 516 72.73 -5.62 -10.85
CA GLY A 516 72.18 -5.31 -9.53
C GLY A 516 72.37 -6.41 -8.52
N VAL A 517 71.48 -6.47 -7.52
CA VAL A 517 71.57 -7.47 -6.46
C VAL A 517 70.20 -8.10 -6.24
N ILE A 518 70.22 -9.31 -5.68
CA ILE A 518 69.03 -9.96 -5.16
C ILE A 518 69.35 -10.47 -3.76
N ASN A 519 68.30 -10.92 -3.05
CA ASN A 519 68.43 -11.47 -1.70
C ASN A 519 68.95 -10.43 -0.70
N PHE A 520 68.60 -9.16 -0.90
CA PHE A 520 69.08 -8.12 0.02
C PHE A 520 68.41 -8.23 1.38
N ALA A 521 67.11 -8.57 1.40
CA ALA A 521 66.42 -8.74 2.67
C ALA A 521 66.98 -9.92 3.47
N TYR A 522 67.22 -11.05 2.79
CA TYR A 522 67.88 -12.17 3.44
C TYR A 522 69.29 -11.80 3.90
N TYR A 523 69.98 -10.96 3.12
CA TYR A 523 71.30 -10.49 3.51
C TYR A 523 71.24 -9.69 4.80
N LEU A 524 70.26 -8.79 4.92
CA LEU A 524 70.09 -8.02 6.15
C LEU A 524 69.70 -8.91 7.32
N ALA A 525 68.91 -9.96 7.07
CA ALA A 525 68.51 -10.86 8.14
C ALA A 525 69.70 -11.65 8.69
N LYS A 526 70.62 -12.07 7.81
CA LYS A 526 71.79 -12.81 8.28
C LYS A 526 72.66 -11.95 9.17
N HIS A 527 72.65 -10.63 8.97
CA HIS A 527 73.42 -9.70 9.80
C HIS A 527 72.59 -9.10 10.92
N GLY A 528 71.35 -9.53 11.09
CA GLY A 528 70.53 -8.98 12.16
C GLY A 528 70.26 -7.50 12.01
N LYS A 529 70.03 -7.04 10.78
CA LYS A 529 69.70 -5.65 10.50
C LYS A 529 68.28 -5.56 9.97
N ARG A 530 67.74 -4.35 9.94
CA ARG A 530 66.37 -4.13 9.51
C ARG A 530 66.30 -2.93 8.58
N TYR A 531 65.19 -2.85 7.85
CA TYR A 531 64.99 -1.72 6.94
C TYR A 531 64.65 -0.44 7.69
N SER A 532 63.76 -0.54 8.68
CA SER A 532 63.09 0.65 9.19
C SER A 532 63.91 1.41 10.22
N ASP A 533 64.65 0.71 11.08
CA ASP A 533 65.30 1.36 12.20
C ASP A 533 66.61 2.05 11.84
N GLY A 534 67.05 1.95 10.58
CA GLY A 534 68.30 2.57 10.20
C GLY A 534 69.53 1.86 10.67
N SER A 535 69.39 0.63 11.16
CA SER A 535 70.52 -0.17 11.63
C SER A 535 71.34 -0.77 10.49
N ALA A 536 70.82 -0.75 9.26
CA ALA A 536 71.50 -1.32 8.12
C ALA A 536 72.16 -0.26 7.24
N ASN A 537 72.12 1.00 7.64
CA ASN A 537 72.70 2.07 6.84
C ASN A 537 74.19 1.83 6.57
N ASN A 538 74.97 1.63 7.64
CA ASN A 538 76.41 1.43 7.46
C ASN A 538 76.72 0.14 6.73
N LEU A 539 75.93 -0.92 6.99
CA LEU A 539 76.15 -2.17 6.27
C LEU A 539 75.84 -2.03 4.80
N THR A 540 74.79 -1.28 4.46
CA THR A 540 74.45 -1.02 3.07
C THR A 540 75.55 -0.22 2.38
N HIS A 541 76.11 0.77 3.08
CA HIS A 541 77.20 1.55 2.53
C HIS A 541 78.43 0.68 2.26
N LYS A 542 78.81 -0.14 3.23
CA LYS A 542 79.96 -1.01 3.07
C LYS A 542 79.73 -2.04 1.96
N THR A 543 78.49 -2.48 1.79
CA THR A 543 78.19 -3.53 0.82
C THR A 543 78.21 -2.99 -0.61
N PHE A 544 77.54 -1.85 -0.84
CA PHE A 544 77.44 -1.32 -2.19
C PHE A 544 78.68 -0.55 -2.63
N GLU A 545 79.56 -0.17 -1.71
CA GLU A 545 80.87 0.30 -2.14
C GLU A 545 81.66 -0.84 -2.77
N ALA A 546 81.64 -2.02 -2.14
CA ALA A 546 82.35 -3.17 -2.69
C ALA A 546 81.78 -3.56 -4.04
N ILE A 547 80.44 -3.52 -4.19
CA ILE A 547 79.81 -3.91 -5.45
C ILE A 547 80.27 -2.99 -6.57
N GLN A 548 80.18 -1.67 -6.34
CA GLN A 548 80.57 -0.73 -7.39
C GLN A 548 82.07 -0.78 -7.63
N TYR A 549 82.87 -0.85 -6.56
CA TYR A 549 84.32 -0.87 -6.72
C TYR A 549 84.76 -2.07 -7.54
N TYR A 550 84.28 -3.26 -7.18
CA TYR A 550 84.71 -4.45 -7.91
C TYR A 550 84.09 -4.50 -9.31
N LEU A 551 82.93 -3.87 -9.51
CA LEU A 551 82.39 -3.77 -10.86
C LEU A 551 83.27 -2.86 -11.72
N LEU A 552 83.56 -1.65 -11.23
CA LEU A 552 84.43 -0.74 -11.97
C LEU A 552 85.80 -1.36 -12.20
N LYS A 553 86.34 -2.03 -11.18
CA LYS A 553 87.64 -2.69 -11.34
C LYS A 553 87.57 -3.76 -12.42
N ALA A 554 86.47 -4.52 -12.48
CA ALA A 554 86.36 -5.56 -13.50
C ALA A 554 86.26 -4.97 -14.89
N SER A 555 85.50 -3.89 -15.06
CA SER A 555 85.40 -3.26 -16.36
C SER A 555 86.68 -2.51 -16.70
N ASN A 556 87.44 -2.11 -15.67
CA ASN A 556 88.73 -1.48 -15.90
C ASN A 556 89.76 -2.49 -16.41
N GLU A 557 89.80 -3.68 -15.81
CA GLU A 557 90.70 -4.72 -16.30
C GLU A 557 90.31 -5.16 -17.71
N LEU A 558 89.00 -5.25 -17.98
CA LEU A 558 88.57 -5.66 -19.32
C LEU A 558 88.96 -4.63 -20.36
N ALA A 559 89.02 -3.35 -19.98
CA ALA A 559 89.43 -2.32 -20.93
C ALA A 559 90.92 -2.44 -21.26
N LYS A 560 91.75 -2.81 -20.27
CA LYS A 560 93.15 -3.06 -20.57
C LYS A 560 93.31 -4.20 -21.57
N GLU A 561 92.41 -5.19 -21.53
CA GLU A 561 92.56 -6.37 -22.35
C GLU A 561 92.03 -6.17 -23.77
N GLN A 562 90.89 -5.49 -23.92
CA GLN A 562 90.24 -5.37 -25.22
C GLN A 562 89.92 -3.93 -25.61
N GLY A 563 90.38 -2.95 -24.85
CA GLY A 563 90.14 -1.55 -25.19
C GLY A 563 88.83 -0.99 -24.65
N ALA A 564 88.86 0.28 -24.26
CA ALA A 564 87.67 0.93 -23.70
C ALA A 564 86.57 1.04 -24.76
N CYS A 565 85.37 1.35 -24.28
CA CYS A 565 84.23 1.50 -25.18
C CYS A 565 84.43 2.72 -26.08
N PRO A 566 83.94 2.67 -27.32
CA PRO A 566 84.20 3.76 -28.28
C PRO A 566 83.83 5.15 -27.79
N TRP A 567 82.72 5.31 -27.09
CA TRP A 567 82.27 6.63 -26.64
C TRP A 567 82.60 6.89 -25.18
N PHE A 568 83.67 6.28 -24.67
CA PHE A 568 84.03 6.48 -23.28
C PHE A 568 84.33 7.94 -22.95
N ASN A 569 84.79 8.71 -23.94
CA ASN A 569 85.13 10.12 -23.72
C ASN A 569 83.92 10.95 -23.30
N GLU A 570 82.70 10.45 -23.52
CA GLU A 570 81.50 11.18 -23.14
C GLU A 570 81.07 10.92 -21.70
N THR A 571 81.81 10.08 -20.98
CA THR A 571 81.47 9.77 -19.60
C THR A 571 82.20 10.71 -18.64
N THR A 572 81.63 10.87 -17.44
CA THR A 572 82.34 11.58 -16.39
C THR A 572 83.49 10.76 -15.85
N TYR A 573 83.47 9.45 -16.04
CA TYR A 573 84.60 8.61 -15.66
C TYR A 573 85.85 9.02 -16.44
N ALA A 574 85.67 9.41 -17.70
CA ALA A 574 86.81 9.82 -18.53
C ALA A 574 87.47 11.09 -17.99
N LYS A 575 86.69 11.99 -17.39
CA LYS A 575 87.23 13.19 -16.75
C LYS A 575 87.80 12.91 -15.37
N GLY A 576 87.89 11.65 -14.97
CA GLY A 576 88.43 11.31 -13.66
C GLY A 576 87.46 11.56 -12.53
N ILE A 577 86.16 11.46 -12.78
CA ILE A 577 85.13 11.70 -11.77
C ILE A 577 84.50 10.37 -11.40
N LEU A 578 84.46 10.08 -10.11
CA LEU A 578 83.91 8.86 -9.54
C LEU A 578 82.55 9.12 -8.91
N PRO A 579 81.74 8.08 -8.68
CA PRO A 579 80.46 8.29 -7.99
C PRO A 579 80.61 8.87 -6.60
N ILE A 580 81.75 8.64 -5.95
CA ILE A 580 81.99 9.09 -4.59
C ILE A 580 82.25 10.59 -4.54
N ASP A 581 82.25 11.23 -5.70
CA ASP A 581 82.43 12.67 -5.79
C ASP A 581 81.12 13.42 -6.00
N THR A 582 80.18 12.83 -6.72
CA THR A 582 78.97 13.52 -7.17
C THR A 582 77.71 13.11 -6.43
N TYR A 583 77.83 12.31 -5.37
CA TYR A 583 76.65 11.88 -4.65
C TYR A 583 76.06 13.05 -3.86
N LYS A 584 74.77 12.93 -3.54
CA LYS A 584 74.12 14.00 -2.80
C LYS A 584 74.63 14.01 -1.36
N LYS A 585 75.13 15.18 -0.93
CA LYS A 585 75.85 15.26 0.34
C LYS A 585 74.96 15.09 1.57
N ASP A 586 73.64 15.04 1.39
CA ASP A 586 72.78 14.80 2.55
C ASP A 586 72.90 13.37 3.07
N LEU A 587 73.52 12.47 2.31
CA LEU A 587 73.73 11.11 2.78
C LEU A 587 74.73 11.04 3.92
N ASP A 588 75.56 12.07 4.10
CA ASP A 588 76.54 12.06 5.17
C ASP A 588 75.89 12.12 6.54
N THR A 589 74.61 12.49 6.61
CA THR A 589 73.88 12.59 7.86
C THR A 589 73.19 11.29 8.26
N ILE A 590 73.22 10.26 7.39
CA ILE A 590 72.57 8.99 7.68
C ILE A 590 73.50 7.80 7.58
N ALA A 591 74.79 8.01 7.32
CA ALA A 591 75.76 6.92 7.27
C ALA A 591 77.15 7.47 7.49
N ASN A 592 77.90 6.84 8.40
CA ASN A 592 79.27 7.27 8.70
C ASN A 592 80.30 6.18 8.38
N GLU A 593 79.94 5.20 7.57
CA GLU A 593 80.86 4.12 7.21
C GLU A 593 81.94 4.64 6.27
N PRO A 594 83.22 4.48 6.60
CA PRO A 594 84.28 4.96 5.71
C PRO A 594 84.53 4.03 4.53
N LEU A 595 85.05 4.62 3.46
CA LEU A 595 85.40 3.85 2.27
C LEU A 595 86.54 2.90 2.58
N HIS A 596 86.37 1.63 2.22
CA HIS A 596 87.33 0.60 2.55
C HIS A 596 88.26 0.21 1.41
N TYR A 597 88.01 0.70 0.20
CA TYR A 597 88.78 0.32 -0.96
C TYR A 597 89.53 1.53 -1.52
N ASP A 598 90.58 1.25 -2.30
CA ASP A 598 91.46 2.28 -2.84
C ASP A 598 90.81 2.90 -4.07
N TRP A 599 89.97 3.91 -3.84
CA TRP A 599 89.29 4.58 -4.94
C TRP A 599 90.24 5.50 -5.71
N GLU A 600 91.25 6.06 -5.03
CA GLU A 600 92.17 6.96 -5.72
C GLU A 600 93.05 6.21 -6.71
N ALA A 601 93.49 5.00 -6.34
CA ALA A 601 94.24 4.18 -7.28
C ALA A 601 93.35 3.76 -8.44
N LEU A 602 92.08 3.49 -8.16
CA LEU A 602 91.15 3.13 -9.22
C LEU A 602 90.87 4.32 -10.11
N ARG A 603 90.73 5.51 -9.51
CA ARG A 603 90.51 6.72 -10.30
C ARG A 603 91.63 6.92 -11.30
N GLU A 604 92.87 6.72 -10.87
CA GLU A 604 94.01 6.89 -11.78
C GLU A 604 94.00 5.84 -12.88
N SER A 605 93.70 4.58 -12.55
CA SER A 605 93.67 3.54 -13.56
C SER A 605 92.56 3.77 -14.58
N ILE A 606 91.44 4.34 -14.16
CA ILE A 606 90.35 4.62 -15.09
C ILE A 606 90.73 5.77 -16.02
N LYS A 607 91.40 6.80 -15.49
CA LYS A 607 91.92 7.87 -16.33
C LYS A 607 92.82 7.32 -17.43
N THR A 608 93.66 6.32 -17.09
CA THR A 608 94.66 5.81 -18.01
C THR A 608 94.07 4.84 -19.02
N HIS A 609 93.39 3.80 -18.55
CA HIS A 609 92.93 2.71 -19.42
C HIS A 609 91.44 2.77 -19.75
N GLY A 610 90.66 3.58 -19.03
CA GLY A 610 89.25 3.70 -19.32
C GLY A 610 88.44 2.52 -18.79
N LEU A 611 87.18 2.49 -19.22
CA LEU A 611 86.26 1.42 -18.85
C LEU A 611 85.74 0.74 -20.10
N ARG A 612 85.63 -0.59 -20.06
CA ARG A 612 85.03 -1.30 -21.17
C ARG A 612 83.56 -0.96 -21.31
N ASN A 613 82.91 -0.50 -20.24
CA ASN A 613 81.48 -0.25 -20.20
C ASN A 613 81.22 1.13 -19.61
N SER A 614 80.27 1.85 -20.19
CA SER A 614 79.96 3.19 -19.72
C SER A 614 79.21 3.16 -18.38
N THR A 615 78.33 2.18 -18.21
CA THR A 615 77.63 1.96 -16.95
C THR A 615 77.79 0.50 -16.55
N LEU A 616 77.60 0.24 -15.25
CA LEU A 616 77.79 -1.12 -14.76
C LEU A 616 76.67 -1.55 -13.81
N SER A 617 76.25 -0.66 -12.91
CA SER A 617 75.36 -1.02 -11.83
C SER A 617 73.98 -0.38 -12.00
N ALA A 618 72.94 -1.16 -11.71
CA ALA A 618 71.56 -0.70 -11.70
C ALA A 618 70.74 -1.75 -10.96
N LEU A 619 69.91 -1.31 -10.03
CA LEU A 619 69.16 -2.22 -9.16
C LEU A 619 67.77 -2.46 -9.74
N MET A 620 67.62 -3.54 -10.50
CA MET A 620 66.34 -3.93 -11.07
C MET A 620 65.51 -4.69 -10.03
N PRO A 621 64.19 -4.79 -10.26
CA PRO A 621 63.35 -5.53 -9.29
C PRO A 621 63.54 -7.04 -9.34
N SER A 622 63.86 -7.61 -10.51
CA SER A 622 64.06 -9.05 -10.67
C SER A 622 62.86 -9.85 -10.15
N GLU A 623 61.66 -9.46 -10.58
CA GLU A 623 60.43 -10.10 -10.14
C GLU A 623 60.45 -11.61 -10.40
N THR A 624 60.90 -12.01 -11.59
CA THR A 624 60.89 -13.40 -12.02
C THR A 624 62.22 -14.10 -11.81
N SER A 625 63.31 -13.45 -12.24
CA SER A 625 64.61 -14.12 -12.28
C SER A 625 65.13 -14.46 -10.89
N SER A 626 64.75 -13.68 -9.87
CA SER A 626 65.26 -13.95 -8.52
C SER A 626 64.65 -15.21 -7.91
N GLN A 627 63.52 -15.67 -8.43
CA GLN A 627 62.90 -16.88 -7.91
C GLN A 627 63.70 -18.13 -8.24
N ILE A 628 64.65 -18.05 -9.18
CA ILE A 628 65.46 -19.21 -9.54
C ILE A 628 66.32 -19.64 -8.37
N SER A 629 66.99 -18.69 -7.71
CA SER A 629 67.77 -18.98 -6.52
C SER A 629 66.94 -18.94 -5.25
N ASN A 630 65.62 -18.88 -5.37
CA ASN A 630 64.71 -18.73 -4.24
C ASN A 630 65.10 -17.53 -3.38
N ALA A 631 65.56 -16.48 -4.05
CA ALA A 631 65.98 -15.26 -3.37
C ALA A 631 64.80 -14.31 -3.19
N THR A 632 64.95 -13.41 -2.22
CA THR A 632 64.03 -12.29 -2.12
C THR A 632 64.34 -11.30 -3.23
N ASN A 633 63.31 -10.85 -3.94
CA ASN A 633 63.54 -10.11 -5.17
C ASN A 633 64.23 -8.78 -4.90
N GLY A 634 65.35 -8.56 -5.59
CA GLY A 634 66.04 -7.28 -5.55
C GLY A 634 66.34 -6.83 -4.14
N ILE A 635 65.98 -5.58 -3.84
CA ILE A 635 66.17 -5.02 -2.51
C ILE A 635 64.88 -4.97 -1.70
N GLU A 636 63.79 -5.50 -2.23
CA GLU A 636 62.50 -5.37 -1.56
C GLU A 636 62.37 -6.38 -0.43
N PRO A 637 61.82 -5.96 0.71
CA PRO A 637 61.51 -6.92 1.77
C PRO A 637 60.34 -7.80 1.37
N PRO A 638 60.39 -9.08 1.71
CA PRO A 638 59.33 -10.00 1.28
C PRO A 638 58.00 -9.66 1.91
N ARG A 639 56.92 -9.98 1.18
CA ARG A 639 55.58 -9.70 1.69
C ARG A 639 55.21 -10.62 2.85
N GLY A 640 55.71 -11.85 2.85
CA GLY A 640 55.49 -12.74 3.98
C GLY A 640 56.54 -13.82 3.99
N TYR A 641 56.57 -14.58 5.09
CA TYR A 641 57.48 -15.72 5.17
C TYR A 641 57.19 -16.70 4.05
N VAL A 642 55.91 -16.86 3.71
CA VAL A 642 55.48 -17.57 2.51
C VAL A 642 54.76 -16.54 1.65
N SER A 643 55.38 -16.16 0.53
CA SER A 643 54.84 -15.17 -0.37
C SER A 643 54.07 -15.85 -1.50
N ILE A 644 53.00 -15.19 -1.94
CA ILE A 644 52.22 -15.65 -3.09
C ILE A 644 52.63 -14.84 -4.30
N LYS A 645 53.12 -15.52 -5.33
CA LYS A 645 53.59 -14.88 -6.55
C LYS A 645 52.85 -15.44 -7.75
N ALA A 646 52.77 -14.65 -8.82
CA ALA A 646 51.95 -14.98 -9.98
C ALA A 646 52.74 -15.83 -10.97
N SER A 647 51.98 -16.59 -11.77
CA SER A 647 52.57 -17.45 -12.79
C SER A 647 51.49 -17.81 -13.82
N LYS A 648 51.90 -18.53 -14.86
CA LYS A 648 50.96 -18.95 -15.90
C LYS A 648 49.97 -19.98 -15.37
N ASP A 649 50.45 -21.00 -14.66
CA ASP A 649 49.55 -22.01 -14.11
C ASP A 649 48.66 -21.44 -13.02
N GLY A 650 49.12 -20.44 -12.29
CA GLY A 650 48.37 -19.85 -11.22
C GLY A 650 49.30 -19.35 -10.13
N ILE A 651 48.91 -19.58 -8.88
CA ILE A 651 49.64 -19.06 -7.73
C ILE A 651 50.83 -19.94 -7.41
N LEU A 652 51.90 -19.30 -6.94
CA LEU A 652 53.11 -19.98 -6.49
C LEU A 652 53.42 -19.55 -5.06
N ARG A 653 53.78 -20.52 -4.23
CA ARG A 653 54.19 -20.25 -2.86
C ARG A 653 55.71 -20.30 -2.74
N GLN A 654 56.30 -19.22 -2.27
CA GLN A 654 57.75 -19.10 -2.13
C GLN A 654 58.09 -18.80 -0.68
N VAL A 655 58.97 -19.62 -0.10
CA VAL A 655 59.40 -19.46 1.29
C VAL A 655 60.64 -18.59 1.31
N VAL A 656 60.76 -17.72 2.32
CA VAL A 656 61.95 -16.88 2.46
C VAL A 656 63.15 -17.80 2.68
N PRO A 657 64.33 -17.45 2.20
CA PRO A 657 65.49 -18.32 2.40
C PRO A 657 65.84 -18.43 3.88
N ASP A 658 66.14 -19.66 4.30
CA ASP A 658 66.54 -19.95 5.68
C ASP A 658 65.46 -19.55 6.69
N TYR A 659 64.22 -19.94 6.39
CA TYR A 659 63.10 -19.57 7.26
C TYR A 659 63.22 -20.20 8.63
N GLU A 660 63.75 -21.43 8.68
CA GLU A 660 63.85 -22.17 9.93
C GLU A 660 64.66 -21.41 10.97
N HIS A 661 65.80 -20.85 10.56
CA HIS A 661 66.72 -20.22 11.50
C HIS A 661 66.56 -18.71 11.61
N LEU A 662 65.92 -18.05 10.63
CA LEU A 662 65.93 -16.59 10.56
C LEU A 662 64.54 -15.97 10.51
N HIS A 663 63.49 -16.69 10.90
CA HIS A 663 62.16 -16.12 10.78
C HIS A 663 62.01 -14.85 11.63
N ASP A 664 62.73 -14.77 12.75
CA ASP A 664 62.69 -13.58 13.58
C ASP A 664 63.51 -12.44 13.00
N ALA A 665 64.54 -12.76 12.21
CA ALA A 665 65.43 -11.72 11.70
C ALA A 665 64.79 -10.91 10.58
N TYR A 666 63.92 -11.53 9.79
CA TYR A 666 63.28 -10.84 8.69
C TYR A 666 62.37 -9.72 9.19
N GLU A 667 62.28 -8.66 8.39
CA GLU A 667 61.29 -7.61 8.59
C GLU A 667 60.41 -7.59 7.35
N LEU A 668 59.20 -8.12 7.47
CA LEU A 668 58.29 -8.23 6.34
C LEU A 668 57.81 -6.85 5.91
N LEU A 669 57.28 -6.80 4.67
CA LEU A 669 56.93 -5.53 4.03
C LEU A 669 55.98 -4.70 4.91
N TRP A 670 54.94 -5.32 5.43
CA TRP A 670 53.92 -4.58 6.18
C TRP A 670 54.21 -4.53 7.66
N GLU A 671 55.40 -4.99 8.09
CA GLU A 671 55.85 -4.81 9.46
C GLU A 671 56.61 -3.51 9.65
N MET A 672 56.73 -2.68 8.60
CA MET A 672 57.50 -1.44 8.67
C MET A 672 56.60 -0.26 9.04
N PRO A 673 57.09 0.61 9.91
CA PRO A 673 56.30 1.79 10.30
C PRO A 673 56.05 2.75 9.14
N GLY A 674 57.04 2.99 8.32
CA GLY A 674 56.88 3.92 7.20
C GLY A 674 57.89 3.63 6.11
N ASN A 675 58.25 4.68 5.38
CA ASN A 675 59.18 4.57 4.27
C ASN A 675 60.55 5.17 4.55
N ASP A 676 60.72 5.91 5.66
CA ASP A 676 61.97 6.63 5.90
C ASP A 676 63.17 5.69 5.94
N GLY A 677 63.05 4.56 6.63
CA GLY A 677 64.17 3.65 6.71
C GLY A 677 64.54 3.05 5.37
N TYR A 678 63.55 2.64 4.59
CA TYR A 678 63.82 2.05 3.29
C TYR A 678 64.38 3.08 2.32
N LEU A 679 63.79 4.28 2.28
CA LEU A 679 64.27 5.30 1.36
C LEU A 679 65.69 5.73 1.71
N GLN A 680 66.06 5.69 2.99
CA GLN A 680 67.44 6.00 3.35
C GLN A 680 68.39 4.96 2.80
N LEU A 681 68.01 3.69 2.86
CA LEU A 681 68.84 2.65 2.27
C LEU A 681 68.96 2.83 0.77
N VAL A 682 67.86 3.20 0.10
CA VAL A 682 67.92 3.44 -1.34
C VAL A 682 68.85 4.59 -1.65
N GLY A 683 68.78 5.66 -0.86
CA GLY A 683 69.68 6.79 -1.05
C GLY A 683 71.14 6.40 -0.90
N ILE A 684 71.42 5.55 0.09
CA ILE A 684 72.79 5.08 0.30
C ILE A 684 73.24 4.22 -0.87
N MET A 685 72.38 3.31 -1.32
CA MET A 685 72.71 2.51 -2.51
C MET A 685 72.99 3.41 -3.71
N GLN A 686 72.17 4.44 -3.90
CA GLN A 686 72.31 5.32 -5.05
C GLN A 686 73.63 6.09 -5.05
N LYS A 687 74.31 6.18 -3.90
CA LYS A 687 75.62 6.81 -3.87
C LYS A 687 76.59 6.12 -4.80
N PHE A 688 76.49 4.79 -4.92
CA PHE A 688 77.43 4.02 -5.72
C PHE A 688 76.85 3.49 -7.03
N ILE A 689 75.53 3.42 -7.17
CA ILE A 689 74.93 2.88 -8.39
C ILE A 689 75.11 3.86 -9.55
N ASP A 690 75.56 3.36 -10.68
CA ASP A 690 75.69 4.18 -11.88
C ASP A 690 74.34 4.74 -12.32
N GLN A 691 73.39 3.86 -12.57
CA GLN A 691 72.07 4.26 -13.07
C GLN A 691 71.11 4.48 -11.91
N SER A 692 69.99 3.76 -11.88
CA SER A 692 69.00 4.00 -10.83
C SER A 692 68.52 2.74 -10.14
N ILE A 693 67.52 2.90 -9.26
CA ILE A 693 66.99 1.85 -8.42
C ILE A 693 65.48 1.81 -8.59
N SER A 694 64.90 0.61 -8.66
CA SER A 694 63.45 0.44 -8.74
C SER A 694 62.84 0.59 -7.34
N ALA A 695 62.91 1.82 -6.83
CA ALA A 695 62.48 2.09 -5.47
C ALA A 695 60.97 2.07 -5.36
N ASN A 696 60.46 1.34 -4.37
CA ASN A 696 59.03 1.24 -4.10
C ASN A 696 58.65 2.13 -2.93
N THR A 697 57.38 2.54 -2.89
CA THR A 697 56.80 3.15 -1.72
C THR A 697 55.60 2.32 -1.30
N ASN A 698 55.46 2.12 0.01
CA ASN A 698 54.42 1.26 0.54
C ASN A 698 53.61 2.01 1.59
N TYR A 699 52.30 1.76 1.62
CA TYR A 699 51.42 2.45 2.54
C TYR A 699 50.34 1.49 3.02
N ASP A 700 50.17 1.42 4.34
CA ASP A 700 49.12 0.62 4.97
C ASP A 700 48.03 1.54 5.48
N PRO A 701 46.83 1.54 4.90
CA PRO A 701 45.79 2.46 5.37
C PRO A 701 45.42 2.25 6.83
N SER A 702 45.48 1.03 7.34
CA SER A 702 45.11 0.78 8.72
C SER A 702 46.07 1.44 9.71
N ARG A 703 47.27 1.81 9.27
CA ARG A 703 48.23 2.51 10.11
C ARG A 703 47.96 4.00 10.21
N PHE A 704 46.86 4.49 9.64
CA PHE A 704 46.56 5.91 9.62
C PHE A 704 45.18 6.17 10.21
N PRO A 705 44.96 7.33 10.79
CA PRO A 705 43.65 7.65 11.35
C PRO A 705 42.57 7.59 10.28
N SER A 706 41.42 7.03 10.64
CA SER A 706 40.25 6.84 9.78
C SER A 706 40.55 5.97 8.57
N GLY A 707 41.67 5.26 8.57
CA GLY A 707 41.95 4.28 7.54
C GLY A 707 42.13 4.84 6.15
N LYS A 708 42.65 6.06 6.02
CA LYS A 708 42.92 6.64 4.71
C LYS A 708 44.23 7.41 4.72
N VAL A 709 45.05 7.17 3.71
CA VAL A 709 46.42 7.64 3.64
C VAL A 709 46.46 9.14 3.38
N PRO A 710 47.12 9.93 4.22
CA PRO A 710 47.13 11.37 4.03
C PRO A 710 48.04 11.81 2.89
N MET A 711 47.58 12.83 2.14
CA MET A 711 48.40 13.40 1.09
C MET A 711 49.68 14.04 1.64
N GLN A 712 49.62 14.49 2.90
CA GLN A 712 50.82 15.06 3.54
C GLN A 712 51.94 14.03 3.58
N GLN A 713 51.61 12.80 3.96
CA GLN A 713 52.65 11.77 4.07
C GLN A 713 53.19 11.37 2.71
N LEU A 714 52.31 11.28 1.70
CA LEU A 714 52.75 10.96 0.36
C LEU A 714 53.76 11.98 -0.16
N LEU A 715 53.48 13.26 0.05
CA LEU A 715 54.39 14.30 -0.43
C LEU A 715 55.65 14.36 0.41
N LYS A 716 55.54 14.13 1.72
CA LYS A 716 56.72 14.20 2.57
C LYS A 716 57.70 13.08 2.23
N ASP A 717 57.19 11.86 1.98
CA ASP A 717 58.06 10.77 1.55
C ASP A 717 58.64 11.06 0.17
N LEU A 718 57.86 11.69 -0.71
CA LEU A 718 58.37 12.06 -2.03
C LEU A 718 59.51 13.06 -1.90
N LEU A 719 59.36 14.03 -0.99
CA LEU A 719 60.42 14.99 -0.74
C LEU A 719 61.60 14.35 -0.01
N THR A 720 61.33 13.38 0.87
CA THR A 720 62.39 12.64 1.52
C THR A 720 63.25 11.89 0.50
N ALA A 721 62.61 11.33 -0.51
CA ALA A 721 63.36 10.65 -1.57
C ALA A 721 64.28 11.62 -2.30
N TYR A 722 63.79 12.81 -2.63
CA TYR A 722 64.64 13.78 -3.31
C TYR A 722 65.75 14.28 -2.40
N LYS A 723 65.49 14.40 -1.09
CA LYS A 723 66.49 14.91 -0.17
C LYS A 723 67.74 14.04 -0.15
N PHE A 724 67.59 12.73 -0.36
CA PHE A 724 68.70 11.80 -0.29
C PHE A 724 69.18 11.35 -1.68
N GLY A 725 68.80 12.06 -2.72
CA GLY A 725 69.31 11.78 -4.05
C GLY A 725 68.70 10.58 -4.74
N VAL A 726 67.49 10.17 -4.35
CA VAL A 726 66.82 9.08 -5.04
C VAL A 726 66.42 9.53 -6.44
N LYS A 727 66.88 8.80 -7.46
CA LYS A 727 66.66 9.24 -8.84
C LYS A 727 65.25 8.96 -9.32
N THR A 728 64.71 7.79 -8.99
CA THR A 728 63.40 7.39 -9.50
C THR A 728 62.58 6.76 -8.39
N LEU A 729 61.26 6.76 -8.58
CA LEU A 729 60.33 6.06 -7.72
C LEU A 729 59.49 5.14 -8.59
N TYR A 730 59.45 3.86 -8.23
CA TYR A 730 58.74 2.84 -8.98
C TYR A 730 57.33 2.63 -8.42
N TYR A 731 56.97 1.37 -8.12
CA TYR A 731 55.65 1.01 -7.61
C TYR A 731 55.30 1.79 -6.35
N GLN A 732 54.01 2.07 -6.18
CA GLN A 732 53.44 2.44 -4.89
C GLN A 732 52.48 1.34 -4.47
N ASN A 733 52.91 0.51 -3.53
CA ASN A 733 52.07 -0.57 -3.02
C ASN A 733 51.17 -0.05 -1.92
N THR A 734 49.87 -0.29 -2.06
CA THR A 734 48.91 0.02 -1.01
C THR A 734 48.30 -1.28 -0.52
N ARG A 735 48.31 -1.47 0.80
CA ARG A 735 47.86 -2.73 1.39
C ARG A 735 46.34 -2.91 1.25
N ASP A 736 45.92 -4.16 1.18
CA ASP A 736 44.50 -4.49 1.07
C ASP A 736 43.90 -4.81 2.45
N ASN B 4 21.07 56.91 -30.56
CA ASN B 4 21.27 56.97 -29.12
C ASN B 4 22.27 55.91 -28.64
N LEU B 5 22.24 54.73 -29.27
CA LEU B 5 23.18 53.66 -28.99
C LEU B 5 24.23 53.59 -30.10
N LEU B 6 25.28 52.82 -29.84
CA LEU B 6 26.44 52.75 -30.71
C LEU B 6 26.70 51.32 -31.13
N VAL B 7 27.20 51.16 -32.35
CA VAL B 7 27.71 49.89 -32.84
C VAL B 7 29.21 50.05 -33.05
N THR B 8 29.91 48.93 -33.16
CA THR B 8 31.35 48.93 -33.37
C THR B 8 31.63 48.39 -34.77
N LYS B 9 32.17 49.26 -35.63
CA LYS B 9 32.44 48.89 -37.01
C LYS B 9 33.60 47.88 -37.07
N ARG B 10 33.84 47.36 -38.28
CA ARG B 10 34.89 46.36 -38.44
C ARG B 10 36.29 46.95 -38.24
N ASP B 11 36.46 48.24 -38.51
CA ASP B 11 37.74 48.90 -38.32
C ASP B 11 37.99 49.34 -36.88
N GLY B 12 37.05 49.10 -35.97
CA GLY B 12 37.17 49.46 -34.59
C GLY B 12 36.43 50.72 -34.20
N SER B 13 36.12 51.58 -35.16
CA SER B 13 35.40 52.81 -34.86
C SER B 13 33.95 52.50 -34.50
N THR B 14 33.29 53.49 -33.92
CA THR B 14 31.90 53.35 -33.48
C THR B 14 31.05 54.42 -34.15
N GLU B 15 29.78 54.09 -34.37
CA GLU B 15 28.83 55.05 -34.92
C GLU B 15 27.43 54.68 -34.44
N ARG B 16 26.49 55.56 -34.72
CA ARG B 16 25.12 55.39 -34.24
C ARG B 16 24.48 54.15 -34.86
N ILE B 17 23.59 53.53 -34.10
CA ILE B 17 22.77 52.46 -34.66
C ILE B 17 21.91 53.03 -35.79
N ASN B 18 21.85 52.30 -36.90
CA ASN B 18 21.10 52.76 -38.07
C ASN B 18 20.52 51.54 -38.77
N LEU B 19 19.21 51.33 -38.61
CA LEU B 19 18.58 50.15 -39.18
C LEU B 19 18.59 50.16 -40.71
N ASP B 20 18.78 51.34 -41.33
CA ASP B 20 18.85 51.38 -42.79
C ASP B 20 20.05 50.62 -43.31
N LYS B 21 21.12 50.53 -42.51
CA LYS B 21 22.28 49.73 -42.89
C LYS B 21 21.92 48.26 -42.99
N ILE B 22 21.06 47.77 -42.09
CA ILE B 22 20.59 46.40 -42.14
C ILE B 22 19.61 46.21 -43.30
N HIS B 23 18.74 47.19 -43.54
CA HIS B 23 17.81 47.12 -44.66
C HIS B 23 18.56 47.02 -45.99
N ARG B 24 19.58 47.84 -46.17
CA ARG B 24 20.26 47.91 -47.46
C ARG B 24 20.96 46.59 -47.79
N VAL B 25 21.70 46.03 -46.84
CA VAL B 25 22.41 44.79 -47.12
C VAL B 25 21.44 43.65 -47.39
N LEU B 26 20.27 43.66 -46.74
CA LEU B 26 19.29 42.60 -46.99
C LEU B 26 18.58 42.80 -48.32
N ASP B 27 18.23 44.04 -48.66
CA ASP B 27 17.65 44.30 -49.98
C ASP B 27 18.60 43.90 -51.09
N TRP B 28 19.90 44.12 -50.89
CA TRP B 28 20.90 43.73 -51.88
C TRP B 28 20.94 42.21 -52.05
N ALA B 29 20.91 41.47 -50.94
CA ALA B 29 20.99 40.02 -51.00
C ALA B 29 19.72 39.39 -51.57
N ALA B 30 18.59 40.08 -51.46
CA ALA B 30 17.31 39.57 -51.91
C ALA B 30 16.94 40.03 -53.31
N GLU B 31 17.85 40.74 -53.99
CA GLU B 31 17.57 41.25 -55.32
C GLU B 31 17.32 40.11 -56.29
N GLY B 32 16.18 40.15 -56.99
CA GLY B 32 15.85 39.16 -57.98
C GLY B 32 15.27 37.87 -57.45
N LEU B 33 15.27 37.67 -56.13
CA LEU B 33 14.78 36.42 -55.55
C LEU B 33 13.26 36.47 -55.38
N HIS B 34 12.65 35.29 -55.37
CA HIS B 34 11.21 35.15 -55.26
C HIS B 34 10.81 34.60 -53.91
N ASN B 35 9.73 35.16 -53.35
CA ASN B 35 9.10 34.68 -52.12
C ASN B 35 10.03 34.76 -50.92
N VAL B 36 10.91 35.75 -50.90
CA VAL B 36 11.75 36.03 -49.75
C VAL B 36 11.27 37.31 -49.10
N SER B 37 11.67 37.52 -47.85
CA SER B 37 11.17 38.63 -47.06
C SER B 37 12.30 39.24 -46.24
N ILE B 38 12.67 40.48 -46.57
CA ILE B 38 13.60 41.24 -45.73
C ILE B 38 13.06 41.36 -44.32
N SER B 39 11.76 41.63 -44.19
CA SER B 39 11.15 41.74 -42.87
C SER B 39 11.30 40.45 -42.08
N GLN B 40 11.06 39.30 -42.72
CA GLN B 40 11.11 38.03 -42.00
C GLN B 40 12.52 37.76 -41.47
N VAL B 41 13.55 38.13 -42.22
CA VAL B 41 14.91 37.87 -41.78
C VAL B 41 15.25 38.69 -40.54
N GLU B 42 14.87 39.97 -40.53
CA GLU B 42 15.18 40.82 -39.39
C GLU B 42 14.47 40.34 -38.12
N LEU B 43 13.21 39.92 -38.25
CA LEU B 43 12.45 39.52 -37.07
C LEU B 43 12.93 38.18 -36.54
N ARG B 44 13.28 37.24 -37.44
CA ARG B 44 13.78 35.97 -36.97
C ARG B 44 15.21 36.06 -36.44
N SER B 45 15.91 37.17 -36.69
CA SER B 45 17.23 37.35 -36.09
C SER B 45 17.13 37.54 -34.59
N HIS B 46 16.02 38.11 -34.11
CA HIS B 46 15.83 38.41 -32.69
C HIS B 46 17.02 39.16 -32.13
N ILE B 47 17.58 40.06 -32.94
CA ILE B 47 18.83 40.73 -32.58
C ILE B 47 18.54 41.75 -31.49
N GLN B 48 19.23 41.61 -30.36
CA GLN B 48 19.11 42.54 -29.24
C GLN B 48 20.31 43.47 -29.25
N PHE B 49 20.05 44.75 -29.47
CA PHE B 49 21.12 45.75 -29.60
C PHE B 49 21.58 46.22 -28.23
N TYR B 50 22.89 46.23 -28.02
CA TYR B 50 23.48 46.85 -26.84
C TYR B 50 24.55 47.83 -27.30
N ASP B 51 24.87 48.79 -26.41
CA ASP B 51 25.86 49.81 -26.74
C ASP B 51 27.23 49.17 -26.94
N GLY B 52 27.80 49.35 -28.13
CA GLY B 52 29.06 48.74 -28.48
C GLY B 52 28.94 47.39 -29.15
N ILE B 53 27.74 47.05 -29.65
CA ILE B 53 27.54 45.75 -30.30
C ILE B 53 28.38 45.71 -31.57
N LYS B 54 29.13 44.62 -31.76
CA LYS B 54 29.96 44.50 -32.94
C LYS B 54 29.09 44.37 -34.19
N THR B 55 29.42 45.14 -35.21
CA THR B 55 28.71 45.08 -36.47
C THR B 55 28.89 43.73 -37.16
N SER B 56 29.96 43.01 -36.86
CA SER B 56 30.17 41.69 -37.45
C SER B 56 29.30 40.64 -36.79
N ASP B 57 29.03 40.78 -35.49
CA ASP B 57 28.10 39.89 -34.82
C ASP B 57 26.68 40.11 -35.34
N ILE B 58 26.34 41.36 -35.67
CA ILE B 58 25.04 41.64 -36.27
C ILE B 58 24.88 40.87 -37.57
N HIS B 59 25.91 40.88 -38.41
CA HIS B 59 25.80 40.23 -39.70
C HIS B 59 25.67 38.72 -39.57
N GLU B 60 26.46 38.11 -38.67
CA GLU B 60 26.37 36.65 -38.50
C GLU B 60 25.00 36.24 -38.00
N THR B 61 24.35 37.09 -37.21
CA THR B 61 23.00 36.76 -36.73
C THR B 61 22.00 36.74 -37.88
N ILE B 62 22.08 37.71 -38.80
CA ILE B 62 21.14 37.75 -39.91
C ILE B 62 21.48 36.72 -40.99
N ILE B 63 22.70 36.20 -41.01
CA ILE B 63 23.00 35.08 -41.89
C ILE B 63 22.31 33.82 -41.39
N LYS B 64 22.49 33.52 -40.10
CA LYS B 64 21.82 32.37 -39.48
C LYS B 64 20.30 32.43 -39.68
N ALA B 65 19.73 33.64 -39.55
CA ALA B 65 18.28 33.78 -39.66
C ALA B 65 17.81 33.43 -41.07
N ALA B 66 18.46 33.99 -42.09
CA ALA B 66 18.06 33.67 -43.46
C ALA B 66 18.31 32.21 -43.80
N ALA B 67 19.34 31.60 -43.22
CA ALA B 67 19.64 30.20 -43.49
C ALA B 67 18.56 29.28 -42.94
N ASP B 68 17.95 29.64 -41.81
CA ASP B 68 16.91 28.82 -41.21
C ASP B 68 15.55 29.01 -41.87
N LEU B 69 15.42 30.00 -42.77
CA LEU B 69 14.19 30.20 -43.51
C LEU B 69 14.15 29.40 -44.81
N ILE B 70 15.22 28.68 -45.13
CA ILE B 70 15.25 27.82 -46.31
C ILE B 70 14.20 26.73 -46.13
N SER B 71 13.24 26.68 -47.06
CA SER B 71 12.14 25.72 -46.97
C SER B 71 11.65 25.41 -48.37
N ARG B 72 10.68 24.50 -48.45
CA ARG B 72 10.08 24.15 -49.74
C ARG B 72 9.27 25.31 -50.29
N ASP B 73 8.61 26.08 -49.43
CA ASP B 73 7.75 27.17 -49.89
C ASP B 73 8.56 28.38 -50.33
N ALA B 74 9.74 28.58 -49.75
CA ALA B 74 10.62 29.69 -50.13
C ALA B 74 12.04 29.16 -50.25
N PRO B 75 12.34 28.45 -51.34
CA PRO B 75 13.69 27.90 -51.51
C PRO B 75 14.74 28.94 -51.85
N ASP B 76 14.34 30.10 -52.39
CA ASP B 76 15.33 31.11 -52.78
C ASP B 76 16.06 31.72 -51.60
N TYR B 77 15.65 31.43 -50.36
CA TYR B 77 16.45 31.86 -49.21
C TYR B 77 17.83 31.23 -49.23
N GLN B 78 18.01 30.15 -49.99
CA GLN B 78 19.33 29.54 -50.13
C GLN B 78 20.32 30.48 -50.80
N TYR B 79 19.81 31.41 -51.61
CA TYR B 79 20.68 32.39 -52.26
C TYR B 79 20.81 33.68 -51.45
N LEU B 80 19.77 34.05 -50.71
CA LEU B 80 19.86 35.22 -49.84
C LEU B 80 20.92 35.00 -48.75
N ALA B 81 20.88 33.84 -48.10
CA ALA B 81 21.86 33.56 -47.06
C ALA B 81 23.27 33.41 -47.62
N ALA B 82 23.38 32.82 -48.82
CA ALA B 82 24.70 32.67 -49.43
C ALA B 82 25.31 34.02 -49.74
N ARG B 83 24.52 34.94 -50.31
CA ARG B 83 25.03 36.26 -50.64
C ARG B 83 25.47 37.02 -49.39
N LEU B 84 24.70 36.89 -48.31
CA LEU B 84 25.12 37.51 -47.05
C LEU B 84 26.42 36.89 -46.54
N ALA B 85 26.58 35.57 -46.72
CA ALA B 85 27.78 34.90 -46.25
C ALA B 85 28.98 35.23 -47.13
N ILE B 86 28.78 35.32 -48.45
CA ILE B 86 29.86 35.76 -49.34
C ILE B 86 30.30 37.17 -48.97
N PHE B 87 29.33 38.07 -48.78
CA PHE B 87 29.63 39.42 -48.33
C PHE B 87 30.45 39.40 -47.05
N HIS B 88 30.06 38.56 -46.10
CA HIS B 88 30.80 38.43 -44.85
C HIS B 88 32.22 37.93 -45.07
N LEU B 89 32.38 36.94 -45.95
CA LEU B 89 33.71 36.39 -46.20
C LEU B 89 34.61 37.38 -46.94
N ARG B 90 34.02 38.26 -47.76
CA ARG B 90 34.81 39.30 -48.42
C ARG B 90 35.44 40.23 -47.39
N LYS B 91 34.66 40.65 -46.40
CA LYS B 91 35.18 41.55 -45.38
C LYS B 91 36.27 40.88 -44.55
N LYS B 92 36.08 39.60 -44.22
CA LYS B 92 37.05 38.89 -43.39
C LYS B 92 38.41 38.79 -44.08
N ALA B 93 38.42 38.56 -45.39
CA ALA B 93 39.66 38.31 -46.11
C ALA B 93 40.30 39.58 -46.64
N TYR B 94 39.51 40.59 -47.02
CA TYR B 94 40.02 41.76 -47.70
C TYR B 94 39.76 43.07 -46.97
N GLY B 95 38.89 43.08 -45.96
CA GLY B 95 38.50 44.31 -45.30
C GLY B 95 37.55 45.17 -46.09
N GLN B 96 37.17 44.73 -47.29
CA GLN B 96 36.22 45.43 -48.15
C GLN B 96 35.51 44.39 -48.99
N PHE B 97 34.59 44.85 -49.85
CA PHE B 97 33.86 43.91 -50.68
C PHE B 97 34.65 43.55 -51.94
N GLU B 98 35.28 44.53 -52.58
CA GLU B 98 35.99 44.29 -53.83
C GLU B 98 37.31 43.58 -53.58
N PRO B 99 37.56 42.42 -54.20
CA PRO B 99 38.83 41.74 -53.99
C PRO B 99 39.95 42.50 -54.66
N PRO B 100 41.18 42.37 -54.18
CA PRO B 100 42.30 43.08 -54.81
C PRO B 100 42.68 42.47 -56.15
N ALA B 101 43.71 43.03 -56.79
CA ALA B 101 44.22 42.44 -58.02
C ALA B 101 44.82 41.07 -57.73
N LEU B 102 44.77 40.18 -58.73
CA LEU B 102 45.26 38.82 -58.54
C LEU B 102 46.75 38.83 -58.18
N TYR B 103 47.54 39.66 -58.87
CA TYR B 103 48.98 39.70 -58.61
C TYR B 103 49.27 40.17 -57.20
N ASP B 104 48.64 41.29 -56.78
CA ASP B 104 48.88 41.79 -55.43
C ASP B 104 48.46 40.76 -54.38
N HIS B 105 47.42 39.99 -54.66
CA HIS B 105 46.97 38.96 -53.73
C HIS B 105 48.01 37.85 -53.61
N VAL B 106 48.51 37.35 -54.75
CA VAL B 106 49.48 36.26 -54.72
C VAL B 106 50.76 36.69 -54.02
N VAL B 107 51.23 37.91 -54.28
CA VAL B 107 52.46 38.39 -53.66
C VAL B 107 52.32 38.41 -52.15
N LYS B 108 51.22 39.01 -51.65
CA LYS B 108 51.01 39.08 -50.21
C LYS B 108 50.91 37.70 -49.59
N MET B 109 50.29 36.76 -50.31
CA MET B 109 50.05 35.43 -49.76
C MET B 109 51.30 34.55 -49.82
N VAL B 110 52.14 34.71 -50.84
CA VAL B 110 53.39 33.94 -50.89
C VAL B 110 54.33 34.40 -49.80
N GLU B 111 54.35 35.71 -49.51
CA GLU B 111 55.19 36.21 -48.42
C GLU B 111 54.70 35.70 -47.06
N MET B 112 53.40 35.52 -46.89
CA MET B 112 52.87 34.99 -45.64
C MET B 112 53.02 33.48 -45.53
N GLY B 113 53.49 32.82 -46.58
CA GLY B 113 53.67 31.38 -46.58
C GLY B 113 52.40 30.57 -46.78
N LYS B 114 51.31 31.21 -47.20
CA LYS B 114 50.06 30.51 -47.43
C LYS B 114 49.93 29.94 -48.83
N TYR B 115 50.65 30.51 -49.81
CA TYR B 115 50.72 30.00 -51.16
C TYR B 115 52.09 29.39 -51.44
N ASP B 116 52.14 28.56 -52.47
CA ASP B 116 53.38 27.95 -52.93
C ASP B 116 54.20 28.96 -53.70
N ASN B 117 55.51 29.00 -53.43
CA ASN B 117 56.37 30.03 -54.04
C ASN B 117 56.51 29.86 -55.55
N HIS B 118 56.16 28.69 -56.09
CA HIS B 118 56.28 28.47 -57.52
C HIS B 118 55.34 29.34 -58.33
N LEU B 119 54.29 29.90 -57.70
CA LEU B 119 53.36 30.75 -58.43
C LEU B 119 54.05 32.00 -58.95
N LEU B 120 54.93 32.59 -58.15
CA LEU B 120 55.64 33.80 -58.58
C LEU B 120 56.78 33.51 -59.53
N GLU B 121 57.24 32.26 -59.60
CA GLU B 121 58.32 31.90 -60.51
C GLU B 121 57.82 31.45 -61.87
N ASP B 122 56.64 30.83 -61.93
CA ASP B 122 56.11 30.29 -63.17
C ASP B 122 55.23 31.28 -63.93
N TYR B 123 54.81 32.37 -63.29
CA TYR B 123 53.98 33.37 -63.94
C TYR B 123 54.57 34.76 -63.69
N THR B 124 54.60 35.57 -64.75
CA THR B 124 55.06 36.95 -64.64
C THR B 124 53.90 37.85 -64.20
N GLU B 125 54.24 39.08 -63.80
CA GLU B 125 53.20 40.01 -63.35
C GLU B 125 52.20 40.31 -64.46
N GLU B 126 52.69 40.37 -65.71
CA GLU B 126 51.78 40.60 -66.83
C GLU B 126 50.85 39.41 -67.03
N GLU B 127 51.31 38.19 -66.72
CA GLU B 127 50.45 37.02 -66.86
C GLU B 127 49.41 36.95 -65.75
N PHE B 128 49.79 37.34 -64.52
CA PHE B 128 48.82 37.39 -63.44
C PHE B 128 47.72 38.41 -63.72
N LYS B 129 48.09 39.56 -64.31
CA LYS B 129 47.09 40.56 -64.68
C LYS B 129 46.17 40.05 -65.78
N GLN B 130 46.66 39.14 -66.63
CA GLN B 130 45.82 38.57 -67.67
C GLN B 130 44.88 37.51 -67.12
N MET B 131 45.30 36.78 -66.09
CA MET B 131 44.39 35.85 -65.43
C MET B 131 43.36 36.58 -64.59
N ASP B 132 43.65 37.82 -64.17
CA ASP B 132 42.67 38.60 -63.43
C ASP B 132 41.51 39.00 -64.34
N THR B 133 41.76 39.11 -65.64
CA THR B 133 40.68 39.38 -66.58
C THR B 133 39.83 38.15 -66.83
N PHE B 134 40.36 36.95 -66.59
CA PHE B 134 39.56 35.73 -66.67
C PHE B 134 38.55 35.68 -65.53
N ILE B 135 38.95 36.17 -64.35
CA ILE B 135 38.13 36.05 -63.15
C ILE B 135 36.86 36.89 -63.31
N ASP B 136 35.73 36.32 -62.92
CA ASP B 136 34.46 37.03 -62.79
C ASP B 136 34.02 36.85 -61.33
N HIS B 137 34.33 37.85 -60.49
CA HIS B 137 34.01 37.73 -59.07
C HIS B 137 32.51 37.72 -58.80
N ASP B 138 31.68 38.10 -59.78
CA ASP B 138 30.23 38.00 -59.61
C ASP B 138 29.74 36.56 -59.60
N ARG B 139 30.59 35.60 -59.98
CA ARG B 139 30.19 34.20 -59.91
C ARG B 139 30.10 33.70 -58.48
N ASP B 140 30.58 34.47 -57.50
CA ASP B 140 30.34 34.17 -56.10
C ASP B 140 28.87 34.34 -55.72
N MET B 141 28.08 35.00 -56.55
CA MET B 141 26.66 35.22 -56.31
C MET B 141 25.81 34.10 -56.88
N THR B 142 26.42 33.00 -57.28
CA THR B 142 25.71 31.85 -57.82
C THR B 142 25.75 30.64 -56.90
N PHE B 143 26.47 30.72 -55.78
CA PHE B 143 26.53 29.65 -54.81
C PHE B 143 25.24 29.59 -53.99
N SER B 144 24.96 28.40 -53.45
CA SER B 144 23.93 28.24 -52.43
C SER B 144 24.56 28.34 -51.04
N TYR B 145 23.71 28.44 -50.03
CA TYR B 145 24.23 28.63 -48.67
C TYR B 145 25.07 27.43 -48.23
N ALA B 146 24.61 26.21 -48.54
CA ALA B 146 25.38 25.04 -48.18
C ALA B 146 26.77 25.06 -48.82
N ALA B 147 26.85 25.57 -50.06
CA ALA B 147 28.14 25.68 -50.74
C ALA B 147 29.07 26.63 -50.00
N VAL B 148 28.56 27.80 -49.62
CA VAL B 148 29.40 28.82 -49.00
C VAL B 148 29.91 28.34 -47.64
N LYS B 149 29.08 27.62 -46.90
CA LYS B 149 29.52 27.14 -45.58
C LYS B 149 30.60 26.08 -45.71
N GLN B 150 30.60 25.31 -46.79
CA GLN B 150 31.70 24.39 -47.04
C GLN B 150 32.94 25.14 -47.48
N LEU B 151 32.76 26.21 -48.25
CA LEU B 151 33.89 27.04 -48.68
C LEU B 151 34.61 27.64 -47.48
N GLU B 152 33.87 28.30 -46.60
CA GLU B 152 34.52 28.94 -45.46
C GLU B 152 34.98 27.92 -44.42
N GLY B 153 34.39 26.73 -44.40
CA GLY B 153 34.73 25.76 -43.38
C GLY B 153 35.86 24.83 -43.75
N LYS B 154 35.97 24.48 -45.02
CA LYS B 154 36.91 23.45 -45.42
C LYS B 154 37.87 23.87 -46.53
N TYR B 155 37.41 24.65 -47.51
CA TYR B 155 38.13 24.79 -48.77
C TYR B 155 39.00 26.04 -48.86
N LEU B 156 38.47 27.20 -48.47
CA LEU B 156 39.26 28.43 -48.53
C LEU B 156 40.48 28.35 -47.62
N VAL B 157 41.62 28.83 -48.13
CA VAL B 157 42.85 28.84 -47.34
C VAL B 157 42.64 29.69 -46.09
N GLN B 158 42.92 29.10 -44.93
CA GLN B 158 42.57 29.72 -43.67
C GLN B 158 43.51 29.23 -42.57
N ASN B 159 43.45 29.90 -41.43
CA ASN B 159 44.23 29.50 -40.27
C ASN B 159 43.37 28.56 -39.41
N ARG B 160 43.85 27.33 -39.21
CA ARG B 160 43.10 26.32 -38.48
C ARG B 160 43.20 26.49 -36.97
N VAL B 161 43.98 27.47 -36.50
CA VAL B 161 44.07 27.80 -35.08
C VAL B 161 43.34 29.09 -34.77
N THR B 162 43.47 30.09 -35.64
CA THR B 162 42.87 31.41 -35.49
C THR B 162 41.46 31.48 -36.07
N GLY B 163 41.21 30.79 -37.18
CA GLY B 163 39.97 30.94 -37.91
C GLY B 163 39.98 32.03 -38.94
N GLU B 164 41.15 32.59 -39.25
CA GLU B 164 41.26 33.70 -40.17
C GLU B 164 41.18 33.21 -41.61
N ILE B 165 40.22 33.74 -42.36
CA ILE B 165 40.07 33.41 -43.77
C ILE B 165 40.95 34.34 -44.59
N TYR B 166 41.61 33.80 -45.61
CA TYR B 166 42.59 34.56 -46.38
C TYR B 166 42.21 34.80 -47.83
N GLU B 167 41.22 34.09 -48.38
CA GLU B 167 40.92 34.22 -49.80
C GLU B 167 39.42 34.10 -50.02
N SER B 168 39.01 34.26 -51.28
CA SER B 168 37.64 34.09 -51.73
C SER B 168 37.59 32.98 -52.79
N ALA B 169 36.36 32.66 -53.22
CA ALA B 169 36.15 31.46 -54.03
C ALA B 169 36.79 31.57 -55.41
N GLN B 170 36.73 32.74 -56.04
CA GLN B 170 37.25 32.86 -57.39
C GLN B 170 38.78 32.79 -57.42
N PHE B 171 39.44 33.32 -56.39
CA PHE B 171 40.89 33.15 -56.30
C PHE B 171 41.24 31.68 -56.10
N LEU B 172 40.43 30.96 -55.33
CA LEU B 172 40.60 29.53 -55.19
C LEU B 172 40.55 28.84 -56.55
N TYR B 173 39.52 29.16 -57.34
CA TYR B 173 39.34 28.52 -58.65
C TYR B 173 40.49 28.86 -59.60
N ILE B 174 40.81 30.15 -59.74
CA ILE B 174 41.79 30.56 -60.76
C ILE B 174 43.18 30.03 -60.41
N LEU B 175 43.50 29.89 -59.13
CA LEU B 175 44.81 29.40 -58.73
C LEU B 175 44.89 27.88 -58.75
N VAL B 176 43.76 27.18 -58.65
CA VAL B 176 43.77 25.76 -58.92
C VAL B 176 44.05 25.52 -60.40
N ALA B 177 43.45 26.34 -61.26
CA ALA B 177 43.77 26.23 -62.69
C ALA B 177 45.20 26.65 -62.96
N ALA B 178 45.66 27.72 -62.33
CA ALA B 178 47.02 28.21 -62.56
C ALA B 178 48.05 27.17 -62.14
N CYS B 179 47.89 26.59 -60.95
CA CYS B 179 48.88 25.63 -60.46
C CYS B 179 48.86 24.34 -61.28
N LEU B 180 47.67 23.86 -61.65
CA LEU B 180 47.59 22.57 -62.33
C LEU B 180 48.19 22.64 -63.72
N PHE B 181 48.00 23.77 -64.41
CA PHE B 181 48.56 23.94 -65.75
C PHE B 181 49.82 24.80 -65.74
N SER B 182 50.46 24.94 -64.58
CA SER B 182 51.62 25.82 -64.48
C SER B 182 52.78 25.35 -65.36
N ASN B 183 52.86 24.05 -65.63
CA ASN B 183 53.96 23.49 -66.40
C ASN B 183 53.62 23.31 -67.88
N TYR B 184 52.52 23.88 -68.34
CA TYR B 184 52.17 23.78 -69.75
C TYR B 184 52.99 24.75 -70.58
N PRO B 185 53.16 24.47 -71.88
CA PRO B 185 53.84 25.44 -72.75
C PRO B 185 53.13 26.78 -72.72
N ARG B 186 53.93 27.86 -72.72
CA ARG B 186 53.39 29.20 -72.58
C ARG B 186 52.50 29.60 -73.76
N GLU B 187 52.56 28.88 -74.87
CA GLU B 187 51.72 29.22 -76.02
C GLU B 187 50.27 28.80 -75.81
N THR B 188 50.03 27.75 -75.02
CA THR B 188 48.68 27.28 -74.76
C THR B 188 48.33 27.27 -73.28
N ARG B 189 49.22 27.70 -72.40
CA ARG B 189 48.99 27.58 -70.96
C ARG B 189 47.78 28.41 -70.52
N LEU B 190 47.82 29.72 -70.77
CA LEU B 190 46.73 30.59 -70.33
C LEU B 190 45.41 30.25 -71.00
N GLN B 191 45.44 29.61 -72.18
CA GLN B 191 44.20 29.16 -72.78
C GLN B 191 43.56 28.07 -71.95
N TYR B 192 44.35 27.10 -71.49
CA TYR B 192 43.83 26.06 -70.63
C TYR B 192 43.44 26.60 -69.26
N VAL B 193 44.15 27.61 -68.76
CA VAL B 193 43.83 28.16 -67.45
C VAL B 193 42.45 28.81 -67.48
N LYS B 194 42.16 29.59 -68.52
CA LYS B 194 40.85 30.22 -68.62
C LYS B 194 39.76 29.18 -68.84
N ARG B 195 40.01 28.22 -69.72
CA ARG B 195 39.01 27.21 -70.04
C ARG B 195 38.69 26.34 -68.82
N PHE B 196 39.71 25.96 -68.04
CA PHE B 196 39.48 25.15 -66.85
C PHE B 196 38.89 25.97 -65.71
N TYR B 197 39.24 27.25 -65.61
CA TYR B 197 38.62 28.11 -64.61
C TYR B 197 37.13 28.25 -64.86
N ASP B 198 36.75 28.51 -66.12
CA ASP B 198 35.33 28.62 -66.45
C ASP B 198 34.59 27.33 -66.15
N ALA B 199 35.23 26.18 -66.37
CA ALA B 199 34.56 24.90 -66.20
C ALA B 199 34.21 24.63 -64.74
N VAL B 200 35.12 24.96 -63.81
CA VAL B 200 34.86 24.64 -62.42
C VAL B 200 34.10 25.76 -61.70
N SER B 201 34.27 27.01 -62.13
CA SER B 201 33.59 28.12 -61.48
C SER B 201 32.13 28.26 -61.94
N THR B 202 31.78 27.66 -63.06
CA THR B 202 30.39 27.57 -63.50
C THR B 202 29.82 26.18 -63.28
N PHE B 203 30.50 25.36 -62.48
CA PHE B 203 30.00 24.09 -61.98
C PHE B 203 29.81 23.05 -63.08
N LYS B 204 30.64 23.10 -64.13
CA LYS B 204 30.63 22.01 -65.09
C LYS B 204 31.44 20.81 -64.58
N ILE B 205 32.48 21.08 -63.79
CA ILE B 205 33.33 20.05 -63.20
C ILE B 205 33.38 20.29 -61.71
N SER B 206 33.27 19.21 -60.94
CA SER B 206 33.36 19.26 -59.49
C SER B 206 34.73 18.77 -59.05
N LEU B 207 35.35 19.49 -58.10
CA LEU B 207 36.69 19.13 -57.63
C LEU B 207 36.64 18.60 -56.20
N PRO B 208 37.47 17.62 -55.86
CA PRO B 208 37.39 16.98 -54.53
C PRO B 208 37.93 17.88 -53.43
N THR B 209 37.65 17.46 -52.19
CA THR B 209 38.10 18.21 -51.02
C THR B 209 39.60 18.49 -50.99
N PRO B 210 40.50 17.52 -51.22
CA PRO B 210 41.93 17.85 -51.15
C PRO B 210 42.40 18.79 -52.25
N ILE B 211 41.78 18.75 -53.43
CA ILE B 211 42.14 19.71 -54.48
C ILE B 211 41.61 21.11 -54.12
N MET B 212 40.35 21.18 -53.70
CA MET B 212 39.75 22.47 -53.36
C MET B 212 40.50 23.14 -52.22
N SER B 213 40.83 22.39 -51.18
CA SER B 213 41.48 22.95 -50.00
C SER B 213 43.00 23.03 -50.12
N GLY B 214 43.59 22.41 -51.13
CA GLY B 214 45.04 22.28 -51.14
C GLY B 214 45.80 22.89 -52.32
N VAL B 215 45.29 22.73 -53.54
CA VAL B 215 46.05 23.10 -54.73
C VAL B 215 46.25 24.61 -54.80
N ARG B 216 47.41 25.07 -54.29
CA ARG B 216 47.97 26.42 -54.32
C ARG B 216 48.74 26.67 -53.03
N THR B 217 48.74 25.68 -52.12
CA THR B 217 49.38 25.74 -50.83
C THR B 217 50.75 25.06 -50.85
N PRO B 218 51.65 25.41 -49.93
CA PRO B 218 52.99 24.82 -49.94
C PRO B 218 53.03 23.29 -49.87
N THR B 219 52.10 22.64 -49.16
CA THR B 219 52.11 21.18 -49.05
C THR B 219 51.27 20.59 -50.18
N ARG B 220 51.93 19.84 -51.07
CA ARG B 220 51.30 19.34 -52.29
C ARG B 220 50.93 17.86 -52.14
N GLN B 221 49.74 17.61 -51.60
CA GLN B 221 49.16 16.28 -51.62
C GLN B 221 47.67 16.43 -51.91
N PHE B 222 47.21 15.87 -53.02
CA PHE B 222 45.84 16.11 -53.47
C PHE B 222 45.12 14.84 -53.90
N SER B 223 45.71 13.66 -53.67
CA SER B 223 45.03 12.41 -53.96
C SER B 223 44.10 12.04 -52.81
N SER B 224 42.82 11.82 -53.13
CA SER B 224 41.83 11.56 -52.09
C SER B 224 41.98 10.17 -51.50
N CYS B 225 42.39 9.19 -52.31
CA CYS B 225 42.36 7.79 -51.92
C CYS B 225 43.76 7.19 -51.91
N VAL B 226 44.09 6.48 -50.84
CA VAL B 226 45.37 5.79 -50.69
C VAL B 226 45.07 4.35 -50.32
N LEU B 227 45.56 3.42 -51.13
CA LEU B 227 45.35 1.99 -50.92
C LEU B 227 46.69 1.34 -50.54
N ILE B 228 46.76 0.81 -49.33
CA ILE B 228 47.97 0.18 -48.81
C ILE B 228 47.69 -1.29 -48.57
N GLU B 229 48.57 -2.15 -49.07
CA GLU B 229 48.47 -3.58 -48.83
C GLU B 229 49.52 -3.99 -47.81
N CYS B 230 49.09 -4.74 -46.80
CA CYS B 230 49.95 -5.14 -45.69
C CYS B 230 50.34 -6.61 -45.86
N GLY B 231 51.64 -6.90 -45.74
CA GLY B 231 52.11 -8.26 -45.78
C GLY B 231 52.12 -8.91 -44.40
N ASP B 232 52.40 -10.21 -44.40
CA ASP B 232 52.35 -10.99 -43.17
C ASP B 232 53.73 -11.00 -42.49
N SER B 233 54.15 -9.81 -42.07
CA SER B 233 55.44 -9.63 -41.42
C SER B 233 55.43 -8.33 -40.63
N LEU B 234 56.25 -8.26 -39.58
CA LEU B 234 56.34 -7.06 -38.77
C LEU B 234 56.97 -5.89 -39.53
N ASP B 235 57.87 -6.18 -40.48
CA ASP B 235 58.42 -5.09 -41.29
C ASP B 235 57.33 -4.44 -42.13
N SER B 236 56.41 -5.24 -42.67
CA SER B 236 55.32 -4.69 -43.47
C SER B 236 54.26 -4.02 -42.62
N ILE B 237 53.99 -4.56 -41.42
CA ILE B 237 53.03 -3.93 -40.53
C ILE B 237 53.53 -2.55 -40.09
N ASN B 238 54.83 -2.46 -39.78
CA ASN B 238 55.41 -1.16 -39.45
C ASN B 238 55.38 -0.21 -40.64
N ALA B 239 55.68 -0.71 -41.84
CA ALA B 239 55.66 0.13 -43.02
C ALA B 239 54.25 0.64 -43.31
N THR B 240 53.25 -0.26 -43.24
CA THR B 240 51.87 0.13 -43.47
C THR B 240 51.43 1.21 -42.48
N SER B 241 51.74 1.01 -41.20
CA SER B 241 51.34 1.97 -40.18
C SER B 241 51.97 3.33 -40.44
N SER B 242 53.24 3.36 -40.85
CA SER B 242 53.91 4.63 -41.13
C SER B 242 53.31 5.32 -42.34
N ALA B 243 52.94 4.55 -43.37
CA ALA B 243 52.32 5.14 -44.55
C ALA B 243 50.95 5.71 -44.22
N ILE B 244 50.21 5.04 -43.34
CA ILE B 244 48.91 5.57 -42.92
C ILE B 244 49.08 6.92 -42.24
N VAL B 245 49.99 6.99 -41.27
CA VAL B 245 50.22 8.24 -40.54
C VAL B 245 50.61 9.37 -41.50
N LYS B 246 51.48 9.07 -42.46
CA LYS B 246 51.94 10.10 -43.38
C LYS B 246 50.82 10.62 -44.26
N TYR B 247 50.02 9.72 -44.84
CA TYR B 247 49.03 10.15 -45.82
C TYR B 247 47.76 10.68 -45.17
N VAL B 248 47.40 10.20 -43.98
CA VAL B 248 46.26 10.80 -43.29
C VAL B 248 46.55 12.26 -42.98
N SER B 249 47.77 12.54 -42.51
CA SER B 249 48.13 13.92 -42.18
C SER B 249 48.18 14.81 -43.40
N GLN B 250 48.13 14.25 -44.61
CA GLN B 250 48.19 15.06 -45.82
C GLN B 250 46.98 14.79 -46.72
N ARG B 251 45.78 14.90 -46.12
CA ARG B 251 44.49 15.03 -46.80
C ARG B 251 43.95 13.73 -47.41
N ALA B 252 44.45 12.55 -47.04
CA ALA B 252 44.08 11.33 -47.74
C ALA B 252 43.26 10.39 -46.84
N GLY B 253 42.34 9.67 -47.49
CA GLY B 253 41.60 8.60 -46.83
C GLY B 253 42.16 7.25 -47.25
N ILE B 254 42.15 6.31 -46.31
CA ILE B 254 42.96 5.10 -46.43
C ILE B 254 42.08 3.88 -46.69
N GLY B 255 42.62 2.95 -47.48
CA GLY B 255 42.09 1.61 -47.60
C GLY B 255 43.18 0.62 -47.30
N ILE B 256 43.01 -0.18 -46.26
CA ILE B 256 44.04 -1.10 -45.77
C ILE B 256 43.63 -2.51 -46.14
N ASN B 257 44.57 -3.28 -46.68
CA ASN B 257 44.36 -4.69 -46.99
C ASN B 257 45.18 -5.51 -46.00
N ALA B 258 44.52 -6.01 -44.97
CA ALA B 258 45.17 -6.81 -43.94
C ALA B 258 44.70 -8.26 -43.94
N GLY B 259 44.29 -8.77 -45.10
CA GLY B 259 43.85 -10.15 -45.20
C GLY B 259 44.97 -11.17 -45.18
N ARG B 260 46.20 -10.75 -45.49
CA ARG B 260 47.33 -11.67 -45.50
C ARG B 260 47.81 -12.02 -44.10
N ILE B 261 47.53 -11.19 -43.10
CA ILE B 261 48.01 -11.45 -41.76
C ILE B 261 47.46 -12.78 -41.27
N ARG B 262 48.35 -13.66 -40.81
CA ARG B 262 47.97 -15.00 -40.41
C ARG B 262 47.06 -14.97 -39.18
N ALA B 263 46.40 -16.10 -38.94
CA ALA B 263 45.35 -16.18 -37.94
C ALA B 263 45.92 -16.33 -36.53
N LEU B 264 45.07 -16.06 -35.54
CA LEU B 264 45.43 -16.21 -34.14
C LEU B 264 45.80 -17.66 -33.82
N GLY B 265 46.96 -17.85 -33.21
CA GLY B 265 47.40 -19.18 -32.82
C GLY B 265 48.35 -19.85 -33.79
N SER B 266 48.63 -19.22 -34.92
CA SER B 266 49.58 -19.78 -35.88
C SER B 266 50.98 -19.76 -35.29
N PRO B 267 51.81 -20.73 -35.63
CA PRO B 267 53.19 -20.73 -35.12
C PRO B 267 54.03 -19.62 -35.74
N ILE B 268 54.95 -19.10 -34.93
CA ILE B 268 55.94 -18.11 -35.36
C ILE B 268 57.32 -18.71 -35.12
N ARG B 269 58.15 -18.72 -36.17
CA ARG B 269 59.49 -19.29 -36.08
C ARG B 269 59.45 -20.73 -35.57
N GLY B 270 58.52 -21.52 -36.10
CA GLY B 270 58.42 -22.91 -35.75
C GLY B 270 57.88 -23.21 -34.37
N GLY B 271 57.44 -22.21 -33.61
CA GLY B 271 56.92 -22.44 -32.29
C GLY B 271 57.65 -21.67 -31.21
N GLU B 272 58.54 -20.75 -31.61
CA GLU B 272 59.18 -19.89 -30.64
C GLU B 272 58.18 -18.92 -30.01
N ALA B 273 57.11 -18.59 -30.72
CA ALA B 273 56.10 -17.67 -30.20
C ALA B 273 54.72 -18.08 -30.70
N PHE B 274 53.71 -17.63 -29.96
CA PHE B 274 52.31 -17.84 -30.27
C PHE B 274 51.74 -16.56 -30.87
N HIS B 275 51.21 -16.65 -32.08
CA HIS B 275 50.71 -15.46 -32.78
C HIS B 275 49.45 -14.93 -32.11
N THR B 276 49.45 -13.63 -31.78
CA THR B 276 48.35 -13.05 -31.02
C THR B 276 47.11 -12.77 -31.86
N GLY B 277 47.22 -12.76 -33.17
CA GLY B 277 46.07 -12.60 -34.05
C GLY B 277 46.07 -11.27 -34.78
N CYS B 278 45.03 -11.10 -35.61
CA CYS B 278 44.91 -9.86 -36.40
C CYS B 278 44.45 -8.69 -35.54
N ILE B 279 43.56 -8.95 -34.59
CA ILE B 279 42.90 -7.85 -33.86
C ILE B 279 43.91 -6.90 -33.22
N PRO B 280 44.97 -7.36 -32.54
CA PRO B 280 45.95 -6.39 -32.01
C PRO B 280 46.62 -5.56 -33.10
N PHE B 281 46.78 -6.09 -34.31
CA PHE B 281 47.36 -5.30 -35.38
C PHE B 281 46.34 -4.36 -36.01
N TYR B 282 45.07 -4.80 -36.08
CA TYR B 282 44.02 -3.89 -36.52
C TYR B 282 43.94 -2.69 -35.60
N LYS B 283 44.04 -2.92 -34.29
CA LYS B 283 44.05 -1.81 -33.33
C LYS B 283 45.20 -0.86 -33.61
N HIS B 284 46.36 -1.38 -34.06
CA HIS B 284 47.48 -0.52 -34.36
C HIS B 284 47.19 0.34 -35.59
N PHE B 285 46.57 -0.24 -36.61
CA PHE B 285 46.19 0.54 -37.79
C PHE B 285 45.17 1.62 -37.42
N GLN B 286 44.28 1.34 -36.47
CA GLN B 286 43.27 2.31 -36.10
C GLN B 286 43.88 3.52 -35.42
N THR B 287 44.78 3.29 -34.46
CA THR B 287 45.44 4.42 -33.81
C THR B 287 46.30 5.20 -34.80
N ALA B 288 46.80 4.53 -35.84
CA ALA B 288 47.51 5.25 -36.89
C ALA B 288 46.56 6.17 -37.64
N VAL B 289 45.37 5.68 -38.00
CA VAL B 289 44.41 6.50 -38.72
C VAL B 289 43.96 7.68 -37.86
N LYS B 290 43.75 7.45 -36.57
CA LYS B 290 43.21 8.46 -35.68
C LYS B 290 44.28 9.40 -35.11
N SER B 291 45.56 9.14 -35.37
CA SER B 291 46.61 9.96 -34.77
C SER B 291 46.60 11.39 -35.29
N CYS B 292 46.18 11.59 -36.54
CA CYS B 292 46.26 12.90 -37.17
C CYS B 292 44.91 13.31 -37.76
N SER B 293 44.76 14.62 -37.94
CA SER B 293 43.66 15.12 -38.74
C SER B 293 44.04 15.01 -40.22
N GLN B 294 43.02 15.12 -41.07
CA GLN B 294 43.21 14.94 -42.51
C GLN B 294 43.58 16.28 -43.13
N GLY B 295 44.83 16.69 -42.92
CA GLY B 295 45.29 17.95 -43.45
C GLY B 295 44.70 19.18 -42.77
N GLY B 296 44.17 19.03 -41.57
CA GLY B 296 43.49 20.12 -40.88
C GLY B 296 42.06 20.35 -41.31
N VAL B 297 41.55 19.59 -42.27
CA VAL B 297 40.20 19.79 -42.79
C VAL B 297 39.18 18.92 -42.05
N ARG B 298 39.47 17.63 -41.89
CA ARG B 298 38.53 16.71 -41.26
C ARG B 298 39.33 15.59 -40.61
N GLY B 299 38.61 14.60 -40.07
CA GLY B 299 39.26 13.48 -39.41
C GLY B 299 39.70 12.40 -40.38
N GLY B 300 40.67 11.61 -39.94
CA GLY B 300 41.14 10.49 -40.74
C GLY B 300 40.22 9.28 -40.62
N ALA B 301 39.96 8.65 -41.76
CA ALA B 301 39.13 7.46 -41.82
C ALA B 301 39.82 6.39 -42.67
N ALA B 302 39.46 5.14 -42.42
CA ALA B 302 40.03 4.02 -43.17
C ALA B 302 39.05 2.86 -43.21
N THR B 303 39.16 2.07 -44.28
CA THR B 303 38.41 0.83 -44.42
C THR B 303 39.39 -0.33 -44.54
N LEU B 304 39.13 -1.40 -43.80
CA LEU B 304 40.01 -2.56 -43.75
C LEU B 304 39.36 -3.75 -44.45
N PHE B 305 40.15 -4.49 -45.21
CA PHE B 305 39.64 -5.56 -46.06
C PHE B 305 40.25 -6.90 -45.67
N TYR B 306 39.42 -7.95 -45.69
CA TYR B 306 39.86 -9.31 -45.43
C TYR B 306 38.95 -10.26 -46.19
N PRO B 307 39.45 -11.41 -46.62
CA PRO B 307 38.59 -12.37 -47.30
C PRO B 307 37.61 -13.01 -46.34
N MET B 308 36.44 -13.38 -46.86
CA MET B 308 35.41 -14.01 -46.05
C MET B 308 35.86 -15.33 -45.46
N TRP B 309 36.74 -16.05 -46.16
CA TRP B 309 37.19 -17.36 -45.71
C TRP B 309 38.37 -17.29 -44.75
N HIS B 310 38.70 -16.11 -44.25
CA HIS B 310 39.77 -15.99 -43.27
C HIS B 310 39.40 -16.74 -41.99
N LEU B 311 40.40 -17.31 -41.32
CA LEU B 311 40.12 -18.14 -40.16
C LEU B 311 39.50 -17.36 -39.02
N GLU B 312 39.80 -16.06 -38.92
CA GLU B 312 39.28 -15.22 -37.84
C GLU B 312 38.03 -14.44 -38.23
N VAL B 313 37.39 -14.81 -39.35
CA VAL B 313 36.34 -13.97 -39.93
C VAL B 313 35.20 -13.73 -38.96
N GLU B 314 34.86 -14.72 -38.12
CA GLU B 314 33.75 -14.54 -37.19
C GLU B 314 34.11 -13.52 -36.11
N SER B 315 35.40 -13.38 -35.81
CA SER B 315 35.84 -12.37 -34.86
C SER B 315 36.02 -11.01 -35.51
N LEU B 316 36.29 -10.99 -36.82
CA LEU B 316 36.50 -9.73 -37.52
C LEU B 316 35.19 -9.07 -37.90
N LEU B 317 34.14 -9.85 -38.14
CA LEU B 317 32.85 -9.30 -38.56
C LEU B 317 32.19 -8.49 -37.45
N VAL B 318 32.55 -8.72 -36.20
CA VAL B 318 31.88 -8.08 -35.08
C VAL B 318 32.76 -7.01 -34.43
N LEU B 319 33.78 -6.53 -35.16
CA LEU B 319 34.68 -5.55 -34.57
C LEU B 319 34.02 -4.18 -34.39
N LYS B 320 32.89 -3.95 -35.07
CA LYS B 320 32.19 -2.68 -35.01
C LYS B 320 31.02 -2.71 -34.03
N ASN B 321 30.59 -3.90 -33.62
CA ASN B 321 29.44 -4.01 -32.73
C ASN B 321 29.75 -3.29 -31.41
N ASN B 322 28.70 -2.78 -30.78
CA ASN B 322 28.88 -1.92 -29.62
C ASN B 322 28.85 -2.67 -28.29
N ARG B 323 28.73 -4.00 -28.31
CA ARG B 323 28.84 -4.73 -27.04
C ARG B 323 30.25 -5.25 -26.91
N GLY B 324 30.42 -6.36 -26.17
CA GLY B 324 31.72 -6.97 -26.01
C GLY B 324 32.75 -6.11 -25.29
N VAL B 325 33.88 -6.70 -24.96
CA VAL B 325 34.95 -5.99 -24.27
C VAL B 325 35.80 -5.25 -25.29
N GLU B 326 36.63 -4.31 -24.82
CA GLU B 326 37.52 -3.58 -25.70
C GLU B 326 38.54 -4.50 -26.38
N GLY B 327 38.84 -5.64 -25.76
CA GLY B 327 39.87 -6.51 -26.28
C GLY B 327 39.56 -7.12 -27.64
N ASN B 328 38.27 -7.36 -27.92
CA ASN B 328 37.85 -7.96 -29.19
C ASN B 328 37.02 -7.00 -30.02
N ARG B 329 37.26 -5.70 -29.89
CA ARG B 329 36.49 -4.68 -30.59
C ARG B 329 37.43 -3.67 -31.21
N VAL B 330 37.22 -3.33 -32.49
CA VAL B 330 37.95 -2.27 -33.17
C VAL B 330 36.92 -1.41 -33.92
N ARG B 331 36.31 -0.45 -33.22
CA ARG B 331 35.07 0.16 -33.67
C ARG B 331 35.22 1.34 -34.62
N HIS B 332 36.36 2.03 -34.62
CA HIS B 332 36.48 3.30 -35.33
C HIS B 332 37.00 3.14 -36.75
N MET B 333 36.88 1.95 -37.33
CA MET B 333 37.22 1.72 -38.71
C MET B 333 36.11 0.94 -39.39
N ASP B 334 35.95 1.18 -40.69
CA ASP B 334 35.01 0.41 -41.48
C ASP B 334 35.72 -0.80 -42.07
N TYR B 335 34.93 -1.77 -42.53
CA TYR B 335 35.49 -3.03 -43.00
C TYR B 335 34.83 -3.46 -44.31
N GLY B 336 35.64 -4.05 -45.18
CA GLY B 336 35.12 -4.64 -46.40
C GLY B 336 35.40 -6.13 -46.45
N VAL B 337 34.35 -6.93 -46.51
CA VAL B 337 34.47 -8.38 -46.58
C VAL B 337 34.54 -8.78 -48.04
N GLN B 338 35.58 -9.52 -48.40
CA GLN B 338 35.83 -9.90 -49.79
C GLN B 338 35.20 -11.25 -50.08
N ILE B 339 34.35 -11.30 -51.11
CA ILE B 339 33.56 -12.47 -51.45
C ILE B 339 33.71 -12.75 -52.94
N ASN B 340 33.68 -14.03 -53.31
CA ASN B 340 33.69 -14.43 -54.71
C ASN B 340 32.55 -15.41 -54.96
N LYS B 341 32.44 -15.85 -56.22
CA LYS B 341 31.29 -16.66 -56.64
C LYS B 341 31.20 -17.96 -55.85
N LEU B 342 32.34 -18.58 -55.55
CA LEU B 342 32.30 -19.84 -54.82
C LEU B 342 31.65 -19.67 -53.45
N MET B 343 31.95 -18.57 -52.77
CA MET B 343 31.33 -18.31 -51.48
C MET B 343 29.81 -18.19 -51.61
N TYR B 344 29.35 -17.43 -52.61
CA TYR B 344 27.90 -17.27 -52.80
C TYR B 344 27.24 -18.59 -53.13
N THR B 345 27.91 -19.44 -53.91
CA THR B 345 27.34 -20.73 -54.27
C THR B 345 27.14 -21.62 -53.05
N ARG B 346 28.10 -21.60 -52.11
CA ARG B 346 27.93 -22.34 -50.87
C ARG B 346 26.70 -21.89 -50.11
N LEU B 347 26.35 -20.61 -50.21
CA LEU B 347 25.14 -20.11 -49.56
C LEU B 347 23.88 -20.63 -50.25
N LEU B 348 23.86 -20.62 -51.58
CA LEU B 348 22.67 -21.05 -52.31
C LEU B 348 22.36 -22.52 -52.11
N LYS B 349 23.40 -23.35 -51.93
CA LYS B 349 23.22 -24.78 -51.72
C LYS B 349 23.11 -25.15 -50.24
N GLY B 350 23.16 -24.18 -49.34
CA GLY B 350 23.06 -24.48 -47.91
C GLY B 350 24.18 -25.34 -47.38
N GLU B 351 25.36 -25.24 -47.98
CA GLU B 351 26.52 -26.04 -47.61
C GLU B 351 27.36 -25.29 -46.59
N ASP B 352 28.61 -25.71 -46.39
CA ASP B 352 29.51 -25.07 -45.44
C ASP B 352 30.57 -24.24 -46.16
N ILE B 353 31.19 -23.36 -45.40
CA ILE B 353 32.36 -22.60 -45.84
C ILE B 353 33.50 -22.95 -44.91
N THR B 354 34.64 -23.33 -45.48
CA THR B 354 35.81 -23.68 -44.69
C THR B 354 36.69 -22.45 -44.50
N LEU B 355 37.10 -22.20 -43.27
CA LEU B 355 37.94 -21.07 -42.93
C LEU B 355 39.38 -21.52 -42.81
N PHE B 356 40.30 -20.76 -43.40
CA PHE B 356 41.72 -21.05 -43.36
C PHE B 356 42.48 -19.82 -42.92
N SER B 357 43.64 -20.05 -42.34
CA SER B 357 44.62 -18.98 -42.21
C SER B 357 45.39 -18.87 -43.51
N PRO B 358 45.53 -17.67 -44.08
CA PRO B 358 46.23 -17.55 -45.38
C PRO B 358 47.65 -18.07 -45.35
N SER B 359 48.24 -18.24 -44.17
CA SER B 359 49.57 -18.81 -44.06
C SER B 359 49.61 -20.32 -44.26
N ASP B 360 48.47 -20.99 -44.14
CA ASP B 360 48.40 -22.45 -44.21
C ASP B 360 47.87 -22.97 -45.54
N VAL B 361 47.57 -22.09 -46.48
CA VAL B 361 47.01 -22.52 -47.76
C VAL B 361 47.83 -21.91 -48.90
N PRO B 362 48.86 -22.60 -49.39
CA PRO B 362 49.76 -22.01 -50.39
C PRO B 362 49.04 -21.69 -51.69
N GLY B 363 49.14 -20.42 -52.10
CA GLY B 363 48.57 -19.98 -53.35
C GLY B 363 47.08 -19.70 -53.34
N LEU B 364 46.39 -20.01 -52.25
CA LEU B 364 44.94 -19.79 -52.20
C LEU B 364 44.61 -18.31 -52.19
N TYR B 365 45.37 -17.51 -51.44
CA TYR B 365 45.07 -16.08 -51.33
C TYR B 365 45.22 -15.39 -52.69
N ASP B 366 46.33 -15.65 -53.39
CA ASP B 366 46.54 -15.03 -54.69
C ASP B 366 45.49 -15.48 -55.69
N ALA B 367 45.10 -16.75 -55.63
CA ALA B 367 44.07 -17.25 -56.55
C ALA B 367 42.71 -16.63 -56.26
N PHE B 368 42.44 -16.29 -54.99
CA PHE B 368 41.15 -15.73 -54.61
C PHE B 368 40.79 -14.49 -55.42
N PHE B 369 41.79 -13.76 -55.91
CA PHE B 369 41.58 -12.57 -56.72
C PHE B 369 41.89 -12.80 -58.20
N ALA B 370 43.00 -13.45 -58.51
CA ALA B 370 43.52 -13.47 -59.87
C ALA B 370 42.89 -14.56 -60.74
N ASP B 371 42.71 -15.76 -60.18
CA ASP B 371 42.31 -16.92 -60.97
C ASP B 371 41.19 -17.66 -60.25
N GLN B 372 39.96 -17.54 -60.77
CA GLN B 372 38.82 -18.17 -60.11
C GLN B 372 38.83 -19.69 -60.26
N GLU B 373 39.32 -20.20 -61.40
CA GLU B 373 39.43 -21.65 -61.56
C GLU B 373 40.49 -22.22 -60.64
N GLU B 374 41.63 -21.55 -60.53
CA GLU B 374 42.68 -22.00 -59.63
C GLU B 374 42.24 -21.96 -58.18
N PHE B 375 41.43 -20.96 -57.81
CA PHE B 375 40.93 -20.89 -56.44
C PHE B 375 40.06 -22.10 -56.13
N GLU B 376 39.11 -22.42 -57.02
CA GLU B 376 38.23 -23.56 -56.80
C GLU B 376 39.02 -24.86 -56.66
N ARG B 377 40.08 -25.01 -57.45
CA ARG B 377 40.91 -26.21 -57.34
C ARG B 377 41.61 -26.26 -55.99
N LEU B 378 42.32 -25.20 -55.63
CA LEU B 378 43.05 -25.18 -54.36
C LEU B 378 42.12 -25.23 -53.16
N TYR B 379 40.99 -24.52 -53.22
CA TYR B 379 40.09 -24.46 -52.09
C TYR B 379 39.53 -25.83 -51.76
N THR B 380 38.96 -26.51 -52.76
CA THR B 380 38.42 -27.84 -52.52
C THR B 380 39.51 -28.83 -52.12
N LYS B 381 40.72 -28.68 -52.69
CA LYS B 381 41.82 -29.56 -52.32
C LYS B 381 42.20 -29.39 -50.85
N TYR B 382 42.32 -28.15 -50.39
CA TYR B 382 42.71 -27.89 -49.01
C TYR B 382 41.62 -28.26 -48.00
N GLU B 383 40.36 -28.33 -48.45
CA GLU B 383 39.31 -28.81 -47.55
C GLU B 383 39.44 -30.29 -47.27
N LYS B 384 39.89 -31.08 -48.25
CA LYS B 384 40.08 -32.51 -48.04
C LYS B 384 41.27 -32.79 -47.13
N ASP B 385 42.37 -32.06 -47.32
CA ASP B 385 43.58 -32.27 -46.54
C ASP B 385 43.29 -32.11 -45.06
N ASP B 386 43.56 -33.16 -44.28
CA ASP B 386 43.31 -33.14 -42.85
C ASP B 386 44.50 -32.61 -42.04
N SER B 387 45.65 -32.40 -42.69
CA SER B 387 46.81 -31.86 -42.00
C SER B 387 46.81 -30.33 -41.93
N ILE B 388 45.88 -29.68 -42.62
CA ILE B 388 45.80 -28.22 -42.66
C ILE B 388 44.80 -27.75 -41.61
N ARG B 389 45.21 -26.77 -40.81
CA ARG B 389 44.32 -26.18 -39.84
C ARG B 389 43.15 -25.51 -40.56
N LYS B 390 41.94 -25.88 -40.18
CA LYS B 390 40.75 -25.36 -40.84
C LYS B 390 39.60 -25.33 -39.86
N GLN B 391 38.50 -24.70 -40.29
CA GLN B 391 37.31 -24.57 -39.47
C GLN B 391 36.10 -24.43 -40.38
N ARG B 392 35.06 -25.24 -40.12
CA ARG B 392 33.86 -25.25 -40.94
C ARG B 392 32.79 -24.37 -40.28
N VAL B 393 32.05 -23.62 -41.10
CA VAL B 393 30.91 -22.83 -40.66
C VAL B 393 29.82 -22.95 -41.72
N LYS B 394 28.57 -23.05 -41.29
CA LYS B 394 27.46 -23.04 -42.24
C LYS B 394 27.40 -21.70 -42.98
N ALA B 395 27.37 -21.77 -44.31
CA ALA B 395 27.35 -20.55 -45.12
C ALA B 395 26.17 -19.65 -44.76
N VAL B 396 25.03 -20.23 -44.41
CA VAL B 396 23.89 -19.42 -43.99
C VAL B 396 24.22 -18.66 -42.72
N GLU B 397 24.88 -19.33 -41.77
CA GLU B 397 25.23 -18.68 -40.51
C GLU B 397 26.29 -17.60 -40.72
N LEU B 398 27.27 -17.85 -41.59
CA LEU B 398 28.32 -16.87 -41.82
C LEU B 398 27.78 -15.65 -42.56
N PHE B 399 26.97 -15.87 -43.61
CA PHE B 399 26.38 -14.76 -44.35
C PHE B 399 25.39 -13.97 -43.50
N SER B 400 24.64 -14.66 -42.63
CA SER B 400 23.68 -13.97 -41.78
C SER B 400 24.40 -13.07 -40.78
N LEU B 401 25.50 -13.55 -40.18
CA LEU B 401 26.27 -12.73 -39.27
C LEU B 401 26.81 -11.48 -39.95
N MET B 402 27.30 -11.63 -41.19
CA MET B 402 27.85 -10.49 -41.89
C MET B 402 26.77 -9.45 -42.19
N MET B 403 25.64 -9.90 -42.74
CA MET B 403 24.56 -8.98 -43.06
C MET B 403 23.93 -8.41 -41.80
N GLN B 404 23.97 -9.18 -40.70
CA GLN B 404 23.45 -8.67 -39.42
C GLN B 404 24.32 -7.53 -38.90
N GLU B 405 25.64 -7.69 -38.94
CA GLU B 405 26.52 -6.59 -38.55
C GLU B 405 26.52 -5.47 -39.59
N ARG B 406 26.28 -5.79 -40.86
CA ARG B 406 26.15 -4.75 -41.88
C ARG B 406 24.94 -3.88 -41.62
N ALA B 407 23.83 -4.47 -41.17
CA ALA B 407 22.62 -3.70 -40.94
C ALA B 407 22.71 -2.87 -39.67
N SER B 408 23.39 -3.37 -38.63
CA SER B 408 23.46 -2.65 -37.37
C SER B 408 24.29 -1.38 -37.50
N THR B 409 25.49 -1.50 -38.07
CA THR B 409 26.40 -0.36 -38.17
C THR B 409 26.28 0.37 -39.49
N GLY B 410 25.89 -0.32 -40.56
CA GLY B 410 25.87 0.28 -41.88
C GLY B 410 27.23 0.39 -42.51
N ARG B 411 28.28 -0.14 -41.86
CA ARG B 411 29.66 0.08 -42.26
C ARG B 411 30.40 -1.22 -42.55
N ILE B 412 29.70 -2.34 -42.71
CA ILE B 412 30.33 -3.58 -43.12
C ILE B 412 30.10 -3.72 -44.61
N TYR B 413 31.14 -3.49 -45.40
CA TYR B 413 31.01 -3.38 -46.84
C TYR B 413 31.37 -4.71 -47.50
N ILE B 414 30.95 -4.84 -48.75
CA ILE B 414 31.16 -6.05 -49.53
C ILE B 414 31.93 -5.70 -50.80
N GLN B 415 32.95 -6.49 -51.12
CA GLN B 415 33.68 -6.40 -52.38
C GLN B 415 33.62 -7.75 -53.08
N ASN B 416 33.11 -7.76 -54.30
CA ASN B 416 33.07 -8.97 -55.12
C ASN B 416 34.38 -9.05 -55.89
N VAL B 417 35.35 -9.81 -55.36
CA VAL B 417 36.71 -9.78 -55.89
C VAL B 417 36.77 -10.39 -57.29
N ASP B 418 35.88 -11.33 -57.62
CA ASP B 418 35.89 -11.88 -58.96
C ASP B 418 35.38 -10.88 -59.97
N HIS B 419 34.34 -10.12 -59.61
CA HIS B 419 33.88 -9.04 -60.48
C HIS B 419 34.95 -7.96 -60.65
N CYS B 420 35.70 -7.69 -59.58
CA CYS B 420 36.73 -6.65 -59.62
C CYS B 420 37.91 -7.00 -60.50
N ASN B 421 38.05 -8.26 -60.93
CA ASN B 421 39.19 -8.68 -61.73
C ASN B 421 38.82 -9.20 -63.11
N THR B 422 37.62 -9.76 -63.28
CA THR B 422 37.18 -10.15 -64.61
C THR B 422 36.68 -8.95 -65.42
N HIS B 423 36.24 -7.89 -64.75
CA HIS B 423 35.75 -6.68 -65.41
C HIS B 423 36.53 -5.47 -64.93
N SER B 424 37.83 -5.45 -65.19
CA SER B 424 38.70 -4.37 -64.73
C SER B 424 39.62 -3.93 -65.86
N PRO B 425 40.19 -2.73 -65.75
CA PRO B 425 41.20 -2.31 -66.71
C PRO B 425 42.58 -2.93 -66.49
N PHE B 426 42.70 -3.91 -65.60
CA PHE B 426 43.98 -4.52 -65.27
C PHE B 426 43.92 -6.02 -65.53
N ASP B 427 45.07 -6.57 -65.90
CA ASP B 427 45.22 -8.01 -66.10
C ASP B 427 45.50 -8.67 -64.75
N PRO B 428 44.58 -9.51 -64.26
CA PRO B 428 44.76 -10.10 -62.92
C PRO B 428 46.04 -10.91 -62.76
N ALA B 429 46.63 -11.38 -63.86
CA ALA B 429 47.87 -12.14 -63.76
C ALA B 429 49.06 -11.23 -63.45
N ILE B 430 48.99 -9.97 -63.87
CA ILE B 430 50.09 -9.03 -63.73
C ILE B 430 49.86 -8.08 -62.56
N ALA B 431 48.69 -7.47 -62.48
CA ALA B 431 48.38 -6.47 -61.45
C ALA B 431 46.94 -6.64 -61.00
N PRO B 432 46.66 -7.66 -60.20
CA PRO B 432 45.28 -7.87 -59.73
C PRO B 432 44.87 -6.80 -58.73
N VAL B 433 43.55 -6.66 -58.58
CA VAL B 433 42.95 -5.78 -57.59
C VAL B 433 42.58 -6.64 -56.38
N ARG B 434 43.16 -6.32 -55.22
CA ARG B 434 42.98 -7.13 -54.02
C ARG B 434 42.29 -6.37 -52.90
N GLN B 435 41.83 -5.14 -53.14
CA GLN B 435 41.22 -4.34 -52.09
C GLN B 435 40.46 -3.19 -52.73
N SER B 436 39.93 -2.31 -51.88
CA SER B 436 39.27 -1.10 -52.33
C SER B 436 39.70 0.02 -51.40
N ASN B 437 38.99 1.15 -51.43
CA ASN B 437 39.35 2.32 -50.65
C ASN B 437 38.35 2.55 -49.52
N LEU B 438 38.30 3.78 -49.01
CA LEU B 438 37.44 4.10 -47.87
C LEU B 438 35.97 3.96 -48.23
N CYS B 439 35.58 4.39 -49.43
CA CYS B 439 34.17 4.42 -49.83
C CYS B 439 33.84 3.42 -50.92
N LEU B 440 34.73 2.47 -51.18
CA LEU B 440 34.45 1.29 -52.00
C LEU B 440 34.17 1.65 -53.46
N GLU B 441 34.75 2.75 -53.95
CA GLU B 441 34.64 3.11 -55.35
C GLU B 441 35.95 2.99 -56.10
N ILE B 442 37.07 2.84 -55.39
CA ILE B 442 38.40 2.75 -56.01
C ILE B 442 38.84 1.29 -55.98
N ALA B 443 39.30 0.78 -57.12
CA ALA B 443 39.81 -0.58 -57.21
C ALA B 443 41.09 -0.56 -58.04
N LEU B 444 42.24 -0.59 -57.36
CA LEU B 444 43.54 -0.42 -58.00
C LEU B 444 44.53 -1.45 -57.48
N PRO B 445 45.56 -1.78 -58.27
CA PRO B 445 46.57 -2.74 -57.82
C PRO B 445 47.48 -2.18 -56.74
N THR B 446 47.93 -3.07 -55.86
CA THR B 446 48.85 -2.72 -54.77
C THR B 446 49.85 -3.85 -54.55
N LYS B 447 51.01 -3.50 -53.98
CA LYS B 447 51.99 -4.48 -53.54
C LYS B 447 52.46 -4.10 -52.13
N PRO B 448 52.55 -5.06 -51.21
CA PRO B 448 52.94 -4.74 -49.83
C PRO B 448 54.35 -4.17 -49.75
N LEU B 449 54.61 -3.44 -48.68
CA LEU B 449 55.91 -2.82 -48.45
C LEU B 449 56.71 -3.63 -47.44
N ASN B 450 58.03 -3.62 -47.61
CA ASN B 450 58.94 -4.18 -46.62
C ASN B 450 59.65 -3.10 -45.82
N ASP B 451 59.39 -1.84 -46.12
CA ASP B 451 59.94 -0.69 -45.41
C ASP B 451 59.14 0.53 -45.82
N VAL B 452 59.17 1.56 -44.98
CA VAL B 452 58.48 2.81 -45.32
C VAL B 452 59.00 3.36 -46.63
N ASN B 453 60.29 3.14 -46.91
CA ASN B 453 60.92 3.61 -48.13
C ASN B 453 61.20 2.46 -49.10
N ASP B 454 60.49 1.34 -48.95
CA ASP B 454 60.70 0.21 -49.84
C ASP B 454 60.36 0.63 -51.26
N GLU B 455 61.34 0.51 -52.16
CA GLU B 455 61.14 0.92 -53.54
C GLU B 455 60.34 -0.11 -54.34
N ASN B 456 60.24 -1.35 -53.85
CA ASN B 456 59.54 -2.41 -54.58
C ASN B 456 58.04 -2.44 -54.33
N GLY B 457 57.59 -2.07 -53.13
CA GLY B 457 56.16 -2.06 -52.86
C GLY B 457 55.43 -1.01 -53.69
N GLU B 458 54.12 -1.20 -53.80
CA GLU B 458 53.27 -0.30 -54.57
C GLU B 458 52.07 0.13 -53.73
N ILE B 459 51.95 1.44 -53.49
CA ILE B 459 50.79 2.04 -52.86
C ILE B 459 50.01 2.77 -53.95
N ALA B 460 48.71 2.51 -54.00
CA ALA B 460 47.85 3.05 -55.06
C ALA B 460 47.25 4.38 -54.61
N LEU B 461 47.50 5.43 -55.39
CA LEU B 461 46.85 6.72 -55.23
C LEU B 461 45.80 6.89 -56.31
N CYS B 462 44.76 7.66 -56.00
CA CYS B 462 43.77 7.99 -57.01
C CYS B 462 43.33 9.44 -56.83
N THR B 463 43.40 10.19 -57.92
CA THR B 463 42.97 11.58 -57.97
C THR B 463 41.58 11.64 -58.57
N LEU B 464 40.73 12.49 -58.02
CA LEU B 464 39.31 12.47 -58.34
C LEU B 464 38.85 13.79 -58.96
N SER B 465 37.65 13.73 -59.53
CA SER B 465 36.88 14.86 -60.04
C SER B 465 35.51 14.32 -60.44
N ALA B 466 34.62 15.20 -60.87
CA ALA B 466 33.27 14.78 -61.19
C ALA B 466 32.67 15.67 -62.27
N PHE B 467 31.85 15.04 -63.13
CA PHE B 467 31.05 15.76 -64.12
C PHE B 467 29.69 16.10 -63.51
N ASN B 468 29.29 17.37 -63.67
CA ASN B 468 27.98 17.82 -63.18
C ASN B 468 26.94 17.53 -64.25
N LEU B 469 26.17 16.44 -64.07
CA LEU B 469 25.15 16.08 -65.03
C LEU B 469 24.01 17.08 -65.11
N GLY B 470 23.86 17.95 -64.12
CA GLY B 470 22.86 18.99 -64.18
C GLY B 470 23.28 20.24 -64.91
N ALA B 471 24.54 20.32 -65.32
CA ALA B 471 25.07 21.50 -66.00
C ALA B 471 25.24 21.31 -67.50
N ILE B 472 25.08 20.09 -68.02
CA ILE B 472 25.24 19.83 -69.44
C ILE B 472 23.88 19.85 -70.11
N ASN B 473 23.82 20.36 -71.33
CA ASN B 473 22.61 20.36 -72.13
C ASN B 473 22.62 19.30 -73.20
N ASN B 474 23.80 18.79 -73.56
CA ASN B 474 23.95 17.74 -74.55
C ASN B 474 25.05 16.82 -74.04
N LEU B 475 24.90 15.51 -74.27
CA LEU B 475 25.92 14.57 -73.84
C LEU B 475 27.25 14.80 -74.55
N ASP B 476 27.24 15.45 -75.72
CA ASP B 476 28.49 15.70 -76.44
C ASP B 476 29.29 16.85 -75.85
N GLU B 477 28.74 17.61 -74.90
CA GLU B 477 29.55 18.58 -74.18
C GLU B 477 30.62 17.90 -73.32
N LEU B 478 30.46 16.60 -73.06
CA LEU B 478 31.40 15.89 -72.21
C LEU B 478 32.77 15.79 -72.86
N GLU B 479 32.84 15.83 -74.19
CA GLU B 479 34.13 15.78 -74.88
C GLU B 479 35.05 16.89 -74.40
N GLU B 480 34.52 18.11 -74.34
CA GLU B 480 35.31 19.25 -73.85
C GLU B 480 35.61 19.13 -72.37
N LEU B 481 34.63 18.69 -71.58
CA LEU B 481 34.83 18.60 -70.14
C LEU B 481 35.80 17.48 -69.77
N ALA B 482 35.78 16.37 -70.51
CA ALA B 482 36.71 15.28 -70.24
C ALA B 482 38.14 15.71 -70.50
N ILE B 483 38.38 16.44 -71.58
CA ILE B 483 39.73 16.95 -71.87
C ILE B 483 40.21 17.83 -70.73
N LEU B 484 39.36 18.77 -70.30
CA LEU B 484 39.77 19.67 -69.22
C LEU B 484 40.01 18.91 -67.92
N ALA B 485 39.13 17.96 -67.60
CA ALA B 485 39.25 17.24 -66.33
C ALA B 485 40.43 16.28 -66.36
N VAL B 486 40.59 15.53 -67.45
CA VAL B 486 41.70 14.58 -67.53
C VAL B 486 43.04 15.31 -67.59
N ARG B 487 43.14 16.35 -68.42
CA ARG B 487 44.40 17.09 -68.50
C ARG B 487 44.78 17.74 -67.17
N ALA B 488 43.79 18.24 -66.42
CA ALA B 488 44.10 18.89 -65.16
C ALA B 488 44.59 17.88 -64.13
N LEU B 489 43.89 16.75 -64.01
CA LEU B 489 44.28 15.75 -63.02
C LEU B 489 45.57 15.04 -63.41
N ASP B 490 45.82 14.89 -64.72
CA ASP B 490 47.04 14.21 -65.14
C ASP B 490 48.25 15.11 -64.91
N ALA B 491 48.11 16.41 -65.17
CA ALA B 491 49.16 17.36 -64.82
C ALA B 491 49.35 17.45 -63.32
N LEU B 492 48.33 17.12 -62.54
CA LEU B 492 48.43 17.13 -61.08
C LEU B 492 49.41 16.07 -60.58
N LEU B 493 49.48 14.93 -61.25
CA LEU B 493 50.35 13.85 -60.79
C LEU B 493 51.82 14.28 -60.80
N ASP B 494 52.22 15.06 -61.80
CA ASP B 494 53.58 15.58 -61.85
C ASP B 494 53.78 16.77 -60.93
N TYR B 495 52.72 17.50 -60.61
CA TYR B 495 52.83 18.72 -59.83
C TYR B 495 52.99 18.43 -58.34
N GLN B 496 52.33 17.39 -57.83
CA GLN B 496 52.29 17.15 -56.40
C GLN B 496 53.50 16.35 -55.94
N ASP B 497 53.68 16.31 -54.62
CA ASP B 497 54.73 15.55 -53.97
C ASP B 497 54.18 14.25 -53.40
N TYR B 498 55.08 13.35 -53.02
CA TYR B 498 54.71 12.02 -52.54
C TYR B 498 55.48 11.68 -51.28
N PRO B 499 54.83 11.66 -50.11
CA PRO B 499 55.57 11.39 -48.87
C PRO B 499 56.11 9.96 -48.77
N ILE B 500 55.54 9.02 -49.50
CA ILE B 500 55.97 7.62 -49.46
C ILE B 500 56.47 7.25 -50.86
N PRO B 501 57.71 6.80 -51.01
CA PRO B 501 58.22 6.43 -52.34
C PRO B 501 57.35 5.41 -53.07
N ALA B 502 56.83 4.41 -52.38
CA ALA B 502 56.00 3.40 -53.03
C ALA B 502 54.73 4.01 -53.62
N ALA B 503 54.23 5.10 -53.04
CA ALA B 503 53.04 5.74 -53.58
C ALA B 503 53.37 6.49 -54.86
N LYS B 504 54.51 7.18 -54.91
CA LYS B 504 54.93 7.80 -56.15
C LYS B 504 55.16 6.76 -57.23
N ARG B 505 55.64 5.58 -56.84
CA ARG B 505 55.89 4.54 -57.83
C ARG B 505 54.59 4.06 -58.46
N GLY B 506 53.54 3.88 -57.65
CA GLY B 506 52.25 3.52 -58.21
C GLY B 506 51.62 4.64 -59.02
N ALA B 507 51.71 5.88 -58.51
CA ALA B 507 51.09 7.02 -59.21
C ALA B 507 51.76 7.27 -60.56
N MET B 508 53.08 7.38 -60.57
CA MET B 508 53.78 7.64 -61.84
C MET B 508 53.71 6.45 -62.78
N GLY B 509 53.59 5.22 -62.24
CA GLY B 509 53.56 4.06 -63.10
C GLY B 509 52.25 3.91 -63.85
N ARG B 510 51.13 4.02 -63.14
CA ARG B 510 49.81 3.79 -63.72
C ARG B 510 49.04 5.07 -64.00
N ARG B 511 49.31 6.15 -63.26
CA ARG B 511 48.63 7.44 -63.45
C ARG B 511 47.11 7.28 -63.37
N THR B 512 46.65 6.66 -62.30
CA THR B 512 45.24 6.30 -62.18
C THR B 512 44.40 7.51 -61.78
N LEU B 513 43.32 7.74 -62.54
CA LEU B 513 42.36 8.80 -62.26
C LEU B 513 41.00 8.20 -61.95
N GLY B 514 40.20 8.94 -61.20
CA GLY B 514 38.86 8.52 -60.85
C GLY B 514 37.85 9.63 -61.00
N ILE B 515 37.22 9.74 -62.17
CA ILE B 515 36.29 10.81 -62.46
C ILE B 515 34.87 10.24 -62.43
N GLY B 516 34.01 10.84 -61.62
CA GLY B 516 32.64 10.38 -61.48
C GLY B 516 31.61 11.41 -61.88
N VAL B 517 30.40 11.32 -61.31
CA VAL B 517 29.32 12.22 -61.64
C VAL B 517 28.67 12.73 -60.37
N ILE B 518 28.03 13.90 -60.49
CA ILE B 518 27.14 14.44 -59.47
C ILE B 518 25.85 14.87 -60.17
N ASN B 519 24.84 15.19 -59.37
CA ASN B 519 23.54 15.66 -59.88
C ASN B 519 22.84 14.60 -60.73
N PHE B 520 23.03 13.32 -60.42
CA PHE B 520 22.39 12.28 -61.22
C PHE B 520 20.88 12.23 -61.00
N ALA B 521 20.44 12.44 -59.76
CA ALA B 521 19.00 12.45 -59.48
C ALA B 521 18.33 13.61 -60.18
N TYR B 522 18.95 14.79 -60.13
CA TYR B 522 18.44 15.93 -60.89
C TYR B 522 18.46 15.65 -62.38
N TYR B 523 19.48 14.93 -62.85
CA TYR B 523 19.55 14.54 -64.25
C TYR B 523 18.37 13.64 -64.63
N LEU B 524 18.07 12.65 -63.79
CA LEU B 524 16.93 11.78 -64.07
C LEU B 524 15.62 12.55 -63.97
N ALA B 525 15.53 13.51 -63.04
CA ALA B 525 14.30 14.27 -62.89
C ALA B 525 14.03 15.14 -64.11
N LYS B 526 15.08 15.72 -64.69
CA LYS B 526 14.91 16.55 -65.89
C LYS B 526 14.41 15.73 -67.07
N HIS B 527 14.70 14.43 -67.09
CA HIS B 527 14.24 13.54 -68.15
C HIS B 527 12.98 12.77 -67.77
N GLY B 528 12.40 13.04 -66.61
CA GLY B 528 11.19 12.35 -66.22
C GLY B 528 11.37 10.86 -66.04
N LYS B 529 12.50 10.43 -65.51
CA LYS B 529 12.78 9.04 -65.24
C LYS B 529 12.87 8.83 -63.74
N ARG B 530 12.87 7.56 -63.34
CA ARG B 530 12.89 7.23 -61.92
C ARG B 530 13.88 6.09 -61.68
N TYR B 531 14.27 5.95 -60.42
CA TYR B 531 15.21 4.89 -60.07
C TYR B 531 14.54 3.52 -60.06
N SER B 532 13.34 3.44 -59.48
CA SER B 532 12.78 2.15 -59.08
C SER B 532 12.10 1.41 -60.22
N ASP B 533 11.41 2.11 -61.11
CA ASP B 533 10.58 1.44 -62.11
C ASP B 533 11.37 0.96 -63.33
N GLY B 534 12.67 1.21 -63.39
CA GLY B 534 13.47 0.83 -64.53
C GLY B 534 13.32 1.71 -65.75
N SER B 535 12.73 2.89 -65.60
CA SER B 535 12.58 3.80 -66.73
C SER B 535 13.87 4.51 -67.09
N ALA B 536 14.89 4.45 -66.23
CA ALA B 536 16.15 5.13 -66.47
C ALA B 536 17.25 4.19 -66.93
N ASN B 537 16.95 2.91 -67.10
CA ASN B 537 17.97 1.94 -67.51
C ASN B 537 18.60 2.35 -68.84
N ASN B 538 17.79 2.56 -69.88
CA ASN B 538 18.36 2.92 -71.16
C ASN B 538 19.01 4.30 -71.12
N LEU B 539 18.43 5.23 -70.36
CA LEU B 539 19.04 6.56 -70.25
C LEU B 539 20.38 6.50 -69.55
N THR B 540 20.47 5.69 -68.49
CA THR B 540 21.74 5.54 -67.80
C THR B 540 22.77 4.91 -68.71
N HIS B 541 22.36 3.92 -69.50
CA HIS B 541 23.26 3.28 -70.46
C HIS B 541 23.74 4.30 -71.48
N LYS B 542 22.83 5.11 -72.01
CA LYS B 542 23.20 6.14 -72.96
C LYS B 542 24.14 7.17 -72.35
N THR B 543 23.89 7.54 -71.08
CA THR B 543 24.68 8.59 -70.45
C THR B 543 26.08 8.12 -70.11
N PHE B 544 26.19 6.96 -69.48
CA PHE B 544 27.50 6.50 -69.02
C PHE B 544 28.33 5.87 -70.12
N GLU B 545 27.73 5.55 -71.27
CA GLU B 545 28.56 5.26 -72.44
C GLU B 545 29.32 6.50 -72.88
N ALA B 546 28.63 7.65 -72.93
CA ALA B 546 29.26 8.89 -73.35
C ALA B 546 30.37 9.31 -72.37
N ILE B 547 30.14 9.14 -71.08
CA ILE B 547 31.15 9.55 -70.09
C ILE B 547 32.44 8.76 -70.28
N GLN B 548 32.33 7.43 -70.33
CA GLN B 548 33.54 6.62 -70.46
C GLN B 548 34.19 6.83 -71.82
N TYR B 549 33.39 6.92 -72.88
CA TYR B 549 33.96 7.12 -74.21
C TYR B 549 34.76 8.41 -74.27
N TYR B 550 34.18 9.52 -73.81
CA TYR B 550 34.88 10.79 -73.88
C TYR B 550 36.03 10.84 -72.88
N LEU B 551 35.94 10.09 -71.78
CA LEU B 551 37.07 9.99 -70.86
C LEU B 551 38.23 9.24 -71.51
N LEU B 552 37.96 8.05 -72.05
CA LEU B 552 39.00 7.29 -72.74
C LEU B 552 39.56 8.05 -73.91
N LYS B 553 38.70 8.71 -74.68
CA LYS B 553 39.16 9.49 -75.82
C LYS B 553 40.08 10.63 -75.37
N ALA B 554 39.75 11.27 -74.25
CA ALA B 554 40.61 12.36 -73.76
C ALA B 554 41.96 11.84 -73.31
N SER B 555 41.99 10.70 -72.62
CA SER B 555 43.26 10.13 -72.18
C SER B 555 44.06 9.59 -73.36
N ASN B 556 43.37 9.17 -74.42
CA ASN B 556 44.07 8.70 -75.62
C ASN B 556 44.74 9.85 -76.35
N GLU B 557 44.04 10.98 -76.47
CA GLU B 557 44.66 12.16 -77.09
C GLU B 557 45.87 12.60 -76.28
N LEU B 558 45.72 12.63 -74.94
CA LEU B 558 46.81 13.03 -74.07
C LEU B 558 47.97 12.05 -74.13
N ALA B 559 47.68 10.77 -74.39
CA ALA B 559 48.75 9.79 -74.54
C ALA B 559 49.54 10.03 -75.83
N LYS B 560 48.86 10.45 -76.89
CA LYS B 560 49.54 10.82 -78.13
C LYS B 560 50.50 11.99 -77.91
N GLU B 561 50.13 12.91 -77.02
CA GLU B 561 50.89 14.15 -76.86
C GLU B 561 52.07 13.97 -75.91
N GLN B 562 51.91 13.21 -74.83
CA GLN B 562 52.92 13.13 -73.79
C GLN B 562 53.35 11.69 -73.51
N GLY B 563 52.92 10.72 -74.31
CA GLY B 563 53.30 9.34 -74.12
C GLY B 563 52.39 8.60 -73.17
N ALA B 564 52.14 7.33 -73.44
CA ALA B 564 51.30 6.52 -72.57
C ALA B 564 51.97 6.34 -71.20
N CYS B 565 51.17 5.88 -70.23
CA CYS B 565 51.70 5.66 -68.90
C CYS B 565 52.72 4.50 -68.93
N PRO B 566 53.75 4.57 -68.09
CA PRO B 566 54.81 3.55 -68.16
C PRO B 566 54.32 2.12 -68.05
N TRP B 567 53.34 1.84 -67.18
CA TRP B 567 52.87 0.48 -66.95
C TRP B 567 51.59 0.19 -67.71
N PHE B 568 51.39 0.86 -68.85
CA PHE B 568 50.20 0.64 -69.66
C PHE B 568 50.12 -0.79 -70.16
N ASN B 569 51.27 -1.44 -70.35
CA ASN B 569 51.31 -2.82 -70.82
C ASN B 569 50.64 -3.78 -69.85
N GLU B 570 50.41 -3.36 -68.60
CA GLU B 570 49.78 -4.20 -67.60
C GLU B 570 48.26 -4.10 -67.60
N THR B 571 47.69 -3.24 -68.44
CA THR B 571 46.25 -3.06 -68.52
C THR B 571 45.63 -3.97 -69.56
N THR B 572 44.33 -4.23 -69.41
CA THR B 572 43.60 -4.91 -70.46
C THR B 572 43.38 -4.01 -71.67
N TYR B 573 43.48 -2.68 -71.49
CA TYR B 573 43.44 -1.77 -72.61
C TYR B 573 44.59 -2.02 -73.57
N ALA B 574 45.76 -2.41 -73.05
CA ALA B 574 46.89 -2.70 -73.92
C ALA B 574 46.63 -3.89 -74.81
N LYS B 575 45.87 -4.88 -74.32
CA LYS B 575 45.49 -6.01 -75.15
C LYS B 575 44.33 -5.66 -76.08
N GLY B 576 43.92 -4.40 -76.12
CA GLY B 576 42.82 -4.01 -76.98
C GLY B 576 41.46 -4.39 -76.48
N ILE B 577 41.29 -4.47 -75.16
CA ILE B 577 40.03 -4.89 -74.54
C ILE B 577 39.38 -3.66 -73.92
N LEU B 578 38.13 -3.42 -74.28
CA LEU B 578 37.36 -2.29 -73.78
C LEU B 578 36.37 -2.77 -72.73
N PRO B 579 35.86 -1.87 -71.88
CA PRO B 579 34.84 -2.28 -70.90
C PRO B 579 33.61 -2.90 -71.52
N ILE B 580 33.30 -2.54 -72.77
CA ILE B 580 32.10 -3.01 -73.46
C ILE B 580 32.25 -4.47 -73.86
N ASP B 581 33.41 -5.07 -73.57
CA ASP B 581 33.67 -6.46 -73.86
C ASP B 581 33.56 -7.36 -72.64
N THR B 582 33.91 -6.84 -71.46
CA THR B 582 34.08 -7.65 -70.26
C THR B 582 32.96 -7.47 -69.23
N TYR B 583 31.91 -6.73 -69.57
CA TYR B 583 30.82 -6.52 -68.64
C TYR B 583 30.02 -7.79 -68.42
N LYS B 584 29.31 -7.85 -67.29
CA LYS B 584 28.51 -9.02 -66.97
C LYS B 584 27.30 -9.10 -67.90
N LYS B 585 27.14 -10.25 -68.55
CA LYS B 585 26.18 -10.38 -69.64
C LYS B 585 24.74 -10.35 -69.15
N ASP B 586 24.49 -10.41 -67.84
CA ASP B 586 23.13 -10.30 -67.34
C ASP B 586 22.58 -8.89 -67.49
N LEU B 587 23.44 -7.91 -67.80
CA LEU B 587 22.97 -6.55 -68.05
C LEU B 587 22.19 -6.46 -69.36
N ASP B 588 22.34 -7.44 -70.24
CA ASP B 588 21.58 -7.46 -71.48
C ASP B 588 20.10 -7.71 -71.25
N THR B 589 19.73 -8.21 -70.07
CA THR B 589 18.34 -8.50 -69.74
C THR B 589 17.62 -7.31 -69.10
N ILE B 590 18.32 -6.22 -68.83
CA ILE B 590 17.72 -5.04 -68.22
C ILE B 590 17.96 -3.77 -69.02
N ALA B 591 18.63 -3.85 -70.18
CA ALA B 591 18.86 -2.67 -70.99
C ALA B 591 19.11 -3.09 -72.43
N ASN B 592 18.43 -2.43 -73.36
CA ASN B 592 18.58 -2.71 -74.79
C ASN B 592 19.11 -1.49 -75.57
N GLU B 593 19.68 -0.52 -74.86
CA GLU B 593 20.21 0.67 -75.52
C GLU B 593 21.45 0.33 -76.34
N PRO B 594 21.49 0.65 -77.63
CA PRO B 594 22.69 0.37 -78.43
C PRO B 594 23.77 1.43 -78.22
N LEU B 595 25.01 1.01 -78.45
CA LEU B 595 26.14 1.93 -78.37
C LEU B 595 26.04 2.97 -79.47
N HIS B 596 26.21 4.24 -79.10
CA HIS B 596 26.06 5.35 -80.03
C HIS B 596 27.39 5.92 -80.51
N TYR B 597 28.50 5.50 -79.92
CA TYR B 597 29.80 6.07 -80.26
C TYR B 597 30.70 5.02 -80.91
N ASP B 598 31.68 5.51 -81.66
CA ASP B 598 32.56 4.65 -82.45
C ASP B 598 33.61 4.03 -81.53
N TRP B 599 33.23 2.93 -80.88
CA TRP B 599 34.16 2.27 -79.98
C TRP B 599 35.23 1.51 -80.75
N GLU B 600 34.92 1.06 -81.96
CA GLU B 600 35.92 0.34 -82.75
C GLU B 600 37.03 1.27 -83.22
N ALA B 601 36.68 2.50 -83.58
CA ALA B 601 37.71 3.47 -83.92
C ALA B 601 38.55 3.82 -82.70
N LEU B 602 37.91 3.91 -81.53
CA LEU B 602 38.64 4.19 -80.31
C LEU B 602 39.51 3.00 -79.91
N ARG B 603 38.99 1.78 -80.06
CA ARG B 603 39.78 0.60 -79.73
C ARG B 603 41.07 0.58 -80.54
N GLU B 604 40.99 0.91 -81.84
CA GLU B 604 42.19 0.94 -82.66
C GLU B 604 43.15 2.03 -82.20
N SER B 605 42.62 3.21 -81.86
CA SER B 605 43.48 4.30 -81.40
C SER B 605 44.15 3.96 -80.07
N ILE B 606 43.47 3.20 -79.21
CA ILE B 606 44.07 2.82 -77.94
C ILE B 606 45.17 1.78 -78.15
N LYS B 607 44.96 0.82 -79.05
CA LYS B 607 46.02 -0.14 -79.38
C LYS B 607 47.28 0.56 -79.85
N THR B 608 47.14 1.58 -80.68
CA THR B 608 48.31 2.22 -81.29
C THR B 608 48.99 3.17 -80.33
N HIS B 609 48.25 4.09 -79.74
CA HIS B 609 48.84 5.15 -78.93
C HIS B 609 48.71 4.93 -77.43
N GLY B 610 47.84 4.01 -76.99
CA GLY B 610 47.70 3.75 -75.57
C GLY B 610 46.87 4.78 -74.85
N LEU B 611 46.91 4.70 -73.52
CA LEU B 611 46.22 5.62 -72.64
C LEU B 611 47.22 6.28 -71.70
N ARG B 612 47.05 7.59 -71.49
CA ARG B 612 47.87 8.31 -70.53
C ARG B 612 47.61 7.84 -69.10
N ASN B 613 46.43 7.30 -68.84
CA ASN B 613 46.01 6.90 -67.50
C ASN B 613 45.45 5.49 -67.54
N SER B 614 45.79 4.71 -66.52
CA SER B 614 45.33 3.32 -66.49
C SER B 614 43.84 3.24 -66.21
N THR B 615 43.34 4.12 -65.34
CA THR B 615 41.93 4.22 -65.03
C THR B 615 41.48 5.66 -65.21
N LEU B 616 40.17 5.85 -65.37
CA LEU B 616 39.62 7.18 -65.60
C LEU B 616 38.36 7.43 -64.77
N SER B 617 37.48 6.44 -64.69
CA SER B 617 36.15 6.62 -64.13
C SER B 617 36.00 5.89 -62.80
N ALA B 618 35.34 6.56 -61.86
CA ALA B 618 34.99 5.97 -60.56
C ALA B 618 33.92 6.85 -59.93
N LEU B 619 32.86 6.24 -59.43
CA LEU B 619 31.71 6.97 -58.90
C LEU B 619 31.82 7.08 -57.38
N MET B 620 32.38 8.19 -56.93
CA MET B 620 32.47 8.47 -55.50
C MET B 620 31.17 9.06 -54.98
N PRO B 621 30.94 9.04 -53.67
CA PRO B 621 29.71 9.64 -53.14
C PRO B 621 29.68 11.15 -53.21
N SER B 622 30.84 11.80 -53.12
CA SER B 622 30.95 13.27 -53.15
C SER B 622 30.03 13.92 -52.14
N GLU B 623 30.09 13.44 -50.88
CA GLU B 623 29.26 13.99 -49.82
C GLU B 623 29.47 15.48 -49.66
N THR B 624 30.72 15.94 -49.71
CA THR B 624 31.04 17.34 -49.45
C THR B 624 31.21 18.16 -50.73
N SER B 625 31.98 17.66 -51.70
CA SER B 625 32.34 18.48 -52.86
C SER B 625 31.12 18.79 -53.72
N SER B 626 30.11 17.92 -53.73
CA SER B 626 28.94 18.16 -54.57
C SER B 626 28.08 19.31 -54.04
N GLN B 627 28.23 19.68 -52.76
CA GLN B 627 27.46 20.78 -52.23
C GLN B 627 27.87 22.12 -52.81
N ILE B 628 29.04 22.20 -53.44
CA ILE B 628 29.50 23.46 -54.02
C ILE B 628 28.56 23.91 -55.12
N SER B 629 28.21 23.01 -56.03
CA SER B 629 27.28 23.30 -57.11
C SER B 629 25.82 23.10 -56.71
N ASN B 630 25.54 22.91 -55.42
CA ASN B 630 24.20 22.63 -54.92
C ASN B 630 23.59 21.43 -55.65
N ALA B 631 24.44 20.46 -55.99
CA ALA B 631 24.02 19.27 -56.70
C ALA B 631 23.63 18.16 -55.72
N THR B 632 22.84 17.22 -56.22
CA THR B 632 22.60 15.99 -55.48
C THR B 632 23.85 15.11 -55.54
N ASN B 633 24.27 14.60 -54.38
CA ASN B 633 25.58 13.95 -54.29
C ASN B 633 25.62 12.66 -55.13
N GLY B 634 26.62 12.58 -56.00
CA GLY B 634 26.88 11.36 -56.75
C GLY B 634 25.67 10.85 -57.49
N ILE B 635 25.39 9.56 -57.31
CA ILE B 635 24.23 8.92 -57.96
C ILE B 635 23.07 8.74 -56.99
N GLU B 636 23.20 9.23 -55.78
CA GLU B 636 22.18 8.97 -54.76
C GLU B 636 20.96 9.88 -54.94
N PRO B 637 19.76 9.33 -54.76
CA PRO B 637 18.57 10.16 -54.72
C PRO B 637 18.53 10.97 -53.43
N PRO B 638 18.06 12.22 -53.49
CA PRO B 638 18.07 13.05 -52.27
C PRO B 638 17.14 12.48 -51.22
N ARG B 639 17.52 12.69 -49.96
CA ARG B 639 16.73 12.18 -48.84
C ARG B 639 15.41 12.93 -48.69
N GLY B 640 15.40 14.21 -49.04
CA GLY B 640 14.18 15.02 -49.03
C GLY B 640 14.38 16.21 -49.93
N TYR B 641 13.29 16.92 -50.20
CA TYR B 641 13.38 18.13 -51.00
C TYR B 641 14.31 19.15 -50.35
N VAL B 642 14.27 19.25 -49.02
CA VAL B 642 15.23 20.02 -48.26
C VAL B 642 15.96 19.04 -47.35
N SER B 643 17.24 18.82 -47.62
CA SER B 643 18.07 17.90 -46.86
C SER B 643 18.83 18.66 -45.78
N ILE B 644 18.98 18.03 -44.62
CA ILE B 644 19.77 18.57 -43.53
C ILE B 644 21.13 17.86 -43.54
N LYS B 645 22.21 18.64 -43.69
CA LYS B 645 23.54 18.11 -43.79
C LYS B 645 24.44 18.74 -42.72
N ALA B 646 25.52 18.04 -42.39
CA ALA B 646 26.39 18.43 -41.30
C ALA B 646 27.48 19.39 -41.75
N SER B 647 28.00 20.15 -40.78
CA SER B 647 29.07 21.11 -40.99
C SER B 647 29.68 21.42 -39.62
N LYS B 648 30.75 22.21 -39.63
CA LYS B 648 31.39 22.60 -38.37
C LYS B 648 30.50 23.53 -37.56
N ASP B 649 29.90 24.54 -38.21
CA ASP B 649 29.02 25.46 -37.50
C ASP B 649 27.75 24.78 -37.02
N GLY B 650 27.26 23.78 -37.74
CA GLY B 650 26.06 23.08 -37.34
C GLY B 650 25.32 22.55 -38.56
N ILE B 651 23.98 22.68 -38.51
CA ILE B 651 23.12 22.10 -39.53
C ILE B 651 23.03 23.01 -40.75
N LEU B 652 22.93 22.40 -41.93
CA LEU B 652 22.76 23.09 -43.19
C LEU B 652 21.54 22.54 -43.92
N ARG B 653 20.74 23.45 -44.47
CA ARG B 653 19.59 23.07 -45.28
C ARG B 653 19.94 23.22 -46.75
N GLN B 654 19.79 22.14 -47.53
CA GLN B 654 20.12 22.12 -48.94
C GLN B 654 18.87 21.73 -49.73
N VAL B 655 18.50 22.57 -50.68
CA VAL B 655 17.33 22.32 -51.53
C VAL B 655 17.77 21.59 -52.78
N VAL B 656 16.95 20.66 -53.25
CA VAL B 656 17.22 19.95 -54.49
C VAL B 656 17.23 20.98 -55.60
N PRO B 657 18.07 20.83 -56.62
CA PRO B 657 18.11 21.83 -57.69
C PRO B 657 16.81 21.85 -58.49
N ASP B 658 16.35 23.08 -58.79
CA ASP B 658 15.15 23.31 -59.60
C ASP B 658 13.92 22.68 -58.95
N TYR B 659 13.76 22.93 -57.65
CA TYR B 659 12.66 22.34 -56.90
C TYR B 659 11.30 22.85 -57.39
N GLU B 660 11.22 24.14 -57.73
CA GLU B 660 9.94 24.73 -58.09
C GLU B 660 9.30 24.00 -59.27
N HIS B 661 10.10 23.63 -60.27
CA HIS B 661 9.58 23.04 -61.50
C HIS B 661 9.60 21.52 -61.50
N LEU B 662 10.38 20.88 -60.62
CA LEU B 662 10.59 19.44 -60.71
C LEU B 662 10.26 18.70 -59.42
N HIS B 663 9.48 19.32 -58.51
CA HIS B 663 9.20 18.66 -57.24
C HIS B 663 8.45 17.35 -57.43
N ASP B 664 7.63 17.25 -58.48
CA ASP B 664 6.95 15.98 -58.75
C ASP B 664 7.87 14.97 -59.44
N ALA B 665 8.90 15.44 -60.15
CA ALA B 665 9.75 14.53 -60.93
C ALA B 665 10.73 13.75 -60.06
N TYR B 666 11.18 14.33 -58.95
CA TYR B 666 12.12 13.64 -58.09
C TYR B 666 11.49 12.41 -57.45
N GLU B 667 12.30 11.38 -57.26
CA GLU B 667 11.92 10.21 -56.46
C GLU B 667 12.85 10.19 -55.25
N LEU B 668 12.30 10.56 -54.09
CA LEU B 668 13.10 10.64 -52.89
C LEU B 668 13.54 9.26 -52.43
N LEU B 669 14.56 9.24 -51.56
CA LEU B 669 15.19 7.99 -51.14
C LEU B 669 14.17 7.02 -50.55
N TRP B 670 13.31 7.50 -49.67
CA TRP B 670 12.38 6.63 -48.95
C TRP B 670 11.03 6.49 -49.64
N GLU B 671 10.90 7.01 -50.86
CA GLU B 671 9.72 6.79 -51.68
C GLU B 671 9.84 5.55 -52.57
N MET B 672 10.96 4.78 -52.44
CA MET B 672 11.29 3.63 -53.26
C MET B 672 10.79 2.34 -52.62
N PRO B 673 10.23 1.44 -53.43
CA PRO B 673 9.75 0.15 -52.88
C PRO B 673 10.87 -0.71 -52.33
N GLY B 674 11.99 -0.78 -53.02
CA GLY B 674 13.11 -1.58 -52.59
C GLY B 674 14.39 -1.06 -53.22
N ASN B 675 15.36 -1.97 -53.39
CA ASN B 675 16.65 -1.61 -53.94
C ASN B 675 16.85 -2.10 -55.38
N ASP B 676 15.95 -2.94 -55.89
CA ASP B 676 16.15 -3.55 -57.20
C ASP B 676 16.30 -2.50 -58.30
N GLY B 677 15.49 -1.45 -58.26
CA GLY B 677 15.60 -0.42 -59.28
C GLY B 677 16.94 0.31 -59.24
N TYR B 678 17.40 0.64 -58.04
CA TYR B 678 18.68 1.34 -57.90
C TYR B 678 19.85 0.43 -58.28
N LEU B 679 19.83 -0.81 -57.81
CA LEU B 679 20.93 -1.74 -58.09
C LEU B 679 21.07 -2.04 -59.58
N GLN B 680 19.96 -2.03 -60.33
CA GLN B 680 20.06 -2.23 -61.77
C GLN B 680 20.76 -1.05 -62.44
N LEU B 681 20.46 0.17 -62.01
CA LEU B 681 21.15 1.33 -62.57
C LEU B 681 22.64 1.28 -62.23
N VAL B 682 22.98 0.87 -61.02
CA VAL B 682 24.38 0.75 -60.64
C VAL B 682 25.06 -0.29 -61.52
N GLY B 683 24.39 -1.42 -61.75
CA GLY B 683 24.96 -2.43 -62.64
C GLY B 683 25.19 -1.90 -64.04
N ILE B 684 24.26 -1.09 -64.55
CA ILE B 684 24.44 -0.53 -65.88
C ILE B 684 25.61 0.44 -65.91
N MET B 685 25.72 1.30 -64.89
CA MET B 685 26.88 2.19 -64.79
C MET B 685 28.17 1.39 -64.75
N GLN B 686 28.20 0.31 -63.99
CA GLN B 686 29.42 -0.49 -63.84
C GLN B 686 29.87 -1.11 -65.15
N LYS B 687 28.97 -1.20 -66.14
CA LYS B 687 29.37 -1.69 -67.45
C LYS B 687 30.49 -0.84 -68.05
N PHE B 688 30.45 0.47 -67.81
CA PHE B 688 31.44 1.39 -68.39
C PHE B 688 32.46 1.92 -67.39
N ILE B 689 32.18 1.85 -66.09
CA ILE B 689 33.08 2.41 -65.09
C ILE B 689 34.34 1.55 -64.96
N ASP B 690 35.51 2.20 -64.99
CA ASP B 690 36.78 1.50 -64.82
C ASP B 690 36.86 0.82 -63.46
N GLN B 691 36.72 1.60 -62.39
CA GLN B 691 36.84 1.08 -61.04
C GLN B 691 35.49 0.64 -60.51
N SER B 692 35.03 1.22 -59.40
CA SER B 692 33.78 0.78 -58.80
C SER B 692 32.83 1.94 -58.50
N ILE B 693 31.72 1.63 -57.84
CA ILE B 693 30.67 2.58 -57.55
C ILE B 693 30.36 2.49 -56.06
N SER B 694 30.15 3.64 -55.43
CA SER B 694 29.77 3.69 -54.01
C SER B 694 28.27 3.42 -53.88
N ALA B 695 27.90 2.19 -54.22
CA ALA B 695 26.50 1.79 -54.25
C ALA B 695 25.96 1.58 -52.83
N ASN B 696 24.80 2.16 -52.55
CA ASN B 696 24.13 2.07 -51.26
C ASN B 696 22.98 1.06 -51.32
N THR B 697 22.64 0.53 -50.14
CA THR B 697 21.40 -0.22 -49.97
C THR B 697 20.59 0.46 -48.87
N ASN B 698 19.29 0.60 -49.10
CA ASN B 698 18.43 1.33 -48.19
C ASN B 698 17.24 0.46 -47.80
N TYR B 699 16.83 0.58 -46.54
CA TYR B 699 15.74 -0.23 -46.02
C TYR B 699 14.90 0.59 -45.07
N ASP B 700 13.58 0.53 -45.27
CA ASP B 700 12.61 1.17 -44.39
C ASP B 700 11.93 0.08 -43.57
N PRO B 701 12.15 0.03 -42.25
CA PRO B 701 11.53 -1.03 -41.45
C PRO B 701 10.01 -1.01 -41.48
N SER B 702 9.40 0.18 -41.62
CA SER B 702 7.94 0.26 -41.64
C SER B 702 7.33 -0.38 -42.88
N ARG B 703 8.11 -0.56 -43.95
CA ARG B 703 7.62 -1.22 -45.16
C ARG B 703 7.61 -2.74 -45.04
N PHE B 704 7.90 -3.28 -43.87
CA PHE B 704 7.97 -4.71 -43.64
C PHE B 704 7.06 -5.11 -42.50
N PRO B 705 6.51 -6.33 -42.53
CA PRO B 705 5.63 -6.76 -41.43
C PRO B 705 6.36 -6.76 -40.10
N SER B 706 5.65 -6.29 -39.06
CA SER B 706 6.13 -6.18 -37.70
C SER B 706 7.35 -5.28 -37.56
N GLY B 707 7.64 -4.47 -38.58
CA GLY B 707 8.69 -3.47 -38.49
C GLY B 707 10.11 -3.99 -38.34
N LYS B 708 10.40 -5.17 -38.88
CA LYS B 708 11.75 -5.72 -38.87
C LYS B 708 12.12 -6.13 -40.28
N VAL B 709 13.34 -5.79 -40.69
CA VAL B 709 13.83 -6.12 -42.03
C VAL B 709 14.25 -7.58 -42.06
N PRO B 710 13.71 -8.39 -42.97
CA PRO B 710 14.06 -9.81 -42.98
C PRO B 710 15.43 -10.07 -43.57
N MET B 711 16.13 -11.04 -42.98
CA MET B 711 17.42 -11.48 -43.51
C MET B 711 17.27 -12.03 -44.93
N GLN B 712 16.11 -12.58 -45.26
CA GLN B 712 15.87 -13.08 -46.61
C GLN B 712 16.02 -11.96 -47.63
N GLN B 713 15.44 -10.79 -47.34
CA GLN B 713 15.51 -9.66 -48.26
C GLN B 713 16.92 -9.10 -48.34
N LEU B 714 17.63 -9.04 -47.21
CA LEU B 714 19.01 -8.58 -47.20
C LEU B 714 19.88 -9.44 -48.10
N LEU B 715 19.73 -10.76 -48.01
CA LEU B 715 20.52 -11.66 -48.84
C LEU B 715 20.10 -11.59 -50.30
N LYS B 716 18.80 -11.41 -50.56
CA LYS B 716 18.34 -11.34 -51.93
C LYS B 716 18.89 -10.10 -52.64
N ASP B 717 18.89 -8.96 -51.94
CA ASP B 717 19.49 -7.75 -52.51
C ASP B 717 20.99 -7.92 -52.71
N LEU B 718 21.65 -8.62 -51.78
CA LEU B 718 23.08 -8.88 -51.93
C LEU B 718 23.36 -9.75 -53.15
N LEU B 719 22.53 -10.78 -53.36
CA LEU B 719 22.69 -11.62 -54.53
C LEU B 719 22.29 -10.90 -55.81
N THR B 720 21.27 -10.03 -55.73
CA THR B 720 20.89 -9.25 -56.91
C THR B 720 22.03 -8.35 -57.37
N ALA B 721 22.77 -7.75 -56.43
CA ALA B 721 23.90 -6.92 -56.80
C ALA B 721 24.95 -7.73 -57.55
N TYR B 722 25.24 -8.94 -57.08
CA TYR B 722 26.22 -9.78 -57.77
C TYR B 722 25.71 -10.21 -59.14
N LYS B 723 24.41 -10.45 -59.28
CA LYS B 723 23.88 -10.90 -60.56
C LYS B 723 24.13 -9.89 -61.67
N PHE B 724 24.12 -8.60 -61.34
CA PHE B 724 24.28 -7.54 -62.33
C PHE B 724 25.67 -6.94 -62.34
N GLY B 725 26.65 -7.64 -61.76
CA GLY B 725 28.04 -7.21 -61.85
C GLY B 725 28.43 -6.04 -60.99
N VAL B 726 27.69 -5.78 -59.91
CA VAL B 726 28.09 -4.73 -58.98
C VAL B 726 29.33 -5.18 -58.23
N LYS B 727 30.38 -4.37 -58.27
CA LYS B 727 31.66 -4.76 -57.68
C LYS B 727 31.67 -4.60 -56.16
N THR B 728 31.10 -3.50 -55.64
CA THR B 728 31.18 -3.22 -54.22
C THR B 728 29.82 -2.73 -53.71
N LEU B 729 29.62 -2.86 -52.39
CA LEU B 729 28.46 -2.32 -51.71
C LEU B 729 28.93 -1.42 -50.56
N TYR B 730 28.46 -0.18 -50.56
CA TYR B 730 28.88 0.82 -49.58
C TYR B 730 27.93 0.86 -48.39
N TYR B 731 27.42 2.05 -48.05
CA TYR B 731 26.53 2.22 -46.90
C TYR B 731 25.29 1.33 -47.02
N GLN B 732 24.79 0.89 -45.87
CA GLN B 732 23.43 0.37 -45.75
C GLN B 732 22.66 1.34 -44.86
N ASN B 733 21.84 2.18 -45.46
CA ASN B 733 21.03 3.15 -44.71
C ASN B 733 19.74 2.48 -44.22
N THR B 734 19.49 2.59 -42.92
CA THR B 734 18.24 2.14 -42.33
C THR B 734 17.48 3.34 -41.80
N ARG B 735 16.21 3.46 -42.18
CA ARG B 735 15.41 4.60 -41.79
C ARG B 735 15.10 4.53 -40.29
N ASP B 736 14.91 5.71 -39.68
CA ASP B 736 14.62 5.80 -38.26
C ASP B 736 13.12 5.89 -37.97
N GLY B 737 12.30 5.31 -38.84
CA GLY B 737 10.86 5.33 -38.63
C GLY B 737 10.09 4.59 -39.74
N LEU C 5 -60.68 12.75 -18.41
CA LEU C 5 -60.93 14.17 -18.22
C LEU C 5 -62.17 14.41 -17.36
N LEU C 6 -62.54 13.42 -16.55
CA LEU C 6 -63.73 13.50 -15.72
C LEU C 6 -63.36 13.60 -14.24
N VAL C 7 -64.18 14.31 -13.49
CA VAL C 7 -64.07 14.38 -12.04
C VAL C 7 -65.30 13.70 -11.43
N THR C 8 -65.19 13.36 -10.15
CA THR C 8 -66.28 12.74 -9.40
C THR C 8 -66.77 13.72 -8.35
N LYS C 9 -68.01 14.18 -8.50
CA LYS C 9 -68.59 15.14 -7.58
C LYS C 9 -68.83 14.50 -6.21
N ARG C 10 -69.23 15.34 -5.25
CA ARG C 10 -69.48 14.86 -3.89
C ARG C 10 -70.70 13.93 -3.84
N ASP C 11 -71.66 14.12 -4.74
CA ASP C 11 -72.86 13.28 -4.75
C ASP C 11 -72.63 11.94 -5.45
N GLY C 12 -71.44 11.70 -5.98
CA GLY C 12 -71.12 10.47 -6.67
C GLY C 12 -71.13 10.58 -8.18
N SER C 13 -71.83 11.59 -8.73
CA SER C 13 -71.90 11.79 -10.16
C SER C 13 -70.56 12.27 -10.70
N THR C 14 -70.42 12.19 -12.03
CA THR C 14 -69.20 12.57 -12.71
C THR C 14 -69.50 13.63 -13.76
N GLU C 15 -68.53 14.51 -14.00
CA GLU C 15 -68.65 15.52 -15.04
C GLU C 15 -67.27 15.91 -15.54
N ARG C 16 -67.23 16.55 -16.70
CA ARG C 16 -65.98 16.98 -17.30
C ARG C 16 -65.25 17.95 -16.38
N ILE C 17 -63.92 17.89 -16.41
CA ILE C 17 -63.10 18.80 -15.62
C ILE C 17 -63.33 20.22 -16.12
N ASN C 18 -63.44 21.16 -15.18
CA ASN C 18 -63.69 22.57 -15.50
C ASN C 18 -62.90 23.43 -14.52
N LEU C 19 -61.80 24.01 -15.00
CA LEU C 19 -60.92 24.79 -14.13
C LEU C 19 -61.58 26.08 -13.64
N ASP C 20 -62.65 26.55 -14.29
CA ASP C 20 -63.32 27.74 -13.82
C ASP C 20 -63.95 27.53 -12.44
N LYS C 21 -64.39 26.31 -12.16
CA LYS C 21 -64.91 26.01 -10.82
C LYS C 21 -63.81 26.12 -9.76
N ILE C 22 -62.58 25.74 -10.10
CA ILE C 22 -61.47 25.93 -9.17
C ILE C 22 -61.14 27.41 -9.03
N HIS C 23 -61.21 28.15 -10.14
CA HIS C 23 -60.99 29.60 -10.08
C HIS C 23 -62.02 30.26 -9.17
N ARG C 24 -63.30 29.90 -9.32
CA ARG C 24 -64.36 30.57 -8.60
C ARG C 24 -64.23 30.39 -7.09
N VAL C 25 -63.99 29.15 -6.65
CA VAL C 25 -63.90 28.87 -5.22
C VAL C 25 -62.71 29.60 -4.60
N LEU C 26 -61.61 29.73 -5.34
CA LEU C 26 -60.46 30.46 -4.81
C LEU C 26 -60.68 31.97 -4.82
N ASP C 27 -61.28 32.50 -5.89
CA ASP C 27 -61.61 33.92 -5.93
C ASP C 27 -62.52 34.30 -4.78
N TRP C 28 -63.46 33.41 -4.43
CA TRP C 28 -64.33 33.66 -3.29
C TRP C 28 -63.53 33.70 -1.99
N ALA C 29 -62.60 32.76 -1.81
CA ALA C 29 -61.83 32.68 -0.58
C ALA C 29 -60.86 33.85 -0.41
N ALA C 30 -60.43 34.48 -1.51
CA ALA C 30 -59.46 35.56 -1.44
C ALA C 30 -60.09 36.95 -1.42
N GLU C 31 -61.42 37.04 -1.41
CA GLU C 31 -62.08 38.34 -1.43
C GLU C 31 -61.76 39.13 -0.18
N GLY C 32 -61.32 40.39 -0.38
CA GLY C 32 -61.00 41.28 0.72
C GLY C 32 -59.63 41.10 1.33
N LEU C 33 -58.92 40.03 0.98
CA LEU C 33 -57.60 39.77 1.54
C LEU C 33 -56.53 40.52 0.76
N HIS C 34 -55.41 40.79 1.42
CA HIS C 34 -54.31 41.53 0.84
C HIS C 34 -53.14 40.60 0.54
N ASN C 35 -52.52 40.81 -0.63
CA ASN C 35 -51.24 40.20 -0.98
C ASN C 35 -51.33 38.69 -1.10
N VAL C 36 -52.49 38.18 -1.53
CA VAL C 36 -52.66 36.77 -1.82
C VAL C 36 -52.82 36.61 -3.33
N SER C 37 -52.65 35.39 -3.81
CA SER C 37 -52.63 35.11 -5.24
C SER C 37 -53.37 33.81 -5.53
N ILE C 38 -54.50 33.93 -6.23
CA ILE C 38 -55.20 32.74 -6.74
C ILE C 38 -54.25 31.94 -7.63
N SER C 39 -53.49 32.62 -8.48
CA SER C 39 -52.55 31.95 -9.37
C SER C 39 -51.52 31.14 -8.58
N GLN C 40 -51.00 31.72 -7.50
CA GLN C 40 -49.97 31.04 -6.70
C GLN C 40 -50.53 29.76 -6.08
N VAL C 41 -51.77 29.79 -5.63
CA VAL C 41 -52.37 28.63 -4.96
C VAL C 41 -52.53 27.47 -5.93
N GLU C 42 -53.01 27.75 -7.14
CA GLU C 42 -53.21 26.69 -8.12
C GLU C 42 -51.90 26.04 -8.52
N LEU C 43 -50.84 26.84 -8.68
CA LEU C 43 -49.56 26.32 -9.12
C LEU C 43 -48.87 25.53 -8.02
N ARG C 44 -48.96 25.99 -6.77
CA ARG C 44 -48.36 25.27 -5.65
C ARG C 44 -49.15 24.02 -5.28
N SER C 45 -50.37 23.86 -5.79
CA SER C 45 -51.12 22.65 -5.53
C SER C 45 -50.49 21.44 -6.21
N HIS C 46 -49.83 21.66 -7.36
CA HIS C 46 -49.24 20.58 -8.16
C HIS C 46 -50.23 19.44 -8.37
N ILE C 47 -51.49 19.80 -8.59
CA ILE C 47 -52.55 18.80 -8.64
C ILE C 47 -52.44 17.99 -9.93
N GLN C 48 -52.36 16.67 -9.78
CA GLN C 48 -52.32 15.74 -10.91
C GLN C 48 -53.73 15.26 -11.17
N PHE C 49 -54.31 15.68 -12.30
CA PHE C 49 -55.65 15.24 -12.67
C PHE C 49 -55.59 13.85 -13.30
N TYR C 50 -56.41 12.95 -12.79
CA TYR C 50 -56.59 11.63 -13.39
C TYR C 50 -58.08 11.42 -13.65
N ASP C 51 -58.37 10.48 -14.55
CA ASP C 51 -59.76 10.19 -14.90
C ASP C 51 -60.51 9.63 -13.70
N GLY C 52 -61.56 10.33 -13.28
CA GLY C 52 -62.31 9.92 -12.10
C GLY C 52 -61.83 10.52 -10.81
N ILE C 53 -61.03 11.59 -10.86
CA ILE C 53 -60.48 12.17 -9.64
C ILE C 53 -61.61 12.73 -8.79
N LYS C 54 -61.59 12.39 -7.50
CA LYS C 54 -62.62 12.85 -6.58
C LYS C 54 -62.55 14.36 -6.40
N THR C 55 -63.72 15.00 -6.39
CA THR C 55 -63.75 16.45 -6.26
C THR C 55 -63.38 16.91 -4.85
N SER C 56 -63.53 16.05 -3.85
CA SER C 56 -63.13 16.42 -2.50
C SER C 56 -61.62 16.35 -2.31
N ASP C 57 -60.96 15.42 -3.02
CA ASP C 57 -59.50 15.37 -2.99
C ASP C 57 -58.88 16.59 -3.65
N ILE C 58 -59.54 17.11 -4.70
CA ILE C 58 -59.07 18.33 -5.34
C ILE C 58 -59.10 19.48 -4.34
N HIS C 59 -60.18 19.59 -3.58
CA HIS C 59 -60.30 20.69 -2.62
C HIS C 59 -59.28 20.55 -1.50
N GLU C 60 -59.07 19.33 -1.00
CA GLU C 60 -58.08 19.12 0.06
C GLU C 60 -56.68 19.45 -0.41
N THR C 61 -56.38 19.22 -1.69
CA THR C 61 -55.04 19.55 -2.21
C THR C 61 -54.82 21.06 -2.22
N ILE C 62 -55.82 21.84 -2.63
CA ILE C 62 -55.65 23.29 -2.68
C ILE C 62 -55.76 23.92 -1.30
N ILE C 63 -56.32 23.21 -0.30
CA ILE C 63 -56.24 23.69 1.07
C ILE C 63 -54.82 23.55 1.59
N LYS C 64 -54.19 22.39 1.31
CA LYS C 64 -52.79 22.18 1.68
C LYS C 64 -51.89 23.22 1.02
N ALA C 65 -52.19 23.57 -0.23
CA ALA C 65 -51.34 24.51 -0.97
C ALA C 65 -51.41 25.91 -0.37
N ALA C 66 -52.62 26.39 -0.11
CA ALA C 66 -52.77 27.72 0.49
C ALA C 66 -52.19 27.77 1.90
N ALA C 67 -52.22 26.64 2.62
CA ALA C 67 -51.69 26.61 3.97
C ALA C 67 -50.17 26.81 3.99
N ASP C 68 -49.47 26.27 2.99
CA ASP C 68 -48.01 26.40 2.93
C ASP C 68 -47.54 27.75 2.40
N LEU C 69 -48.45 28.59 1.90
CA LEU C 69 -48.10 29.92 1.44
C LEU C 69 -48.18 30.95 2.56
N ILE C 70 -48.60 30.54 3.76
CA ILE C 70 -48.65 31.42 4.91
C ILE C 70 -47.24 31.88 5.23
N SER C 71 -47.01 33.20 5.20
CA SER C 71 -45.67 33.72 5.41
C SER C 71 -45.75 35.11 6.02
N ARG C 72 -44.57 35.67 6.33
CA ARG C 72 -44.49 37.03 6.85
C ARG C 72 -44.87 38.05 5.79
N ASP C 73 -44.53 37.77 4.53
CA ASP C 73 -44.82 38.72 3.46
C ASP C 73 -46.28 38.68 3.04
N ALA C 74 -46.95 37.53 3.20
CA ALA C 74 -48.36 37.38 2.88
C ALA C 74 -49.06 36.63 4.00
N PRO C 75 -49.32 37.31 5.12
CA PRO C 75 -49.98 36.62 6.25
C PRO C 75 -51.46 36.34 6.01
N ASP C 76 -52.11 37.06 5.10
CA ASP C 76 -53.54 36.87 4.88
C ASP C 76 -53.87 35.50 4.29
N TYR C 77 -52.85 34.71 3.91
CA TYR C 77 -53.12 33.33 3.53
C TYR C 77 -53.68 32.53 4.68
N GLN C 78 -53.48 32.98 5.92
CA GLN C 78 -54.06 32.30 7.07
C GLN C 78 -55.58 32.34 7.04
N TYR C 79 -56.15 33.36 6.40
CA TYR C 79 -57.60 33.46 6.27
C TYR C 79 -58.09 32.87 4.97
N LEU C 80 -57.29 32.94 3.91
CA LEU C 80 -57.65 32.28 2.66
C LEU C 80 -57.73 30.76 2.85
N ALA C 81 -56.73 30.19 3.52
CA ALA C 81 -56.75 28.76 3.79
C ALA C 81 -57.85 28.39 4.77
N ALA C 82 -58.16 29.27 5.73
CA ALA C 82 -59.22 29.01 6.69
C ALA C 82 -60.58 28.95 6.01
N ARG C 83 -60.86 29.89 5.10
CA ARG C 83 -62.13 29.91 4.41
C ARG C 83 -62.33 28.68 3.55
N LEU C 84 -61.26 28.20 2.91
CA LEU C 84 -61.36 26.97 2.13
C LEU C 84 -61.70 25.77 3.01
N ALA C 85 -61.12 25.73 4.21
CA ALA C 85 -61.37 24.62 5.12
C ALA C 85 -62.77 24.68 5.73
N ILE C 86 -63.24 25.89 6.06
CA ILE C 86 -64.62 26.05 6.53
C ILE C 86 -65.60 25.58 5.47
N PHE C 87 -65.40 26.00 4.22
CA PHE C 87 -66.20 25.51 3.11
C PHE C 87 -66.17 24.00 3.04
N HIS C 88 -64.98 23.41 3.20
CA HIS C 88 -64.83 21.96 3.18
C HIS C 88 -65.56 21.30 4.34
N LEU C 89 -65.48 21.91 5.53
CA LEU C 89 -66.13 21.35 6.71
C LEU C 89 -67.65 21.43 6.62
N ARG C 90 -68.18 22.46 5.96
CA ARG C 90 -69.63 22.56 5.77
C ARG C 90 -70.15 21.40 4.92
N LYS C 91 -69.45 21.09 3.82
CA LYS C 91 -69.90 20.02 2.94
C LYS C 91 -69.86 18.67 3.64
N LYS C 92 -68.82 18.43 4.45
CA LYS C 92 -68.69 17.15 5.14
C LYS C 92 -69.84 16.91 6.10
N ALA C 93 -70.28 17.95 6.81
CA ALA C 93 -71.30 17.80 7.85
C ALA C 93 -72.71 17.96 7.33
N TYR C 94 -72.93 18.78 6.31
CA TYR C 94 -74.27 19.14 5.87
C TYR C 94 -74.58 18.81 4.42
N GLY C 95 -73.59 18.49 3.59
CA GLY C 95 -73.83 18.29 2.19
C GLY C 95 -74.04 19.57 1.40
N GLN C 96 -74.04 20.72 2.07
CA GLN C 96 -74.19 22.02 1.46
C GLN C 96 -73.45 23.04 2.32
N PHE C 97 -73.48 24.30 1.90
CA PHE C 97 -72.76 25.32 2.65
C PHE C 97 -73.57 25.84 3.84
N GLU C 98 -74.85 26.12 3.64
CA GLU C 98 -75.66 26.74 4.70
C GLU C 98 -76.04 25.70 5.75
N PRO C 99 -75.73 25.95 7.03
CA PRO C 99 -76.09 24.98 8.07
C PRO C 99 -77.58 24.96 8.30
N PRO C 100 -78.14 23.84 8.77
CA PRO C 100 -79.59 23.80 9.05
C PRO C 100 -79.97 24.56 10.30
N ALA C 101 -81.27 24.54 10.64
CA ALA C 101 -81.74 25.13 11.87
C ALA C 101 -81.20 24.37 13.07
N LEU C 102 -81.05 25.09 14.19
CA LEU C 102 -80.48 24.48 15.39
C LEU C 102 -81.33 23.31 15.86
N TYR C 103 -82.66 23.48 15.85
CA TYR C 103 -83.53 22.41 16.34
C TYR C 103 -83.43 21.17 15.47
N ASP C 104 -83.51 21.35 14.15
CA ASP C 104 -83.42 20.21 13.23
C ASP C 104 -82.09 19.49 13.38
N HIS C 105 -81.02 20.23 13.65
CA HIS C 105 -79.70 19.62 13.82
C HIS C 105 -79.63 18.80 15.10
N VAL C 106 -80.07 19.37 16.22
CA VAL C 106 -80.00 18.66 17.50
C VAL C 106 -80.85 17.40 17.46
N VAL C 107 -82.04 17.47 16.85
CA VAL C 107 -82.93 16.31 16.77
C VAL C 107 -82.25 15.16 16.04
N LYS C 108 -81.69 15.44 14.86
CA LYS C 108 -81.05 14.39 14.07
C LYS C 108 -79.85 13.80 14.81
N MET C 109 -79.11 14.65 15.53
CA MET C 109 -77.89 14.20 16.20
C MET C 109 -78.18 13.39 17.46
N VAL C 110 -79.27 13.70 18.16
CA VAL C 110 -79.62 12.93 19.35
C VAL C 110 -80.05 11.53 18.97
N GLU C 111 -80.77 11.38 17.84
CA GLU C 111 -81.16 10.05 17.40
C GLU C 111 -79.97 9.19 17.04
N MET C 112 -78.92 9.79 16.49
CA MET C 112 -77.71 9.05 16.15
C MET C 112 -76.82 8.78 17.35
N GLY C 113 -77.16 9.31 18.52
CA GLY C 113 -76.35 9.10 19.71
C GLY C 113 -75.10 9.95 19.77
N LYS C 114 -74.96 10.94 18.90
CA LYS C 114 -73.78 11.80 18.91
C LYS C 114 -73.90 12.91 19.93
N TYR C 115 -75.12 13.30 20.28
CA TYR C 115 -75.40 14.28 21.32
C TYR C 115 -76.05 13.59 22.52
N ASP C 116 -76.00 14.27 23.66
CA ASP C 116 -76.68 13.82 24.85
C ASP C 116 -78.17 14.14 24.74
N ASN C 117 -79.01 13.16 25.07
CA ASN C 117 -80.46 13.32 24.93
C ASN C 117 -81.06 14.35 25.90
N HIS C 118 -80.30 14.78 26.91
CA HIS C 118 -80.81 15.75 27.87
C HIS C 118 -81.09 17.11 27.22
N LEU C 119 -80.51 17.37 26.05
CA LEU C 119 -80.74 18.64 25.38
C LEU C 119 -82.20 18.81 24.99
N LEU C 120 -82.84 17.72 24.54
CA LEU C 120 -84.24 17.79 24.15
C LEU C 120 -85.18 17.80 25.34
N GLU C 121 -84.69 17.43 26.52
CA GLU C 121 -85.50 17.43 27.73
C GLU C 121 -85.44 18.75 28.47
N ASP C 122 -84.30 19.44 28.42
CA ASP C 122 -84.10 20.68 29.16
C ASP C 122 -84.44 21.91 28.36
N TYR C 123 -84.59 21.79 27.04
CA TYR C 123 -84.93 22.92 26.18
C TYR C 123 -86.10 22.53 25.29
N THR C 124 -87.07 23.42 25.17
CA THR C 124 -88.22 23.21 24.29
C THR C 124 -87.89 23.66 22.88
N GLU C 125 -88.74 23.27 21.93
CA GLU C 125 -88.51 23.66 20.54
C GLU C 125 -88.53 25.17 20.37
N GLU C 126 -89.37 25.86 21.15
CA GLU C 126 -89.41 27.32 21.09
C GLU C 126 -88.11 27.94 21.60
N GLU C 127 -87.45 27.29 22.57
CA GLU C 127 -86.20 27.81 23.10
C GLU C 127 -85.04 27.56 22.14
N PHE C 128 -85.03 26.42 21.46
CA PHE C 128 -84.00 26.17 20.45
C PHE C 128 -84.08 27.18 19.32
N LYS C 129 -85.30 27.55 18.91
CA LYS C 129 -85.45 28.55 17.86
C LYS C 129 -84.93 29.91 18.32
N GLN C 130 -84.96 30.19 19.63
CA GLN C 130 -84.41 31.44 20.13
C GLN C 130 -82.89 31.39 20.22
N MET C 131 -82.31 30.21 20.48
CA MET C 131 -80.87 30.09 20.44
C MET C 131 -80.34 30.12 19.01
N ASP C 132 -81.17 29.78 18.02
CA ASP C 132 -80.74 29.89 16.63
C ASP C 132 -80.55 31.35 16.22
N THR C 133 -81.24 32.27 16.86
CA THR C 133 -81.03 33.69 16.61
C THR C 133 -79.76 34.21 17.28
N PHE C 134 -79.28 33.53 18.32
CA PHE C 134 -78.01 33.92 18.93
C PHE C 134 -76.85 33.63 17.99
N ILE C 135 -76.94 32.52 17.25
CA ILE C 135 -75.84 32.05 16.42
C ILE C 135 -75.57 33.04 15.30
N ASP C 136 -74.30 33.33 15.06
CA ASP C 136 -73.84 34.09 13.89
C ASP C 136 -72.85 33.19 13.16
N HIS C 137 -73.32 32.51 12.11
CA HIS C 137 -72.46 31.59 11.36
C HIS C 137 -71.36 32.31 10.60
N ASP C 138 -71.45 33.63 10.42
CA ASP C 138 -70.37 34.39 9.80
C ASP C 138 -69.13 34.46 10.69
N ARG C 139 -69.25 34.12 11.98
CA ARG C 139 -68.10 34.10 12.86
C ARG C 139 -67.15 32.95 12.54
N ASP C 140 -67.58 32.01 11.69
CA ASP C 140 -66.67 31.01 11.15
C ASP C 140 -65.67 31.60 10.17
N MET C 141 -65.92 32.81 9.67
CA MET C 141 -65.02 33.47 8.75
C MET C 141 -63.98 34.32 9.47
N THR C 142 -63.86 34.18 10.79
CA THR C 142 -62.87 34.91 11.57
C THR C 142 -61.77 33.99 12.11
N PHE C 143 -61.85 32.69 11.85
CA PHE C 143 -60.82 31.76 12.26
C PHE C 143 -59.60 31.89 11.34
N SER C 144 -58.44 31.50 11.88
CA SER C 144 -57.25 31.30 11.07
C SER C 144 -57.15 29.83 10.66
N TYR C 145 -56.22 29.54 9.76
CA TYR C 145 -56.08 28.17 9.29
C TYR C 145 -55.72 27.23 10.43
N ALA C 146 -54.83 27.66 11.32
CA ALA C 146 -54.47 26.82 12.46
C ALA C 146 -55.68 26.52 13.34
N ALA C 147 -56.57 27.51 13.51
CA ALA C 147 -57.78 27.29 14.31
C ALA C 147 -58.67 26.21 13.70
N VAL C 148 -58.91 26.30 12.39
CA VAL C 148 -59.82 25.38 11.72
C VAL C 148 -59.26 23.96 11.74
N LYS C 149 -57.95 23.81 11.59
CA LYS C 149 -57.36 22.48 11.59
C LYS C 149 -57.45 21.82 12.96
N GLN C 150 -57.42 22.61 14.04
CA GLN C 150 -57.64 22.04 15.37
C GLN C 150 -59.11 21.69 15.57
N LEU C 151 -60.03 22.47 15.01
CA LEU C 151 -61.44 22.15 15.10
C LEU C 151 -61.74 20.82 14.44
N GLU C 152 -61.35 20.66 13.17
CA GLU C 152 -61.67 19.44 12.44
C GLU C 152 -60.91 18.23 12.96
N GLY C 153 -59.76 18.44 13.60
CA GLY C 153 -58.94 17.33 14.07
C GLY C 153 -59.25 16.87 15.48
N LYS C 154 -59.66 17.79 16.33
CA LYS C 154 -59.81 17.46 17.73
C LYS C 154 -61.18 17.78 18.31
N TYR C 155 -61.79 18.90 17.90
CA TYR C 155 -62.90 19.49 18.65
C TYR C 155 -64.28 19.15 18.10
N LEU C 156 -64.48 19.27 16.79
CA LEU C 156 -65.80 19.00 16.21
C LEU C 156 -66.20 17.54 16.41
N VAL C 157 -67.46 17.34 16.80
CA VAL C 157 -67.98 15.99 17.00
C VAL C 157 -67.88 15.21 15.70
N GLN C 158 -67.25 14.04 15.76
CA GLN C 158 -66.92 13.30 14.56
C GLN C 158 -66.82 11.82 14.89
N ASN C 159 -66.77 11.00 13.82
CA ASN C 159 -66.59 9.57 13.94
C ASN C 159 -65.10 9.25 13.89
N ARG C 160 -64.56 8.66 14.96
CA ARG C 160 -63.14 8.37 15.03
C ARG C 160 -62.75 7.11 14.28
N VAL C 161 -63.72 6.39 13.71
CA VAL C 161 -63.46 5.24 12.87
C VAL C 161 -63.71 5.54 11.40
N THR C 162 -64.77 6.31 11.11
CA THR C 162 -65.17 6.67 9.76
C THR C 162 -64.45 7.93 9.27
N GLY C 163 -64.21 8.88 10.16
CA GLY C 163 -63.73 10.19 9.76
C GLY C 163 -64.83 11.17 9.41
N GLU C 164 -66.09 10.82 9.71
CA GLU C 164 -67.23 11.62 9.32
C GLU C 164 -67.41 12.77 10.30
N ILE C 165 -67.42 13.99 9.76
CA ILE C 165 -67.65 15.19 10.56
C ILE C 165 -69.15 15.45 10.63
N TYR C 166 -69.63 15.85 11.81
CA TYR C 166 -71.06 15.97 12.05
C TYR C 166 -71.55 17.38 12.34
N GLU C 167 -70.68 18.33 12.67
CA GLU C 167 -71.13 19.66 13.08
C GLU C 167 -70.17 20.72 12.58
N SER C 168 -70.51 21.98 12.86
CA SER C 168 -69.69 23.15 12.55
C SER C 168 -69.35 23.88 13.85
N ALA C 169 -68.53 24.94 13.70
CA ALA C 169 -67.94 25.59 14.86
C ALA C 169 -69.00 26.31 15.70
N GLN C 170 -69.97 26.95 15.05
CA GLN C 170 -70.95 27.72 15.81
C GLN C 170 -71.93 26.82 16.55
N PHE C 171 -72.28 25.67 15.97
CA PHE C 171 -73.09 24.71 16.70
C PHE C 171 -72.33 24.17 17.90
N LEU C 172 -71.02 23.98 17.76
CA LEU C 172 -70.20 23.59 18.89
C LEU C 172 -70.29 24.62 20.01
N TYR C 173 -70.14 25.90 19.66
CA TYR C 173 -70.14 26.95 20.67
C TYR C 173 -71.49 27.06 21.38
N ILE C 174 -72.58 27.12 20.61
CA ILE C 174 -73.90 27.37 21.20
C ILE C 174 -74.34 26.23 22.09
N LEU C 175 -73.92 24.99 21.78
CA LEU C 175 -74.33 23.86 22.60
C LEU C 175 -73.45 23.68 23.82
N VAL C 176 -72.21 24.16 23.77
CA VAL C 176 -71.41 24.23 24.99
C VAL C 176 -72.03 25.23 25.95
N ALA C 177 -72.49 26.36 25.42
CA ALA C 177 -73.19 27.33 26.26
C ALA C 177 -74.51 26.76 26.77
N ALA C 178 -75.24 26.06 25.90
CA ALA C 178 -76.53 25.49 26.28
C ALA C 178 -76.38 24.45 27.37
N CYS C 179 -75.43 23.53 27.21
CA CYS C 179 -75.27 22.45 28.19
C CYS C 179 -74.78 22.97 29.53
N LEU C 180 -73.88 23.96 29.52
CA LEU C 180 -73.29 24.41 30.79
C LEU C 180 -74.32 25.11 31.67
N PHE C 181 -75.23 25.87 31.07
CA PHE C 181 -76.25 26.58 31.82
C PHE C 181 -77.62 25.90 31.74
N SER C 182 -77.65 24.62 31.37
CA SER C 182 -78.94 23.94 31.18
C SER C 182 -79.75 23.85 32.47
N ASN C 183 -79.08 23.81 33.63
CA ASN C 183 -79.76 23.65 34.91
C ASN C 183 -80.01 25.00 35.58
N TYR C 184 -79.86 26.10 34.87
CA TYR C 184 -80.13 27.42 35.41
C TYR C 184 -81.64 27.69 35.38
N PRO C 185 -82.12 28.59 36.25
CA PRO C 185 -83.53 28.98 36.19
C PRO C 185 -83.90 29.57 34.83
N ARG C 186 -85.09 29.24 34.35
CA ARG C 186 -85.53 29.70 33.04
C ARG C 186 -85.66 31.21 32.97
N GLU C 187 -85.70 31.91 34.11
CA GLU C 187 -85.81 33.36 34.09
C GLU C 187 -84.55 34.01 33.52
N THR C 188 -83.38 33.42 33.76
CA THR C 188 -82.12 33.98 33.31
C THR C 188 -81.28 33.01 32.48
N ARG C 189 -81.79 31.81 32.17
CA ARG C 189 -80.97 30.80 31.52
C ARG C 189 -80.49 31.25 30.15
N LEU C 190 -81.43 31.57 29.26
CA LEU C 190 -81.04 31.95 27.90
C LEU C 190 -80.20 33.22 27.87
N GLN C 191 -80.29 34.07 28.91
CA GLN C 191 -79.41 35.23 28.98
C GLN C 191 -77.95 34.80 29.16
N TYR C 192 -77.71 33.88 30.09
CA TYR C 192 -76.36 33.38 30.28
C TYR C 192 -75.87 32.57 29.09
N VAL C 193 -76.77 31.85 28.42
CA VAL C 193 -76.37 31.07 27.26
C VAL C 193 -75.91 31.98 26.13
N LYS C 194 -76.67 33.05 25.86
CA LYS C 194 -76.29 33.97 24.79
C LYS C 194 -75.01 34.72 25.11
N ARG C 195 -74.89 35.24 26.33
CA ARG C 195 -73.71 36.02 26.69
C ARG C 195 -72.46 35.15 26.68
N PHE C 196 -72.58 33.90 27.11
CA PHE C 196 -71.43 33.00 27.10
C PHE C 196 -71.09 32.55 25.68
N TYR C 197 -72.10 32.42 24.82
CA TYR C 197 -71.83 32.09 23.42
C TYR C 197 -71.03 33.20 22.75
N ASP C 198 -71.44 34.45 22.95
CA ASP C 198 -70.70 35.57 22.37
C ASP C 198 -69.27 35.61 22.90
N ALA C 199 -69.07 35.25 24.17
CA ALA C 199 -67.74 35.36 24.76
C ALA C 199 -66.76 34.40 24.12
N VAL C 200 -67.20 33.17 23.84
CA VAL C 200 -66.29 32.17 23.29
C VAL C 200 -66.23 32.22 21.77
N SER C 201 -67.30 32.66 21.11
CA SER C 201 -67.30 32.73 19.65
C SER C 201 -66.62 33.99 19.13
N THR C 202 -66.45 35.02 19.97
CA THR C 202 -65.66 36.19 19.62
C THR C 202 -64.31 36.19 20.34
N PHE C 203 -63.92 35.03 20.89
CA PHE C 203 -62.57 34.77 21.41
C PHE C 203 -62.25 35.64 22.62
N LYS C 204 -63.25 35.98 23.43
CA LYS C 204 -62.99 36.62 24.71
C LYS C 204 -62.58 35.61 25.76
N ILE C 205 -63.10 34.39 25.68
CA ILE C 205 -62.80 33.30 26.60
C ILE C 205 -62.33 32.10 25.79
N SER C 206 -61.28 31.44 26.25
CA SER C 206 -60.77 30.23 25.62
C SER C 206 -61.17 29.00 26.42
N LEU C 207 -61.63 27.96 25.73
CA LEU C 207 -62.06 26.75 26.39
C LEU C 207 -61.11 25.60 26.10
N PRO C 208 -60.90 24.70 27.06
CA PRO C 208 -59.90 23.64 26.88
C PRO C 208 -60.36 22.56 25.91
N THR C 209 -59.41 21.69 25.57
CA THR C 209 -59.67 20.57 24.66
C THR C 209 -60.83 19.69 25.10
N PRO C 210 -60.90 19.19 26.35
CA PRO C 210 -62.04 18.31 26.70
C PRO C 210 -63.38 19.03 26.71
N ILE C 211 -63.41 20.33 27.03
CA ILE C 211 -64.66 21.07 26.96
C ILE C 211 -65.10 21.28 25.52
N MET C 212 -64.15 21.66 24.66
CA MET C 212 -64.44 21.88 23.25
C MET C 212 -64.94 20.59 22.60
N SER C 213 -64.27 19.48 22.86
CA SER C 213 -64.59 18.21 22.23
C SER C 213 -65.67 17.40 22.94
N GLY C 214 -66.08 17.79 24.15
CA GLY C 214 -66.93 16.92 24.94
C GLY C 214 -68.30 17.45 25.36
N VAL C 215 -68.37 18.70 25.77
CA VAL C 215 -69.59 19.22 26.39
C VAL C 215 -70.72 19.32 25.38
N ARG C 216 -71.54 18.26 25.32
CA ARG C 216 -72.78 18.07 24.56
C ARG C 216 -72.89 16.62 24.13
N THR C 217 -71.89 15.82 24.48
CA THR C 217 -71.80 14.41 24.14
C THR C 217 -72.26 13.53 25.30
N PRO C 218 -72.69 12.31 25.01
CA PRO C 218 -73.20 11.43 26.09
C PRO C 218 -72.22 11.22 27.24
N THR C 219 -70.92 11.20 26.98
CA THR C 219 -69.92 10.97 28.03
C THR C 219 -69.52 12.31 28.63
N ARG C 220 -69.83 12.49 29.92
CA ARG C 220 -69.62 13.78 30.58
C ARG C 220 -68.38 13.69 31.47
N GLN C 221 -67.22 13.96 30.88
CA GLN C 221 -66.00 14.18 31.64
C GLN C 221 -65.21 15.28 30.94
N PHE C 222 -65.01 16.40 31.64
CA PHE C 222 -64.43 17.57 31.00
C PHE C 222 -63.35 18.23 31.84
N SER C 223 -62.92 17.62 32.94
CA SER C 223 -61.83 18.16 33.73
C SER C 223 -60.51 17.72 33.11
N SER C 224 -59.64 18.69 32.80
CA SER C 224 -58.40 18.40 32.10
C SER C 224 -57.37 17.70 32.96
N CYS C 225 -57.35 17.99 34.26
CA CYS C 225 -56.27 17.56 35.14
C CYS C 225 -56.79 16.61 36.21
N VAL C 226 -56.08 15.50 36.41
CA VAL C 226 -56.39 14.52 37.45
C VAL C 226 -55.12 14.27 38.26
N LEU C 227 -55.18 14.52 39.56
CA LEU C 227 -54.04 14.33 40.45
C LEU C 227 -54.32 13.15 41.39
N ILE C 228 -53.53 12.09 41.26
CA ILE C 228 -53.69 10.87 42.04
C ILE C 228 -52.45 10.66 42.90
N GLU C 229 -52.65 10.43 44.19
CA GLU C 229 -51.56 10.12 45.11
C GLU C 229 -51.59 8.63 45.43
N CYS C 230 -50.43 7.98 45.33
CA CYS C 230 -50.30 6.55 45.55
C CYS C 230 -49.62 6.28 46.89
N GLY C 231 -50.24 5.41 47.69
CA GLY C 231 -49.67 5.00 48.96
C GLY C 231 -48.75 3.80 48.82
N ASP C 232 -48.11 3.45 49.93
CA ASP C 232 -47.12 2.37 49.95
C ASP C 232 -47.79 1.02 50.23
N SER C 233 -48.63 0.60 49.29
CA SER C 233 -49.31 -0.68 49.40
C SER C 233 -49.79 -1.12 48.03
N LEU C 234 -49.91 -2.44 47.86
CA LEU C 234 -50.40 -2.98 46.60
C LEU C 234 -51.86 -2.62 46.37
N ASP C 235 -52.63 -2.48 47.45
CA ASP C 235 -54.01 -2.02 47.32
C ASP C 235 -54.06 -0.61 46.74
N SER C 236 -53.12 0.25 47.17
CA SER C 236 -53.07 1.61 46.68
C SER C 236 -52.53 1.68 45.26
N ILE C 237 -51.53 0.85 44.95
CA ILE C 237 -50.97 0.82 43.60
C ILE C 237 -52.01 0.35 42.60
N ASN C 238 -52.79 -0.67 42.96
CA ASN C 238 -53.88 -1.12 42.11
C ASN C 238 -54.95 -0.03 41.97
N ALA C 239 -55.27 0.64 43.08
CA ALA C 239 -56.26 1.72 43.03
C ALA C 239 -55.78 2.86 42.14
N THR C 240 -54.51 3.24 42.28
CA THR C 240 -53.94 4.28 41.43
C THR C 240 -53.98 3.87 39.96
N SER C 241 -53.57 2.64 39.66
CA SER C 241 -53.52 2.17 38.28
C SER C 241 -54.91 2.15 37.64
N SER C 242 -55.93 1.71 38.38
CA SER C 242 -57.28 1.67 37.82
C SER C 242 -57.83 3.07 37.59
N ALA C 243 -57.53 3.99 38.51
CA ALA C 243 -58.01 5.36 38.34
C ALA C 243 -57.37 6.02 37.12
N ILE C 244 -56.09 5.72 36.86
CA ILE C 244 -55.42 6.25 35.68
C ILE C 244 -56.11 5.77 34.41
N VAL C 245 -56.35 4.46 34.32
CA VAL C 245 -56.96 3.89 33.13
C VAL C 245 -58.32 4.53 32.84
N LYS C 246 -59.14 4.71 33.88
CA LYS C 246 -60.48 5.27 33.68
C LYS C 246 -60.41 6.71 33.20
N TYR C 247 -59.57 7.53 33.83
CA TYR C 247 -59.58 8.95 33.51
C TYR C 247 -58.79 9.28 32.26
N VAL C 248 -57.77 8.49 31.91
CA VAL C 248 -57.10 8.68 30.62
C VAL C 248 -58.08 8.46 29.48
N SER C 249 -58.90 7.40 29.58
CA SER C 249 -59.89 7.10 28.56
C SER C 249 -60.98 8.16 28.47
N GLN C 250 -61.05 9.09 29.41
CA GLN C 250 -62.08 10.11 29.38
C GLN C 250 -61.48 11.51 29.39
N ARG C 251 -60.54 11.76 28.47
CA ARG C 251 -60.07 13.10 28.07
C ARG C 251 -59.16 13.76 29.09
N ALA C 252 -58.60 13.02 30.05
CA ALA C 252 -57.89 13.64 31.16
C ALA C 252 -56.39 13.33 31.11
N GLY C 253 -55.61 14.29 31.58
CA GLY C 253 -54.18 14.10 31.79
C GLY C 253 -53.88 13.91 33.26
N ILE C 254 -52.90 13.07 33.55
CA ILE C 254 -52.69 12.52 34.88
C ILE C 254 -51.45 13.11 35.51
N GLY C 255 -51.51 13.31 36.83
CA GLY C 255 -50.33 13.57 37.63
C GLY C 255 -50.24 12.57 38.76
N ILE C 256 -49.17 11.78 38.80
CA ILE C 256 -49.02 10.68 39.75
C ILE C 256 -48.02 11.08 40.82
N ASN C 257 -48.37 10.82 42.07
CA ASN C 257 -47.47 11.02 43.21
C ASN C 257 -47.10 9.64 43.74
N ALA C 258 -45.93 9.15 43.33
CA ALA C 258 -45.43 7.84 43.74
C ALA C 258 -44.18 7.96 44.60
N GLY C 259 -44.04 9.05 45.34
CA GLY C 259 -42.90 9.21 46.23
C GLY C 259 -42.99 8.41 47.51
N ARG C 260 -44.19 7.96 47.88
CA ARG C 260 -44.37 7.18 49.11
C ARG C 260 -43.87 5.74 48.98
N ILE C 261 -43.82 5.21 47.75
CA ILE C 261 -43.41 3.82 47.55
C ILE C 261 -41.99 3.61 48.05
N ARG C 262 -41.80 2.60 48.90
CA ARG C 262 -40.51 2.38 49.54
C ARG C 262 -39.44 2.00 48.51
N ALA C 263 -38.19 2.11 48.95
CA ALA C 263 -37.05 1.97 48.06
C ALA C 263 -36.71 0.50 47.79
N LEU C 264 -35.94 0.30 46.73
CA LEU C 264 -35.48 -1.03 46.34
C LEU C 264 -34.62 -1.64 47.44
N GLY C 265 -34.95 -2.87 47.83
CA GLY C 265 -34.19 -3.60 48.83
C GLY C 265 -34.73 -3.54 50.24
N SER C 266 -35.79 -2.77 50.49
CA SER C 266 -36.37 -2.73 51.82
C SER C 266 -37.06 -4.04 52.14
N PRO C 267 -37.06 -4.45 53.42
CA PRO C 267 -37.75 -5.69 53.78
C PRO C 267 -39.26 -5.56 53.69
N ILE C 268 -39.91 -6.67 53.32
CA ILE C 268 -41.36 -6.78 53.26
C ILE C 268 -41.77 -7.87 54.23
N ARG C 269 -42.67 -7.53 55.15
CA ARG C 269 -43.14 -8.46 56.19
C ARG C 269 -41.96 -9.02 56.99
N GLY C 270 -41.04 -8.14 57.38
CA GLY C 270 -39.93 -8.53 58.21
C GLY C 270 -38.84 -9.32 57.53
N GLY C 271 -38.90 -9.50 56.21
CA GLY C 271 -37.88 -10.25 55.51
C GLY C 271 -38.41 -11.43 54.72
N GLU C 272 -39.73 -11.54 54.63
CA GLU C 272 -40.31 -12.58 53.79
C GLU C 272 -40.03 -12.34 52.31
N ALA C 273 -39.79 -11.09 51.92
CA ALA C 273 -39.54 -10.78 50.52
C ALA C 273 -38.56 -9.63 50.40
N PHE C 274 -37.92 -9.55 49.23
CA PHE C 274 -36.99 -8.49 48.87
C PHE C 274 -37.73 -7.53 47.95
N HIS C 275 -37.80 -6.27 48.34
CA HIS C 275 -38.59 -5.30 47.57
C HIS C 275 -37.93 -5.02 46.21
N THR C 276 -38.72 -5.14 45.15
CA THR C 276 -38.19 -5.04 43.80
C THR C 276 -37.90 -3.60 43.37
N GLY C 277 -38.46 -2.62 44.07
CA GLY C 277 -38.16 -1.23 43.82
C GLY C 277 -39.34 -0.49 43.20
N CYS C 278 -39.11 0.82 42.99
CA CYS C 278 -40.13 1.67 42.39
C CYS C 278 -40.24 1.42 40.90
N ILE C 279 -39.11 1.19 40.23
CA ILE C 279 -39.12 1.12 38.77
C ILE C 279 -40.11 0.09 38.24
N PRO C 280 -40.21 -1.13 38.79
CA PRO C 280 -41.25 -2.04 38.31
C PRO C 280 -42.67 -1.51 38.47
N PHE C 281 -42.92 -0.70 39.49
CA PHE C 281 -44.25 -0.12 39.66
C PHE C 281 -44.43 1.10 38.77
N TYR C 282 -43.38 1.89 38.56
CA TYR C 282 -43.46 3.00 37.63
C TYR C 282 -43.79 2.51 36.23
N LYS C 283 -43.17 1.40 35.81
CA LYS C 283 -43.51 0.80 34.52
C LYS C 283 -44.98 0.43 34.46
N HIS C 284 -45.55 0.00 35.58
CA HIS C 284 -46.96 -0.35 35.60
C HIS C 284 -47.83 0.90 35.41
N PHE C 285 -47.45 2.01 36.03
CA PHE C 285 -48.18 3.26 35.84
C PHE C 285 -48.10 3.73 34.40
N GLN C 286 -46.96 3.49 33.72
CA GLN C 286 -46.80 3.94 32.35
C GLN C 286 -47.71 3.18 31.39
N THR C 287 -47.78 1.85 31.52
CA THR C 287 -48.65 1.06 30.65
C THR C 287 -50.11 1.39 30.85
N ALA C 288 -50.49 1.86 32.04
CA ALA C 288 -51.86 2.32 32.27
C ALA C 288 -52.16 3.56 31.45
N VAL C 289 -51.24 4.54 31.45
CA VAL C 289 -51.46 5.79 30.74
C VAL C 289 -51.56 5.54 29.24
N LYS C 290 -50.72 4.65 28.72
CA LYS C 290 -50.69 4.40 27.27
C LYS C 290 -51.75 3.41 26.82
N SER C 291 -52.47 2.79 27.75
CA SER C 291 -53.44 1.77 27.39
C SER C 291 -54.59 2.33 26.57
N CYS C 292 -54.95 3.60 26.80
CA CYS C 292 -56.11 4.20 26.16
C CYS C 292 -55.71 5.50 25.48
N SER C 293 -56.52 5.91 24.51
CA SER C 293 -56.43 7.24 23.97
C SER C 293 -57.16 8.22 24.89
N GLN C 294 -56.87 9.50 24.72
CA GLN C 294 -57.45 10.54 25.58
C GLN C 294 -58.79 11.00 24.99
N GLY C 295 -59.79 10.14 25.16
CA GLY C 295 -61.10 10.41 24.61
C GLY C 295 -61.17 10.30 23.12
N GLY C 296 -60.23 9.62 22.49
CA GLY C 296 -60.15 9.55 21.05
C GLY C 296 -59.52 10.76 20.39
N VAL C 297 -59.13 11.76 21.16
CA VAL C 297 -58.60 13.01 20.61
C VAL C 297 -57.08 12.96 20.47
N ARG C 298 -56.38 12.51 21.51
CA ARG C 298 -54.92 12.48 21.49
C ARG C 298 -54.46 11.33 22.38
N GLY C 299 -53.14 11.23 22.56
CA GLY C 299 -52.59 10.19 23.39
C GLY C 299 -52.59 10.57 24.87
N GLY C 300 -52.58 9.54 25.71
CA GLY C 300 -52.54 9.76 27.15
C GLY C 300 -51.14 10.11 27.62
N ALA C 301 -51.07 11.09 28.53
CA ALA C 301 -49.81 11.50 29.11
C ALA C 301 -49.96 11.61 30.62
N ALA C 302 -48.83 11.49 31.33
CA ALA C 302 -48.82 11.59 32.78
C ALA C 302 -47.45 12.06 33.24
N THR C 303 -47.42 12.74 34.39
CA THR C 303 -46.19 13.15 35.05
C THR C 303 -46.12 12.52 36.43
N LEU C 304 -44.95 11.99 36.77
CA LEU C 304 -44.74 11.30 38.04
C LEU C 304 -43.82 12.12 38.94
N PHE C 305 -44.16 12.19 40.22
CA PHE C 305 -43.49 13.07 41.18
C PHE C 305 -42.85 12.26 42.29
N TYR C 306 -41.65 12.65 42.70
CA TYR C 306 -40.95 12.00 43.80
C TYR C 306 -40.04 13.03 44.46
N PRO C 307 -39.79 12.90 45.77
CA PRO C 307 -38.88 13.84 46.44
C PRO C 307 -37.43 13.62 46.04
N MET C 308 -36.66 14.71 46.08
CA MET C 308 -35.24 14.65 45.72
C MET C 308 -34.46 13.73 46.65
N TRP C 309 -34.87 13.62 47.92
CA TRP C 309 -34.13 12.84 48.90
C TRP C 309 -34.53 11.36 48.91
N HIS C 310 -35.28 10.90 47.91
CA HIS C 310 -35.63 9.48 47.85
C HIS C 310 -34.37 8.63 47.66
N LEU C 311 -34.39 7.43 48.23
CA LEU C 311 -33.20 6.58 48.21
C LEU C 311 -32.84 6.16 46.80
N GLU C 312 -33.81 6.05 45.91
CA GLU C 312 -33.58 5.63 44.53
C GLU C 312 -33.44 6.81 43.58
N VAL C 313 -33.27 8.04 44.11
CA VAL C 313 -33.36 9.23 43.27
C VAL C 313 -32.34 9.21 42.15
N GLU C 314 -31.17 8.58 42.39
CA GLU C 314 -30.17 8.51 41.33
C GLU C 314 -30.62 7.61 40.19
N SER C 315 -31.47 6.63 40.49
CA SER C 315 -32.04 5.76 39.46
C SER C 315 -33.30 6.36 38.84
N LEU C 316 -34.01 7.22 39.56
CA LEU C 316 -35.23 7.82 39.05
C LEU C 316 -34.96 9.00 38.13
N LEU C 317 -33.83 9.70 38.33
CA LEU C 317 -33.53 10.87 37.52
C LEU C 317 -33.23 10.52 36.07
N VAL C 318 -32.85 9.28 35.78
CA VAL C 318 -32.39 8.89 34.46
C VAL C 318 -33.40 8.00 33.74
N LEU C 319 -34.66 8.00 34.18
CA LEU C 319 -35.65 7.13 33.57
C LEU C 319 -36.05 7.56 32.17
N LYS C 320 -35.75 8.81 31.78
CA LYS C 320 -36.11 9.34 30.48
C LYS C 320 -34.98 9.25 29.47
N ASN C 321 -33.74 9.10 29.94
CA ASN C 321 -32.59 9.08 29.06
C ASN C 321 -32.66 7.89 28.11
N ASN C 322 -32.07 8.06 26.93
CA ASN C 322 -32.20 7.09 25.84
C ASN C 322 -31.09 6.04 25.85
N ARG C 323 -30.22 6.06 26.86
CA ARG C 323 -29.16 5.09 27.04
C ARG C 323 -29.61 4.07 28.08
N GLY C 324 -28.75 3.09 28.35
CA GLY C 324 -29.09 2.05 29.31
C GLY C 324 -30.10 1.05 28.79
N VAL C 325 -30.33 -0.02 29.56
CA VAL C 325 -31.26 -1.08 29.19
C VAL C 325 -32.69 -0.72 29.56
N GLU C 326 -33.66 -1.45 28.99
CA GLU C 326 -35.06 -1.20 29.28
C GLU C 326 -35.45 -1.57 30.72
N GLY C 327 -34.65 -2.38 31.40
CA GLY C 327 -35.00 -2.79 32.74
C GLY C 327 -35.01 -1.65 33.74
N ASN C 328 -34.16 -0.65 33.53
CA ASN C 328 -34.06 0.50 34.43
C ASN C 328 -34.45 1.80 33.72
N ARG C 329 -35.38 1.73 32.76
CA ARG C 329 -35.82 2.88 31.99
C ARG C 329 -37.34 2.90 31.89
N VAL C 330 -37.93 4.07 32.15
CA VAL C 330 -39.38 4.30 31.98
C VAL C 330 -39.50 5.61 31.21
N ARG C 331 -39.43 5.54 29.88
CA ARG C 331 -39.16 6.70 29.05
C ARG C 331 -40.40 7.51 28.67
N HIS C 332 -41.59 6.92 28.69
CA HIS C 332 -42.78 7.56 28.12
C HIS C 332 -43.60 8.32 29.15
N MET C 333 -43.02 8.69 30.29
CA MET C 333 -43.67 9.57 31.25
C MET C 333 -42.70 10.66 31.67
N ASP C 334 -43.24 11.82 32.00
CA ASP C 334 -42.42 12.92 32.50
C ASP C 334 -42.34 12.84 34.02
N TYR C 335 -41.36 13.56 34.58
CA TYR C 335 -41.08 13.48 36.00
C TYR C 335 -40.87 14.87 36.58
N GLY C 336 -41.35 15.07 37.80
CA GLY C 336 -41.12 16.29 38.54
C GLY C 336 -40.40 16.02 39.84
N VAL C 337 -39.22 16.59 40.01
CA VAL C 337 -38.45 16.40 41.23
C VAL C 337 -38.88 17.47 42.23
N GLN C 338 -39.25 17.01 43.43
CA GLN C 338 -39.76 17.89 44.47
C GLN C 338 -38.60 18.32 45.37
N ILE C 339 -38.45 19.64 45.52
CA ILE C 339 -37.31 20.24 46.22
C ILE C 339 -37.84 21.26 47.21
N ASN C 340 -37.15 21.40 48.34
CA ASN C 340 -37.45 22.43 49.32
C ASN C 340 -36.18 23.20 49.66
N LYS C 341 -36.33 24.18 50.56
CA LYS C 341 -35.23 25.10 50.85
C LYS C 341 -34.00 24.37 51.40
N LEU C 342 -34.21 23.34 52.22
CA LEU C 342 -33.08 22.64 52.81
C LEU C 342 -32.21 22.00 51.74
N MET C 343 -32.83 21.41 50.72
CA MET C 343 -32.05 20.83 49.62
C MET C 343 -31.21 21.88 48.91
N TYR C 344 -31.81 23.04 48.62
CA TYR C 344 -31.06 24.11 47.95
C TYR C 344 -29.91 24.60 48.82
N THR C 345 -30.11 24.66 50.14
CA THR C 345 -29.06 25.17 51.01
C THR C 345 -27.83 24.26 50.99
N ARG C 346 -28.05 22.94 50.96
CA ARG C 346 -26.94 22.00 50.87
C ARG C 346 -26.12 22.21 49.60
N LEU C 347 -26.77 22.65 48.51
CA LEU C 347 -26.04 22.92 47.27
C LEU C 347 -25.15 24.15 47.41
N LEU C 348 -25.67 25.24 47.99
CA LEU C 348 -24.90 26.46 48.10
C LEU C 348 -23.71 26.31 49.04
N LYS C 349 -23.83 25.47 50.06
CA LYS C 349 -22.76 25.25 51.02
C LYS C 349 -21.82 24.13 50.61
N GLY C 350 -22.05 23.50 49.45
CA GLY C 350 -21.17 22.43 49.00
C GLY C 350 -21.17 21.23 49.91
N GLU C 351 -22.27 20.97 50.61
CA GLU C 351 -22.35 19.86 51.54
C GLU C 351 -22.98 18.65 50.84
N ASP C 352 -23.42 17.67 51.62
CA ASP C 352 -24.01 16.44 51.09
C ASP C 352 -25.52 16.44 51.30
N ILE C 353 -26.20 15.57 50.55
CA ILE C 353 -27.62 15.30 50.73
C ILE C 353 -27.77 13.81 51.04
N THR C 354 -28.51 13.51 52.10
CA THR C 354 -28.73 12.13 52.51
C THR C 354 -30.03 11.61 51.91
N LEU C 355 -29.97 10.40 51.33
CA LEU C 355 -31.12 9.76 50.71
C LEU C 355 -31.73 8.74 51.66
N PHE C 356 -33.06 8.77 51.77
CA PHE C 356 -33.78 7.84 52.63
C PHE C 356 -34.90 7.16 51.87
N SER C 357 -35.26 5.95 52.32
CA SER C 357 -36.52 5.34 51.94
C SER C 357 -37.64 5.85 52.84
N PRO C 358 -38.77 6.30 52.28
CA PRO C 358 -39.84 6.84 53.14
C PRO C 358 -40.38 5.85 54.16
N SER C 359 -40.14 4.55 53.99
CA SER C 359 -40.60 3.56 54.95
C SER C 359 -39.76 3.53 56.22
N ASP C 360 -38.54 4.07 56.18
CA ASP C 360 -37.62 4.03 57.30
C ASP C 360 -37.49 5.37 58.04
N VAL C 361 -38.24 6.39 57.63
CA VAL C 361 -38.11 7.71 58.25
C VAL C 361 -39.48 8.24 58.66
N PRO C 362 -39.90 8.01 59.90
CA PRO C 362 -41.26 8.38 60.31
C PRO C 362 -41.50 9.89 60.27
N GLY C 363 -42.54 10.28 59.54
CA GLY C 363 -42.96 11.66 59.48
C GLY C 363 -42.15 12.56 58.55
N LEU C 364 -41.06 12.05 57.97
CA LEU C 364 -40.24 12.89 57.11
C LEU C 364 -40.98 13.24 55.83
N TYR C 365 -41.72 12.29 55.26
CA TYR C 365 -42.44 12.56 54.01
C TYR C 365 -43.52 13.61 54.21
N ASP C 366 -44.34 13.45 55.26
CA ASP C 366 -45.43 14.39 55.49
C ASP C 366 -44.91 15.78 55.82
N ALA C 367 -43.84 15.87 56.61
CA ALA C 367 -43.27 17.16 56.96
C ALA C 367 -42.66 17.85 55.74
N PHE C 368 -42.16 17.07 54.79
CA PHE C 368 -41.49 17.62 53.60
C PHE C 368 -42.37 18.63 52.86
N PHE C 369 -43.69 18.50 52.97
CA PHE C 369 -44.62 19.42 52.31
C PHE C 369 -45.26 20.41 53.26
N ALA C 370 -45.72 19.95 54.42
CA ALA C 370 -46.56 20.76 55.29
C ALA C 370 -45.76 21.66 56.22
N ASP C 371 -44.68 21.15 56.81
CA ASP C 371 -43.98 21.83 57.90
C ASP C 371 -42.48 21.87 57.59
N GLN C 372 -41.97 23.04 57.24
CA GLN C 372 -40.57 23.17 56.85
C GLN C 372 -39.63 23.05 58.04
N GLU C 373 -40.02 23.58 59.20
CA GLU C 373 -39.17 23.45 60.38
C GLU C 373 -39.14 22.02 60.89
N GLU C 374 -40.29 21.34 60.92
CA GLU C 374 -40.34 19.96 61.38
C GLU C 374 -39.51 19.05 60.47
N PHE C 375 -39.46 19.34 59.18
CA PHE C 375 -38.65 18.56 58.26
C PHE C 375 -37.16 18.67 58.61
N GLU C 376 -36.69 19.90 58.84
CA GLU C 376 -35.28 20.09 59.17
C GLU C 376 -34.93 19.39 60.48
N ARG C 377 -35.85 19.38 61.44
CA ARG C 377 -35.62 18.67 62.70
C ARG C 377 -35.50 17.16 62.47
N LEU C 378 -36.48 16.58 61.78
CA LEU C 378 -36.47 15.14 61.52
C LEU C 378 -35.33 14.74 60.61
N TYR C 379 -35.02 15.56 59.60
CA TYR C 379 -34.00 15.20 58.61
C TYR C 379 -32.64 15.03 59.26
N THR C 380 -32.19 16.02 60.03
CA THR C 380 -30.88 15.93 60.66
C THR C 380 -30.83 14.81 61.69
N LYS C 381 -31.94 14.54 62.38
CA LYS C 381 -31.96 13.45 63.35
C LYS C 381 -31.67 12.11 62.69
N TYR C 382 -32.32 11.85 61.55
CA TYR C 382 -32.15 10.58 60.86
C TYR C 382 -30.79 10.48 60.20
N GLU C 383 -30.12 11.61 59.95
CA GLU C 383 -28.75 11.58 59.44
C GLU C 383 -27.77 11.15 60.53
N LYS C 384 -28.07 11.42 61.79
CA LYS C 384 -27.22 10.96 62.90
C LYS C 384 -27.41 9.48 63.18
N ASP C 385 -28.63 8.96 62.99
CA ASP C 385 -28.93 7.58 63.33
C ASP C 385 -28.18 6.62 62.41
N ASP C 386 -27.38 5.73 63.00
CA ASP C 386 -26.60 4.75 62.25
C ASP C 386 -27.36 3.45 61.99
N SER C 387 -28.53 3.27 62.62
CA SER C 387 -29.37 2.11 62.37
C SER C 387 -30.30 2.30 61.18
N ILE C 388 -30.37 3.51 60.62
CA ILE C 388 -31.27 3.82 59.52
C ILE C 388 -30.53 3.66 58.20
N ARG C 389 -31.13 2.93 57.27
CA ARG C 389 -30.56 2.77 55.93
C ARG C 389 -30.51 4.11 55.22
N LYS C 390 -29.31 4.50 54.75
CA LYS C 390 -29.15 5.79 54.10
C LYS C 390 -28.03 5.72 53.08
N GLN C 391 -27.91 6.80 52.31
CA GLN C 391 -26.89 6.91 51.27
C GLN C 391 -26.54 8.37 51.10
N ARG C 392 -25.26 8.69 51.15
CA ARG C 392 -24.81 10.08 51.07
C ARG C 392 -24.31 10.43 49.68
N VAL C 393 -24.72 11.59 49.19
CA VAL C 393 -24.37 12.08 47.88
C VAL C 393 -24.02 13.56 48.00
N LYS C 394 -23.00 13.99 47.26
CA LYS C 394 -22.66 15.40 47.20
C LYS C 394 -23.84 16.18 46.61
N ALA C 395 -24.26 17.24 47.33
CA ALA C 395 -25.38 18.04 46.86
C ALA C 395 -25.11 18.60 45.47
N VAL C 396 -23.86 18.94 45.18
CA VAL C 396 -23.50 19.45 43.85
C VAL C 396 -23.71 18.38 42.79
N GLU C 397 -23.33 17.14 43.08
CA GLU C 397 -23.45 16.07 42.09
C GLU C 397 -24.91 15.70 41.86
N LEU C 398 -25.73 15.73 42.90
CA LEU C 398 -27.13 15.34 42.76
C LEU C 398 -27.89 16.37 41.93
N PHE C 399 -27.68 17.66 42.18
CA PHE C 399 -28.32 18.69 41.38
C PHE C 399 -27.82 18.68 39.95
N SER C 400 -26.53 18.39 39.75
CA SER C 400 -25.99 18.33 38.39
C SER C 400 -26.60 17.20 37.59
N LEU C 401 -26.77 16.04 38.20
CA LEU C 401 -27.41 14.91 37.51
C LEU C 401 -28.84 15.28 37.10
N MET C 402 -29.57 15.97 37.97
CA MET C 402 -30.95 16.34 37.68
C MET C 402 -31.02 17.33 36.51
N MET C 403 -30.23 18.40 36.58
CA MET C 403 -30.26 19.39 35.51
C MET C 403 -29.69 18.84 34.20
N GLN C 404 -28.75 17.91 34.29
CA GLN C 404 -28.22 17.27 33.08
C GLN C 404 -29.31 16.48 32.37
N GLU C 405 -30.12 15.72 33.13
CA GLU C 405 -31.24 15.00 32.54
C GLU C 405 -32.37 15.95 32.17
N ARG C 406 -32.51 17.07 32.89
CA ARG C 406 -33.50 18.06 32.50
C ARG C 406 -33.13 18.70 31.17
N ALA C 407 -31.84 18.94 30.94
CA ALA C 407 -31.42 19.61 29.72
C ALA C 407 -31.45 18.68 28.51
N SER C 408 -31.13 17.40 28.71
CA SER C 408 -31.13 16.48 27.58
C SER C 408 -32.54 16.18 27.09
N THR C 409 -33.44 15.82 28.01
CA THR C 409 -34.78 15.38 27.64
C THR C 409 -35.79 16.54 27.60
N GLY C 410 -35.59 17.57 28.42
CA GLY C 410 -36.55 18.65 28.53
C GLY C 410 -37.77 18.33 29.36
N ARG C 411 -37.85 17.14 29.94
CA ARG C 411 -39.06 16.67 30.60
C ARG C 411 -38.84 16.30 32.06
N ILE C 412 -37.75 16.73 32.66
CA ILE C 412 -37.51 16.55 34.09
C ILE C 412 -37.84 17.86 34.78
N TYR C 413 -38.96 17.89 35.49
CA TYR C 413 -39.53 19.11 36.05
C TYR C 413 -39.15 19.27 37.51
N ILE C 414 -39.32 20.49 38.02
CA ILE C 414 -39.00 20.84 39.39
C ILE C 414 -40.26 21.40 40.05
N GLN C 415 -40.56 20.93 41.26
CA GLN C 415 -41.62 21.49 42.08
C GLN C 415 -41.04 21.89 43.42
N ASN C 416 -41.16 23.17 43.77
CA ASN C 416 -40.71 23.68 45.06
C ASN C 416 -41.84 23.52 46.06
N VAL C 417 -41.80 22.43 46.83
CA VAL C 417 -42.93 22.07 47.68
C VAL C 417 -43.13 23.07 48.81
N ASP C 418 -42.06 23.73 49.27
CA ASP C 418 -42.21 24.72 50.32
C ASP C 418 -42.93 25.96 49.81
N HIS C 419 -42.60 26.42 48.60
CA HIS C 419 -43.35 27.52 47.99
C HIS C 419 -44.80 27.13 47.73
N CYS C 420 -45.04 25.87 47.38
CA CYS C 420 -46.39 25.41 47.06
C CYS C 420 -47.33 25.37 48.25
N ASN C 421 -46.82 25.49 49.48
CA ASN C 421 -47.69 25.42 50.66
C ASN C 421 -47.68 26.69 51.50
N THR C 422 -46.59 27.46 51.49
CA THR C 422 -46.57 28.74 52.19
C THR C 422 -47.33 29.82 51.41
N HIS C 423 -47.43 29.66 50.09
CA HIS C 423 -48.14 30.61 49.24
C HIS C 423 -49.22 29.86 48.45
N SER C 424 -50.17 29.27 49.17
CA SER C 424 -51.22 28.47 48.56
C SER C 424 -52.55 28.86 49.17
N PRO C 425 -53.67 28.58 48.48
CA PRO C 425 -54.99 28.76 49.08
C PRO C 425 -55.39 27.67 50.06
N PHE C 426 -54.48 26.79 50.47
CA PHE C 426 -54.81 25.68 51.35
C PHE C 426 -53.94 25.72 52.61
N ASP C 427 -54.51 25.23 53.70
CA ASP C 427 -53.79 25.13 54.96
C ASP C 427 -52.97 23.85 54.97
N PRO C 428 -51.63 23.91 55.02
CA PRO C 428 -50.83 22.68 54.94
C PRO C 428 -51.10 21.70 56.07
N ALA C 429 -51.64 22.14 57.20
CA ALA C 429 -51.93 21.23 58.30
C ALA C 429 -53.15 20.35 58.01
N ILE C 430 -54.08 20.85 57.21
CA ILE C 430 -55.34 20.14 56.92
C ILE C 430 -55.29 19.47 55.55
N ALA C 431 -54.91 20.22 54.52
CA ALA C 431 -54.92 19.72 53.14
C ALA C 431 -53.69 20.23 52.41
N PRO C 432 -52.53 19.63 52.66
CA PRO C 432 -51.31 20.07 51.98
C PRO C 432 -51.33 19.68 50.51
N VAL C 433 -50.51 20.39 49.74
CA VAL C 433 -50.29 20.09 48.32
C VAL C 433 -49.02 19.26 48.23
N ARG C 434 -49.14 18.04 47.71
CA ARG C 434 -48.02 17.10 47.66
C ARG C 434 -47.59 16.73 46.25
N GLN C 435 -48.17 17.33 45.22
CA GLN C 435 -47.83 16.97 43.85
C GLN C 435 -48.34 18.06 42.91
N SER C 436 -48.19 17.82 41.61
CA SER C 436 -48.71 18.69 40.58
C SER C 436 -49.33 17.81 39.49
N ASN C 437 -49.59 18.40 38.33
CA ASN C 437 -50.25 17.71 37.23
C ASN C 437 -49.28 17.45 36.08
N LEU C 438 -49.82 17.23 34.89
CA LEU C 438 -49.01 16.92 33.72
C LEU C 438 -48.13 18.09 33.31
N CYS C 439 -48.66 19.31 33.32
CA CYS C 439 -47.94 20.48 32.84
C CYS C 439 -47.55 21.44 33.95
N LEU C 440 -47.63 21.00 35.21
CA LEU C 440 -47.03 21.68 36.35
C LEU C 440 -47.66 23.04 36.63
N GLU C 441 -48.94 23.22 36.30
CA GLU C 441 -49.65 24.43 36.66
C GLU C 441 -50.73 24.20 37.71
N ILE C 442 -51.07 22.96 38.01
CA ILE C 442 -52.10 22.62 38.98
C ILE C 442 -51.42 22.14 40.26
N ALA C 443 -51.85 22.71 41.39
CA ALA C 443 -51.32 22.33 42.71
C ALA C 443 -52.50 22.21 43.66
N LEU C 444 -52.95 20.98 43.92
CA LEU C 444 -54.15 20.71 44.69
C LEU C 444 -53.91 19.61 45.71
N PRO C 445 -54.70 19.58 46.79
CA PRO C 445 -54.53 18.53 47.79
C PRO C 445 -55.01 17.17 47.30
N THR C 446 -54.34 16.13 47.78
CA THR C 446 -54.67 14.75 47.44
C THR C 446 -54.50 13.86 48.66
N LYS C 447 -55.23 12.74 48.68
CA LYS C 447 -55.07 11.72 49.71
C LYS C 447 -55.06 10.35 49.05
N PRO C 448 -54.11 9.48 49.42
CA PRO C 448 -54.02 8.18 48.75
C PRO C 448 -55.25 7.32 48.97
N LEU C 449 -55.48 6.40 48.03
CA LEU C 449 -56.62 5.49 48.03
C LEU C 449 -56.19 4.11 48.50
N ASN C 450 -57.12 3.40 49.15
CA ASN C 450 -56.92 2.00 49.49
C ASN C 450 -57.73 1.06 48.59
N ASP C 451 -58.51 1.61 47.66
CA ASP C 451 -59.29 0.85 46.70
C ASP C 451 -59.83 1.84 45.67
N VAL C 452 -60.20 1.32 44.49
CA VAL C 452 -60.76 2.17 43.44
C VAL C 452 -61.99 2.91 43.93
N ASN C 453 -62.77 2.30 44.81
CA ASN C 453 -64.00 2.90 45.33
C ASN C 453 -63.84 3.38 46.77
N ASP C 454 -62.60 3.62 47.20
CA ASP C 454 -62.36 4.12 48.54
C ASP C 454 -63.00 5.50 48.71
N GLU C 455 -63.87 5.62 49.71
CA GLU C 455 -64.51 6.90 50.00
C GLU C 455 -63.59 7.86 50.73
N ASN C 456 -62.51 7.35 51.32
CA ASN C 456 -61.61 8.20 52.12
C ASN C 456 -60.56 8.90 51.26
N GLY C 457 -60.10 8.25 50.18
CA GLY C 457 -59.13 8.87 49.33
C GLY C 457 -59.68 10.08 48.61
N GLU C 458 -58.77 10.96 48.18
CA GLU C 458 -59.14 12.17 47.46
C GLU C 458 -58.29 12.29 46.21
N ILE C 459 -58.95 12.31 45.05
CA ILE C 459 -58.33 12.61 43.77
C ILE C 459 -58.76 14.00 43.35
N ALA C 460 -57.80 14.84 43.00
CA ALA C 460 -58.09 16.23 42.68
C ALA C 460 -58.37 16.39 41.19
N LEU C 461 -59.53 16.94 40.86
CA LEU C 461 -59.85 17.32 39.49
C LEU C 461 -59.77 18.84 39.37
N CYS C 462 -59.43 19.29 38.16
CA CYS C 462 -59.43 20.72 37.89
C CYS C 462 -59.94 20.99 36.48
N THR C 463 -60.91 21.89 36.38
CA THR C 463 -61.48 22.34 35.12
C THR C 463 -60.86 23.67 34.73
N LEU C 464 -60.62 23.86 33.43
CA LEU C 464 -59.80 24.97 32.95
C LEU C 464 -60.60 25.90 32.04
N SER C 465 -60.02 27.07 31.81
CA SER C 465 -60.46 28.06 30.82
C SER C 465 -59.39 29.16 30.81
N ALA C 466 -59.57 30.13 29.92
CA ALA C 466 -58.54 31.16 29.76
C ALA C 466 -59.17 32.48 29.33
N PHE C 467 -58.58 33.57 29.81
CA PHE C 467 -58.91 34.92 29.37
C PHE C 467 -58.01 35.33 28.21
N ASN C 468 -58.61 35.84 27.14
CA ASN C 468 -57.84 36.33 26.00
C ASN C 468 -57.43 37.78 26.28
N LEU C 469 -56.18 37.96 26.70
CA LEU C 469 -55.69 39.30 27.00
C LEU C 469 -55.60 40.18 25.76
N GLY C 470 -55.59 39.60 24.57
CA GLY C 470 -55.58 40.37 23.34
C GLY C 470 -56.93 40.83 22.86
N ALA C 471 -58.02 40.41 23.51
CA ALA C 471 -59.37 40.77 23.12
C ALA C 471 -59.99 41.84 24.02
N ILE C 472 -59.33 42.20 25.11
CA ILE C 472 -59.83 43.21 26.04
C ILE C 472 -59.17 44.55 25.73
N ASN C 473 -59.94 45.63 25.88
CA ASN C 473 -59.41 46.98 25.75
C ASN C 473 -59.22 47.67 27.10
N ASN C 474 -59.87 47.17 28.14
CA ASN C 474 -59.75 47.72 29.48
C ASN C 474 -59.72 46.57 30.47
N LEU C 475 -58.91 46.71 31.53
CA LEU C 475 -58.79 45.66 32.53
C LEU C 475 -60.10 45.43 33.29
N ASP C 476 -61.00 46.42 33.32
CA ASP C 476 -62.27 46.26 34.01
C ASP C 476 -63.28 45.43 33.21
N GLU C 477 -62.99 45.14 31.94
CA GLU C 477 -63.80 44.18 31.19
C GLU C 477 -63.67 42.77 31.76
N LEU C 478 -62.60 42.52 32.51
CA LEU C 478 -62.38 41.18 33.08
C LEU C 478 -63.41 40.84 34.14
N GLU C 479 -63.94 41.84 34.84
CA GLU C 479 -64.96 41.59 35.85
C GLU C 479 -66.14 40.84 35.27
N GLU C 480 -66.63 41.31 34.13
CA GLU C 480 -67.79 40.69 33.52
C GLU C 480 -67.42 39.31 32.97
N LEU C 481 -66.23 39.18 32.37
CA LEU C 481 -65.81 37.91 31.81
C LEU C 481 -65.54 36.89 32.91
N ALA C 482 -65.02 37.34 34.06
CA ALA C 482 -64.78 36.42 35.18
C ALA C 482 -66.09 35.83 35.69
N ILE C 483 -67.14 36.65 35.76
CA ILE C 483 -68.46 36.15 36.14
C ILE C 483 -68.91 35.06 35.18
N LEU C 484 -68.81 35.35 33.87
CA LEU C 484 -69.29 34.41 32.86
C LEU C 484 -68.47 33.11 32.87
N ALA C 485 -67.16 33.22 33.02
CA ALA C 485 -66.30 32.04 32.97
C ALA C 485 -66.45 31.17 34.22
N VAL C 486 -66.45 31.79 35.41
CA VAL C 486 -66.54 31.04 36.65
C VAL C 486 -67.89 30.34 36.76
N ARG C 487 -68.97 31.03 36.41
CA ARG C 487 -70.30 30.42 36.46
C ARG C 487 -70.37 29.21 35.55
N ALA C 488 -69.72 29.28 34.38
CA ALA C 488 -69.77 28.17 33.43
C ALA C 488 -69.02 26.96 33.95
N LEU C 489 -67.80 27.17 34.46
CA LEU C 489 -67.01 26.05 34.96
C LEU C 489 -67.57 25.49 36.26
N ASP C 490 -68.18 26.33 37.09
CA ASP C 490 -68.75 25.84 38.35
C ASP C 490 -70.01 25.04 38.09
N ALA C 491 -70.85 25.50 37.17
CA ALA C 491 -72.01 24.71 36.77
C ALA C 491 -71.59 23.43 36.07
N LEU C 492 -70.40 23.43 35.46
CA LEU C 492 -69.89 22.25 34.80
C LEU C 492 -69.59 21.12 35.77
N LEU C 493 -69.18 21.45 37.00
CA LEU C 493 -68.83 20.42 37.97
C LEU C 493 -70.03 19.55 38.33
N ASP C 494 -71.21 20.16 38.45
CA ASP C 494 -72.42 19.41 38.75
C ASP C 494 -72.98 18.70 37.53
N TYR C 495 -72.65 19.18 36.33
CA TYR C 495 -73.23 18.64 35.10
C TYR C 495 -72.58 17.32 34.69
N GLN C 496 -71.28 17.17 34.93
CA GLN C 496 -70.51 16.04 34.44
C GLN C 496 -70.59 14.85 35.40
N ASP C 497 -70.12 13.70 34.93
CA ASP C 497 -70.08 12.47 35.70
C ASP C 497 -68.67 12.23 36.24
N TYR C 498 -68.57 11.29 37.18
CA TYR C 498 -67.31 11.00 37.85
C TYR C 498 -67.10 9.50 37.92
N PRO C 499 -66.20 8.94 37.11
CA PRO C 499 -66.00 7.48 37.11
C PRO C 499 -65.36 6.94 38.38
N ILE C 500 -64.66 7.76 39.15
CA ILE C 500 -63.95 7.33 40.34
C ILE C 500 -64.58 8.03 41.55
N PRO C 501 -65.04 7.29 42.56
CA PRO C 501 -65.65 7.94 43.74
C PRO C 501 -64.74 8.94 44.42
N ALA C 502 -63.44 8.65 44.54
CA ALA C 502 -62.53 9.58 45.20
C ALA C 502 -62.39 10.88 44.43
N ALA C 503 -62.57 10.85 43.11
CA ALA C 503 -62.47 12.07 42.31
C ALA C 503 -63.68 12.96 42.50
N LYS C 504 -64.88 12.37 42.58
CA LYS C 504 -66.08 13.16 42.88
C LYS C 504 -65.99 13.76 44.27
N ARG C 505 -65.35 13.07 45.21
CA ARG C 505 -65.17 13.59 46.56
C ARG C 505 -64.41 14.91 46.53
N GLY C 506 -63.27 14.94 45.84
CA GLY C 506 -62.49 16.17 45.77
C GLY C 506 -63.17 17.26 44.97
N ALA C 507 -63.79 16.90 43.85
CA ALA C 507 -64.40 17.91 42.98
C ALA C 507 -65.56 18.60 43.68
N MET C 508 -66.51 17.83 44.22
CA MET C 508 -67.64 18.44 44.90
C MET C 508 -67.23 19.10 46.21
N GLY C 509 -66.16 18.59 46.84
CA GLY C 509 -65.75 19.15 48.11
C GLY C 509 -65.07 20.50 47.97
N ARG C 510 -64.11 20.60 47.06
CA ARG C 510 -63.33 21.83 46.92
C ARG C 510 -63.75 22.69 45.73
N ARG C 511 -64.33 22.09 44.69
CA ARG C 511 -64.79 22.81 43.51
C ARG C 511 -63.68 23.66 42.91
N THR C 512 -62.53 23.03 42.69
CA THR C 512 -61.32 23.73 42.28
C THR C 512 -61.36 24.06 40.79
N LEU C 513 -61.07 25.33 40.47
CA LEU C 513 -61.01 25.81 39.10
C LEU C 513 -59.60 26.27 38.75
N GLY C 514 -59.30 26.26 37.45
CA GLY C 514 -58.03 26.76 36.95
C GLY C 514 -58.17 27.60 35.70
N ILE C 515 -58.29 28.92 35.86
CA ILE C 515 -58.45 29.86 34.75
C ILE C 515 -57.15 30.60 34.56
N GLY C 516 -56.62 30.56 33.33
CA GLY C 516 -55.37 31.22 33.02
C GLY C 516 -55.53 32.30 31.96
N VAL C 517 -54.46 32.56 31.21
CA VAL C 517 -54.48 33.61 30.20
C VAL C 517 -53.88 33.07 28.90
N ILE C 518 -54.28 33.71 27.80
CA ILE C 518 -53.65 33.51 26.50
C ILE C 518 -53.35 34.88 25.90
N ASN C 519 -52.56 34.88 24.82
CA ASN C 519 -52.21 36.10 24.10
C ASN C 519 -51.46 37.09 24.98
N PHE C 520 -50.64 36.59 25.91
CA PHE C 520 -49.91 37.50 26.80
C PHE C 520 -48.79 38.22 26.04
N ALA C 521 -48.12 37.53 25.12
CA ALA C 521 -47.08 38.16 24.33
C ALA C 521 -47.66 39.24 23.42
N TYR C 522 -48.80 38.96 22.79
CA TYR C 522 -49.50 39.98 22.01
C TYR C 522 -49.97 41.12 22.90
N TYR C 523 -50.35 40.81 24.15
CA TYR C 523 -50.74 41.84 25.10
C TYR C 523 -49.59 42.77 25.41
N LEU C 524 -48.39 42.22 25.64
CA LEU C 524 -47.21 43.04 25.88
C LEU C 524 -46.82 43.85 24.65
N ALA C 525 -47.03 43.28 23.45
CA ALA C 525 -46.69 43.99 22.23
C ALA C 525 -47.58 45.21 22.03
N LYS C 526 -48.86 45.08 22.38
CA LYS C 526 -49.78 46.22 22.25
C LYS C 526 -49.39 47.36 23.19
N HIS C 527 -48.76 47.04 24.32
CA HIS C 527 -48.31 48.03 25.29
C HIS C 527 -46.84 48.40 25.12
N GLY C 528 -46.18 47.89 24.10
CA GLY C 528 -44.77 48.21 23.87
C GLY C 528 -43.84 47.75 24.98
N LYS C 529 -44.08 46.56 25.52
CA LYS C 529 -43.25 45.98 26.57
C LYS C 529 -42.55 44.73 26.06
N ARG C 530 -41.56 44.27 26.83
CA ARG C 530 -40.76 43.13 26.46
C ARG C 530 -40.56 42.22 27.67
N TYR C 531 -40.21 40.96 27.40
CA TYR C 531 -40.01 39.99 28.48
C TYR C 531 -38.70 40.23 29.21
N SER C 532 -37.62 40.49 28.47
CA SER C 532 -36.28 40.35 29.01
C SER C 532 -35.82 41.57 29.80
N ASP C 533 -36.17 42.77 29.35
CA ASP C 533 -35.61 43.99 29.93
C ASP C 533 -36.30 44.43 31.21
N GLY C 534 -37.34 43.73 31.65
CA GLY C 534 -38.05 44.13 32.85
C GLY C 534 -38.98 45.31 32.68
N SER C 535 -39.28 45.72 31.45
CA SER C 535 -40.19 46.82 31.20
C SER C 535 -41.65 46.46 31.41
N ALA C 536 -41.96 45.16 31.55
CA ALA C 536 -43.32 44.70 31.74
C ALA C 536 -43.60 44.30 33.19
N ASN C 537 -42.64 44.47 34.10
CA ASN C 537 -42.85 44.06 35.48
C ASN C 537 -44.06 44.75 36.10
N ASN C 538 -44.11 46.08 36.03
CA ASN C 538 -45.23 46.81 36.62
C ASN C 538 -46.53 46.52 35.89
N LEU C 539 -46.47 46.38 34.56
CA LEU C 539 -47.68 46.07 33.81
C LEU C 539 -48.19 44.68 34.15
N THR C 540 -47.29 43.71 34.31
CA THR C 540 -47.68 42.36 34.69
C THR C 540 -48.32 42.36 36.09
N HIS C 541 -47.76 43.13 37.01
CA HIS C 541 -48.33 43.23 38.35
C HIS C 541 -49.75 43.81 38.29
N LYS C 542 -49.93 44.89 37.53
CA LYS C 542 -51.24 45.49 37.38
C LYS C 542 -52.21 44.55 36.67
N THR C 543 -51.72 43.79 35.69
CA THR C 543 -52.60 42.95 34.89
C THR C 543 -53.14 41.77 35.68
N PHE C 544 -52.25 41.05 36.37
CA PHE C 544 -52.67 39.85 37.08
C PHE C 544 -53.31 40.14 38.43
N GLU C 545 -53.16 41.36 38.96
CA GLU C 545 -53.99 41.74 40.10
C GLU C 545 -55.45 41.83 39.69
N ALA C 546 -55.73 42.45 38.54
CA ALA C 546 -57.11 42.54 38.06
C ALA C 546 -57.69 41.15 37.78
N ILE C 547 -56.87 40.26 37.21
CA ILE C 547 -57.33 38.90 36.91
C ILE C 547 -57.74 38.18 38.19
N GLN C 548 -56.85 38.20 39.20
CA GLN C 548 -57.15 37.50 40.44
C GLN C 548 -58.28 38.17 41.22
N TYR C 549 -58.27 39.51 41.28
CA TYR C 549 -59.31 40.22 42.02
C TYR C 549 -60.69 39.93 41.44
N TYR C 550 -60.83 40.05 40.12
CA TYR C 550 -62.14 39.84 39.50
C TYR C 550 -62.54 38.37 39.49
N LEU C 551 -61.57 37.46 39.54
CA LEU C 551 -61.89 36.05 39.73
C LEU C 551 -62.44 35.80 41.13
N LEU C 552 -61.73 36.28 42.16
CA LEU C 552 -62.20 36.12 43.53
C LEU C 552 -63.55 36.78 43.74
N LYS C 553 -63.73 37.99 43.19
CA LYS C 553 -65.01 38.68 43.32
C LYS C 553 -66.14 37.89 42.67
N ALA C 554 -65.87 37.29 41.50
CA ALA C 554 -66.90 36.51 40.82
C ALA C 554 -67.26 35.26 41.61
N SER C 555 -66.25 34.58 42.16
CA SER C 555 -66.52 33.38 42.95
C SER C 555 -67.16 33.72 44.29
N ASN C 556 -66.90 34.92 44.81
CA ASN C 556 -67.53 35.34 46.06
C ASN C 556 -69.02 35.63 45.85
N GLU C 557 -69.37 36.32 44.76
CA GLU C 557 -70.77 36.55 44.45
C GLU C 557 -71.51 35.24 44.19
N LEU C 558 -70.84 34.27 43.58
CA LEU C 558 -71.47 32.97 43.34
C LEU C 558 -71.68 32.21 44.64
N ALA C 559 -70.83 32.43 45.64
CA ALA C 559 -71.03 31.79 46.93
C ALA C 559 -72.26 32.35 47.64
N LYS C 560 -72.53 33.64 47.48
CA LYS C 560 -73.75 34.22 48.05
C LYS C 560 -74.99 33.56 47.46
N GLU C 561 -74.93 33.18 46.18
CA GLU C 561 -76.11 32.68 45.49
C GLU C 561 -76.34 31.20 45.74
N GLN C 562 -75.27 30.40 45.79
CA GLN C 562 -75.40 28.94 45.89
C GLN C 562 -74.63 28.35 47.06
N GLY C 563 -74.06 29.18 47.93
CA GLY C 563 -73.33 28.67 49.09
C GLY C 563 -71.90 28.34 48.79
N ALA C 564 -71.00 28.55 49.75
CA ALA C 564 -69.59 28.22 49.55
C ALA C 564 -69.40 26.71 49.38
N CYS C 565 -68.22 26.33 48.89
CA CYS C 565 -67.91 24.92 48.69
C CYS C 565 -67.83 24.20 50.03
N PRO C 566 -68.23 22.92 50.06
CA PRO C 566 -68.29 22.18 51.35
C PRO C 566 -67.00 22.21 52.15
N TRP C 567 -65.84 22.11 51.51
CA TRP C 567 -64.56 22.06 52.20
C TRP C 567 -63.85 23.41 52.20
N PHE C 568 -64.63 24.50 52.14
CA PHE C 568 -64.04 25.85 52.16
C PHE C 568 -63.29 26.10 53.46
N ASN C 569 -63.68 25.44 54.55
CA ASN C 569 -63.02 25.63 55.84
C ASN C 569 -61.56 25.19 55.81
N GLU C 570 -61.17 24.39 54.81
CA GLU C 570 -59.80 23.90 54.70
C GLU C 570 -58.89 24.86 53.93
N THR C 571 -59.42 25.97 53.44
CA THR C 571 -58.62 26.93 52.69
C THR C 571 -58.05 28.00 53.62
N THR C 572 -56.95 28.61 53.19
CA THR C 572 -56.45 29.79 53.88
C THR C 572 -57.33 30.99 53.63
N TYR C 573 -58.16 30.96 52.59
CA TYR C 573 -59.16 32.00 52.39
C TYR C 573 -60.16 32.05 53.53
N ALA C 574 -60.51 30.89 54.10
CA ALA C 574 -61.46 30.87 55.20
C ALA C 574 -60.89 31.55 56.45
N LYS C 575 -59.58 31.43 56.68
CA LYS C 575 -58.93 32.13 57.78
C LYS C 575 -58.65 33.59 57.47
N GLY C 576 -59.13 34.09 56.32
CA GLY C 576 -58.92 35.48 55.96
C GLY C 576 -57.56 35.82 55.41
N ILE C 577 -56.88 34.88 54.75
CA ILE C 577 -55.56 35.11 54.18
C ILE C 577 -55.68 35.13 52.67
N LEU C 578 -55.16 36.19 52.05
CA LEU C 578 -55.18 36.41 50.60
C LEU C 578 -53.81 36.14 50.00
N PRO C 579 -53.73 35.92 48.68
CA PRO C 579 -52.41 35.73 48.06
C PRO C 579 -51.48 36.92 48.24
N ILE C 580 -52.03 38.12 48.40
CA ILE C 580 -51.20 39.32 48.55
C ILE C 580 -50.55 39.40 49.92
N ASP C 581 -50.81 38.44 50.81
CA ASP C 581 -50.21 38.40 52.14
C ASP C 581 -49.08 37.40 52.26
N THR C 582 -49.15 36.27 51.56
CA THR C 582 -48.20 35.17 51.72
C THR C 582 -47.21 35.06 50.57
N TYR C 583 -47.20 36.02 49.64
CA TYR C 583 -46.28 35.94 48.51
C TYR C 583 -44.85 36.17 48.98
N LYS C 584 -43.90 35.67 48.17
CA LYS C 584 -42.49 35.78 48.53
C LYS C 584 -42.04 37.22 48.47
N LYS C 585 -41.45 37.71 49.56
CA LYS C 585 -41.19 39.14 49.73
C LYS C 585 -40.09 39.67 48.82
N ASP C 586 -39.35 38.80 48.15
CA ASP C 586 -38.32 39.28 47.21
C ASP C 586 -38.91 39.88 45.95
N LEU C 587 -40.21 39.73 45.71
CA LEU C 587 -40.85 40.34 44.55
C LEU C 587 -40.93 41.85 44.66
N ASP C 588 -40.79 42.41 45.87
CA ASP C 588 -40.87 43.86 46.04
C ASP C 588 -39.67 44.58 45.42
N THR C 589 -38.59 43.87 45.10
CA THR C 589 -37.41 44.47 44.50
C THR C 589 -37.47 44.53 42.99
N ILE C 590 -38.51 43.97 42.37
CA ILE C 590 -38.65 43.96 40.92
C ILE C 590 -39.97 44.53 40.44
N ALA C 591 -40.83 45.00 41.34
CA ALA C 591 -42.08 45.63 40.95
C ALA C 591 -42.55 46.53 42.10
N ASN C 592 -42.88 47.78 41.77
CA ASN C 592 -43.37 48.73 42.75
C ASN C 592 -44.78 49.22 42.43
N GLU C 593 -45.51 48.49 41.59
CA GLU C 593 -46.85 48.90 41.22
C GLU C 593 -47.79 48.77 42.42
N PRO C 594 -48.51 49.82 42.78
CA PRO C 594 -49.44 49.74 43.91
C PRO C 594 -50.74 49.04 43.52
N LEU C 595 -51.39 48.46 44.53
CA LEU C 595 -52.67 47.79 44.32
C LEU C 595 -53.74 48.81 43.91
N HIS C 596 -54.46 48.50 42.84
CA HIS C 596 -55.47 49.40 42.31
C HIS C 596 -56.88 49.03 42.71
N TYR C 597 -57.09 47.85 43.30
CA TYR C 597 -58.42 47.39 43.67
C TYR C 597 -58.52 47.24 45.18
N ASP C 598 -59.75 47.27 45.68
CA ASP C 598 -60.02 47.25 47.12
C ASP C 598 -59.98 45.82 47.62
N TRP C 599 -58.77 45.37 47.99
CA TRP C 599 -58.60 44.02 48.52
C TRP C 599 -59.14 43.89 49.94
N GLU C 600 -59.13 44.98 50.71
CA GLU C 600 -59.63 44.88 52.09
C GLU C 600 -61.14 44.72 52.11
N ALA C 601 -61.86 45.38 51.20
CA ALA C 601 -63.30 45.14 51.09
C ALA C 601 -63.58 43.73 50.62
N LEU C 602 -62.74 43.19 49.73
CA LEU C 602 -62.89 41.82 49.27
C LEU C 602 -62.56 40.82 50.38
N ARG C 603 -61.51 41.08 51.15
CA ARG C 603 -61.15 40.19 52.24
C ARG C 603 -62.28 40.04 53.24
N GLU C 604 -62.93 41.16 53.59
CA GLU C 604 -64.07 41.10 54.51
C GLU C 604 -65.24 40.34 53.88
N SER C 605 -65.48 40.55 52.59
CA SER C 605 -66.56 39.84 51.90
C SER C 605 -66.30 38.34 51.83
N ILE C 606 -65.03 37.93 51.71
CA ILE C 606 -64.72 36.51 51.68
C ILE C 606 -64.89 35.89 53.05
N LYS C 607 -64.47 36.60 54.10
CA LYS C 607 -64.71 36.15 55.47
C LYS C 607 -66.20 35.93 55.71
N THR C 608 -67.04 36.81 55.16
CA THR C 608 -68.47 36.76 55.41
C THR C 608 -69.15 35.65 54.60
N HIS C 609 -68.98 35.67 53.27
CA HIS C 609 -69.69 34.76 52.38
C HIS C 609 -68.86 33.62 51.83
N GLY C 610 -67.54 33.69 51.92
CA GLY C 610 -66.70 32.62 51.42
C GLY C 610 -66.56 32.65 49.90
N LEU C 611 -65.98 31.57 49.39
CA LEU C 611 -65.77 31.39 47.95
C LEU C 611 -66.44 30.11 47.49
N ARG C 612 -67.06 30.18 46.31
CA ARG C 612 -67.65 29.00 45.69
C ARG C 612 -66.59 27.98 45.28
N ASN C 613 -65.36 28.42 45.05
CA ASN C 613 -64.29 27.57 44.55
C ASN C 613 -63.04 27.73 45.40
N SER C 614 -62.36 26.62 45.68
CA SER C 614 -61.15 26.67 46.51
C SER C 614 -59.98 27.28 45.76
N THR C 615 -59.88 27.03 44.45
CA THR C 615 -58.87 27.65 43.60
C THR C 615 -59.57 28.27 42.40
N LEU C 616 -58.88 29.22 41.76
CA LEU C 616 -59.47 29.92 40.63
C LEU C 616 -58.49 30.08 39.47
N SER C 617 -57.25 30.42 39.77
CA SER C 617 -56.28 30.82 38.76
C SER C 617 -55.17 29.78 38.63
N ALA C 618 -54.78 29.49 37.39
CA ALA C 618 -53.66 28.62 37.09
C ALA C 618 -53.28 28.84 35.63
N LEU C 619 -51.99 29.05 35.37
CA LEU C 619 -51.51 29.41 34.03
C LEU C 619 -51.03 28.16 33.31
N MET C 620 -51.94 27.57 32.53
CA MET C 620 -51.62 26.42 31.68
C MET C 620 -51.00 26.89 30.37
N PRO C 621 -50.32 26.01 29.65
CA PRO C 621 -49.73 26.43 28.37
C PRO C 621 -50.75 26.68 27.28
N SER C 622 -51.89 25.98 27.29
CA SER C 622 -52.92 26.10 26.25
C SER C 622 -52.31 25.92 24.87
N GLU C 623 -51.52 24.84 24.73
CA GLU C 623 -50.84 24.57 23.47
C GLU C 623 -51.82 24.50 22.30
N THR C 624 -52.95 23.83 22.50
CA THR C 624 -53.93 23.60 21.45
C THR C 624 -55.07 24.61 21.48
N SER C 625 -55.67 24.84 22.66
CA SER C 625 -56.90 25.64 22.73
C SER C 625 -56.65 27.10 22.34
N SER C 626 -55.44 27.62 22.58
CA SER C 626 -55.19 29.02 22.26
C SER C 626 -55.12 29.26 20.76
N GLN C 627 -54.92 28.20 19.97
CA GLN C 627 -54.87 28.34 18.52
C GLN C 627 -56.24 28.65 17.94
N ILE C 628 -57.32 28.42 18.70
CA ILE C 628 -58.66 28.71 18.21
C ILE C 628 -58.82 30.21 17.99
N SER C 629 -58.38 31.02 18.95
CA SER C 629 -58.41 32.46 18.83
C SER C 629 -57.17 33.02 18.13
N ASN C 630 -56.35 32.15 17.54
CA ASN C 630 -55.09 32.54 16.90
C ASN C 630 -54.22 33.35 17.86
N ALA C 631 -54.28 32.98 19.13
CA ALA C 631 -53.53 33.66 20.17
C ALA C 631 -52.15 33.03 20.35
N THR C 632 -51.24 33.81 20.93
CA THR C 632 -49.99 33.24 21.39
C THR C 632 -50.24 32.42 22.65
N ASN C 633 -49.73 31.20 22.67
CA ASN C 633 -50.12 30.26 23.72
C ASN C 633 -49.67 30.71 25.09
N GLY C 634 -50.63 30.80 26.02
CA GLY C 634 -50.34 31.09 27.41
C GLY C 634 -49.53 32.35 27.59
N ILE C 635 -48.47 32.25 28.40
CA ILE C 635 -47.58 33.38 28.66
C ILE C 635 -46.29 33.28 27.86
N GLU C 636 -46.19 32.29 26.97
CA GLU C 636 -44.95 32.03 26.26
C GLU C 636 -44.79 32.99 25.07
N PRO C 637 -43.59 33.49 24.85
CA PRO C 637 -43.31 34.26 23.64
C PRO C 637 -43.29 33.35 22.42
N PRO C 638 -43.81 33.81 21.29
CA PRO C 638 -43.85 32.94 20.09
C PRO C 638 -42.45 32.62 19.59
N ARG C 639 -42.32 31.44 19.00
CA ARG C 639 -41.02 31.02 18.48
C ARG C 639 -40.62 31.84 17.27
N GLY C 640 -41.58 32.31 16.48
CA GLY C 640 -41.30 33.18 15.36
C GLY C 640 -42.54 33.95 14.97
N TYR C 641 -42.36 34.92 14.07
CA TYR C 641 -43.50 35.64 13.54
C TYR C 641 -44.49 34.68 12.88
N VAL C 642 -43.96 33.65 12.22
CA VAL C 642 -44.74 32.52 11.74
C VAL C 642 -44.22 31.29 12.48
N SER C 643 -45.04 30.75 13.38
CA SER C 643 -44.66 29.59 14.17
C SER C 643 -45.17 28.32 13.52
N ILE C 644 -44.36 27.26 13.60
CA ILE C 644 -44.72 25.95 13.07
C ILE C 644 -45.21 25.08 14.22
N LYS C 645 -46.44 24.60 14.13
CA LYS C 645 -47.04 23.79 15.18
C LYS C 645 -47.54 22.47 14.60
N ALA C 646 -47.67 21.48 15.48
CA ALA C 646 -48.03 20.12 15.12
C ALA C 646 -49.53 19.93 15.08
N SER C 647 -49.97 18.92 14.33
CA SER C 647 -51.39 18.61 14.20
C SER C 647 -51.53 17.18 13.69
N LYS C 648 -52.79 16.73 13.58
CA LYS C 648 -53.06 15.39 13.08
C LYS C 648 -52.70 15.27 11.59
N ASP C 649 -53.14 16.24 10.78
CA ASP C 649 -52.83 16.21 9.36
C ASP C 649 -51.35 16.46 9.09
N GLY C 650 -50.69 17.23 9.94
CA GLY C 650 -49.28 17.51 9.75
C GLY C 650 -48.93 18.88 10.32
N ILE C 651 -48.11 19.62 9.57
CA ILE C 651 -47.58 20.89 10.06
C ILE C 651 -48.61 22.00 9.86
N LEU C 652 -48.61 22.93 10.81
CA LEU C 652 -49.47 24.11 10.76
C LEU C 652 -48.60 25.35 10.88
N ARG C 653 -48.88 26.34 10.03
CA ARG C 653 -48.19 27.62 10.07
C ARG C 653 -49.11 28.61 10.76
N GLN C 654 -48.64 29.22 11.85
CA GLN C 654 -49.43 30.16 12.63
C GLN C 654 -48.72 31.50 12.70
N VAL C 655 -49.43 32.56 12.30
CA VAL C 655 -48.92 33.92 12.33
C VAL C 655 -49.31 34.55 13.66
N VAL C 656 -48.41 35.35 14.22
CA VAL C 656 -48.69 36.10 15.45
C VAL C 656 -49.83 37.07 15.15
N PRO C 657 -50.70 37.36 16.11
CA PRO C 657 -51.80 38.30 15.84
C PRO C 657 -51.29 39.71 15.59
N ASP C 658 -51.87 40.37 14.57
CA ASP C 658 -51.56 41.76 14.22
C ASP C 658 -50.09 41.91 13.85
N TYR C 659 -49.61 41.05 12.95
CA TYR C 659 -48.20 41.05 12.58
C TYR C 659 -47.80 42.34 11.88
N GLU C 660 -48.64 42.86 10.98
CA GLU C 660 -48.24 43.99 10.17
C GLU C 660 -47.90 45.21 11.02
N HIS C 661 -48.67 45.47 12.06
CA HIS C 661 -48.47 46.66 12.88
C HIS C 661 -47.57 46.45 14.07
N LEU C 662 -47.34 45.20 14.49
CA LEU C 662 -46.64 44.93 15.74
C LEU C 662 -45.41 44.03 15.56
N HIS C 663 -44.91 43.89 14.32
CA HIS C 663 -43.77 43.01 14.11
C HIS C 663 -42.52 43.50 14.86
N ASP C 664 -42.39 44.82 15.06
CA ASP C 664 -41.27 45.34 15.84
C ASP C 664 -41.50 45.18 17.34
N ALA C 665 -42.76 45.17 17.77
CA ALA C 665 -43.06 45.14 19.20
C ALA C 665 -42.85 43.75 19.80
N TYR C 666 -43.07 42.69 19.04
CA TYR C 666 -42.89 41.35 19.56
C TYR C 666 -41.43 41.08 19.90
N GLU C 667 -41.23 40.29 20.95
CA GLU C 667 -39.92 39.76 21.32
C GLU C 667 -39.99 38.25 21.19
N LEU C 668 -39.38 37.72 20.14
CA LEU C 668 -39.44 36.28 19.89
C LEU C 668 -38.66 35.51 20.95
N LEU C 669 -38.95 34.21 21.02
CA LEU C 669 -38.39 33.35 22.07
C LEU C 669 -36.86 33.40 22.09
N TRP C 670 -36.23 33.28 20.93
CA TRP C 670 -34.77 33.19 20.86
C TRP C 670 -34.09 34.53 20.69
N GLU C 671 -34.82 35.64 20.79
CA GLU C 671 -34.23 36.96 20.80
C GLU C 671 -33.92 37.45 22.21
N MET C 672 -34.15 36.61 23.24
CA MET C 672 -33.98 37.00 24.64
C MET C 672 -32.56 36.68 25.11
N PRO C 673 -31.95 37.60 25.87
CA PRO C 673 -30.59 37.33 26.38
C PRO C 673 -30.53 36.14 27.31
N GLY C 674 -31.49 36.01 28.20
CA GLY C 674 -31.52 34.90 29.14
C GLY C 674 -32.92 34.66 29.65
N ASN C 675 -32.99 34.11 30.86
CA ASN C 675 -34.26 33.78 31.49
C ASN C 675 -34.63 34.73 32.62
N ASP C 676 -33.70 35.60 33.04
CA ASP C 676 -33.94 36.45 34.20
C ASP C 676 -35.15 37.35 34.01
N GLY C 677 -35.29 37.94 32.83
CA GLY C 677 -36.45 38.79 32.58
C GLY C 677 -37.75 38.01 32.59
N TYR C 678 -37.75 36.83 31.97
CA TYR C 678 -38.95 35.99 31.92
C TYR C 678 -39.30 35.43 33.30
N LEU C 679 -38.31 34.94 34.05
CA LEU C 679 -38.58 34.37 35.35
C LEU C 679 -39.10 35.41 36.33
N GLN C 680 -38.68 36.67 36.19
CA GLN C 680 -39.21 37.72 37.05
C GLN C 680 -40.70 37.97 36.80
N LEU C 681 -41.10 37.96 35.53
CA LEU C 681 -42.52 38.10 35.20
C LEU C 681 -43.32 36.93 35.75
N VAL C 682 -42.77 35.71 35.66
CA VAL C 682 -43.45 34.54 36.21
C VAL C 682 -43.60 34.68 37.72
N GLY C 683 -42.54 35.15 38.39
CA GLY C 683 -42.63 35.37 39.83
C GLY C 683 -43.70 36.39 40.19
N ILE C 684 -43.85 37.44 39.38
CA ILE C 684 -44.85 38.45 39.64
C ILE C 684 -46.26 37.88 39.50
N MET C 685 -46.49 37.11 38.43
CA MET C 685 -47.78 36.45 38.25
C MET C 685 -48.10 35.54 39.43
N GLN C 686 -47.10 34.79 39.90
CA GLN C 686 -47.32 33.82 40.98
C GLN C 686 -47.74 34.49 42.28
N LYS C 687 -47.50 35.79 42.43
CA LYS C 687 -47.96 36.51 43.60
C LYS C 687 -49.48 36.43 43.74
N PHE C 688 -50.19 36.43 42.61
CA PHE C 688 -51.65 36.41 42.61
C PHE C 688 -52.25 35.08 42.17
N ILE C 689 -51.50 34.24 41.46
CA ILE C 689 -52.04 32.97 40.98
C ILE C 689 -52.19 32.01 42.15
N ASP C 690 -53.37 31.41 42.28
CA ASP C 690 -53.63 30.44 43.34
C ASP C 690 -52.68 29.25 43.23
N GLN C 691 -52.69 28.58 42.08
CA GLN C 691 -51.90 27.37 41.89
C GLN C 691 -50.52 27.71 41.35
N SER C 692 -50.16 27.15 40.19
CA SER C 692 -48.82 27.37 39.65
C SER C 692 -48.85 27.82 38.20
N ILE C 693 -47.67 27.93 37.60
CA ILE C 693 -47.51 28.42 36.24
C ILE C 693 -46.64 27.44 35.45
N SER C 694 -47.01 27.20 34.19
CA SER C 694 -46.22 26.35 33.31
C SER C 694 -45.02 27.15 32.79
N ALA C 695 -44.12 27.45 33.71
CA ALA C 695 -42.96 28.29 33.41
C ALA C 695 -41.92 27.49 32.64
N ASN C 696 -41.43 28.07 31.55
CA ASN C 696 -40.41 27.46 30.70
C ASN C 696 -39.05 28.09 30.98
N THR C 697 -37.99 27.32 30.71
CA THR C 697 -36.64 27.84 30.67
C THR C 697 -36.07 27.55 29.28
N ASN C 698 -35.39 28.53 28.71
CA ASN C 698 -34.89 28.45 27.34
C ASN C 698 -33.40 28.75 27.30
N TYR C 699 -32.68 28.03 26.43
CA TYR C 699 -31.25 28.20 26.30
C TYR C 699 -30.83 28.04 24.85
N ASP C 700 -30.04 29.00 24.37
CA ASP C 700 -29.46 28.97 23.04
C ASP C 700 -27.99 28.63 23.17
N PRO C 701 -27.53 27.46 22.72
CA PRO C 701 -26.10 27.11 22.87
C PRO C 701 -25.16 28.09 22.19
N SER C 702 -25.57 28.68 21.06
CA SER C 702 -24.68 29.61 20.35
C SER C 702 -24.42 30.88 21.14
N ARG C 703 -25.26 31.20 22.13
CA ARG C 703 -25.03 32.35 23.00
C ARG C 703 -24.03 32.06 24.11
N PHE C 704 -23.41 30.89 24.11
CA PHE C 704 -22.47 30.51 25.14
C PHE C 704 -21.14 30.09 24.51
N PRO C 705 -20.03 30.32 25.22
CA PRO C 705 -18.71 29.95 24.68
C PRO C 705 -18.62 28.44 24.41
N SER C 706 -18.00 28.10 23.29
CA SER C 706 -17.78 26.73 22.81
C SER C 706 -19.08 25.98 22.56
N GLY C 707 -20.21 26.68 22.51
CA GLY C 707 -21.47 26.07 22.13
C GLY C 707 -22.01 25.03 23.11
N LYS C 708 -21.69 25.16 24.40
CA LYS C 708 -22.25 24.29 25.42
C LYS C 708 -22.85 25.16 26.52
N VAL C 709 -24.01 24.75 27.02
CA VAL C 709 -24.67 25.49 28.10
C VAL C 709 -24.00 25.10 29.41
N PRO C 710 -23.47 26.06 30.16
CA PRO C 710 -22.76 25.71 31.40
C PRO C 710 -23.72 25.29 32.49
N MET C 711 -23.30 24.30 33.29
CA MET C 711 -24.09 23.89 34.43
C MET C 711 -24.25 25.03 35.43
N GLN C 712 -23.28 25.95 35.47
CA GLN C 712 -23.38 27.11 36.35
C GLN C 712 -24.63 27.93 36.03
N GLN C 713 -24.88 28.18 34.74
CA GLN C 713 -26.03 28.99 34.36
C GLN C 713 -27.34 28.25 34.63
N LEU C 714 -27.35 26.94 34.38
CA LEU C 714 -28.54 26.14 34.67
C LEU C 714 -28.91 26.23 36.15
N LEU C 715 -27.92 26.13 37.04
CA LEU C 715 -28.19 26.19 38.47
C LEU C 715 -28.54 27.60 38.91
N LYS C 716 -27.92 28.62 38.31
CA LYS C 716 -28.21 29.99 38.70
C LYS C 716 -29.64 30.38 38.35
N ASP C 717 -30.11 30.01 37.15
CA ASP C 717 -31.49 30.28 36.79
C ASP C 717 -32.45 29.50 37.68
N LEU C 718 -32.08 28.28 38.05
CA LEU C 718 -32.92 27.49 38.96
C LEU C 718 -33.03 28.18 40.32
N LEU C 719 -31.92 28.73 40.81
CA LEU C 719 -31.96 29.47 42.07
C LEU C 719 -32.65 30.82 41.90
N THR C 720 -32.50 31.46 40.73
CA THR C 720 -33.21 32.70 40.46
C THR C 720 -34.71 32.47 40.50
N ALA C 721 -35.18 31.34 39.97
CA ALA C 721 -36.60 31.01 40.02
C ALA C 721 -37.08 30.87 41.46
N TYR C 722 -36.28 30.22 42.32
CA TYR C 722 -36.67 30.08 43.72
C TYR C 722 -36.69 31.42 44.44
N LYS C 723 -35.79 32.33 44.06
CA LYS C 723 -35.72 33.64 44.72
C LYS C 723 -37.02 34.41 44.59
N PHE C 724 -37.73 34.26 43.47
CA PHE C 724 -38.93 35.05 43.22
C PHE C 724 -40.21 34.25 43.42
N GLY C 725 -40.15 33.13 44.13
CA GLY C 725 -41.34 32.40 44.50
C GLY C 725 -41.97 31.58 43.40
N VAL C 726 -41.21 31.19 42.38
CA VAL C 726 -41.74 30.32 41.34
C VAL C 726 -41.97 28.93 41.91
N LYS C 727 -43.19 28.42 41.76
CA LYS C 727 -43.54 27.14 42.36
C LYS C 727 -43.00 25.97 41.55
N THR C 728 -43.12 26.02 40.23
CA THR C 728 -42.75 24.89 39.38
C THR C 728 -42.00 25.37 38.15
N LEU C 729 -41.24 24.45 37.55
CA LEU C 729 -40.57 24.67 36.27
C LEU C 729 -40.98 23.55 35.31
N TYR C 730 -41.49 23.94 34.15
CA TYR C 730 -41.99 23.01 33.15
C TYR C 730 -40.91 22.65 32.13
N TYR C 731 -41.22 22.83 30.84
CA TYR C 731 -40.27 22.51 29.76
C TYR C 731 -38.96 23.26 29.93
N GLN C 732 -37.87 22.62 29.48
CA GLN C 732 -36.62 23.31 29.20
C GLN C 732 -36.38 23.19 27.70
N ASN C 733 -36.64 24.28 26.97
CA ASN C 733 -36.43 24.29 25.53
C ASN C 733 -34.96 24.61 25.24
N THR C 734 -34.32 23.76 24.43
CA THR C 734 -32.97 24.01 23.95
C THR C 734 -33.02 24.19 22.44
N ARG C 735 -32.41 25.28 21.96
CA ARG C 735 -32.49 25.65 20.56
C ARG C 735 -31.70 24.72 19.65
N ASP C 736 -32.15 24.61 18.41
CA ASP C 736 -31.47 23.86 17.37
C ASP C 736 -30.63 24.81 16.50
N ASN D 4 0.68 -19.57 62.64
CA ASN D 4 1.21 -18.29 62.18
C ASN D 4 0.10 -17.43 61.57
N LEU D 5 -0.86 -18.08 60.92
CA LEU D 5 -1.98 -17.41 60.28
C LEU D 5 -3.27 -17.73 61.02
N LEU D 6 -4.27 -16.88 60.83
CA LEU D 6 -5.51 -16.96 61.59
C LEU D 6 -6.73 -17.14 60.68
N VAL D 7 -7.70 -17.89 61.17
CA VAL D 7 -9.01 -18.03 60.55
C VAL D 7 -10.06 -17.43 61.49
N THR D 8 -11.25 -17.19 60.96
CA THR D 8 -12.36 -16.64 61.73
C THR D 8 -13.45 -17.69 61.85
N LYS D 9 -13.69 -18.16 63.08
CA LYS D 9 -14.69 -19.17 63.34
C LYS D 9 -16.10 -18.59 63.14
N ARG D 10 -17.10 -19.48 63.24
CA ARG D 10 -18.48 -19.03 63.04
C ARG D 10 -18.95 -18.10 64.14
N ASP D 11 -18.44 -18.26 65.36
CA ASP D 11 -18.84 -17.41 66.48
C ASP D 11 -18.10 -16.07 66.52
N GLY D 12 -17.17 -15.83 65.60
CA GLY D 12 -16.40 -14.61 65.58
C GLY D 12 -14.99 -14.75 66.13
N SER D 13 -14.74 -15.77 66.94
CA SER D 13 -13.41 -15.96 67.50
C SER D 13 -12.43 -16.40 66.41
N THR D 14 -11.14 -16.30 66.74
CA THR D 14 -10.07 -16.64 65.81
C THR D 14 -9.15 -17.68 66.45
N GLU D 15 -8.56 -18.53 65.61
CA GLU D 15 -7.60 -19.52 66.07
C GLU D 15 -6.66 -19.88 64.92
N ARG D 16 -5.61 -20.64 65.26
CA ARG D 16 -4.63 -21.05 64.27
C ARG D 16 -5.26 -21.95 63.22
N ILE D 17 -4.79 -21.81 61.98
CA ILE D 17 -5.27 -22.67 60.90
C ILE D 17 -4.88 -24.12 61.18
N ASN D 18 -5.81 -25.03 60.90
CA ASN D 18 -5.58 -26.47 61.11
C ASN D 18 -6.26 -27.21 59.97
N LEU D 19 -5.48 -27.69 59.02
CA LEU D 19 -6.04 -28.39 57.86
C LEU D 19 -6.67 -29.72 58.23
N ASP D 20 -6.34 -30.27 59.41
CA ASP D 20 -6.96 -31.52 59.83
C ASP D 20 -8.46 -31.35 60.03
N LYS D 21 -8.90 -30.14 60.38
CA LYS D 21 -10.33 -29.88 60.50
C LYS D 21 -11.02 -30.01 59.14
N ILE D 22 -10.37 -29.56 58.07
CA ILE D 22 -10.94 -29.72 56.74
C ILE D 22 -10.88 -31.18 56.32
N HIS D 23 -9.79 -31.88 56.66
CA HIS D 23 -9.69 -33.30 56.35
C HIS D 23 -10.80 -34.09 57.01
N ARG D 24 -11.06 -33.81 58.29
CA ARG D 24 -12.05 -34.59 59.05
C ARG D 24 -13.45 -34.39 58.50
N VAL D 25 -13.84 -33.15 58.22
CA VAL D 25 -15.19 -32.89 57.73
C VAL D 25 -15.40 -33.54 56.37
N LEU D 26 -14.35 -33.60 55.54
CA LEU D 26 -14.46 -34.26 54.25
C LEU D 26 -14.46 -35.77 54.40
N ASP D 27 -13.62 -36.30 55.31
CA ASP D 27 -13.63 -37.74 55.57
C ASP D 27 -15.01 -38.20 56.03
N TRP D 28 -15.69 -37.38 56.83
CA TRP D 28 -17.04 -37.73 57.27
C TRP D 28 -18.00 -37.77 56.09
N ALA D 29 -17.93 -36.77 55.21
CA ALA D 29 -18.87 -36.68 54.09
C ALA D 29 -18.64 -37.77 53.04
N ALA D 30 -17.43 -38.31 52.95
CA ALA D 30 -17.13 -39.32 51.94
C ALA D 30 -17.25 -40.74 52.47
N GLU D 31 -17.66 -40.91 53.71
CA GLU D 31 -17.78 -42.25 54.28
C GLU D 31 -18.81 -43.05 53.53
N GLY D 32 -18.44 -44.25 53.10
CA GLY D 32 -19.34 -45.13 52.39
C GLY D 32 -19.51 -44.84 50.91
N LEU D 33 -19.00 -43.71 50.42
CA LEU D 33 -19.15 -43.38 49.02
C LEU D 33 -18.07 -44.06 48.19
N HIS D 34 -18.37 -44.26 46.92
CA HIS D 34 -17.48 -44.95 45.99
C HIS D 34 -16.88 -43.98 45.00
N ASN D 35 -15.58 -44.14 44.74
CA ASN D 35 -14.88 -43.44 43.67
C ASN D 35 -14.81 -41.93 43.92
N VAL D 36 -14.77 -41.53 45.18
CA VAL D 36 -14.59 -40.12 45.52
C VAL D 36 -13.21 -39.94 46.15
N SER D 37 -12.75 -38.69 46.18
CA SER D 37 -11.40 -38.37 46.62
C SER D 37 -11.42 -37.11 47.47
N ILE D 38 -11.13 -37.25 48.76
CA ILE D 38 -10.93 -36.10 49.63
C ILE D 38 -9.83 -35.20 49.08
N SER D 39 -8.73 -35.80 48.61
CA SER D 39 -7.63 -35.03 48.05
C SER D 39 -8.09 -34.17 46.88
N GLN D 40 -8.87 -34.75 45.97
CA GLN D 40 -9.29 -34.01 44.79
C GLN D 40 -10.14 -32.80 45.16
N VAL D 41 -11.00 -32.94 46.17
CA VAL D 41 -11.88 -31.84 46.57
C VAL D 41 -11.05 -30.67 47.11
N GLU D 42 -10.07 -30.97 47.96
CA GLU D 42 -9.26 -29.90 48.54
C GLU D 42 -8.46 -29.16 47.48
N LEU D 43 -7.90 -29.89 46.51
CA LEU D 43 -7.06 -29.25 45.50
C LEU D 43 -7.90 -28.49 44.49
N ARG D 44 -9.07 -29.02 44.11
CA ARG D 44 -9.94 -28.33 43.18
C ARG D 44 -10.66 -27.15 43.81
N SER D 45 -10.61 -27.03 45.15
CA SER D 45 -11.17 -25.86 45.81
C SER D 45 -10.38 -24.60 45.50
N HIS D 46 -9.08 -24.73 45.22
CA HIS D 46 -8.20 -23.59 44.98
C HIS D 46 -8.36 -22.54 46.08
N ILE D 47 -8.53 -23.02 47.30
CA ILE D 47 -8.87 -22.16 48.42
C ILE D 47 -7.63 -21.35 48.81
N GLN D 48 -7.76 -20.03 48.81
CA GLN D 48 -6.66 -19.12 49.08
C GLN D 48 -6.81 -18.56 50.50
N PHE D 49 -5.91 -18.95 51.39
CA PHE D 49 -5.99 -18.56 52.78
C PHE D 49 -5.39 -17.18 52.99
N TYR D 50 -6.15 -16.30 53.66
CA TYR D 50 -5.64 -15.02 54.10
C TYR D 50 -5.89 -14.91 55.60
N ASP D 51 -5.11 -14.03 56.26
CA ASP D 51 -5.25 -13.88 57.69
C ASP D 51 -6.63 -13.31 58.02
N GLY D 52 -7.40 -14.06 58.81
CA GLY D 52 -8.76 -13.67 59.12
C GLY D 52 -9.81 -14.24 58.19
N ILE D 53 -9.47 -15.27 57.43
CA ILE D 53 -10.43 -15.85 56.48
C ILE D 53 -11.59 -16.47 57.24
N LYS D 54 -12.80 -16.17 56.80
CA LYS D 54 -14.00 -16.68 57.44
C LYS D 54 -14.10 -18.18 57.25
N THR D 55 -14.35 -18.91 58.35
CA THR D 55 -14.51 -20.36 58.25
C THR D 55 -15.74 -20.75 57.44
N SER D 56 -16.73 -19.86 57.34
CA SER D 56 -17.91 -20.17 56.53
C SER D 56 -17.62 -20.00 55.03
N ASP D 57 -16.76 -19.06 54.67
CA ASP D 57 -16.33 -18.94 53.28
C ASP D 57 -15.49 -20.14 52.87
N ILE D 58 -14.69 -20.67 53.78
CA ILE D 58 -13.92 -21.89 53.50
C ILE D 58 -14.86 -23.04 53.17
N HIS D 59 -15.89 -23.23 53.99
CA HIS D 59 -16.80 -24.36 53.81
C HIS D 59 -17.60 -24.23 52.53
N GLU D 60 -18.11 -23.03 52.23
CA GLU D 60 -18.86 -22.83 51.00
C GLU D 60 -18.00 -23.09 49.77
N THR D 61 -16.70 -22.81 49.87
CA THR D 61 -15.80 -23.05 48.74
C THR D 61 -15.65 -24.54 48.45
N ILE D 62 -15.52 -25.36 49.49
CA ILE D 62 -15.34 -26.79 49.25
C ILE D 62 -16.67 -27.47 48.90
N ILE D 63 -17.80 -26.83 49.17
CA ILE D 63 -19.07 -27.36 48.69
C ILE D 63 -19.17 -27.21 47.18
N LYS D 64 -18.79 -26.03 46.66
CA LYS D 64 -18.78 -25.83 45.21
C LYS D 64 -17.80 -26.79 44.54
N ALA D 65 -16.62 -26.98 45.14
CA ALA D 65 -15.62 -27.86 44.55
C ALA D 65 -16.13 -29.30 44.46
N ALA D 66 -16.69 -29.82 45.54
CA ALA D 66 -17.24 -31.17 45.51
C ALA D 66 -18.44 -31.25 44.57
N ALA D 67 -19.23 -30.16 44.48
CA ALA D 67 -20.39 -30.15 43.59
C ALA D 67 -19.99 -30.20 42.13
N ASP D 68 -18.86 -29.59 41.78
CA ASP D 68 -18.43 -29.59 40.38
C ASP D 68 -17.77 -30.89 39.96
N LEU D 69 -17.52 -31.80 40.90
CA LEU D 69 -16.95 -33.10 40.59
C LEU D 69 -18.01 -34.15 40.28
N ILE D 70 -19.30 -33.79 40.38
CA ILE D 70 -20.37 -34.72 40.03
C ILE D 70 -20.28 -35.08 38.57
N SER D 71 -20.11 -36.37 38.26
CA SER D 71 -19.92 -36.82 36.90
C SER D 71 -20.48 -38.23 36.76
N ARG D 72 -20.43 -38.75 35.53
CA ARG D 72 -20.86 -40.13 35.30
C ARG D 72 -19.91 -41.13 35.94
N ASP D 73 -18.61 -40.82 35.95
CA ASP D 73 -17.62 -41.73 36.51
C ASP D 73 -17.60 -41.68 38.03
N ALA D 74 -17.99 -40.57 38.62
CA ALA D 74 -18.05 -40.40 40.07
C ALA D 74 -19.38 -39.77 40.44
N PRO D 75 -20.47 -40.54 40.38
CA PRO D 75 -21.78 -39.98 40.73
C PRO D 75 -21.98 -39.77 42.22
N ASP D 76 -21.25 -40.51 43.07
CA ASP D 76 -21.45 -40.40 44.51
C ASP D 76 -21.06 -39.04 45.06
N TYR D 77 -20.44 -38.17 44.26
CA TYR D 77 -20.21 -36.80 44.69
C TYR D 77 -21.52 -36.06 44.92
N GLN D 78 -22.63 -36.55 44.35
CA GLN D 78 -23.91 -35.91 44.61
C GLN D 78 -24.29 -36.04 46.09
N TYR D 79 -23.79 -37.06 46.77
CA TYR D 79 -24.05 -37.23 48.19
C TYR D 79 -22.96 -36.60 49.06
N LEU D 80 -21.72 -36.57 48.58
CA LEU D 80 -20.65 -35.91 49.32
C LEU D 80 -20.92 -34.42 49.43
N ALA D 81 -21.30 -33.78 48.32
CA ALA D 81 -21.57 -32.35 48.35
C ALA D 81 -22.83 -32.04 49.16
N ALA D 82 -23.83 -32.92 49.10
CA ALA D 82 -25.05 -32.70 49.86
C ALA D 82 -24.79 -32.75 51.36
N ARG D 83 -24.03 -33.76 51.82
CA ARG D 83 -23.74 -33.88 53.24
C ARG D 83 -22.98 -32.66 53.75
N LEU D 84 -22.05 -32.14 52.96
CA LEU D 84 -21.37 -30.91 53.32
C LEU D 84 -22.35 -29.75 53.38
N ALA D 85 -23.29 -29.71 52.43
CA ALA D 85 -24.26 -28.62 52.39
C ALA D 85 -25.29 -28.74 53.51
N ILE D 86 -25.73 -29.96 53.81
CA ILE D 86 -26.62 -30.16 54.96
C ILE D 86 -25.93 -29.71 56.23
N PHE D 87 -24.68 -30.15 56.43
CA PHE D 87 -23.87 -29.72 57.57
C PHE D 87 -23.77 -28.21 57.64
N HIS D 88 -23.53 -27.55 56.51
CA HIS D 88 -23.44 -26.10 56.49
C HIS D 88 -24.77 -25.46 56.88
N LEU D 89 -25.88 -26.02 56.41
CA LEU D 89 -27.19 -25.45 56.72
C LEU D 89 -27.55 -25.65 58.19
N ARG D 90 -27.07 -26.74 58.81
CA ARG D 90 -27.33 -26.94 60.23
C ARG D 90 -26.67 -25.83 61.05
N LYS D 91 -25.41 -25.53 60.77
CA LYS D 91 -24.70 -24.50 61.53
C LYS D 91 -25.35 -23.14 61.33
N LYS D 92 -25.80 -22.85 60.11
CA LYS D 92 -26.40 -21.55 59.81
C LYS D 92 -27.67 -21.33 60.63
N ALA D 93 -28.46 -22.39 60.81
CA ALA D 93 -29.74 -22.26 61.49
C ALA D 93 -29.66 -22.53 62.99
N TYR D 94 -28.76 -23.40 63.42
CA TYR D 94 -28.73 -23.82 64.82
C TYR D 94 -27.42 -23.57 65.54
N GLY D 95 -26.35 -23.21 64.82
CA GLY D 95 -25.05 -23.07 65.44
C GLY D 95 -24.35 -24.37 65.78
N GLN D 96 -24.98 -25.51 65.51
CA GLN D 96 -24.40 -26.81 65.76
C GLN D 96 -24.99 -27.79 64.75
N PHE D 97 -24.55 -29.05 64.83
CA PHE D 97 -25.06 -30.05 63.89
C PHE D 97 -26.38 -30.65 64.36
N GLU D 98 -26.49 -30.98 65.64
CA GLU D 98 -27.69 -31.65 66.15
C GLU D 98 -28.84 -30.65 66.28
N PRO D 99 -30.00 -30.92 65.67
CA PRO D 99 -31.11 -29.97 65.77
C PRO D 99 -31.70 -29.98 67.17
N PRO D 100 -32.32 -28.85 67.60
CA PRO D 100 -32.96 -28.81 68.91
C PRO D 100 -34.28 -29.56 68.95
N ALA D 101 -34.95 -29.54 70.09
CA ALA D 101 -36.28 -30.15 70.21
C ALA D 101 -37.29 -29.39 69.36
N LEU D 102 -38.30 -30.12 68.88
CA LEU D 102 -39.30 -29.52 67.99
C LEU D 102 -40.06 -28.39 68.66
N TYR D 103 -40.46 -28.57 69.92
CA TYR D 103 -41.22 -27.54 70.60
C TYR D 103 -40.39 -26.28 70.81
N ASP D 104 -39.14 -26.44 71.26
CA ASP D 104 -38.27 -25.30 71.49
C ASP D 104 -38.07 -24.48 70.21
N HIS D 105 -37.99 -25.15 69.06
CA HIS D 105 -37.82 -24.45 67.80
C HIS D 105 -39.05 -23.63 67.44
N VAL D 106 -40.23 -24.25 67.52
CA VAL D 106 -41.47 -23.56 67.14
C VAL D 106 -41.69 -22.32 68.00
N VAL D 107 -41.41 -22.42 69.29
CA VAL D 107 -41.61 -21.28 70.20
C VAL D 107 -40.75 -20.10 69.75
N LYS D 108 -39.47 -20.34 69.49
CA LYS D 108 -38.56 -19.26 69.08
C LYS D 108 -38.97 -18.66 67.75
N MET D 109 -39.51 -19.47 66.83
CA MET D 109 -39.83 -18.99 65.50
C MET D 109 -41.14 -18.21 65.47
N VAL D 110 -42.11 -18.58 66.31
CA VAL D 110 -43.37 -17.83 66.35
C VAL D 110 -43.16 -16.44 66.91
N GLU D 111 -42.28 -16.30 67.92
CA GLU D 111 -41.99 -14.99 68.47
C GLU D 111 -41.33 -14.07 67.46
N MET D 112 -40.49 -14.61 66.57
CA MET D 112 -39.84 -13.82 65.55
C MET D 112 -40.75 -13.50 64.36
N GLY D 113 -41.96 -14.06 64.33
CA GLY D 113 -42.87 -13.85 63.23
C GLY D 113 -42.57 -14.66 62.00
N LYS D 114 -41.70 -15.66 62.10
CA LYS D 114 -41.34 -16.51 60.96
C LYS D 114 -42.32 -17.67 60.78
N TYR D 115 -43.01 -18.08 61.84
CA TYR D 115 -44.08 -19.05 61.76
C TYR D 115 -45.41 -18.40 62.09
N ASP D 116 -46.49 -19.07 61.69
CA ASP D 116 -47.83 -18.63 62.05
C ASP D 116 -48.11 -18.99 63.49
N ASN D 117 -48.66 -18.04 64.26
CA ASN D 117 -48.87 -18.27 65.68
C ASN D 117 -49.95 -19.32 65.96
N HIS D 118 -50.72 -19.72 64.94
CA HIS D 118 -51.73 -20.74 65.14
C HIS D 118 -51.15 -22.10 65.51
N LEU D 119 -49.86 -22.33 65.23
CA LEU D 119 -49.24 -23.59 65.58
C LEU D 119 -49.22 -23.81 67.09
N LEU D 120 -48.98 -22.74 67.85
CA LEU D 120 -48.94 -22.84 69.30
C LEU D 120 -50.33 -22.87 69.94
N GLU D 121 -51.37 -22.50 69.19
CA GLU D 121 -52.73 -22.51 69.72
C GLU D 121 -53.43 -23.85 69.48
N ASP D 122 -53.13 -24.52 68.37
CA ASP D 122 -53.80 -25.76 68.00
C ASP D 122 -53.07 -27.01 68.47
N TYR D 123 -51.83 -26.89 68.94
CA TYR D 123 -51.06 -28.02 69.43
C TYR D 123 -50.49 -27.70 70.81
N THR D 124 -50.60 -28.66 71.72
CA THR D 124 -50.04 -28.53 73.06
C THR D 124 -48.57 -28.95 73.06
N GLU D 125 -47.87 -28.61 74.14
CA GLU D 125 -46.47 -28.99 74.26
C GLU D 125 -46.30 -30.50 74.31
N GLU D 126 -47.25 -31.21 74.91
CA GLU D 126 -47.20 -32.67 74.91
C GLU D 126 -47.34 -33.24 73.51
N GLU D 127 -48.11 -32.56 72.65
CA GLU D 127 -48.26 -33.01 71.27
C GLU D 127 -47.02 -32.68 70.43
N PHE D 128 -46.39 -31.52 70.68
CA PHE D 128 -45.16 -31.19 69.96
C PHE D 128 -44.05 -32.16 70.30
N LYS D 129 -43.91 -32.54 71.58
CA LYS D 129 -42.90 -33.52 71.96
C LYS D 129 -43.22 -34.89 71.38
N GLN D 130 -44.48 -35.16 71.11
CA GLN D 130 -44.88 -36.43 70.50
C GLN D 130 -44.59 -36.45 69.00
N MET D 131 -44.67 -35.31 68.34
CA MET D 131 -44.28 -35.22 66.94
C MET D 131 -42.77 -35.26 66.76
N ASP D 132 -42.00 -34.89 67.79
CA ASP D 132 -40.55 -34.96 67.70
C ASP D 132 -40.05 -36.40 67.64
N THR D 133 -40.82 -37.35 68.18
CA THR D 133 -40.46 -38.76 68.03
C THR D 133 -40.74 -39.27 66.62
N PHE D 134 -41.63 -38.61 65.89
CA PHE D 134 -41.87 -38.96 64.49
C PHE D 134 -40.66 -38.60 63.63
N ILE D 135 -40.02 -37.47 63.94
CA ILE D 135 -38.94 -36.95 63.10
C ILE D 135 -37.73 -37.87 63.15
N ASP D 136 -37.15 -38.13 61.99
CA ASP D 136 -35.87 -38.82 61.85
C ASP D 136 -34.93 -37.87 61.11
N HIS D 137 -34.09 -37.16 61.86
CA HIS D 137 -33.19 -36.19 61.26
C HIS D 137 -32.11 -36.82 60.40
N ASP D 138 -31.90 -38.13 60.49
CA ASP D 138 -30.97 -38.79 59.58
C ASP D 138 -31.48 -38.81 58.15
N ARG D 139 -32.75 -38.49 57.92
CA ARG D 139 -33.29 -38.42 56.58
C ARG D 139 -32.78 -37.22 55.80
N ASP D 140 -32.11 -36.26 56.45
CA ASP D 140 -31.40 -35.24 55.71
C ASP D 140 -30.19 -35.79 54.97
N MET D 141 -29.75 -37.00 55.32
CA MET D 141 -28.61 -37.63 54.68
C MET D 141 -29.00 -38.44 53.45
N THR D 142 -30.24 -38.29 52.98
CA THR D 142 -30.70 -38.97 51.78
C THR D 142 -30.93 -38.00 50.62
N PHE D 143 -30.74 -36.70 50.84
CA PHE D 143 -30.88 -35.74 49.76
C PHE D 143 -29.67 -35.79 48.83
N SER D 144 -29.88 -35.39 47.59
CA SER D 144 -28.79 -35.13 46.67
C SER D 144 -28.42 -33.64 46.74
N TYR D 145 -27.29 -33.29 46.11
CA TYR D 145 -26.82 -31.91 46.20
C TYR D 145 -27.82 -30.93 45.60
N ALA D 146 -28.41 -31.29 44.46
CA ALA D 146 -29.41 -30.42 43.84
C ALA D 146 -30.59 -30.21 44.77
N ALA D 147 -30.98 -31.26 45.52
CA ALA D 147 -32.09 -31.15 46.46
C ALA D 147 -31.79 -30.13 47.56
N VAL D 148 -30.59 -30.20 48.13
CA VAL D 148 -30.25 -29.31 49.24
C VAL D 148 -30.16 -27.87 48.75
N LYS D 149 -29.66 -27.65 47.54
CA LYS D 149 -29.56 -26.28 47.03
C LYS D 149 -30.93 -25.68 46.77
N GLN D 150 -31.91 -26.51 46.41
CA GLN D 150 -33.28 -26.00 46.28
C GLN D 150 -33.87 -25.69 47.65
N LEU D 151 -33.55 -26.50 48.66
CA LEU D 151 -34.00 -26.22 50.01
C LEU D 151 -33.46 -24.89 50.51
N GLU D 152 -32.13 -24.70 50.45
CA GLU D 152 -31.53 -23.47 50.98
C GLU D 152 -31.84 -22.26 50.12
N GLY D 153 -32.16 -22.47 48.84
CA GLY D 153 -32.41 -21.35 47.96
C GLY D 153 -33.86 -20.92 47.93
N LYS D 154 -34.77 -21.87 48.10
CA LYS D 154 -36.18 -21.56 47.88
C LYS D 154 -37.10 -21.95 49.03
N TYR D 155 -36.87 -23.10 49.67
CA TYR D 155 -37.91 -23.71 50.51
C TYR D 155 -37.74 -23.42 51.99
N LEU D 156 -36.53 -23.56 52.53
CA LEU D 156 -36.31 -23.32 53.95
C LEU D 156 -36.62 -21.86 54.28
N VAL D 157 -37.33 -21.66 55.39
CA VAL D 157 -37.67 -20.30 55.82
C VAL D 157 -36.40 -19.51 56.05
N GLN D 158 -36.29 -18.36 55.41
CA GLN D 158 -35.06 -17.59 55.43
C GLN D 158 -35.37 -16.12 55.22
N ASN D 159 -34.37 -15.29 55.50
CA ASN D 159 -34.48 -13.85 55.33
C ASN D 159 -34.00 -13.46 53.92
N ARG D 160 -34.89 -12.87 53.14
CA ARG D 160 -34.57 -12.53 51.75
C ARG D 160 -33.73 -11.26 51.63
N VAL D 161 -33.46 -10.59 52.75
CA VAL D 161 -32.56 -9.45 52.78
C VAL D 161 -31.24 -9.80 53.48
N THR D 162 -31.31 -10.59 54.54
CA THR D 162 -30.13 -10.99 55.32
C THR D 162 -29.46 -12.24 54.75
N GLY D 163 -30.25 -13.19 54.27
CA GLY D 163 -29.73 -14.48 53.88
C GLY D 163 -29.64 -15.49 55.00
N GLU D 164 -30.22 -15.19 56.16
CA GLU D 164 -30.12 -16.05 57.33
C GLU D 164 -31.11 -17.20 57.22
N ILE D 165 -30.62 -18.43 57.33
CA ILE D 165 -31.46 -19.62 57.32
C ILE D 165 -31.93 -19.89 58.74
N TYR D 166 -33.20 -20.27 58.89
CA TYR D 166 -33.82 -20.41 60.20
C TYR D 166 -34.21 -21.83 60.57
N GLU D 167 -34.26 -22.75 59.61
CA GLU D 167 -34.75 -24.10 59.87
C GLU D 167 -33.95 -25.12 59.07
N SER D 168 -34.26 -26.39 59.28
CA SER D 168 -33.67 -27.50 58.55
C SER D 168 -34.79 -28.27 57.85
N ALA D 169 -34.39 -29.31 57.09
CA ALA D 169 -35.32 -29.95 56.18
C ALA D 169 -36.42 -30.71 56.92
N GLN D 170 -36.09 -31.38 58.02
CA GLN D 170 -37.10 -32.19 58.69
C GLN D 170 -38.13 -31.33 59.43
N PHE D 171 -37.72 -30.18 59.97
CA PHE D 171 -38.70 -29.27 60.56
C PHE D 171 -39.66 -28.74 59.51
N LEU D 172 -39.17 -28.47 58.30
CA LEU D 172 -40.03 -28.07 57.20
C LEU D 172 -41.11 -29.12 56.95
N TYR D 173 -40.70 -30.39 56.84
CA TYR D 173 -41.65 -31.46 56.53
C TYR D 173 -42.67 -31.63 57.65
N ILE D 174 -42.20 -31.73 58.90
CA ILE D 174 -43.10 -32.05 60.00
C ILE D 174 -44.10 -30.92 60.24
N LEU D 175 -43.74 -29.69 59.94
CA LEU D 175 -44.65 -28.57 60.15
C LEU D 175 -45.61 -28.37 58.98
N VAL D 176 -45.26 -28.85 57.79
CA VAL D 176 -46.24 -28.90 56.71
C VAL D 176 -47.33 -29.91 57.04
N ALA D 177 -46.94 -31.05 57.63
CA ALA D 177 -47.93 -32.03 58.09
C ALA D 177 -48.76 -31.47 59.25
N ALA D 178 -48.12 -30.79 60.19
CA ALA D 178 -48.84 -30.25 61.34
C ALA D 178 -49.88 -29.21 60.90
N CYS D 179 -49.50 -28.30 60.01
CA CYS D 179 -50.41 -27.24 59.61
C CYS D 179 -51.58 -27.78 58.80
N LEU D 180 -51.33 -28.74 57.91
CA LEU D 180 -52.40 -29.21 57.03
C LEU D 180 -53.47 -29.98 57.80
N PHE D 181 -53.06 -30.77 58.79
CA PHE D 181 -54.01 -31.54 59.60
C PHE D 181 -54.27 -30.90 60.95
N SER D 182 -53.94 -29.60 61.08
CA SER D 182 -54.12 -28.93 62.36
C SER D 182 -55.58 -28.84 62.76
N ASN D 183 -56.49 -28.82 61.78
CA ASN D 183 -57.92 -28.72 62.04
C ASN D 183 -58.60 -30.09 62.06
N TYR D 184 -57.82 -31.17 62.09
CA TYR D 184 -58.42 -32.49 62.19
C TYR D 184 -58.81 -32.80 63.63
N PRO D 185 -59.80 -33.68 63.82
CA PRO D 185 -60.14 -34.13 65.17
C PRO D 185 -58.94 -34.77 65.87
N ARG D 186 -58.82 -34.50 67.18
CA ARG D 186 -57.70 -35.06 67.94
C ARG D 186 -57.79 -36.58 68.06
N GLU D 187 -58.88 -37.21 67.60
CA GLU D 187 -58.94 -38.66 67.59
C GLU D 187 -57.96 -39.25 66.58
N THR D 188 -57.72 -38.55 65.47
CA THR D 188 -56.90 -39.05 64.39
C THR D 188 -55.84 -38.07 63.90
N ARG D 189 -55.71 -36.90 64.55
CA ARG D 189 -54.85 -35.85 64.01
C ARG D 189 -53.39 -36.30 63.94
N LEU D 190 -52.82 -36.69 65.09
CA LEU D 190 -51.40 -37.04 65.10
C LEU D 190 -51.10 -38.27 64.26
N GLN D 191 -52.08 -39.14 64.04
CA GLN D 191 -51.87 -40.26 63.13
C GLN D 191 -51.73 -39.78 61.69
N TYR D 192 -52.58 -38.85 61.27
CA TYR D 192 -52.42 -38.27 59.93
C TYR D 192 -51.14 -37.44 59.83
N VAL D 193 -50.74 -36.78 60.91
CA VAL D 193 -49.52 -35.99 60.87
C VAL D 193 -48.31 -36.88 60.66
N LYS D 194 -48.26 -38.02 61.37
CA LYS D 194 -47.13 -38.93 61.21
C LYS D 194 -47.10 -39.54 59.81
N ARG D 195 -48.25 -40.03 59.33
CA ARG D 195 -48.24 -40.66 58.01
C ARG D 195 -47.91 -39.66 56.90
N PHE D 196 -48.41 -38.42 57.02
CA PHE D 196 -48.11 -37.44 55.99
C PHE D 196 -46.65 -36.99 56.09
N TYR D 197 -46.09 -36.95 57.29
CA TYR D 197 -44.66 -36.67 57.42
C TYR D 197 -43.84 -37.78 56.77
N ASP D 198 -44.19 -39.03 57.06
CA ASP D 198 -43.47 -40.15 56.46
C ASP D 198 -43.59 -40.12 54.94
N ALA D 199 -44.75 -39.73 54.42
CA ALA D 199 -44.97 -39.77 52.99
C ALA D 199 -44.07 -38.77 52.26
N VAL D 200 -43.90 -37.57 52.80
CA VAL D 200 -43.14 -36.55 52.10
C VAL D 200 -41.65 -36.59 52.43
N SER D 201 -41.28 -37.05 53.63
CA SER D 201 -39.87 -37.11 54.00
C SER D 201 -39.17 -38.35 53.46
N THR D 202 -39.93 -39.37 53.07
CA THR D 202 -39.38 -40.52 52.35
C THR D 202 -39.72 -40.47 50.87
N PHE D 203 -40.15 -39.32 50.38
CA PHE D 203 -40.30 -39.03 48.95
C PHE D 203 -41.36 -39.88 48.28
N LYS D 204 -42.42 -40.26 49.00
CA LYS D 204 -43.56 -40.88 48.36
C LYS D 204 -44.47 -39.84 47.69
N ILE D 205 -44.55 -38.64 48.26
CA ILE D 205 -45.37 -37.56 47.72
C ILE D 205 -44.48 -36.34 47.54
N SER D 206 -44.66 -35.65 46.41
CA SER D 206 -43.95 -34.42 46.11
C SER D 206 -44.87 -33.23 46.34
N LEU D 207 -44.34 -32.18 46.98
CA LEU D 207 -45.10 -30.99 47.28
C LEU D 207 -44.59 -29.80 46.46
N PRO D 208 -45.47 -28.89 46.05
CA PRO D 208 -45.05 -27.78 45.18
C PRO D 208 -44.27 -26.72 45.94
N THR D 209 -43.67 -25.81 45.17
CA THR D 209 -42.89 -24.72 45.73
C THR D 209 -43.64 -23.88 46.76
N PRO D 210 -44.86 -23.38 46.51
CA PRO D 210 -45.51 -22.55 47.53
C PRO D 210 -45.89 -23.32 48.78
N ILE D 211 -46.20 -24.62 48.67
CA ILE D 211 -46.47 -25.41 49.86
C ILE D 211 -45.17 -25.67 50.63
N MET D 212 -44.11 -26.04 49.91
CA MET D 212 -42.82 -26.30 50.55
C MET D 212 -42.29 -25.04 51.25
N SER D 213 -42.35 -23.90 50.58
CA SER D 213 -41.80 -22.67 51.11
C SER D 213 -42.77 -21.90 52.00
N GLY D 214 -44.04 -22.28 52.02
CA GLY D 214 -45.03 -21.43 52.67
C GLY D 214 -45.82 -22.02 53.83
N VAL D 215 -46.24 -23.28 53.73
CA VAL D 215 -47.15 -23.83 54.73
C VAL D 215 -46.44 -23.97 56.07
N ARG D 216 -46.59 -22.93 56.90
CA ARG D 216 -46.15 -22.80 58.30
C ARG D 216 -45.79 -21.34 58.56
N THR D 217 -45.90 -20.50 57.53
CA THR D 217 -45.57 -19.09 57.63
C THR D 217 -46.84 -18.26 57.80
N PRO D 218 -46.72 -17.05 58.36
CA PRO D 218 -47.92 -16.23 58.61
C PRO D 218 -48.77 -15.96 57.38
N THR D 219 -48.18 -15.81 56.20
CA THR D 219 -48.94 -15.48 54.99
C THR D 219 -49.39 -16.77 54.32
N ARG D 220 -50.72 -16.96 54.24
CA ARG D 220 -51.33 -18.21 53.79
C ARG D 220 -51.84 -18.05 52.36
N GLN D 221 -50.97 -18.31 51.39
CA GLN D 221 -51.37 -18.50 50.00
C GLN D 221 -50.48 -19.60 49.43
N PHE D 222 -51.09 -20.71 49.02
CA PHE D 222 -50.32 -21.89 48.63
C PHE D 222 -50.79 -22.52 47.33
N SER D 223 -51.72 -21.89 46.61
CA SER D 223 -52.13 -22.40 45.31
C SER D 223 -51.16 -21.92 44.25
N SER D 224 -50.61 -22.86 43.47
CA SER D 224 -49.58 -22.52 42.49
C SER D 224 -50.17 -21.77 41.31
N CYS D 225 -51.40 -22.10 40.92
CA CYS D 225 -51.98 -21.62 39.66
C CYS D 225 -53.20 -20.76 39.95
N VAL D 226 -53.27 -19.61 39.29
CA VAL D 226 -54.41 -18.69 39.38
C VAL D 226 -54.84 -18.38 37.95
N LEU D 227 -56.09 -18.69 37.63
CA LEU D 227 -56.63 -18.48 36.29
C LEU D 227 -57.65 -17.35 36.34
N ILE D 228 -57.35 -16.27 35.64
CA ILE D 228 -58.18 -15.07 35.61
C ILE D 228 -58.69 -14.87 34.19
N GLU D 229 -59.99 -14.64 34.05
CA GLU D 229 -60.61 -14.35 32.77
C GLU D 229 -60.92 -12.87 32.69
N CYS D 230 -60.56 -12.25 31.56
CA CYS D 230 -60.74 -10.82 31.36
C CYS D 230 -61.89 -10.58 30.38
N GLY D 231 -62.80 -9.68 30.77
CA GLY D 231 -63.88 -9.26 29.90
C GLY D 231 -63.51 -8.07 29.04
N ASP D 232 -64.41 -7.72 28.12
CA ASP D 232 -64.18 -6.66 27.15
C ASP D 232 -64.65 -5.30 27.70
N SER D 233 -63.98 -4.85 28.76
CA SER D 233 -64.33 -3.57 29.37
C SER D 233 -63.16 -3.07 30.21
N LEU D 234 -63.09 -1.75 30.37
CA LEU D 234 -62.04 -1.16 31.19
C LEU D 234 -62.21 -1.50 32.66
N ASP D 235 -63.45 -1.71 33.11
CA ASP D 235 -63.67 -2.17 34.49
C ASP D 235 -63.09 -3.56 34.70
N SER D 236 -63.22 -4.43 33.69
CA SER D 236 -62.70 -5.79 33.81
C SER D 236 -61.19 -5.83 33.68
N ILE D 237 -60.62 -5.00 32.80
CA ILE D 237 -59.17 -4.95 32.62
C ILE D 237 -58.50 -4.46 33.90
N ASN D 238 -59.10 -3.46 34.56
CA ASN D 238 -58.57 -3.01 35.85
C ASN D 238 -58.71 -4.09 36.91
N ALA D 239 -59.84 -4.79 36.94
CA ALA D 239 -60.01 -5.86 37.92
C ALA D 239 -59.03 -7.00 37.67
N THR D 240 -58.87 -7.39 36.41
CA THR D 240 -57.91 -8.44 36.06
C THR D 240 -56.51 -8.04 36.49
N SER D 241 -56.11 -6.80 36.20
CA SER D 241 -54.77 -6.34 36.54
C SER D 241 -54.54 -6.37 38.05
N SER D 242 -55.53 -5.95 38.83
CA SER D 242 -55.37 -5.93 40.28
C SER D 242 -55.24 -7.33 40.86
N ALA D 243 -55.97 -8.30 40.29
CA ALA D 243 -55.87 -9.68 40.75
C ALA D 243 -54.50 -10.27 40.45
N ILE D 244 -53.92 -9.90 39.30
CA ILE D 244 -52.58 -10.39 38.95
C ILE D 244 -51.56 -9.92 39.99
N VAL D 245 -51.56 -8.62 40.28
CA VAL D 245 -50.60 -8.06 41.22
C VAL D 245 -50.71 -8.74 42.58
N LYS D 246 -51.93 -8.96 43.04
CA LYS D 246 -52.13 -9.54 44.37
C LYS D 246 -51.62 -10.98 44.43
N TYR D 247 -51.96 -11.79 43.43
CA TYR D 247 -51.61 -13.20 43.51
C TYR D 247 -50.16 -13.47 43.13
N VAL D 248 -49.57 -12.64 42.26
CA VAL D 248 -48.15 -12.77 41.98
C VAL D 248 -47.35 -12.53 43.26
N SER D 249 -47.71 -11.50 44.01
CA SER D 249 -47.00 -11.18 45.25
C SER D 249 -47.15 -12.26 46.31
N GLN D 250 -48.05 -13.23 46.11
CA GLN D 250 -48.28 -14.29 47.07
C GLN D 250 -48.13 -15.66 46.43
N ARG D 251 -46.98 -15.89 45.77
CA ARG D 251 -46.48 -17.20 45.38
C ARG D 251 -47.21 -17.83 44.19
N ALA D 252 -47.97 -17.08 43.40
CA ALA D 252 -48.82 -17.70 42.39
C ALA D 252 -48.36 -17.36 40.97
N GLY D 253 -48.56 -18.32 40.07
CA GLY D 253 -48.36 -18.11 38.65
C GLY D 253 -49.71 -17.96 37.96
N ILE D 254 -49.75 -17.08 36.96
CA ILE D 254 -51.00 -16.54 36.43
C ILE D 254 -51.28 -17.10 35.04
N GLY D 255 -52.56 -17.32 34.75
CA GLY D 255 -53.04 -17.56 33.41
C GLY D 255 -54.12 -16.57 33.06
N ILE D 256 -53.91 -15.75 32.03
CA ILE D 256 -54.81 -14.67 31.68
C ILE D 256 -55.56 -15.03 30.40
N ASN D 257 -56.86 -14.82 30.39
CA ASN D 257 -57.70 -15.02 29.21
C ASN D 257 -58.14 -13.63 28.73
N ALA D 258 -57.44 -13.11 27.73
CA ALA D 258 -57.73 -11.79 27.16
C ALA D 258 -58.20 -11.89 25.71
N GLY D 259 -58.83 -13.01 25.34
CA GLY D 259 -59.35 -13.17 24.00
C GLY D 259 -60.62 -12.40 23.73
N ARG D 260 -61.32 -11.97 24.77
CA ARG D 260 -62.57 -11.23 24.62
C ARG D 260 -62.35 -9.78 24.18
N ILE D 261 -61.17 -9.22 24.48
CA ILE D 261 -60.91 -7.82 24.14
C ILE D 261 -60.98 -7.63 22.63
N ARG D 262 -61.77 -6.66 22.21
CA ARG D 262 -62.03 -6.42 20.80
C ARG D 262 -60.75 -5.95 20.08
N ALA D 263 -60.80 -6.02 18.75
CA ALA D 263 -59.62 -5.81 17.93
C ALA D 263 -59.32 -4.33 17.72
N LEU D 264 -58.08 -4.08 17.28
CA LEU D 264 -57.64 -2.73 16.97
C LEU D 264 -58.49 -2.13 15.86
N GLY D 265 -59.00 -0.93 16.10
CA GLY D 265 -59.82 -0.24 15.12
C GLY D 265 -61.30 -0.39 15.30
N SER D 266 -61.75 -1.22 16.25
CA SER D 266 -63.16 -1.38 16.50
C SER D 266 -63.75 -0.10 17.11
N PRO D 267 -65.01 0.19 16.83
CA PRO D 267 -65.62 1.40 17.39
C PRO D 267 -65.86 1.28 18.89
N ILE D 268 -65.75 2.43 19.57
CA ILE D 268 -66.06 2.56 20.98
C ILE D 268 -67.19 3.58 21.10
N ARG D 269 -68.28 3.18 21.74
CA ARG D 269 -69.45 4.04 21.91
C ARG D 269 -69.94 4.58 20.56
N GLY D 270 -70.02 3.68 19.58
CA GLY D 270 -70.54 4.05 18.28
C GLY D 270 -69.61 4.89 17.41
N GLY D 271 -68.39 5.13 17.86
CA GLY D 271 -67.45 5.91 17.07
C GLY D 271 -66.91 7.14 17.79
N GLU D 272 -67.21 7.24 19.09
CA GLU D 272 -66.65 8.33 19.88
C GLU D 272 -65.14 8.17 20.04
N ALA D 273 -64.62 6.94 19.96
CA ALA D 273 -63.20 6.71 20.16
C ALA D 273 -62.74 5.56 19.25
N PHE D 274 -61.43 5.55 19.00
CA PHE D 274 -60.78 4.54 18.19
C PHE D 274 -60.07 3.56 19.12
N HIS D 275 -60.44 2.28 19.02
CA HIS D 275 -59.88 1.27 19.91
C HIS D 275 -58.40 1.03 19.57
N THR D 276 -57.55 1.15 20.58
CA THR D 276 -56.10 1.11 20.37
C THR D 276 -55.57 -0.32 20.16
N GLY D 277 -56.34 -1.34 20.50
CA GLY D 277 -55.95 -2.72 20.27
C GLY D 277 -55.62 -3.47 21.55
N CYS D 278 -55.28 -4.74 21.37
CA CYS D 278 -54.98 -5.60 22.51
C CYS D 278 -53.62 -5.28 23.12
N ILE D 279 -52.63 -5.00 22.26
CA ILE D 279 -51.23 -4.89 22.65
C ILE D 279 -51.03 -3.87 23.77
N PRO D 280 -51.65 -2.69 23.75
CA PRO D 280 -51.51 -1.79 24.90
C PRO D 280 -52.04 -2.37 26.20
N PHE D 281 -53.05 -3.25 26.13
CA PHE D 281 -53.54 -3.89 27.33
C PHE D 281 -52.68 -5.07 27.75
N TYR D 282 -52.13 -5.80 26.76
CA TYR D 282 -51.18 -6.86 27.09
C TYR D 282 -49.95 -6.31 27.81
N LYS D 283 -49.45 -5.16 27.33
CA LYS D 283 -48.33 -4.50 27.99
C LYS D 283 -48.66 -4.17 29.44
N HIS D 284 -49.92 -3.79 29.71
CA HIS D 284 -50.33 -3.51 31.08
C HIS D 284 -50.33 -4.77 31.92
N PHE D 285 -50.78 -5.89 31.35
CA PHE D 285 -50.73 -7.15 32.08
C PHE D 285 -49.30 -7.56 32.37
N GLN D 286 -48.37 -7.28 31.45
CA GLN D 286 -46.99 -7.70 31.64
C GLN D 286 -46.34 -6.97 32.81
N THR D 287 -46.52 -5.64 32.87
CA THR D 287 -45.95 -4.90 33.99
C THR D 287 -46.61 -5.28 35.31
N ALA D 288 -47.85 -5.75 35.26
CA ALA D 288 -48.50 -6.25 36.47
C ALA D 288 -47.80 -7.50 36.98
N VAL D 289 -47.50 -8.44 36.07
CA VAL D 289 -46.83 -9.67 36.45
C VAL D 289 -45.42 -9.38 36.97
N LYS D 290 -44.72 -8.46 36.31
CA LYS D 290 -43.33 -8.16 36.64
C LYS D 290 -43.19 -7.15 37.77
N SER D 291 -44.30 -6.58 38.24
CA SER D 291 -44.22 -5.57 39.30
C SER D 291 -43.74 -6.16 40.62
N CYS D 292 -44.05 -7.42 40.89
CA CYS D 292 -43.76 -8.05 42.16
C CYS D 292 -43.00 -9.36 41.95
N SER D 293 -42.29 -9.77 42.99
CA SER D 293 -41.71 -11.11 43.05
C SER D 293 -42.77 -12.11 43.48
N GLN D 294 -42.49 -13.38 43.25
CA GLN D 294 -43.45 -14.45 43.55
C GLN D 294 -43.25 -14.92 44.99
N GLY D 295 -43.71 -14.07 45.91
CA GLY D 295 -43.57 -14.37 47.32
C GLY D 295 -42.16 -14.27 47.86
N GLY D 296 -41.27 -13.57 47.15
CA GLY D 296 -39.88 -13.49 47.50
C GLY D 296 -39.02 -14.67 47.07
N VAL D 297 -39.61 -15.68 46.44
CA VAL D 297 -38.88 -16.88 46.06
C VAL D 297 -38.33 -16.76 44.64
N ARG D 298 -39.16 -16.33 43.69
CA ARG D 298 -38.74 -16.22 42.29
C ARG D 298 -39.55 -15.11 41.64
N GLY D 299 -39.36 -14.96 40.32
CA GLY D 299 -40.08 -13.94 39.58
C GLY D 299 -41.46 -14.39 39.16
N GLY D 300 -42.33 -13.41 38.90
CA GLY D 300 -43.68 -13.70 38.45
C GLY D 300 -43.71 -13.99 36.95
N ALA D 301 -44.51 -15.00 36.59
CA ALA D 301 -44.68 -15.39 35.20
C ALA D 301 -46.16 -15.53 34.89
N ALA D 302 -46.49 -15.39 33.61
CA ALA D 302 -47.88 -15.52 33.19
C ALA D 302 -47.97 -15.96 31.74
N THR D 303 -49.05 -16.67 31.42
CA THR D 303 -49.38 -17.06 30.06
C THR D 303 -50.72 -16.43 29.69
N LEU D 304 -50.79 -15.85 28.50
CA LEU D 304 -51.97 -15.16 28.01
C LEU D 304 -52.62 -15.96 26.90
N PHE D 305 -53.94 -16.04 26.91
CA PHE D 305 -54.70 -16.88 25.99
C PHE D 305 -55.62 -16.07 25.12
N TYR D 306 -55.68 -16.43 23.83
CA TYR D 306 -56.55 -15.80 22.86
C TYR D 306 -56.91 -16.83 21.79
N PRO D 307 -58.10 -16.73 21.20
CA PRO D 307 -58.47 -17.68 20.15
C PRO D 307 -57.69 -17.42 18.86
N MET D 308 -57.46 -18.50 18.11
CA MET D 308 -56.73 -18.39 16.86
C MET D 308 -57.44 -17.49 15.85
N TRP D 309 -58.76 -17.43 15.90
CA TRP D 309 -59.52 -16.65 14.93
C TRP D 309 -59.68 -15.18 15.34
N HIS D 310 -58.93 -14.73 16.34
CA HIS D 310 -58.98 -13.32 16.73
C HIS D 310 -58.45 -12.46 15.58
N LEU D 311 -59.01 -11.25 15.46
CA LEU D 311 -58.65 -10.40 14.34
C LEU D 311 -57.19 -9.96 14.40
N GLU D 312 -56.61 -9.87 15.59
CA GLU D 312 -55.23 -9.43 15.76
C GLU D 312 -54.25 -10.59 15.87
N VAL D 313 -54.65 -11.81 15.52
CA VAL D 313 -53.83 -12.99 15.80
C VAL D 313 -52.46 -12.89 15.14
N GLU D 314 -52.37 -12.29 13.95
CA GLU D 314 -51.09 -12.18 13.29
C GLU D 314 -50.15 -11.23 14.02
N SER D 315 -50.71 -10.23 14.72
CA SER D 315 -49.92 -9.32 15.53
C SER D 315 -49.62 -9.87 16.91
N LEU D 316 -50.47 -10.76 17.42
CA LEU D 316 -50.27 -11.34 18.74
C LEU D 316 -49.29 -12.51 18.71
N LEU D 317 -49.20 -13.23 17.59
CA LEU D 317 -48.31 -14.38 17.49
C LEU D 317 -46.85 -13.98 17.50
N VAL D 318 -46.52 -12.74 17.19
CA VAL D 318 -45.14 -12.30 17.03
C VAL D 318 -44.70 -11.42 18.19
N LEU D 319 -45.40 -11.49 19.32
CA LEU D 319 -45.08 -10.62 20.44
C LEU D 319 -43.80 -11.02 21.17
N LYS D 320 -43.31 -12.25 20.98
CA LYS D 320 -42.14 -12.70 21.73
C LYS D 320 -40.82 -12.62 20.96
N ASN D 321 -40.83 -12.59 19.63
CA ASN D 321 -39.57 -12.53 18.92
C ASN D 321 -38.89 -11.18 19.19
N ASN D 322 -37.57 -11.16 19.05
CA ASN D 322 -36.82 -9.98 19.47
C ASN D 322 -36.62 -8.96 18.36
N ARG D 323 -37.19 -9.18 17.18
CA ARG D 323 -37.15 -8.17 16.13
C ARG D 323 -38.46 -7.39 16.09
N GLY D 324 -38.36 -6.12 15.73
CA GLY D 324 -39.47 -5.20 15.78
C GLY D 324 -39.26 -4.14 16.84
N VAL D 325 -40.15 -3.15 16.82
CA VAL D 325 -40.07 -2.06 17.78
C VAL D 325 -40.72 -2.47 19.10
N GLU D 326 -40.44 -1.69 20.14
CA GLU D 326 -41.04 -1.97 21.44
C GLU D 326 -42.54 -1.73 21.46
N GLY D 327 -43.07 -0.98 20.49
CA GLY D 327 -44.50 -0.70 20.48
C GLY D 327 -45.35 -1.91 20.13
N ASN D 328 -44.82 -2.82 19.32
CA ASN D 328 -45.56 -4.00 18.89
C ASN D 328 -44.95 -5.30 19.43
N ARG D 329 -44.33 -5.24 20.60
CA ARG D 329 -43.66 -6.39 21.19
C ARG D 329 -44.03 -6.48 22.66
N VAL D 330 -44.40 -7.68 23.12
CA VAL D 330 -44.65 -7.96 24.54
C VAL D 330 -43.92 -9.25 24.86
N ARG D 331 -42.63 -9.15 25.19
CA ARG D 331 -41.74 -10.32 25.16
C ARG D 331 -41.72 -11.14 26.45
N HIS D 332 -42.05 -10.55 27.60
CA HIS D 332 -41.83 -11.20 28.89
C HIS D 332 -43.04 -11.98 29.38
N MET D 333 -43.94 -12.36 28.48
CA MET D 333 -45.06 -13.24 28.81
C MET D 333 -45.16 -14.32 27.75
N ASP D 334 -45.63 -15.49 28.17
CA ASP D 334 -45.87 -16.58 27.25
C ASP D 334 -47.32 -16.53 26.77
N TYR D 335 -47.60 -17.24 25.67
CA TYR D 335 -48.90 -17.17 25.04
C TYR D 335 -49.41 -18.56 24.65
N GLY D 336 -50.71 -18.75 24.80
CA GLY D 336 -51.37 -19.96 24.36
C GLY D 336 -52.44 -19.66 23.32
N VAL D 337 -52.28 -20.22 22.12
CA VAL D 337 -53.23 -20.02 21.03
C VAL D 337 -54.31 -21.10 21.14
N GLN D 338 -55.57 -20.68 21.18
CA GLN D 338 -56.68 -21.61 21.36
C GLN D 338 -57.23 -22.04 20.01
N ILE D 339 -57.31 -23.36 19.81
CA ILE D 339 -57.68 -23.96 18.54
C ILE D 339 -58.75 -25.02 18.77
N ASN D 340 -59.64 -25.18 17.79
CA ASN D 340 -60.64 -26.24 17.83
C ASN D 340 -60.61 -27.00 16.51
N LYS D 341 -61.47 -28.01 16.40
CA LYS D 341 -61.43 -28.94 15.27
C LYS D 341 -61.63 -28.22 13.93
N LEU D 342 -62.51 -27.22 13.91
CA LEU D 342 -62.79 -26.50 12.66
C LEU D 342 -61.52 -25.85 12.12
N MET D 343 -60.72 -25.25 13.01
CA MET D 343 -59.47 -24.62 12.56
C MET D 343 -58.54 -25.63 11.92
N TYR D 344 -58.38 -26.80 12.56
CA TYR D 344 -57.51 -27.83 11.99
C TYR D 344 -58.03 -28.32 10.65
N THR D 345 -59.36 -28.40 10.50
CA THR D 345 -59.94 -28.88 9.25
C THR D 345 -59.64 -27.93 8.10
N ARG D 346 -59.72 -26.62 8.35
CA ARG D 346 -59.35 -25.66 7.32
C ARG D 346 -57.91 -25.84 6.89
N LEU D 347 -57.03 -26.26 7.80
CA LEU D 347 -55.65 -26.53 7.44
C LEU D 347 -55.53 -27.77 6.56
N LEU D 348 -56.24 -28.85 6.94
CA LEU D 348 -56.15 -30.09 6.18
C LEU D 348 -56.72 -29.96 4.78
N LYS D 349 -57.77 -29.15 4.62
CA LYS D 349 -58.40 -28.96 3.32
C LYS D 349 -57.79 -27.81 2.52
N GLY D 350 -56.76 -27.16 3.06
CA GLY D 350 -56.11 -26.06 2.36
C GLY D 350 -57.00 -24.87 2.11
N GLU D 351 -57.99 -24.64 2.97
CA GLU D 351 -58.90 -23.53 2.79
C GLU D 351 -58.40 -22.34 3.61
N ASP D 352 -59.27 -21.34 3.83
CA ASP D 352 -58.91 -20.13 4.53
C ASP D 352 -59.51 -20.13 5.94
N ILE D 353 -58.97 -19.27 6.79
CA ILE D 353 -59.51 -19.01 8.12
C ILE D 353 -59.89 -17.54 8.18
N THR D 354 -61.12 -17.26 8.60
CA THR D 354 -61.59 -15.89 8.71
C THR D 354 -61.34 -15.39 10.13
N LEU D 355 -60.77 -14.20 10.23
CA LEU D 355 -60.47 -13.59 11.51
C LEU D 355 -61.57 -12.58 11.86
N PHE D 356 -62.04 -12.64 13.09
CA PHE D 356 -63.11 -11.76 13.55
C PHE D 356 -62.69 -11.07 14.85
N SER D 357 -63.25 -9.90 15.08
CA SER D 357 -63.21 -9.33 16.41
C SER D 357 -64.33 -9.93 17.24
N PRO D 358 -64.05 -10.40 18.46
CA PRO D 358 -65.10 -11.03 19.26
C PRO D 358 -66.28 -10.12 19.54
N SER D 359 -66.13 -8.81 19.38
CA SER D 359 -67.23 -7.87 19.57
C SER D 359 -68.21 -7.84 18.41
N ASP D 360 -67.82 -8.35 17.23
CA ASP D 360 -68.65 -8.27 16.04
C ASP D 360 -69.35 -9.59 15.70
N VAL D 361 -69.16 -10.62 16.50
CA VAL D 361 -69.72 -11.94 16.19
C VAL D 361 -70.51 -12.46 17.39
N PRO D 362 -71.82 -12.21 17.43
CA PRO D 362 -72.61 -12.55 18.63
C PRO D 362 -72.64 -14.05 18.89
N GLY D 363 -72.23 -14.43 20.09
CA GLY D 363 -72.26 -15.81 20.52
C GLY D 363 -71.16 -16.69 19.98
N LEU D 364 -70.31 -16.17 19.08
CA LEU D 364 -69.24 -16.99 18.52
C LEU D 364 -68.18 -17.32 19.56
N TYR D 365 -67.84 -16.35 20.43
CA TYR D 365 -66.80 -16.60 21.42
C TYR D 365 -67.22 -17.68 22.41
N ASP D 366 -68.43 -17.56 22.97
CA ASP D 366 -68.88 -18.54 23.96
C ASP D 366 -69.03 -19.92 23.33
N ALA D 367 -69.53 -19.98 22.10
CA ALA D 367 -69.70 -21.26 21.43
C ALA D 367 -68.36 -21.91 21.12
N PHE D 368 -67.32 -21.09 20.91
CA PHE D 368 -65.99 -21.61 20.58
C PHE D 368 -65.50 -22.64 21.59
N PHE D 369 -65.98 -22.56 22.84
CA PHE D 369 -65.60 -23.51 23.88
C PHE D 369 -66.69 -24.52 24.22
N ALA D 370 -67.94 -24.08 24.35
CA ALA D 370 -69.02 -24.91 24.89
C ALA D 370 -69.69 -25.81 23.85
N ASP D 371 -69.95 -25.30 22.65
CA ASP D 371 -70.77 -25.99 21.65
C ASP D 371 -70.04 -25.98 20.31
N GLN D 372 -69.51 -27.13 19.90
CA GLN D 372 -68.75 -27.16 18.66
C GLN D 372 -69.66 -27.07 17.44
N GLU D 373 -70.86 -27.66 17.50
CA GLU D 373 -71.78 -27.54 16.37
C GLU D 373 -72.33 -26.13 16.25
N GLU D 374 -72.70 -25.51 17.37
CA GLU D 374 -73.17 -24.12 17.31
C GLU D 374 -72.07 -23.19 16.82
N PHE D 375 -70.82 -23.48 17.15
CA PHE D 375 -69.71 -22.68 16.65
C PHE D 375 -69.63 -22.75 15.12
N GLU D 376 -69.67 -23.96 14.57
CA GLU D 376 -69.59 -24.10 13.11
C GLU D 376 -70.76 -23.41 12.43
N ARG D 377 -71.95 -23.44 13.05
CA ARG D 377 -73.09 -22.73 12.50
C ARG D 377 -72.85 -21.23 12.48
N LEU D 378 -72.47 -20.66 13.63
CA LEU D 378 -72.23 -19.22 13.70
C LEU D 378 -71.04 -18.80 12.85
N TYR D 379 -69.96 -19.60 12.86
CA TYR D 379 -68.76 -19.23 12.12
C TYR D 379 -69.03 -19.17 10.62
N THR D 380 -69.60 -20.23 10.06
CA THR D 380 -69.89 -20.23 8.63
C THR D 380 -70.92 -19.16 8.26
N LYS D 381 -71.87 -18.88 9.15
CA LYS D 381 -72.84 -17.82 8.89
C LYS D 381 -72.15 -16.46 8.80
N TYR D 382 -71.27 -16.17 9.76
CA TYR D 382 -70.59 -14.87 9.79
C TYR D 382 -69.57 -14.72 8.68
N GLU D 383 -69.08 -15.82 8.10
CA GLU D 383 -68.21 -15.70 6.92
C GLU D 383 -68.98 -15.23 5.71
N LYS D 384 -70.27 -15.61 5.61
CA LYS D 384 -71.09 -15.19 4.48
C LYS D 384 -71.49 -13.72 4.61
N ASP D 385 -71.73 -13.26 5.83
CA ASP D 385 -72.15 -11.89 6.06
C ASP D 385 -71.07 -10.91 5.64
N ASP D 386 -71.39 -10.04 4.68
CA ASP D 386 -70.44 -9.04 4.19
C ASP D 386 -70.50 -7.74 4.97
N SER D 387 -71.48 -7.58 5.86
CA SER D 387 -71.57 -6.38 6.69
C SER D 387 -70.71 -6.48 7.94
N ILE D 388 -70.11 -7.64 8.21
CA ILE D 388 -69.29 -7.86 9.39
C ILE D 388 -67.84 -7.64 9.04
N ARG D 389 -67.14 -6.84 9.85
CA ARG D 389 -65.71 -6.61 9.65
C ARG D 389 -64.95 -7.92 9.84
N LYS D 390 -64.17 -8.31 8.84
CA LYS D 390 -63.47 -9.58 8.85
C LYS D 390 -62.18 -9.47 8.05
N GLN D 391 -61.39 -10.54 8.11
CA GLN D 391 -60.10 -10.61 7.44
C GLN D 391 -59.80 -12.07 7.15
N ARG D 392 -59.43 -12.36 5.91
CA ARG D 392 -59.17 -13.71 5.45
C ARG D 392 -57.67 -13.99 5.44
N VAL D 393 -57.30 -15.16 5.95
CA VAL D 393 -55.93 -15.65 5.93
C VAL D 393 -55.97 -17.12 5.55
N LYS D 394 -55.03 -17.55 4.71
CA LYS D 394 -54.91 -18.98 4.42
C LYS D 394 -54.54 -19.74 5.68
N ALA D 395 -55.29 -20.79 5.98
CA ALA D 395 -55.04 -21.57 7.20
C ALA D 395 -53.60 -22.08 7.25
N VAL D 396 -53.02 -22.41 6.10
CA VAL D 396 -51.64 -22.86 6.07
C VAL D 396 -50.70 -21.75 6.53
N GLU D 397 -50.93 -20.52 6.06
CA GLU D 397 -50.05 -19.42 6.44
C GLU D 397 -50.19 -19.05 7.91
N LEU D 398 -51.41 -19.11 8.44
CA LEU D 398 -51.61 -18.79 9.85
C LEU D 398 -50.98 -19.85 10.75
N PHE D 399 -51.17 -21.13 10.40
CA PHE D 399 -50.53 -22.19 11.18
C PHE D 399 -49.01 -22.14 11.06
N SER D 400 -48.51 -21.75 9.88
CA SER D 400 -47.06 -21.61 9.71
C SER D 400 -46.51 -20.48 10.56
N LEU D 401 -47.21 -19.34 10.61
CA LEU D 401 -46.76 -18.23 11.45
C LEU D 401 -46.71 -18.65 12.92
N MET D 402 -47.71 -19.37 13.39
CA MET D 402 -47.76 -19.77 14.79
C MET D 402 -46.63 -20.75 15.14
N MET D 403 -46.45 -21.79 14.33
CA MET D 403 -45.40 -22.77 14.61
C MET D 403 -44.02 -22.17 14.39
N GLN D 404 -43.89 -21.20 13.49
CA GLN D 404 -42.63 -20.50 13.31
C GLN D 404 -42.23 -19.74 14.58
N GLU D 405 -43.20 -19.07 15.21
CA GLU D 405 -42.92 -18.37 16.46
C GLU D 405 -42.82 -19.35 17.62
N ARG D 406 -43.52 -20.48 17.55
CA ARG D 406 -43.38 -21.49 18.59
C ARG D 406 -41.99 -22.09 18.60
N ALA D 407 -41.41 -22.32 17.42
CA ALA D 407 -40.10 -22.94 17.35
C ALA D 407 -38.98 -21.98 17.74
N SER D 408 -39.13 -20.70 17.41
CA SER D 408 -38.11 -19.72 17.73
C SER D 408 -38.02 -19.46 19.23
N THR D 409 -39.15 -19.17 19.86
CA THR D 409 -39.16 -18.80 21.27
C THR D 409 -39.37 -20.00 22.19
N GLY D 410 -40.08 -21.03 21.72
CA GLY D 410 -40.44 -22.15 22.57
C GLY D 410 -41.56 -21.87 23.54
N ARG D 411 -42.17 -20.68 23.50
CA ARG D 411 -43.12 -20.24 24.49
C ARG D 411 -44.48 -19.87 23.90
N ILE D 412 -44.75 -20.28 22.66
CA ILE D 412 -46.06 -20.13 22.05
C ILE D 412 -46.77 -21.47 22.15
N TYR D 413 -47.76 -21.55 23.03
CA TYR D 413 -48.41 -22.79 23.41
C TYR D 413 -49.72 -22.97 22.63
N ILE D 414 -50.22 -24.21 22.64
CA ILE D 414 -51.45 -24.58 21.95
C ILE D 414 -52.40 -25.19 22.97
N GLN D 415 -53.66 -24.75 22.93
CA GLN D 415 -54.72 -25.35 23.73
C GLN D 415 -55.85 -25.79 22.80
N ASN D 416 -56.18 -27.08 22.84
CA ASN D 416 -57.31 -27.61 22.06
C ASN D 416 -58.57 -27.46 22.89
N VAL D 417 -59.32 -26.38 22.63
CA VAL D 417 -60.44 -26.01 23.50
C VAL D 417 -61.59 -27.00 23.42
N ASP D 418 -61.75 -27.67 22.28
CA ASP D 418 -62.82 -28.66 22.20
C ASP D 418 -62.50 -29.89 23.05
N HIS D 419 -61.24 -30.32 23.04
CA HIS D 419 -60.82 -31.40 23.92
C HIS D 419 -60.94 -30.99 25.39
N CYS D 420 -60.68 -29.72 25.69
CA CYS D 420 -60.77 -29.24 27.06
C CYS D 420 -62.19 -29.23 27.58
N ASN D 421 -63.19 -29.40 26.71
CA ASN D 421 -64.60 -29.39 27.09
C ASN D 421 -65.34 -30.68 26.81
N THR D 422 -64.95 -31.45 25.79
CA THR D 422 -65.59 -32.74 25.56
C THR D 422 -65.07 -33.80 26.52
N HIS D 423 -63.84 -33.66 27.00
CA HIS D 423 -63.26 -34.64 27.92
C HIS D 423 -62.80 -33.95 29.20
N SER D 424 -63.73 -33.34 29.93
CA SER D 424 -63.44 -32.60 31.14
C SER D 424 -64.42 -32.99 32.23
N PRO D 425 -64.09 -32.70 33.49
CA PRO D 425 -65.04 -32.93 34.59
C PRO D 425 -66.13 -31.88 34.70
N PHE D 426 -66.29 -30.98 33.74
CA PHE D 426 -67.28 -29.91 33.83
C PHE D 426 -68.25 -29.95 32.64
N ASP D 427 -69.48 -29.51 32.89
CA ASP D 427 -70.49 -29.43 31.85
C ASP D 427 -70.32 -28.13 31.08
N PRO D 428 -69.99 -28.18 29.78
CA PRO D 428 -69.75 -26.95 29.03
C PRO D 428 -70.93 -25.98 29.01
N ALA D 429 -72.16 -26.45 29.23
CA ALA D 429 -73.30 -25.55 29.26
C ALA D 429 -73.35 -24.71 30.52
N ILE D 430 -72.81 -25.22 31.62
CA ILE D 430 -72.86 -24.55 32.91
C ILE D 430 -71.55 -23.86 33.27
N ALA D 431 -70.43 -24.58 33.13
CA ALA D 431 -69.12 -24.07 33.53
C ALA D 431 -68.08 -24.50 32.52
N PRO D 432 -68.03 -23.82 31.37
CA PRO D 432 -67.06 -24.21 30.34
C PRO D 432 -65.63 -23.84 30.74
N VAL D 433 -64.70 -24.53 30.08
CA VAL D 433 -63.27 -24.26 30.22
C VAL D 433 -62.85 -23.37 29.06
N ARG D 434 -62.37 -22.16 29.36
CA ARG D 434 -62.04 -21.18 28.33
C ARG D 434 -60.57 -20.78 28.33
N GLN D 435 -59.73 -21.41 29.15
CA GLN D 435 -58.32 -21.01 29.21
C GLN D 435 -57.52 -22.12 29.89
N SER D 436 -56.24 -21.85 30.12
CA SER D 436 -55.34 -22.75 30.85
C SER D 436 -54.48 -21.89 31.77
N ASN D 437 -53.41 -22.48 32.30
CA ASN D 437 -52.56 -21.79 33.27
C ASN D 437 -51.18 -21.47 32.68
N LEU D 438 -50.21 -21.22 33.55
CA LEU D 438 -48.86 -20.86 33.11
C LEU D 438 -48.18 -22.01 32.37
N CYS D 439 -48.34 -23.23 32.86
CA CYS D 439 -47.65 -24.38 32.30
C CYS D 439 -48.59 -25.35 31.60
N LEU D 440 -49.83 -24.92 31.32
CA LEU D 440 -50.73 -25.62 30.40
C LEU D 440 -51.15 -26.99 30.93
N GLU D 441 -51.20 -27.17 32.26
CA GLU D 441 -51.72 -28.40 32.84
C GLU D 441 -53.03 -28.20 33.57
N ILE D 442 -53.43 -26.96 33.83
CA ILE D 442 -54.65 -26.64 34.57
C ILE D 442 -55.71 -26.17 33.57
N ALA D 443 -56.91 -26.76 33.68
CA ALA D 443 -58.04 -26.39 32.84
C ALA D 443 -59.28 -26.31 33.75
N LEU D 444 -59.65 -25.09 34.14
CA LEU D 444 -60.71 -24.87 35.11
C LEU D 444 -61.64 -23.77 34.64
N PRO D 445 -62.90 -23.79 35.08
CA PRO D 445 -63.84 -22.72 34.67
C PRO D 445 -63.54 -21.39 35.34
N THR D 446 -63.84 -20.32 34.61
CA THR D 446 -63.67 -18.95 35.08
C THR D 446 -64.80 -18.09 34.54
N LYS D 447 -65.09 -17.00 35.24
CA LYS D 447 -65.99 -15.96 34.76
C LYS D 447 -65.36 -14.60 35.00
N PRO D 448 -65.38 -13.69 34.03
CA PRO D 448 -64.69 -12.41 34.18
C PRO D 448 -65.26 -11.57 35.33
N LEU D 449 -64.42 -10.67 35.82
CA LEU D 449 -64.77 -9.76 36.92
C LEU D 449 -65.07 -8.37 36.37
N ASN D 450 -65.97 -7.66 37.06
CA ASN D 450 -66.19 -6.25 36.78
C ASN D 450 -65.60 -5.34 37.85
N ASP D 451 -65.13 -5.90 38.96
CA ASP D 451 -64.43 -5.15 39.99
C ASP D 451 -63.49 -6.10 40.71
N VAL D 452 -62.51 -5.52 41.40
CA VAL D 452 -61.57 -6.32 42.18
C VAL D 452 -62.30 -7.16 43.22
N ASN D 453 -63.41 -6.65 43.76
CA ASN D 453 -64.19 -7.35 44.77
C ASN D 453 -65.52 -7.87 44.23
N ASP D 454 -65.63 -8.04 42.92
CA ASP D 454 -66.85 -8.56 42.32
C ASP D 454 -67.15 -9.96 42.82
N GLU D 455 -68.33 -10.15 43.41
CA GLU D 455 -68.75 -11.46 43.87
C GLU D 455 -69.21 -12.37 42.74
N ASN D 456 -69.52 -11.81 41.57
CA ASN D 456 -70.05 -12.60 40.47
C ASN D 456 -68.96 -13.28 39.66
N GLY D 457 -67.80 -12.63 39.52
CA GLY D 457 -66.70 -13.23 38.78
C GLY D 457 -66.15 -14.46 39.48
N GLU D 458 -65.48 -15.31 38.71
CA GLU D 458 -64.89 -16.54 39.24
C GLU D 458 -63.45 -16.65 38.77
N ILE D 459 -62.52 -16.68 39.73
CA ILE D 459 -61.10 -16.93 39.47
C ILE D 459 -60.79 -18.34 39.97
N ALA D 460 -60.15 -19.13 39.11
CA ALA D 460 -59.88 -20.54 39.40
C ALA D 460 -58.51 -20.68 40.07
N LEU D 461 -58.49 -21.28 41.26
CA LEU D 461 -57.25 -21.64 41.93
C LEU D 461 -57.04 -23.14 41.82
N CYS D 462 -55.77 -23.55 41.83
CA CYS D 462 -55.46 -24.97 41.84
C CYS D 462 -54.27 -25.25 42.74
N THR D 463 -54.44 -26.18 43.66
CA THR D 463 -53.38 -26.64 44.54
C THR D 463 -52.84 -27.97 44.02
N LEU D 464 -51.51 -28.14 44.12
CA LEU D 464 -50.83 -29.22 43.44
C LEU D 464 -50.15 -30.17 44.42
N SER D 465 -49.77 -31.32 43.89
CA SER D 465 -48.92 -32.32 44.55
C SER D 465 -48.59 -33.37 43.50
N ALA D 466 -47.74 -34.33 43.87
CA ALA D 466 -47.30 -35.32 42.91
C ALA D 466 -46.99 -36.64 43.60
N PHE D 467 -47.27 -37.73 42.89
CA PHE D 467 -46.87 -39.07 43.31
C PHE D 467 -45.51 -39.39 42.74
N ASN D 468 -44.61 -39.92 43.57
CA ASN D 468 -43.30 -40.35 43.13
C ASN D 468 -43.41 -41.77 42.59
N LEU D 469 -43.49 -41.90 41.26
CA LEU D 469 -43.61 -43.22 40.66
C LEU D 469 -42.39 -44.09 40.89
N GLY D 470 -41.26 -43.50 41.26
CA GLY D 470 -40.07 -44.26 41.59
C GLY D 470 -40.01 -44.77 43.00
N ALA D 471 -40.97 -44.39 43.84
CA ALA D 471 -40.98 -44.80 45.24
C ALA D 471 -41.99 -45.89 45.55
N ILE D 472 -42.85 -46.26 44.59
CA ILE D 472 -43.86 -47.28 44.81
C ILE D 472 -43.35 -48.61 44.28
N ASN D 473 -43.67 -49.70 44.98
CA ASN D 473 -43.36 -51.05 44.54
C ASN D 473 -44.56 -51.80 43.99
N ASN D 474 -45.76 -51.33 44.31
CA ASN D 474 -47.02 -51.91 43.84
C ASN D 474 -47.98 -50.78 43.56
N LEU D 475 -48.79 -50.93 42.50
CA LEU D 475 -49.76 -49.87 42.20
C LEU D 475 -50.79 -49.71 43.30
N ASP D 476 -50.98 -50.73 44.15
CA ASP D 476 -51.93 -50.63 45.24
C ASP D 476 -51.42 -49.78 46.39
N GLU D 477 -50.13 -49.42 46.38
CA GLU D 477 -49.63 -48.44 47.33
C GLU D 477 -50.22 -47.06 47.08
N LEU D 478 -50.75 -46.83 45.88
CA LEU D 478 -51.33 -45.53 45.55
C LEU D 478 -52.62 -45.28 46.31
N GLU D 479 -53.34 -46.34 46.70
CA GLU D 479 -54.58 -46.16 47.44
C GLU D 479 -54.35 -45.38 48.72
N GLU D 480 -53.33 -45.77 49.50
CA GLU D 480 -53.04 -45.07 50.75
C GLU D 480 -52.48 -43.67 50.48
N LEU D 481 -51.63 -43.54 49.46
CA LEU D 481 -51.02 -42.26 49.17
C LEU D 481 -52.03 -41.26 48.62
N ALA D 482 -53.01 -41.73 47.85
CA ALA D 482 -54.07 -40.84 47.36
C ALA D 482 -54.90 -40.28 48.51
N ILE D 483 -55.19 -41.11 49.51
CA ILE D 483 -55.92 -40.64 50.69
C ILE D 483 -55.16 -39.52 51.37
N LEU D 484 -53.86 -39.74 51.63
CA LEU D 484 -53.08 -38.74 52.33
C LEU D 484 -52.95 -37.45 51.51
N ALA D 485 -52.74 -37.58 50.20
CA ALA D 485 -52.53 -36.41 49.37
C ALA D 485 -53.81 -35.60 49.22
N VAL D 486 -54.94 -36.27 48.95
CA VAL D 486 -56.20 -35.57 48.77
C VAL D 486 -56.66 -34.93 50.07
N ARG D 487 -56.56 -35.67 51.19
CA ARG D 487 -56.95 -35.11 52.48
C ARG D 487 -56.10 -33.90 52.84
N ALA D 488 -54.80 -33.94 52.51
CA ALA D 488 -53.92 -32.83 52.84
C ALA D 488 -54.25 -31.60 52.01
N LEU D 489 -54.46 -31.79 50.70
CA LEU D 489 -54.75 -30.64 49.83
C LEU D 489 -56.15 -30.09 50.06
N ASP D 490 -57.11 -30.94 50.44
CA ASP D 490 -58.45 -30.45 50.71
C ASP D 490 -58.50 -29.65 52.01
N ALA D 491 -57.79 -30.13 53.03
CA ALA D 491 -57.68 -29.35 54.26
C ALA D 491 -56.92 -28.05 54.03
N LEU D 492 -56.06 -28.02 53.01
CA LEU D 492 -55.31 -26.81 52.70
C LEU D 492 -56.22 -25.70 52.19
N LEU D 493 -57.28 -26.05 51.45
CA LEU D 493 -58.17 -25.04 50.90
C LEU D 493 -58.89 -24.25 51.99
N ASP D 494 -59.28 -24.92 53.08
CA ASP D 494 -59.89 -24.23 54.21
C ASP D 494 -58.86 -23.51 55.06
N TYR D 495 -57.61 -23.97 55.01
CA TYR D 495 -56.58 -23.42 55.89
C TYR D 495 -56.04 -22.09 55.38
N GLN D 496 -55.94 -21.92 54.07
CA GLN D 496 -55.31 -20.74 53.50
C GLN D 496 -56.29 -19.58 53.37
N ASP D 497 -55.75 -18.39 53.10
CA ASP D 497 -56.52 -17.18 52.88
C ASP D 497 -56.60 -16.87 51.39
N TYR D 498 -57.48 -15.94 51.04
CA TYR D 498 -57.76 -15.61 49.64
C TYR D 498 -57.77 -14.10 49.44
N PRO D 499 -56.76 -13.53 48.78
CA PRO D 499 -56.73 -12.06 48.64
C PRO D 499 -57.80 -11.49 47.73
N ILE D 500 -58.37 -12.26 46.81
CA ILE D 500 -59.39 -11.78 45.88
C ILE D 500 -60.67 -12.55 46.13
N PRO D 501 -61.79 -11.88 46.43
CA PRO D 501 -63.04 -12.61 46.69
C PRO D 501 -63.46 -13.54 45.58
N ALA D 502 -63.27 -13.13 44.32
CA ALA D 502 -63.66 -14.00 43.21
C ALA D 502 -62.86 -15.30 43.19
N ALA D 503 -61.63 -15.27 43.73
CA ALA D 503 -60.80 -16.47 43.80
C ALA D 503 -61.28 -17.42 44.88
N LYS D 504 -61.70 -16.89 46.03
CA LYS D 504 -62.26 -17.74 47.08
C LYS D 504 -63.54 -18.43 46.61
N ARG D 505 -64.33 -17.76 45.77
CA ARG D 505 -65.56 -18.33 45.26
C ARG D 505 -65.29 -19.63 44.51
N GLY D 506 -64.37 -19.60 43.55
CA GLY D 506 -64.07 -20.81 42.80
C GLY D 506 -63.48 -21.91 43.65
N ALA D 507 -62.57 -21.54 44.56
CA ALA D 507 -61.90 -22.54 45.39
C ALA D 507 -62.90 -23.26 46.30
N MET D 508 -63.69 -22.50 47.06
CA MET D 508 -64.67 -23.12 47.94
C MET D 508 -65.79 -23.80 47.17
N GLY D 509 -66.10 -23.30 45.99
CA GLY D 509 -67.19 -23.89 45.21
C GLY D 509 -66.80 -25.22 44.59
N ARG D 510 -65.64 -25.27 43.93
CA ARG D 510 -65.23 -26.46 43.19
C ARG D 510 -64.19 -27.29 43.91
N ARG D 511 -63.37 -26.68 44.76
CA ARG D 511 -62.33 -27.37 45.51
C ARG D 511 -61.40 -28.15 44.57
N THR D 512 -60.89 -27.45 43.56
CA THR D 512 -60.15 -28.09 42.49
C THR D 512 -58.73 -28.43 42.92
N LEU D 513 -58.34 -29.68 42.71
CA LEU D 513 -56.99 -30.15 43.01
C LEU D 513 -56.31 -30.60 41.73
N GLY D 514 -54.97 -30.54 41.73
CA GLY D 514 -54.19 -31.00 40.61
C GLY D 514 -53.00 -31.82 41.07
N ILE D 515 -53.18 -33.14 41.14
CA ILE D 515 -52.14 -34.05 41.62
C ILE D 515 -51.58 -34.80 40.42
N GLY D 516 -50.26 -34.72 40.25
CA GLY D 516 -49.59 -35.35 39.13
C GLY D 516 -48.60 -36.40 39.55
N VAL D 517 -47.59 -36.64 38.72
CA VAL D 517 -46.57 -37.65 38.98
C VAL D 517 -45.19 -37.06 38.74
N ILE D 518 -44.19 -37.68 39.38
CA ILE D 518 -42.78 -37.42 39.09
C ILE D 518 -42.09 -38.78 38.93
N ASN D 519 -40.86 -38.73 38.43
CA ASN D 519 -40.03 -39.93 38.23
C ASN D 519 -40.66 -40.90 37.23
N PHE D 520 -41.37 -40.39 36.23
CA PHE D 520 -41.99 -41.29 35.26
C PHE D 520 -40.94 -41.94 34.36
N ALA D 521 -39.89 -41.19 34.01
CA ALA D 521 -38.82 -41.76 33.20
C ALA D 521 -38.08 -42.86 33.95
N TYR D 522 -37.75 -42.61 35.23
CA TYR D 522 -37.16 -43.64 36.07
C TYR D 522 -38.11 -44.82 36.25
N TYR D 523 -39.41 -44.54 36.29
CA TYR D 523 -40.40 -45.60 36.38
C TYR D 523 -40.35 -46.50 35.14
N LEU D 524 -40.25 -45.91 33.95
CA LEU D 524 -40.15 -46.70 32.73
C LEU D 524 -38.85 -47.48 32.66
N ALA D 525 -37.76 -46.94 33.18
CA ALA D 525 -36.49 -47.66 33.14
C ALA D 525 -36.54 -48.90 34.02
N LYS D 526 -37.19 -48.82 35.18
CA LYS D 526 -37.32 -49.98 36.05
C LYS D 526 -38.16 -51.07 35.42
N HIS D 527 -39.08 -50.73 34.53
CA HIS D 527 -39.88 -51.73 33.83
C HIS D 527 -39.30 -52.08 32.46
N GLY D 528 -38.15 -51.52 32.12
CA GLY D 528 -37.53 -51.82 30.84
C GLY D 528 -38.36 -51.38 29.64
N LYS D 529 -38.98 -50.21 29.74
CA LYS D 529 -39.77 -49.62 28.66
C LYS D 529 -39.11 -48.33 28.19
N ARG D 530 -39.57 -47.83 27.04
CA ARG D 530 -39.02 -46.63 26.45
C ARG D 530 -40.15 -45.73 25.96
N TYR D 531 -39.82 -44.45 25.77
CA TYR D 531 -40.82 -43.49 25.33
C TYR D 531 -41.18 -43.68 23.86
N SER D 532 -40.19 -43.93 23.01
CA SER D 532 -40.37 -43.76 21.57
C SER D 532 -41.02 -44.97 20.91
N ASP D 533 -40.68 -46.19 21.34
CA ASP D 533 -41.08 -47.39 20.62
C ASP D 533 -42.51 -47.86 20.95
N GLY D 534 -43.22 -47.18 21.84
CA GLY D 534 -44.56 -47.59 22.19
C GLY D 534 -44.63 -48.79 23.11
N SER D 535 -43.52 -49.20 23.71
CA SER D 535 -43.50 -50.33 24.61
C SER D 535 -44.09 -50.02 25.97
N ALA D 536 -44.32 -48.74 26.29
CA ALA D 536 -44.86 -48.32 27.56
C ALA D 536 -46.33 -47.95 27.48
N ASN D 537 -46.97 -48.10 26.31
CA ASN D 537 -48.36 -47.71 26.16
C ASN D 537 -49.26 -48.46 27.14
N ASN D 538 -49.20 -49.79 27.14
CA ASN D 538 -50.06 -50.57 28.02
C ASN D 538 -49.70 -50.35 29.48
N LEU D 539 -48.41 -50.18 29.79
CA LEU D 539 -48.00 -49.90 31.16
C LEU D 539 -48.50 -48.54 31.63
N THR D 540 -48.45 -47.54 30.74
CA THR D 540 -48.95 -46.22 31.10
C THR D 540 -50.44 -46.24 31.36
N HIS D 541 -51.19 -47.00 30.55
CA HIS D 541 -52.63 -47.13 30.75
C HIS D 541 -52.95 -47.74 32.11
N LYS D 542 -52.26 -48.83 32.44
CA LYS D 542 -52.49 -49.49 33.72
C LYS D 542 -52.02 -48.62 34.89
N THR D 543 -50.95 -47.84 34.69
CA THR D 543 -50.43 -47.00 35.76
C THR D 543 -51.37 -45.83 36.06
N PHE D 544 -51.78 -45.11 35.01
CA PHE D 544 -52.59 -43.91 35.20
C PHE D 544 -54.06 -44.23 35.41
N GLU D 545 -54.50 -45.46 35.14
CA GLU D 545 -55.82 -45.89 35.60
C GLU D 545 -55.83 -45.98 37.12
N ALA D 546 -54.79 -46.60 37.70
CA ALA D 546 -54.70 -46.72 39.15
C ALA D 546 -54.61 -45.36 39.82
N ILE D 547 -53.86 -44.43 39.22
CA ILE D 547 -53.70 -43.10 39.81
C ILE D 547 -55.05 -42.39 39.90
N GLN D 548 -55.79 -42.35 38.78
CA GLN D 548 -57.06 -41.66 38.77
C GLN D 548 -58.10 -42.38 39.63
N TYR D 549 -58.14 -43.72 39.56
CA TYR D 549 -59.10 -44.47 40.34
C TYR D 549 -58.92 -44.24 41.83
N TYR D 550 -57.69 -44.36 42.33
CA TYR D 550 -57.46 -44.19 43.75
C TYR D 550 -57.60 -42.73 44.17
N LEU D 551 -57.38 -41.80 43.24
CA LEU D 551 -57.62 -40.39 43.53
C LEU D 551 -59.11 -40.12 43.70
N LEU D 552 -59.92 -40.55 42.72
CA LEU D 552 -61.37 -40.39 42.81
C LEU D 552 -61.93 -41.12 44.02
N LYS D 553 -61.46 -42.34 44.28
CA LYS D 553 -61.92 -43.08 45.45
C LYS D 553 -61.59 -42.33 46.74
N ALA D 554 -60.42 -41.70 46.80
CA ALA D 554 -60.05 -40.97 48.01
C ALA D 554 -60.94 -39.73 48.18
N SER D 555 -61.21 -39.00 47.10
CA SER D 555 -62.07 -37.84 47.20
C SER D 555 -63.53 -38.23 47.41
N ASN D 556 -63.92 -39.42 46.96
CA ASN D 556 -65.27 -39.90 47.18
C ASN D 556 -65.49 -40.27 48.64
N GLU D 557 -64.53 -40.97 49.25
CA GLU D 557 -64.62 -41.28 50.68
C GLU D 557 -64.65 -39.99 51.50
N LEU D 558 -63.91 -38.98 51.07
CA LEU D 558 -63.92 -37.71 51.78
C LEU D 558 -65.27 -37.00 51.63
N ALA D 559 -65.95 -37.21 50.50
CA ALA D 559 -67.27 -36.63 50.31
C ALA D 559 -68.30 -37.25 51.24
N LYS D 560 -68.18 -38.56 51.52
CA LYS D 560 -69.04 -39.18 52.52
C LYS D 560 -68.82 -38.55 53.89
N GLU D 561 -67.59 -38.14 54.18
CA GLU D 561 -67.25 -37.67 55.52
C GLU D 561 -67.60 -36.21 55.73
N GLN D 562 -67.35 -35.35 54.74
CA GLN D 562 -67.51 -33.92 54.91
C GLN D 562 -68.40 -33.27 53.86
N GLY D 563 -69.07 -34.07 53.03
CA GLY D 563 -69.96 -33.53 52.03
C GLY D 563 -69.24 -33.14 50.76
N ALA D 564 -69.90 -33.34 49.62
CA ALA D 564 -69.31 -32.98 48.34
C ALA D 564 -69.14 -31.46 48.24
N CYS D 565 -68.35 -31.04 47.27
CA CYS D 565 -68.14 -29.61 47.08
C CYS D 565 -69.44 -28.95 46.65
N PRO D 566 -69.67 -27.69 47.07
CA PRO D 566 -70.96 -27.03 46.80
C PRO D 566 -71.40 -27.07 45.35
N TRP D 567 -70.46 -26.91 44.40
CA TRP D 567 -70.81 -26.85 42.99
C TRP D 567 -70.60 -28.20 42.29
N PHE D 568 -70.70 -29.30 43.03
CA PHE D 568 -70.54 -30.61 42.41
C PHE D 568 -71.58 -30.84 41.34
N ASN D 569 -72.75 -30.22 41.46
CA ASN D 569 -73.82 -30.37 40.48
C ASN D 569 -73.42 -29.86 39.09
N GLU D 570 -72.39 -29.03 39.01
CA GLU D 570 -71.94 -28.49 37.74
C GLU D 570 -70.95 -29.40 37.03
N THR D 571 -70.57 -30.52 37.64
CA THR D 571 -69.60 -31.44 37.08
C THR D 571 -70.30 -32.54 36.28
N THR D 572 -69.55 -33.12 35.34
CA THR D 572 -70.03 -34.32 34.64
C THR D 572 -70.00 -35.54 35.55
N TYR D 573 -69.20 -35.49 36.63
CA TYR D 573 -69.23 -36.56 37.62
C TYR D 573 -70.60 -36.70 38.26
N ALA D 574 -71.29 -35.57 38.46
CA ALA D 574 -72.61 -35.60 39.08
C ALA D 574 -73.62 -36.32 38.20
N LYS D 575 -73.48 -36.19 36.88
CA LYS D 575 -74.34 -36.90 35.93
C LYS D 575 -73.93 -38.35 35.75
N GLY D 576 -72.99 -38.83 36.56
CA GLY D 576 -72.54 -40.21 36.46
C GLY D 576 -71.64 -40.50 35.29
N ILE D 577 -70.89 -39.50 34.83
CA ILE D 577 -70.01 -39.63 33.67
C ILE D 577 -68.57 -39.59 34.17
N LEU D 578 -67.81 -40.61 33.80
CA LEU D 578 -66.41 -40.75 34.19
C LEU D 578 -65.48 -40.42 33.04
N PRO D 579 -64.21 -40.13 33.31
CA PRO D 579 -63.25 -39.89 32.22
C PRO D 579 -63.13 -41.06 31.27
N ILE D 580 -63.40 -42.29 31.73
CA ILE D 580 -63.26 -43.47 30.89
C ILE D 580 -64.39 -43.54 29.87
N ASP D 581 -65.31 -42.56 29.93
CA ASP D 581 -66.41 -42.47 28.99
C ASP D 581 -66.19 -41.42 27.91
N THR D 582 -65.52 -40.31 28.24
CA THR D 582 -65.42 -39.18 27.34
C THR D 582 -64.04 -39.06 26.69
N TYR D 583 -63.16 -40.04 26.89
CA TYR D 583 -61.85 -39.96 26.29
C TYR D 583 -61.95 -40.15 24.78
N LYS D 584 -60.95 -39.64 24.07
CA LYS D 584 -60.96 -39.73 22.62
C LYS D 584 -60.76 -41.17 22.17
N LYS D 585 -61.67 -41.67 21.34
CA LYS D 585 -61.74 -43.09 21.03
C LYS D 585 -60.57 -43.58 20.18
N ASP D 586 -59.75 -42.69 19.64
CA ASP D 586 -58.58 -43.14 18.89
C ASP D 586 -57.50 -43.71 19.79
N LEU D 587 -57.62 -43.56 21.11
CA LEU D 587 -56.65 -44.17 22.01
C LEU D 587 -56.75 -45.69 22.04
N ASP D 588 -57.89 -46.25 21.63
CA ASP D 588 -58.03 -47.70 21.59
C ASP D 588 -57.14 -48.33 20.53
N THR D 589 -56.63 -47.52 19.60
CA THR D 589 -55.76 -48.00 18.54
C THR D 589 -54.29 -48.00 18.92
N ILE D 590 -53.95 -47.49 20.10
CA ILE D 590 -52.57 -47.46 20.58
C ILE D 590 -52.42 -48.09 21.96
N ALA D 591 -53.50 -48.56 22.57
CA ALA D 591 -53.42 -49.24 23.85
C ALA D 591 -54.67 -50.11 23.99
N ASN D 592 -54.47 -51.39 24.30
CA ASN D 592 -55.59 -52.32 24.44
C ASN D 592 -55.65 -52.91 25.85
N GLU D 593 -54.98 -52.27 26.80
CA GLU D 593 -54.99 -52.75 28.18
C GLU D 593 -56.37 -52.55 28.78
N PRO D 594 -57.00 -53.60 29.30
CA PRO D 594 -58.35 -53.43 29.87
C PRO D 594 -58.30 -52.80 31.26
N LEU D 595 -59.40 -52.15 31.61
CA LEU D 595 -59.53 -51.52 32.92
C LEU D 595 -59.53 -52.60 34.01
N HIS D 596 -58.69 -52.42 35.04
CA HIS D 596 -58.52 -53.43 36.07
C HIS D 596 -59.25 -53.13 37.37
N TYR D 597 -59.82 -51.94 37.53
CA TYR D 597 -60.45 -51.56 38.79
C TYR D 597 -61.95 -51.39 38.59
N ASP D 598 -62.69 -51.48 39.70
CA ASP D 598 -64.15 -51.47 39.66
C ASP D 598 -64.63 -50.04 39.51
N TRP D 599 -64.70 -49.59 38.25
CA TRP D 599 -65.17 -48.26 37.94
C TRP D 599 -66.69 -48.14 38.07
N GLU D 600 -67.41 -49.24 37.87
CA GLU D 600 -68.87 -49.18 37.97
C GLU D 600 -69.33 -48.99 39.41
N ALA D 601 -68.64 -49.63 40.36
CA ALA D 601 -68.96 -49.41 41.77
C ALA D 601 -68.66 -47.97 42.19
N LEU D 602 -67.58 -47.41 41.65
CA LEU D 602 -67.25 -46.01 41.94
C LEU D 602 -68.25 -45.06 41.29
N ARG D 603 -68.67 -45.37 40.06
CA ARG D 603 -69.64 -44.51 39.38
C ARG D 603 -70.92 -44.39 40.19
N GLU D 604 -71.42 -45.52 40.71
CA GLU D 604 -72.61 -45.48 41.56
C GLU D 604 -72.33 -44.74 42.87
N SER D 605 -71.15 -44.98 43.46
CA SER D 605 -70.80 -44.27 44.69
C SER D 605 -70.66 -42.78 44.46
N ILE D 606 -70.18 -42.37 43.28
CA ILE D 606 -70.07 -40.95 42.98
C ILE D 606 -71.45 -40.34 42.75
N LYS D 607 -72.35 -41.09 42.10
CA LYS D 607 -73.72 -40.63 41.97
C LYS D 607 -74.37 -40.38 43.33
N THR D 608 -74.10 -41.26 44.29
CA THR D 608 -74.73 -41.16 45.61
C THR D 608 -74.07 -40.12 46.50
N HIS D 609 -72.75 -40.23 46.68
CA HIS D 609 -72.05 -39.41 47.65
C HIS D 609 -71.28 -38.24 47.03
N GLY D 610 -71.04 -38.26 45.73
CA GLY D 610 -70.34 -37.17 45.09
C GLY D 610 -68.84 -37.20 45.31
N LEU D 611 -68.20 -36.10 44.92
CA LEU D 611 -66.77 -35.92 45.09
C LEU D 611 -66.49 -34.70 45.94
N ARG D 612 -65.52 -34.81 46.84
CA ARG D 612 -65.10 -33.66 47.63
C ARG D 612 -64.44 -32.58 46.76
N ASN D 613 -63.90 -32.96 45.62
CA ASN D 613 -63.16 -32.06 44.75
C ASN D 613 -63.67 -32.21 43.31
N SER D 614 -63.79 -31.09 42.60
CA SER D 614 -64.29 -31.14 41.24
C SER D 614 -63.26 -31.74 40.29
N THR D 615 -61.98 -31.45 40.52
CA THR D 615 -60.89 -32.04 39.76
C THR D 615 -59.87 -32.64 40.72
N LEU D 616 -59.06 -33.55 40.21
CA LEU D 616 -58.07 -34.21 41.05
C LEU D 616 -56.71 -34.34 40.41
N SER D 617 -56.65 -34.71 39.13
CA SER D 617 -55.40 -35.06 38.48
C SER D 617 -54.99 -34.01 37.44
N ALA D 618 -53.70 -33.68 37.44
CA ALA D 618 -53.10 -32.80 36.46
C ALA D 618 -51.59 -32.99 36.52
N LEU D 619 -50.96 -33.19 35.36
CA LEU D 619 -49.53 -33.52 35.30
C LEU D 619 -48.73 -32.24 35.07
N MET D 620 -48.25 -31.65 36.17
CA MET D 620 -47.43 -30.45 36.10
C MET D 620 -45.99 -30.83 35.78
N PRO D 621 -45.19 -29.86 35.32
CA PRO D 621 -43.77 -30.18 35.01
C PRO D 621 -42.91 -30.42 36.24
N SER D 622 -43.21 -29.74 37.36
CA SER D 622 -42.44 -29.88 38.61
C SER D 622 -40.94 -29.67 38.38
N GLU D 623 -40.61 -28.58 37.69
CA GLU D 623 -39.21 -28.26 37.38
C GLU D 623 -38.37 -28.22 38.64
N THR D 624 -38.89 -27.59 39.70
CA THR D 624 -38.15 -27.40 40.93
C THR D 624 -38.47 -28.46 41.98
N SER D 625 -39.74 -28.75 42.21
CA SER D 625 -40.12 -29.60 43.33
C SER D 625 -39.62 -31.04 43.16
N SER D 626 -39.49 -31.51 41.93
CA SER D 626 -39.05 -32.89 41.73
C SER D 626 -37.59 -33.09 42.07
N GLN D 627 -36.80 -32.01 42.14
CA GLN D 627 -35.39 -32.14 42.49
C GLN D 627 -35.17 -32.51 43.95
N ILE D 628 -36.18 -32.32 44.81
CA ILE D 628 -36.02 -32.64 46.23
C ILE D 628 -35.79 -34.14 46.40
N SER D 629 -36.60 -34.96 45.73
CA SER D 629 -36.44 -36.40 45.77
C SER D 629 -35.45 -36.92 44.73
N ASN D 630 -34.70 -36.03 44.10
CA ASN D 630 -33.75 -36.38 43.03
C ASN D 630 -34.43 -37.20 41.93
N ALA D 631 -35.69 -36.89 41.66
CA ALA D 631 -36.48 -37.58 40.66
C ALA D 631 -36.33 -36.91 39.30
N THR D 632 -36.64 -37.67 38.25
CA THR D 632 -36.80 -37.08 36.93
C THR D 632 -38.11 -36.31 36.88
N ASN D 633 -38.06 -35.06 36.43
CA ASN D 633 -39.19 -34.16 36.57
C ASN D 633 -40.40 -34.62 35.77
N GLY D 634 -41.53 -34.76 36.45
CA GLY D 634 -42.79 -35.05 35.78
C GLY D 634 -42.73 -36.27 34.88
N ILE D 635 -43.21 -36.09 33.65
CA ILE D 635 -43.18 -37.16 32.66
C ILE D 635 -42.06 -36.98 31.65
N GLU D 636 -41.20 -35.98 31.84
CA GLU D 636 -40.17 -35.69 30.85
C GLU D 636 -38.99 -36.63 31.01
N PRO D 637 -38.42 -37.13 29.91
CA PRO D 637 -37.17 -37.89 30.00
C PRO D 637 -36.01 -36.95 30.30
N PRO D 638 -35.06 -37.39 31.12
CA PRO D 638 -33.94 -36.50 31.48
C PRO D 638 -33.08 -36.15 30.28
N ARG D 639 -32.51 -34.94 30.31
CA ARG D 639 -31.67 -34.52 29.20
C ARG D 639 -30.35 -35.29 29.16
N GLY D 640 -29.84 -35.71 30.32
CA GLY D 640 -28.65 -36.53 30.37
C GLY D 640 -28.60 -37.30 31.67
N TYR D 641 -27.66 -38.25 31.72
CA TYR D 641 -27.43 -38.97 32.97
C TYR D 641 -27.06 -38.02 34.10
N VAL D 642 -26.28 -36.98 33.78
CA VAL D 642 -26.04 -35.88 34.69
C VAL D 642 -26.60 -34.64 34.01
N SER D 643 -27.69 -34.10 34.57
CA SER D 643 -28.37 -32.95 34.01
C SER D 643 -27.89 -31.66 34.66
N ILE D 644 -27.79 -30.60 33.86
CA ILE D 644 -27.44 -29.28 34.34
C ILE D 644 -28.71 -28.47 34.49
N LYS D 645 -28.98 -28.01 35.71
CA LYS D 645 -30.17 -27.24 36.01
C LYS D 645 -29.79 -25.91 36.65
N ALA D 646 -30.69 -24.94 36.54
CA ALA D 646 -30.41 -23.58 36.99
C ALA D 646 -30.78 -23.43 38.46
N SER D 647 -30.14 -22.45 39.11
CA SER D 647 -30.37 -22.18 40.52
C SER D 647 -29.90 -20.79 40.86
N LYS D 648 -30.13 -20.38 42.11
CA LYS D 648 -29.72 -19.07 42.57
C LYS D 648 -28.20 -18.95 42.64
N ASP D 649 -27.53 -19.93 43.25
CA ASP D 649 -26.08 -19.91 43.34
C ASP D 649 -25.42 -20.12 41.98
N GLY D 650 -26.05 -20.87 41.10
CA GLY D 650 -25.49 -21.14 39.80
C GLY D 650 -25.95 -22.49 39.27
N ILE D 651 -25.01 -23.22 38.68
CA ILE D 651 -25.31 -24.47 38.01
C ILE D 651 -25.42 -25.60 39.02
N LEU D 652 -26.33 -26.54 38.75
CA LEU D 652 -26.52 -27.74 39.55
C LEU D 652 -26.43 -28.96 38.66
N ARG D 653 -25.70 -29.97 39.13
CA ARG D 653 -25.59 -31.25 38.43
C ARG D 653 -26.48 -32.25 39.15
N GLN D 654 -27.40 -32.87 38.41
CA GLN D 654 -28.33 -33.83 38.97
C GLN D 654 -28.16 -35.16 38.26
N VAL D 655 -27.90 -36.22 39.02
CA VAL D 655 -27.74 -37.56 38.48
C VAL D 655 -29.07 -38.27 38.47
N VAL D 656 -29.33 -39.03 37.41
CA VAL D 656 -30.56 -39.82 37.33
C VAL D 656 -30.57 -40.85 38.46
N PRO D 657 -31.73 -41.17 39.02
CA PRO D 657 -31.76 -42.16 40.11
C PRO D 657 -31.32 -43.54 39.63
N ASP D 658 -30.53 -44.22 40.46
CA ASP D 658 -30.05 -45.56 40.18
C ASP D 658 -29.25 -45.60 38.88
N TYR D 659 -28.30 -44.66 38.77
CA TYR D 659 -27.52 -44.54 37.54
C TYR D 659 -26.66 -45.78 37.29
N GLU D 660 -26.11 -46.36 38.36
CA GLU D 660 -25.17 -47.47 38.21
C GLU D 660 -25.84 -48.69 37.59
N HIS D 661 -27.08 -48.98 38.00
CA HIS D 661 -27.76 -50.17 37.56
C HIS D 661 -28.66 -49.96 36.34
N LEU D 662 -29.06 -48.71 36.05
CA LEU D 662 -30.09 -48.48 35.04
C LEU D 662 -29.65 -47.51 33.95
N HIS D 663 -28.35 -47.23 33.80
CA HIS D 663 -27.94 -46.26 32.79
C HIS D 663 -28.31 -46.75 31.39
N ASP D 664 -28.33 -48.07 31.18
CA ASP D 664 -28.74 -48.60 29.88
C ASP D 664 -30.25 -48.56 29.68
N ALA D 665 -31.02 -48.59 30.77
CA ALA D 665 -32.47 -48.65 30.67
C ALA D 665 -33.07 -47.29 30.32
N TYR D 666 -32.44 -46.19 30.74
CA TYR D 666 -32.96 -44.87 30.44
C TYR D 666 -32.92 -44.59 28.95
N GLU D 667 -33.90 -43.82 28.48
CA GLU D 667 -33.88 -43.26 27.14
C GLU D 667 -33.84 -41.75 27.30
N LEU D 668 -32.68 -41.17 27.04
CA LEU D 668 -32.47 -39.74 27.23
C LEU D 668 -33.29 -38.93 26.24
N LEU D 669 -33.48 -37.64 26.57
CA LEU D 669 -34.38 -36.78 25.80
C LEU D 669 -34.01 -36.77 24.32
N TRP D 670 -32.74 -36.61 24.00
CA TRP D 670 -32.31 -36.48 22.62
C TRP D 670 -31.93 -37.82 22.01
N GLU D 671 -32.18 -38.93 22.69
CA GLU D 671 -32.00 -40.25 22.13
C GLU D 671 -33.27 -40.76 21.45
N MET D 672 -34.32 -39.94 21.39
CA MET D 672 -35.62 -40.31 20.83
C MET D 672 -35.68 -39.94 19.35
N PRO D 673 -36.22 -40.82 18.51
CA PRO D 673 -36.33 -40.47 17.07
C PRO D 673 -37.26 -39.30 16.80
N GLY D 674 -38.38 -39.22 17.49
CA GLY D 674 -39.32 -38.14 17.29
C GLY D 674 -40.19 -37.94 18.50
N ASN D 675 -41.38 -37.40 18.26
CA ASN D 675 -42.34 -37.12 19.33
C ASN D 675 -43.55 -38.06 19.35
N ASP D 676 -43.74 -38.87 18.31
CA ASP D 676 -44.95 -39.69 18.23
C ASP D 676 -45.09 -40.62 19.43
N GLY D 677 -44.00 -41.29 19.82
CA GLY D 677 -44.07 -42.19 20.96
C GLY D 677 -44.38 -41.47 22.26
N TYR D 678 -43.77 -40.31 22.48
CA TYR D 678 -44.06 -39.53 23.68
C TYR D 678 -45.48 -39.00 23.66
N LEU D 679 -45.92 -38.46 22.52
CA LEU D 679 -47.26 -37.93 22.43
C LEU D 679 -48.32 -39.02 22.60
N GLN D 680 -48.00 -40.26 22.20
CA GLN D 680 -48.94 -41.35 22.43
C GLN D 680 -49.09 -41.63 23.91
N LEU D 681 -47.99 -41.58 24.67
CA LEU D 681 -48.08 -41.75 26.12
C LEU D 681 -48.86 -40.60 26.75
N VAL D 682 -48.66 -39.39 26.26
CA VAL D 682 -49.42 -38.25 26.78
C VAL D 682 -50.91 -38.44 26.52
N GLY D 683 -51.27 -38.91 25.32
CA GLY D 683 -52.66 -39.17 25.03
C GLY D 683 -53.27 -40.23 25.93
N ILE D 684 -52.50 -41.28 26.23
CA ILE D 684 -52.99 -42.33 27.12
C ILE D 684 -53.19 -41.79 28.53
N MET D 685 -52.23 -40.99 29.02
CA MET D 685 -52.40 -40.35 30.31
C MET D 685 -53.65 -39.47 30.33
N GLN D 686 -53.89 -38.73 29.25
CA GLN D 686 -55.00 -37.80 29.19
C GLN D 686 -56.36 -38.50 29.29
N LYS D 687 -56.39 -39.81 29.00
CA LYS D 687 -57.61 -40.58 29.17
C LYS D 687 -58.13 -40.50 30.60
N PHE D 688 -57.23 -40.46 31.58
CA PHE D 688 -57.61 -40.46 32.98
C PHE D 688 -57.42 -39.12 33.69
N ILE D 689 -56.59 -38.23 33.16
CA ILE D 689 -56.32 -36.97 33.84
C ILE D 689 -57.52 -36.04 33.73
N ASP D 690 -57.94 -35.49 34.86
CA ASP D 690 -59.05 -34.54 34.87
C ASP D 690 -58.73 -33.29 34.05
N GLN D 691 -57.63 -32.62 34.38
CA GLN D 691 -57.28 -31.37 33.71
C GLN D 691 -56.38 -31.66 32.51
N SER D 692 -55.19 -31.08 32.48
CA SER D 692 -54.33 -31.26 31.33
C SER D 692 -52.92 -31.65 31.77
N ILE D 693 -52.02 -31.76 30.79
CA ILE D 693 -50.65 -32.22 30.99
C ILE D 693 -49.71 -31.23 30.33
N SER D 694 -48.58 -30.93 30.99
CA SER D 694 -47.56 -30.04 30.45
C SER D 694 -46.69 -30.81 29.44
N ALA D 695 -47.32 -31.17 28.32
CA ALA D 695 -46.67 -31.98 27.30
C ALA D 695 -45.69 -31.14 26.49
N ASN D 696 -44.48 -31.65 26.32
CA ASN D 696 -43.43 -30.98 25.57
C ASN D 696 -43.30 -31.61 24.18
N THR D 697 -42.78 -30.83 23.24
CA THR D 697 -42.33 -31.33 21.96
C THR D 697 -40.86 -30.98 21.79
N ASN D 698 -40.08 -31.92 21.27
CA ASN D 698 -38.64 -31.75 21.18
C ASN D 698 -38.18 -32.02 19.75
N TYR D 699 -37.19 -31.24 19.30
CA TYR D 699 -36.71 -31.36 17.93
C TYR D 699 -35.20 -31.15 17.89
N ASP D 700 -34.50 -32.07 17.23
CA ASP D 700 -33.06 -31.97 17.01
C ASP D 700 -32.82 -31.61 15.55
N PRO D 701 -32.32 -30.40 15.26
CA PRO D 701 -32.12 -30.01 13.85
C PRO D 701 -31.18 -30.94 13.10
N SER D 702 -30.19 -31.52 13.79
CA SER D 702 -29.25 -32.42 13.14
C SER D 702 -29.89 -33.73 12.68
N ARG D 703 -31.06 -34.09 13.22
CA ARG D 703 -31.78 -35.28 12.79
C ARG D 703 -32.56 -35.09 11.50
N PHE D 704 -32.43 -33.94 10.84
CA PHE D 704 -33.18 -33.66 9.63
C PHE D 704 -32.23 -33.28 8.50
N PRO D 705 -32.62 -33.55 7.25
CA PRO D 705 -31.76 -33.20 6.12
C PRO D 705 -31.46 -31.70 6.08
N SER D 706 -30.21 -31.38 5.76
CA SER D 706 -29.69 -30.01 5.68
C SER D 706 -29.76 -29.27 7.01
N GLY D 707 -30.00 -29.98 8.11
CA GLY D 707 -29.92 -29.39 9.43
C GLY D 707 -30.94 -28.33 9.75
N LYS D 708 -32.14 -28.41 9.16
CA LYS D 708 -33.20 -27.48 9.50
C LYS D 708 -34.51 -28.25 9.61
N VAL D 709 -35.28 -27.94 10.66
CA VAL D 709 -36.48 -28.69 11.03
C VAL D 709 -37.63 -28.34 10.10
N PRO D 710 -38.25 -29.32 9.44
CA PRO D 710 -39.30 -29.02 8.48
C PRO D 710 -40.60 -28.62 9.16
N MET D 711 -41.30 -27.65 8.55
CA MET D 711 -42.63 -27.27 9.02
C MET D 711 -43.60 -28.44 8.88
N GLN D 712 -43.36 -29.33 7.92
CA GLN D 712 -44.21 -30.50 7.75
C GLN D 712 -44.25 -31.34 9.01
N GLN D 713 -43.08 -31.58 9.61
CA GLN D 713 -43.02 -32.40 10.82
C GLN D 713 -43.64 -31.66 12.00
N LEU D 714 -43.42 -30.35 12.10
CA LEU D 714 -44.03 -29.56 13.18
C LEU D 714 -45.54 -29.67 13.15
N LEU D 715 -46.15 -29.56 11.97
CA LEU D 715 -47.60 -29.65 11.86
C LEU D 715 -48.10 -31.07 12.04
N LYS D 716 -47.36 -32.06 11.56
CA LYS D 716 -47.80 -33.45 11.69
C LYS D 716 -47.83 -33.87 13.15
N ASP D 717 -46.81 -33.50 13.91
CA ASP D 717 -46.81 -33.79 15.34
C ASP D 717 -47.93 -33.02 16.04
N LEU D 718 -48.21 -31.79 15.59
CA LEU D 718 -49.31 -31.03 16.16
C LEU D 718 -50.65 -31.72 15.90
N LEU D 719 -50.84 -32.24 14.69
CA LEU D 719 -52.07 -32.96 14.36
C LEU D 719 -52.13 -34.30 15.06
N THR D 720 -50.98 -34.97 15.21
CA THR D 720 -50.94 -36.23 15.95
C THR D 720 -51.35 -36.03 17.40
N ALA D 721 -50.94 -34.90 18.00
CA ALA D 721 -51.36 -34.60 19.36
C ALA D 721 -52.87 -34.46 19.45
N TYR D 722 -53.48 -33.77 18.47
CA TYR D 722 -54.94 -33.63 18.47
C TYR D 722 -55.62 -34.98 18.22
N LYS D 723 -55.01 -35.83 17.38
CA LYS D 723 -55.63 -37.11 17.05
C LYS D 723 -55.83 -37.98 18.29
N PHE D 724 -54.94 -37.87 19.28
CA PHE D 724 -55.00 -38.69 20.47
C PHE D 724 -55.54 -37.93 21.68
N GLY D 725 -56.22 -36.81 21.44
CA GLY D 725 -56.89 -36.10 22.51
C GLY D 725 -56.00 -35.32 23.43
N VAL D 726 -54.79 -34.95 22.99
CA VAL D 726 -53.93 -34.12 23.82
C VAL D 726 -54.54 -32.74 23.92
N LYS D 727 -54.76 -32.28 25.15
CA LYS D 727 -55.46 -31.02 25.35
C LYS D 727 -54.56 -29.81 25.11
N THR D 728 -53.32 -29.86 25.59
CA THR D 728 -52.43 -28.71 25.53
C THR D 728 -51.04 -29.16 25.09
N LEU D 729 -50.28 -28.20 24.56
CA LEU D 729 -48.86 -28.38 24.24
C LEU D 729 -48.07 -27.28 24.93
N TYR D 730 -47.08 -27.67 25.71
CA TYR D 730 -46.27 -26.74 26.49
C TYR D 730 -45.02 -26.33 25.72
N TYR D 731 -43.85 -26.46 26.34
CA TYR D 731 -42.59 -26.07 25.73
C TYR D 731 -42.38 -26.77 24.39
N GLN D 732 -41.69 -26.09 23.48
CA GLN D 732 -41.07 -26.75 22.34
C GLN D 732 -39.56 -26.58 22.50
N ASN D 733 -38.89 -27.65 22.93
CA ASN D 733 -37.45 -27.63 23.09
C ASN D 733 -36.79 -27.93 21.75
N THR D 734 -35.87 -27.05 21.34
CA THR D 734 -35.05 -27.26 20.16
C THR D 734 -33.62 -27.42 20.63
N ARG D 735 -32.94 -28.45 20.14
CA ARG D 735 -31.61 -28.77 20.64
C ARG D 735 -30.63 -27.69 20.23
N ASP D 736 -29.62 -27.47 21.08
CA ASP D 736 -28.60 -26.46 20.85
C ASP D 736 -27.37 -27.06 20.18
N GLY D 737 -27.59 -27.99 19.26
CA GLY D 737 -26.50 -28.66 18.55
C GLY D 737 -27.01 -29.59 17.47
N ALA E 1 -27.35 68.36 -43.30
CA ALA E 1 -27.63 66.96 -43.62
C ALA E 1 -26.93 66.04 -42.63
N TYR E 2 -27.32 64.76 -42.63
CA TYR E 2 -26.69 63.79 -41.76
C TYR E 2 -25.34 63.38 -42.32
N THR E 3 -24.32 63.33 -41.47
CA THR E 3 -22.99 62.92 -41.85
C THR E 3 -22.53 61.78 -40.94
N THR E 4 -21.86 60.78 -41.53
CA THR E 4 -21.38 59.65 -40.75
C THR E 4 -20.09 59.95 -39.99
N PHE E 5 -19.40 61.03 -40.35
CA PHE E 5 -18.25 61.50 -39.56
C PHE E 5 -18.17 63.02 -39.73
N SER E 6 -18.82 63.73 -38.81
CA SER E 6 -18.82 65.19 -38.84
C SER E 6 -17.40 65.74 -38.77
N GLN E 7 -17.11 66.72 -39.63
CA GLN E 7 -15.77 67.27 -39.74
C GLN E 7 -15.40 68.18 -38.57
N THR E 8 -16.39 68.68 -37.82
CA THR E 8 -16.13 69.63 -36.75
C THR E 8 -15.69 68.91 -35.48
N LYS E 9 -14.58 69.36 -34.89
CA LYS E 9 -14.16 68.85 -33.59
C LYS E 9 -14.99 69.51 -32.51
N ASN E 10 -15.88 68.74 -31.88
CA ASN E 10 -16.79 69.27 -30.88
C ASN E 10 -16.58 68.55 -29.54
N ASP E 11 -16.91 69.27 -28.46
CA ASP E 11 -16.87 68.69 -27.13
C ASP E 11 -18.13 67.85 -26.93
N GLN E 12 -17.96 66.52 -26.98
CA GLN E 12 -19.09 65.61 -26.85
C GLN E 12 -19.72 65.66 -25.47
N LEU E 13 -19.01 66.16 -24.46
CA LEU E 13 -19.58 66.29 -23.13
C LEU E 13 -20.65 67.37 -23.04
N LYS E 14 -20.65 68.34 -23.95
CA LYS E 14 -21.60 69.44 -23.92
C LYS E 14 -22.73 69.29 -24.93
N GLU E 15 -22.69 68.25 -25.76
CA GLU E 15 -23.75 68.01 -26.72
C GLU E 15 -25.00 67.47 -26.02
N PRO E 16 -26.16 67.62 -26.64
CA PRO E 16 -27.37 66.98 -26.12
C PRO E 16 -27.40 65.50 -26.51
N MET E 17 -28.34 64.77 -25.93
CA MET E 17 -28.53 63.38 -26.30
C MET E 17 -28.90 63.25 -27.76
N PHE E 18 -29.84 64.06 -28.22
CA PHE E 18 -30.37 64.00 -29.58
C PHE E 18 -30.29 65.37 -30.23
N PHE E 19 -30.33 65.37 -31.56
CA PHE E 19 -30.46 66.54 -32.42
C PHE E 19 -29.24 67.46 -32.38
N GLY E 20 -28.18 67.10 -31.65
CA GLY E 20 -26.95 67.85 -31.70
C GLY E 20 -26.15 67.50 -32.93
N GLN E 21 -24.85 67.73 -32.85
CA GLN E 21 -23.97 67.38 -33.96
C GLN E 21 -23.82 65.87 -34.05
N PRO E 22 -23.98 65.27 -35.24
CA PRO E 22 -23.79 63.82 -35.38
C PRO E 22 -22.43 63.39 -34.82
N VAL E 23 -22.44 62.25 -34.13
CA VAL E 23 -21.22 61.76 -33.49
C VAL E 23 -20.15 61.47 -34.52
N ASN E 24 -18.92 61.90 -34.23
CA ASN E 24 -17.79 61.57 -35.09
C ASN E 24 -16.93 60.47 -34.47
N VAL E 25 -16.08 60.82 -33.51
CA VAL E 25 -15.17 59.85 -32.89
C VAL E 25 -15.90 59.10 -31.78
N ALA E 26 -15.75 57.77 -31.77
CA ALA E 26 -16.35 56.90 -30.77
C ALA E 26 -15.32 56.63 -29.67
N ARG E 27 -15.51 57.28 -28.51
CA ARG E 27 -14.65 57.11 -27.35
C ARG E 27 -15.50 56.75 -26.14
N TYR E 28 -14.92 55.97 -25.23
CA TYR E 28 -15.65 55.48 -24.06
C TYR E 28 -14.90 55.70 -22.76
N ASP E 29 -13.95 56.63 -22.74
CA ASP E 29 -13.21 56.97 -21.52
C ASP E 29 -13.91 58.03 -20.69
N GLN E 30 -14.96 58.63 -21.23
CA GLN E 30 -15.72 59.67 -20.56
C GLN E 30 -17.14 59.63 -21.10
N GLN E 31 -18.09 60.00 -20.25
CA GLN E 31 -19.49 60.01 -20.64
C GLN E 31 -20.15 61.27 -20.09
N LYS E 32 -21.09 61.81 -20.87
CA LYS E 32 -21.97 62.83 -20.32
C LYS E 32 -22.94 62.20 -19.33
N TYR E 33 -23.60 61.11 -19.74
CA TYR E 33 -24.46 60.34 -18.87
C TYR E 33 -23.89 58.92 -18.82
N ASP E 34 -23.36 58.54 -17.66
CA ASP E 34 -22.71 57.25 -17.51
C ASP E 34 -23.68 56.08 -17.40
N ILE E 35 -24.99 56.35 -17.36
CA ILE E 35 -25.96 55.27 -17.28
C ILE E 35 -25.87 54.37 -18.52
N PHE E 36 -25.60 54.97 -19.67
CA PHE E 36 -25.53 54.19 -20.90
C PHE E 36 -24.24 53.38 -21.00
N GLU E 37 -23.17 53.84 -20.37
CA GLU E 37 -21.96 53.03 -20.29
C GLU E 37 -22.19 51.81 -19.40
N LYS E 38 -22.88 52.00 -18.27
CA LYS E 38 -23.19 50.85 -17.42
C LYS E 38 -24.12 49.89 -18.12
N LEU E 39 -25.08 50.39 -18.90
CA LEU E 39 -26.00 49.52 -19.61
C LEU E 39 -25.27 48.68 -20.66
N ILE E 40 -24.31 49.27 -21.37
CA ILE E 40 -23.52 48.52 -22.33
C ILE E 40 -22.75 47.40 -21.63
N GLU E 41 -22.00 47.76 -20.57
CA GLU E 41 -21.20 46.79 -19.86
C GLU E 41 -22.07 45.67 -19.28
N LYS E 42 -23.25 46.00 -18.77
CA LYS E 42 -24.13 44.98 -18.24
C LYS E 42 -24.71 44.11 -19.35
N GLN E 43 -25.07 44.72 -20.48
CA GLN E 43 -25.60 43.96 -21.61
C GLN E 43 -24.52 43.07 -22.23
N LEU E 44 -23.29 43.57 -22.33
CA LEU E 44 -22.21 42.75 -22.87
C LEU E 44 -21.92 41.55 -21.98
N SER E 45 -22.07 41.70 -20.67
CA SER E 45 -21.81 40.59 -19.76
C SER E 45 -22.93 39.56 -19.78
N PHE E 46 -24.13 39.93 -20.22
CA PHE E 46 -25.24 39.00 -20.30
C PHE E 46 -25.26 38.21 -21.59
N PHE E 47 -24.29 38.42 -22.47
CA PHE E 47 -24.31 37.83 -23.80
C PHE E 47 -24.50 36.32 -23.74
N TRP E 48 -25.53 35.85 -24.43
CA TRP E 48 -25.86 34.43 -24.46
C TRP E 48 -26.25 34.04 -25.89
N ARG E 49 -26.22 32.74 -26.17
CA ARG E 49 -26.65 32.28 -27.48
C ARG E 49 -27.81 31.30 -27.32
N PRO E 50 -28.80 31.35 -28.21
CA PRO E 50 -29.98 30.47 -28.03
C PRO E 50 -29.66 29.00 -28.09
N GLU E 51 -28.69 28.60 -28.93
CA GLU E 51 -28.42 27.18 -29.13
C GLU E 51 -27.82 26.52 -27.90
N GLU E 52 -27.28 27.29 -26.95
CA GLU E 52 -26.70 26.73 -25.75
C GLU E 52 -27.73 26.37 -24.71
N VAL E 53 -29.03 26.46 -25.03
CA VAL E 53 -30.11 26.08 -24.13
C VAL E 53 -30.79 24.85 -24.70
N ASP E 54 -30.97 23.84 -23.85
CA ASP E 54 -31.59 22.58 -24.26
C ASP E 54 -33.10 22.76 -24.34
N VAL E 55 -33.65 22.59 -25.54
CA VAL E 55 -35.10 22.69 -25.79
C VAL E 55 -35.65 21.40 -26.41
N SER E 56 -34.93 20.28 -26.26
CA SER E 56 -35.33 19.05 -26.93
C SER E 56 -36.63 18.49 -26.36
N ARG E 57 -36.84 18.63 -25.05
CA ARG E 57 -38.02 18.08 -24.39
C ARG E 57 -39.29 18.88 -24.65
N ASP E 58 -39.19 20.06 -25.26
CA ASP E 58 -40.37 20.91 -25.41
C ASP E 58 -41.32 20.41 -26.50
N ARG E 59 -40.82 19.71 -27.52
CA ARG E 59 -41.72 19.18 -28.53
C ARG E 59 -42.70 18.16 -27.94
N ILE E 60 -42.21 17.29 -27.05
CA ILE E 60 -43.09 16.34 -26.39
C ILE E 60 -44.09 17.07 -25.49
N ASP E 61 -43.60 18.04 -24.73
CA ASP E 61 -44.48 18.79 -23.85
C ASP E 61 -45.55 19.54 -24.63
N TYR E 62 -45.15 20.17 -25.74
CA TYR E 62 -46.08 20.98 -26.51
C TYR E 62 -47.19 20.13 -27.12
N GLN E 63 -46.83 19.01 -27.75
CA GLN E 63 -47.84 18.17 -28.39
C GLN E 63 -48.72 17.45 -27.37
N ALA E 64 -48.26 17.29 -26.14
CA ALA E 64 -49.09 16.70 -25.10
C ALA E 64 -50.08 17.70 -24.50
N LEU E 65 -49.85 19.00 -24.73
CA LEU E 65 -50.74 20.02 -24.19
C LEU E 65 -52.15 19.87 -24.75
N PRO E 66 -53.16 20.31 -24.01
CA PRO E 66 -54.50 20.47 -24.60
C PRO E 66 -54.45 21.45 -25.77
N GLU E 67 -55.48 21.39 -26.61
CA GLU E 67 -55.50 22.23 -27.80
C GLU E 67 -55.61 23.71 -27.44
N HIS E 68 -56.42 24.03 -26.43
CA HIS E 68 -56.54 25.44 -26.01
C HIS E 68 -55.27 25.94 -25.33
N GLU E 69 -54.43 25.05 -24.82
CA GLU E 69 -53.15 25.45 -24.26
C GLU E 69 -52.06 25.58 -25.32
N LYS E 70 -52.15 24.79 -26.39
CA LYS E 70 -51.32 25.05 -27.57
C LYS E 70 -51.57 26.46 -28.11
N HIS E 71 -52.84 26.86 -28.12
CA HIS E 71 -53.19 28.18 -28.65
C HIS E 71 -52.60 29.30 -27.79
N ILE E 72 -52.64 29.15 -26.46
CA ILE E 72 -52.10 30.17 -25.58
C ILE E 72 -50.60 30.34 -25.82
N PHE E 73 -49.87 29.22 -25.85
CA PHE E 73 -48.42 29.27 -25.99
C PHE E 73 -48.01 29.81 -27.37
N ILE E 74 -48.61 29.27 -28.44
CA ILE E 74 -48.17 29.62 -29.78
C ILE E 74 -48.57 31.04 -30.15
N SER E 75 -49.74 31.50 -29.66
CA SER E 75 -50.12 32.89 -29.87
C SER E 75 -49.18 33.82 -29.14
N ASN E 76 -48.78 33.46 -27.91
CA ASN E 76 -47.86 34.28 -27.14
C ASN E 76 -46.48 34.31 -27.78
N LEU E 77 -46.08 33.24 -28.47
CA LEU E 77 -44.78 33.20 -29.13
C LEU E 77 -44.78 34.03 -30.41
N LYS E 78 -45.90 34.01 -31.15
CA LYS E 78 -46.01 34.85 -32.34
C LYS E 78 -45.95 36.32 -31.99
N TYR E 79 -46.60 36.71 -30.89
CA TYR E 79 -46.58 38.11 -30.47
C TYR E 79 -45.18 38.54 -30.08
N GLN E 80 -44.43 37.66 -29.42
CA GLN E 80 -43.05 37.98 -29.06
C GLN E 80 -42.19 38.14 -30.31
N THR E 81 -42.32 37.22 -31.27
CA THR E 81 -41.52 37.30 -32.49
C THR E 81 -41.81 38.59 -33.24
N LEU E 82 -43.07 39.05 -33.24
CA LEU E 82 -43.40 40.30 -33.89
C LEU E 82 -42.70 41.48 -33.23
N LEU E 83 -42.81 41.59 -31.90
CA LEU E 83 -42.31 42.76 -31.20
C LEU E 83 -40.79 42.87 -31.33
N ASP E 84 -40.09 41.77 -31.08
CA ASP E 84 -38.64 41.80 -31.21
C ASP E 84 -38.17 41.76 -32.66
N SER E 85 -39.08 41.57 -33.62
CA SER E 85 -38.74 41.84 -35.02
C SER E 85 -38.70 43.35 -35.27
N ILE E 86 -39.70 44.07 -34.76
CA ILE E 86 -39.67 45.53 -34.79
C ILE E 86 -38.48 46.04 -33.99
N GLN E 87 -38.33 45.55 -32.75
CA GLN E 87 -37.25 46.01 -31.88
C GLN E 87 -35.88 45.63 -32.40
N GLY E 88 -35.79 44.63 -33.28
CA GLY E 88 -34.50 44.26 -33.84
C GLY E 88 -33.90 45.38 -34.67
N ARG E 89 -34.72 46.00 -35.53
CA ARG E 89 -34.25 46.97 -36.49
C ARG E 89 -34.55 48.42 -36.11
N SER E 90 -35.65 48.66 -35.37
CA SER E 90 -36.17 50.02 -35.26
C SER E 90 -35.29 50.98 -34.48
N PRO E 91 -34.74 50.63 -33.31
CA PRO E 91 -33.85 51.60 -32.63
C PRO E 91 -32.66 52.03 -33.47
N ASN E 92 -32.14 51.17 -34.34
CA ASN E 92 -31.03 51.58 -35.21
C ASN E 92 -31.48 52.59 -36.25
N VAL E 93 -32.58 52.30 -36.95
CA VAL E 93 -33.02 53.17 -38.04
C VAL E 93 -33.60 54.47 -37.49
N ALA E 94 -34.34 54.40 -36.38
CA ALA E 94 -35.07 55.56 -35.89
C ALA E 94 -34.23 56.47 -35.00
N LEU E 95 -33.28 55.94 -34.24
CA LEU E 95 -32.59 56.74 -33.25
C LEU E 95 -31.17 57.15 -33.67
N LEU E 96 -30.46 56.31 -34.41
CA LEU E 96 -29.08 56.64 -34.79
C LEU E 96 -28.94 57.95 -35.56
N PRO E 97 -29.79 58.31 -36.53
CA PRO E 97 -29.62 59.60 -37.20
C PRO E 97 -29.88 60.80 -36.31
N LEU E 98 -30.31 60.60 -35.07
CA LEU E 98 -30.64 61.68 -34.16
C LEU E 98 -29.67 61.84 -32.99
N ILE E 99 -28.92 60.79 -32.65
CA ILE E 99 -28.10 60.77 -31.45
C ILE E 99 -26.82 61.58 -31.67
N SER E 100 -26.42 62.33 -30.64
CA SER E 100 -25.25 63.20 -30.75
C SER E 100 -24.21 62.97 -29.66
N ILE E 101 -24.37 61.94 -28.82
CA ILE E 101 -23.33 61.57 -27.86
C ILE E 101 -22.94 60.11 -28.07
N PRO E 102 -21.67 59.75 -27.89
CA PRO E 102 -21.25 58.39 -28.29
C PRO E 102 -21.79 57.29 -27.40
N GLU E 103 -21.90 57.52 -26.09
CA GLU E 103 -22.36 56.45 -25.20
C GLU E 103 -23.79 56.05 -25.49
N LEU E 104 -24.63 57.01 -25.90
CA LEU E 104 -26.00 56.69 -26.27
C LEU E 104 -26.08 56.02 -27.63
N GLU E 105 -25.18 56.38 -28.54
CA GLU E 105 -25.14 55.74 -29.85
C GLU E 105 -24.77 54.26 -29.72
N THR E 106 -23.71 53.96 -28.96
CA THR E 106 -23.27 52.57 -28.83
C THR E 106 -24.30 51.74 -28.06
N TRP E 107 -24.96 52.34 -27.06
CA TRP E 107 -25.99 51.60 -26.34
C TRP E 107 -27.16 51.24 -27.25
N VAL E 108 -27.55 52.15 -28.14
CA VAL E 108 -28.66 51.88 -29.04
C VAL E 108 -28.30 50.73 -29.98
N GLU E 109 -27.04 50.68 -30.42
CA GLU E 109 -26.62 49.58 -31.29
C GLU E 109 -26.46 48.28 -30.50
N THR E 110 -26.00 48.37 -29.26
CA THR E 110 -25.98 47.19 -28.39
C THR E 110 -27.40 46.76 -28.05
N TRP E 111 -28.27 47.72 -27.76
CA TRP E 111 -29.69 47.43 -27.55
C TRP E 111 -30.28 46.72 -28.76
N ALA E 112 -30.07 47.27 -29.95
CA ALA E 112 -30.62 46.67 -31.15
C ALA E 112 -30.02 45.29 -31.41
N PHE E 113 -28.72 45.12 -31.18
CA PHE E 113 -28.08 43.83 -31.42
C PHE E 113 -28.65 42.74 -30.52
N SER E 114 -28.82 43.04 -29.23
CA SER E 114 -29.35 42.03 -28.31
C SER E 114 -30.76 41.61 -28.71
N GLU E 115 -31.50 42.49 -29.39
CA GLU E 115 -32.83 42.13 -29.85
C GLU E 115 -32.76 41.12 -30.99
N THR E 116 -31.70 41.14 -31.79
CA THR E 116 -31.56 40.14 -32.85
C THR E 116 -31.27 38.77 -32.26
N ILE E 117 -30.59 38.71 -31.12
CA ILE E 117 -30.40 37.44 -30.42
C ILE E 117 -31.75 36.90 -29.96
N HIS E 118 -32.62 37.79 -29.48
CA HIS E 118 -33.97 37.38 -29.09
C HIS E 118 -34.72 36.79 -30.28
N SER E 119 -34.66 37.46 -31.43
CA SER E 119 -35.34 36.97 -32.62
C SER E 119 -34.79 35.62 -33.08
N ARG E 120 -33.47 35.44 -33.00
CA ARG E 120 -32.89 34.16 -33.39
C ARG E 120 -33.34 33.03 -32.45
N SER E 121 -33.55 33.34 -31.17
CA SER E 121 -34.01 32.33 -30.23
C SER E 121 -35.45 31.92 -30.50
N TYR E 122 -36.28 32.86 -30.94
CA TYR E 122 -37.66 32.52 -31.29
C TYR E 122 -37.69 31.51 -32.44
N THR E 123 -36.81 31.69 -33.44
CA THR E 123 -36.68 30.70 -34.48
C THR E 123 -36.22 29.36 -33.91
N HIS E 124 -35.29 29.40 -32.95
CA HIS E 124 -34.81 28.18 -32.32
C HIS E 124 -35.94 27.44 -31.61
N ILE E 125 -36.79 28.16 -30.89
CA ILE E 125 -37.92 27.54 -30.20
C ILE E 125 -38.94 27.00 -31.20
N ILE E 126 -39.33 27.81 -32.18
CA ILE E 126 -40.37 27.42 -33.12
C ILE E 126 -39.97 26.17 -33.90
N ARG E 127 -38.74 26.16 -34.43
CA ARG E 127 -38.31 25.03 -35.24
C ARG E 127 -38.21 23.74 -34.43
N ASN E 128 -38.17 23.83 -33.11
CA ASN E 128 -38.03 22.69 -32.23
C ASN E 128 -39.34 22.26 -31.59
N ILE E 129 -40.46 22.76 -32.09
CA ILE E 129 -41.75 22.47 -31.47
C ILE E 129 -42.77 22.03 -32.50
N VAL E 130 -42.73 22.60 -33.70
CA VAL E 130 -43.64 22.25 -34.79
C VAL E 130 -42.85 21.71 -35.97
N ASN E 131 -43.57 21.08 -36.89
CA ASN E 131 -42.91 20.46 -38.05
C ASN E 131 -42.64 21.48 -39.15
N ASP E 132 -43.57 22.41 -39.39
CA ASP E 132 -43.38 23.43 -40.42
C ASP E 132 -43.41 24.81 -39.78
N PRO E 133 -42.25 25.43 -39.54
CA PRO E 133 -42.23 26.78 -38.97
C PRO E 133 -42.87 27.83 -39.85
N SER E 134 -42.97 27.59 -41.16
CA SER E 134 -43.59 28.56 -42.05
C SER E 134 -45.04 28.84 -41.68
N VAL E 135 -45.74 27.84 -41.15
CA VAL E 135 -47.12 28.04 -40.72
C VAL E 135 -47.18 29.10 -39.62
N VAL E 136 -46.18 29.10 -38.73
CA VAL E 136 -46.16 30.07 -37.64
C VAL E 136 -45.71 31.44 -38.15
N PHE E 137 -44.62 31.47 -38.94
CA PHE E 137 -44.06 32.75 -39.37
C PHE E 137 -45.02 33.49 -40.32
N ASP E 138 -45.66 32.75 -41.23
CA ASP E 138 -46.61 33.37 -42.15
C ASP E 138 -47.84 33.88 -41.40
N ASP E 139 -48.18 33.25 -40.27
CA ASP E 139 -49.34 33.66 -39.51
C ASP E 139 -49.11 34.95 -38.74
N ILE E 140 -47.85 35.35 -38.55
CA ILE E 140 -47.58 36.57 -37.80
C ILE E 140 -48.02 37.79 -38.59
N VAL E 141 -47.90 37.76 -39.92
CA VAL E 141 -48.18 38.92 -40.75
C VAL E 141 -49.67 39.06 -41.05
N THR E 142 -50.40 37.94 -41.17
CA THR E 142 -51.80 37.96 -41.56
C THR E 142 -52.77 37.89 -40.38
N ASN E 143 -52.30 37.54 -39.19
CA ASN E 143 -53.21 37.37 -38.06
C ASN E 143 -53.89 38.68 -37.70
N GLU E 144 -55.22 38.65 -37.66
CA GLU E 144 -55.99 39.87 -37.43
C GLU E 144 -55.71 40.44 -36.04
N GLN E 145 -55.53 39.57 -35.04
CA GLN E 145 -55.34 40.06 -33.68
C GLN E 145 -53.95 40.64 -33.46
N ILE E 146 -52.95 40.17 -34.20
CA ILE E 146 -51.61 40.71 -34.05
C ILE E 146 -51.46 42.00 -34.84
N GLN E 147 -52.02 42.03 -36.06
CA GLN E 147 -51.79 43.15 -36.96
C GLN E 147 -52.28 44.47 -36.36
N LYS E 148 -53.36 44.43 -35.58
CA LYS E 148 -53.89 45.64 -34.97
C LYS E 148 -52.84 46.31 -34.09
N ARG E 149 -52.06 45.51 -33.37
CA ARG E 149 -51.00 45.99 -32.50
C ARG E 149 -49.67 46.19 -33.24
N ALA E 150 -49.47 45.50 -34.37
CA ALA E 150 -48.26 45.73 -35.16
C ALA E 150 -48.30 47.09 -35.86
N GLU E 151 -49.47 47.45 -36.41
CA GLU E 151 -49.60 48.75 -37.07
C GLU E 151 -49.49 49.90 -36.07
N GLY E 152 -50.07 49.72 -34.88
CA GLY E 152 -50.00 50.77 -33.87
C GLY E 152 -48.58 51.07 -33.42
N ILE E 153 -47.81 50.02 -33.12
CA ILE E 153 -46.45 50.20 -32.61
C ILE E 153 -45.54 50.76 -33.70
N SER E 154 -45.61 50.19 -34.89
CA SER E 154 -44.70 50.58 -35.97
C SER E 154 -44.96 52.01 -36.47
N SER E 155 -46.17 52.53 -36.28
CA SER E 155 -46.49 53.87 -36.78
C SER E 155 -45.67 54.93 -36.05
N TYR E 156 -45.47 54.76 -34.74
CA TYR E 156 -44.65 55.72 -33.99
C TYR E 156 -43.22 55.73 -34.50
N TYR E 157 -42.67 54.56 -34.81
CA TYR E 157 -41.36 54.48 -35.43
C TYR E 157 -41.38 55.10 -36.83
N ASP E 158 -42.35 54.70 -37.65
CA ASP E 158 -42.40 55.15 -39.04
C ASP E 158 -42.55 56.65 -39.14
N GLU E 159 -43.39 57.25 -38.28
CA GLU E 159 -43.59 58.69 -38.35
C GLU E 159 -42.31 59.45 -37.96
N LEU E 160 -41.57 58.93 -36.98
CA LEU E 160 -40.33 59.60 -36.58
C LEU E 160 -39.26 59.47 -37.66
N ILE E 161 -39.16 58.30 -38.30
CA ILE E 161 -38.18 58.10 -39.36
C ILE E 161 -38.47 59.02 -40.53
N GLU E 162 -39.75 59.20 -40.86
CA GLU E 162 -40.12 60.03 -42.00
C GLU E 162 -39.80 61.50 -41.73
N MET E 163 -40.23 62.00 -40.57
CA MET E 163 -39.90 63.37 -40.20
C MET E 163 -38.40 63.60 -40.09
N THR E 164 -37.65 62.58 -39.63
CA THR E 164 -36.20 62.70 -39.54
C THR E 164 -35.57 62.85 -40.91
N SER E 165 -36.06 62.11 -41.91
CA SER E 165 -35.51 62.22 -43.25
C SER E 165 -35.74 63.61 -43.83
N TYR E 166 -36.95 64.18 -43.63
CA TYR E 166 -37.20 65.54 -44.08
C TYR E 166 -36.30 66.53 -43.37
N TRP E 167 -36.07 66.35 -42.06
CA TRP E 167 -35.23 67.28 -41.31
C TRP E 167 -33.79 67.27 -41.81
N HIS E 168 -33.29 66.12 -42.25
CA HIS E 168 -31.92 66.06 -42.77
C HIS E 168 -31.83 66.60 -44.19
N LEU E 169 -32.84 66.36 -45.02
CA LEU E 169 -32.78 66.76 -46.43
C LEU E 169 -33.05 68.25 -46.60
N LEU E 170 -34.07 68.78 -45.93
CA LEU E 170 -34.53 70.14 -46.16
C LEU E 170 -34.21 71.11 -45.02
N GLY E 171 -34.01 70.61 -43.80
CA GLY E 171 -33.83 71.47 -42.65
C GLY E 171 -35.14 72.05 -42.16
N GLU E 172 -35.05 72.84 -41.09
CA GLU E 172 -36.23 73.44 -40.51
C GLU E 172 -36.75 74.56 -41.41
N GLY E 173 -38.08 74.68 -41.49
CA GLY E 173 -38.69 75.72 -42.29
C GLY E 173 -39.92 75.25 -43.05
N THR E 174 -40.50 76.15 -43.85
CA THR E 174 -41.65 75.82 -44.69
C THR E 174 -41.18 75.59 -46.12
N HIS E 175 -41.44 74.39 -46.64
CA HIS E 175 -40.97 73.97 -47.95
C HIS E 175 -42.13 73.54 -48.82
N THR E 176 -41.93 73.61 -50.13
CA THR E 176 -42.90 73.16 -51.12
C THR E 176 -42.31 71.96 -51.86
N VAL E 177 -43.03 70.83 -51.83
CA VAL E 177 -42.57 69.59 -52.44
C VAL E 177 -43.66 69.12 -53.41
N ASN E 178 -43.42 69.30 -54.71
CA ASN E 178 -44.35 68.90 -55.76
C ASN E 178 -45.74 69.52 -55.56
N GLY E 179 -45.74 70.85 -55.45
CA GLY E 179 -46.97 71.59 -55.24
C GLY E 179 -47.39 71.68 -53.78
N LYS E 180 -47.69 70.54 -53.16
CA LYS E 180 -48.09 70.52 -51.76
C LYS E 180 -46.96 71.06 -50.89
N THR E 181 -47.31 71.90 -49.91
CA THR E 181 -46.34 72.52 -49.04
C THR E 181 -46.10 71.68 -47.78
N VAL E 182 -44.84 71.55 -47.41
CA VAL E 182 -44.40 70.69 -46.30
C VAL E 182 -43.64 71.52 -45.29
N THR E 183 -44.06 71.46 -44.02
CA THR E 183 -43.44 72.22 -42.94
C THR E 183 -42.61 71.29 -42.07
N VAL E 184 -41.32 71.61 -41.91
CA VAL E 184 -40.39 70.85 -41.08
C VAL E 184 -40.12 71.66 -39.81
N SER E 185 -40.64 71.18 -38.68
CA SER E 185 -40.47 71.83 -37.39
C SER E 185 -39.57 70.98 -36.51
N LEU E 186 -38.47 71.55 -36.03
CA LEU E 186 -37.61 70.83 -35.09
C LEU E 186 -38.36 70.55 -33.79
N ARG E 187 -39.21 71.48 -33.35
CA ARG E 187 -40.00 71.27 -32.15
C ARG E 187 -40.98 70.12 -32.33
N GLU E 188 -41.54 69.97 -33.54
CA GLU E 188 -42.43 68.84 -33.81
C GLU E 188 -41.64 67.53 -33.96
N LEU E 189 -40.39 67.61 -34.44
CA LEU E 189 -39.56 66.42 -34.50
C LEU E 189 -39.18 65.95 -33.11
N LYS E 190 -38.83 66.89 -32.21
CA LYS E 190 -38.56 66.52 -30.83
C LYS E 190 -39.79 65.92 -30.16
N LYS E 191 -40.99 66.33 -30.60
CA LYS E 191 -42.21 65.76 -30.06
C LYS E 191 -42.39 64.32 -30.52
N LYS E 192 -42.07 64.03 -31.78
CA LYS E 192 -42.25 62.68 -32.33
C LYS E 192 -41.28 61.69 -31.71
N LEU E 193 -40.08 62.15 -31.33
CA LEU E 193 -39.15 61.28 -30.62
C LEU E 193 -39.67 60.94 -29.23
N TYR E 194 -40.10 61.96 -28.48
CA TYR E 194 -40.57 61.73 -27.12
C TYR E 194 -41.77 60.79 -27.10
N LEU E 195 -42.71 60.98 -28.02
CA LEU E 195 -43.85 60.07 -28.12
C LEU E 195 -43.40 58.67 -28.53
N CYS E 196 -42.42 58.59 -29.43
CA CYS E 196 -41.92 57.28 -29.86
C CYS E 196 -41.24 56.56 -28.71
N LEU E 197 -40.37 57.25 -27.96
CA LEU E 197 -39.71 56.62 -26.82
C LEU E 197 -40.71 56.14 -25.79
N MET E 198 -41.79 56.90 -25.58
CA MET E 198 -42.85 56.46 -24.68
C MET E 198 -43.50 55.18 -25.18
N SER E 199 -43.73 55.09 -26.49
CA SER E 199 -44.31 53.88 -27.06
C SER E 199 -43.37 52.68 -26.89
N VAL E 200 -42.07 52.90 -27.06
CA VAL E 200 -41.09 51.82 -26.90
C VAL E 200 -41.00 51.40 -25.44
N ASN E 201 -41.09 52.36 -24.52
CA ASN E 201 -41.08 52.01 -23.11
C ASN E 201 -42.24 51.10 -22.75
N ALA E 202 -43.46 51.47 -23.15
CA ALA E 202 -44.61 50.62 -22.91
C ALA E 202 -44.49 49.28 -23.62
N LEU E 203 -43.84 49.27 -24.79
CA LEU E 203 -43.64 48.02 -25.51
C LEU E 203 -42.78 47.05 -24.71
N GLU E 204 -41.64 47.53 -24.21
CA GLU E 204 -40.69 46.65 -23.53
C GLU E 204 -40.96 46.50 -22.05
N ALA E 205 -41.58 47.50 -21.42
CA ALA E 205 -41.81 47.46 -19.98
C ALA E 205 -43.19 46.91 -19.60
N ILE E 206 -44.14 46.88 -20.54
CA ILE E 206 -45.49 46.38 -20.25
C ILE E 206 -45.84 45.21 -21.17
N ARG E 207 -45.78 45.45 -22.49
CA ARG E 207 -46.23 44.44 -23.44
C ARG E 207 -45.46 43.14 -23.29
N PHE E 208 -44.13 43.22 -23.18
CA PHE E 208 -43.32 42.01 -23.09
C PHE E 208 -43.48 41.30 -21.74
N TYR E 209 -43.65 42.06 -20.66
CA TYR E 209 -43.76 41.45 -19.35
C TYR E 209 -45.09 40.73 -19.17
N VAL E 210 -46.16 41.21 -19.83
CA VAL E 210 -47.40 40.44 -19.88
C VAL E 210 -47.15 39.13 -20.61
N SER E 211 -46.29 39.16 -21.63
CA SER E 211 -45.99 37.94 -22.38
C SER E 211 -45.13 36.98 -21.59
N PHE E 212 -44.24 37.50 -20.74
CA PHE E 212 -43.42 36.65 -19.89
C PHE E 212 -44.29 35.81 -18.96
N ALA E 213 -45.38 36.41 -18.46
CA ALA E 213 -46.29 35.71 -17.56
C ALA E 213 -46.82 34.42 -18.19
N CYS E 214 -47.14 34.46 -19.49
CA CYS E 214 -47.63 33.25 -20.16
C CYS E 214 -46.53 32.19 -20.26
N SER E 215 -45.33 32.62 -20.66
CA SER E 215 -44.23 31.66 -20.82
C SER E 215 -43.83 31.05 -19.49
N PHE E 216 -43.74 31.86 -18.44
CA PHE E 216 -43.32 31.37 -17.14
C PHE E 216 -44.41 30.60 -16.42
N ALA E 217 -45.68 30.81 -16.79
CA ALA E 217 -46.76 30.02 -16.20
C ALA E 217 -46.65 28.55 -16.60
N PHE E 218 -46.28 28.28 -17.85
CA PHE E 218 -46.08 26.89 -18.28
C PHE E 218 -44.94 26.24 -17.50
N ALA E 219 -43.91 27.01 -17.17
CA ALA E 219 -42.77 26.45 -16.45
C ALA E 219 -43.13 26.13 -15.01
N GLU E 220 -44.05 26.89 -14.41
CA GLU E 220 -44.49 26.58 -13.05
C GLU E 220 -45.20 25.23 -12.98
N ARG E 221 -45.73 24.74 -14.09
CA ARG E 221 -46.25 23.38 -14.20
C ARG E 221 -45.21 22.42 -14.77
N GLU E 222 -43.94 22.84 -14.78
CA GLU E 222 -42.81 22.03 -15.27
C GLU E 222 -43.01 21.62 -16.73
N LEU E 223 -43.61 22.49 -17.52
CA LEU E 223 -43.79 22.28 -18.96
C LEU E 223 -43.11 23.41 -19.72
N MET E 224 -42.69 23.09 -20.95
CA MET E 224 -42.02 24.05 -21.83
C MET E 224 -40.80 24.68 -21.15
N GLU E 225 -40.04 23.84 -20.43
CA GLU E 225 -38.94 24.34 -19.62
C GLU E 225 -37.75 24.81 -20.45
N GLY E 226 -37.61 24.30 -21.68
CA GLY E 226 -36.57 24.83 -22.56
C GLY E 226 -36.91 26.22 -23.05
N ASN E 227 -38.16 26.44 -23.44
CA ASN E 227 -38.63 27.77 -23.80
C ASN E 227 -38.47 28.74 -22.63
N ALA E 228 -38.82 28.29 -21.42
CA ALA E 228 -38.79 29.18 -20.26
C ALA E 228 -37.38 29.63 -19.91
N LYS E 229 -36.38 28.77 -20.10
CA LYS E 229 -35.00 29.18 -19.85
C LYS E 229 -34.58 30.30 -20.79
N ILE E 230 -35.00 30.22 -22.06
CA ILE E 230 -34.66 31.26 -23.02
C ILE E 230 -35.35 32.57 -22.65
N ILE E 231 -36.64 32.50 -22.31
CA ILE E 231 -37.39 33.69 -21.93
C ILE E 231 -36.80 34.32 -20.69
N ARG E 232 -36.27 33.51 -19.78
CA ARG E 232 -35.63 34.04 -18.58
C ARG E 232 -34.42 34.89 -18.94
N LEU E 233 -33.63 34.45 -19.93
CA LEU E 233 -32.51 35.25 -20.42
C LEU E 233 -32.99 36.52 -21.13
N ILE E 234 -34.07 36.42 -21.91
CA ILE E 234 -34.62 37.59 -22.59
C ILE E 234 -35.11 38.63 -21.57
N ALA E 235 -35.82 38.17 -20.54
CA ALA E 235 -36.35 39.09 -19.53
C ALA E 235 -35.22 39.84 -18.81
N ARG E 236 -34.08 39.19 -18.60
CA ARG E 236 -32.95 39.87 -17.98
C ARG E 236 -32.42 40.97 -18.89
N ASP E 237 -32.37 40.71 -20.20
CA ASP E 237 -32.04 41.75 -21.15
C ASP E 237 -33.13 42.82 -21.18
N GLU E 238 -34.39 42.39 -21.16
CA GLU E 238 -35.51 43.33 -21.26
C GLU E 238 -35.50 44.35 -20.13
N ALA E 239 -35.07 43.95 -18.94
CA ALA E 239 -34.96 44.91 -17.84
C ALA E 239 -33.95 46.00 -18.17
N LEU E 240 -32.87 45.64 -18.87
CA LEU E 240 -31.90 46.66 -19.29
C LEU E 240 -32.50 47.59 -20.33
N HIS E 241 -33.24 47.03 -21.29
CA HIS E 241 -33.79 47.85 -22.37
C HIS E 241 -34.72 48.93 -21.82
N LEU E 242 -35.68 48.53 -20.97
CA LEU E 242 -36.61 49.51 -20.43
C LEU E 242 -35.92 50.48 -19.48
N THR E 243 -34.83 50.05 -18.83
CA THR E 243 -34.06 50.97 -18.02
C THR E 243 -33.43 52.05 -18.89
N GLY E 244 -33.03 51.68 -20.11
CA GLY E 244 -32.49 52.67 -21.04
C GLY E 244 -33.51 53.72 -21.42
N THR E 245 -34.69 53.27 -21.87
CA THR E 245 -35.73 54.22 -22.28
C THR E 245 -36.26 55.03 -21.10
N GLN E 246 -36.28 54.44 -19.91
CA GLN E 246 -36.69 55.20 -18.73
C GLN E 246 -35.75 56.37 -18.48
N HIS E 247 -34.45 56.14 -18.58
CA HIS E 247 -33.51 57.23 -18.38
C HIS E 247 -33.59 58.24 -19.52
N MET E 248 -33.76 57.77 -20.75
CA MET E 248 -33.92 58.68 -21.87
C MET E 248 -35.12 59.59 -21.68
N LEU E 249 -36.27 59.01 -21.28
CA LEU E 249 -37.47 59.80 -21.09
C LEU E 249 -37.33 60.77 -19.92
N ASN E 250 -36.78 60.30 -18.80
CA ASN E 250 -36.64 61.18 -17.65
C ASN E 250 -35.57 62.26 -17.86
N LEU E 251 -34.51 61.95 -18.60
CA LEU E 251 -33.51 62.97 -18.89
C LEU E 251 -34.07 64.05 -19.81
N LEU E 252 -34.85 63.65 -20.82
CA LEU E 252 -35.50 64.65 -21.67
C LEU E 252 -36.55 65.43 -20.89
N ARG E 253 -37.34 64.74 -20.07
CA ARG E 253 -38.45 65.38 -19.36
C ARG E 253 -37.94 66.40 -18.34
N SER E 254 -36.81 66.11 -17.67
CA SER E 254 -36.31 67.01 -16.65
C SER E 254 -35.68 68.27 -17.21
N GLY E 255 -35.44 68.32 -18.52
CA GLY E 255 -34.86 69.49 -19.15
C GLY E 255 -33.37 69.69 -18.90
N ALA E 256 -32.71 68.75 -18.24
CA ALA E 256 -31.26 68.87 -18.03
C ALA E 256 -30.53 68.83 -19.36
N ASP E 257 -30.99 68.01 -20.29
CA ASP E 257 -30.29 67.85 -21.57
C ASP E 257 -30.67 68.97 -22.53
N ASP E 258 -31.96 69.28 -22.64
CA ASP E 258 -32.44 70.31 -23.55
C ASP E 258 -33.55 71.11 -22.86
N PRO E 259 -33.34 72.40 -22.59
CA PRO E 259 -34.38 73.20 -21.92
C PRO E 259 -35.70 73.20 -22.69
N GLU E 260 -35.64 73.32 -24.01
CA GLU E 260 -36.85 73.25 -24.83
C GLU E 260 -37.59 71.93 -24.63
N MET E 261 -36.85 70.85 -24.34
CA MET E 261 -37.45 69.52 -24.28
C MET E 261 -38.38 69.37 -23.08
N ALA E 262 -38.04 70.00 -21.95
CA ALA E 262 -38.88 69.89 -20.76
C ALA E 262 -40.28 70.43 -21.02
N GLU E 263 -40.38 71.50 -21.82
CA GLU E 263 -41.69 72.06 -22.16
C GLU E 263 -42.46 71.14 -23.10
N ILE E 264 -41.76 70.55 -24.07
CA ILE E 264 -42.41 69.62 -25.01
C ILE E 264 -42.98 68.43 -24.25
N ALA E 265 -42.23 67.91 -23.27
CA ALA E 265 -42.73 66.79 -22.47
C ALA E 265 -43.98 67.17 -21.69
N GLU E 266 -44.13 68.45 -21.35
CA GLU E 266 -45.32 68.89 -20.63
C GLU E 266 -46.54 68.90 -21.54
N GLU E 267 -46.36 69.30 -22.81
CA GLU E 267 -47.46 69.31 -23.77
C GLU E 267 -47.87 67.91 -24.19
N CYS E 268 -47.01 66.91 -23.97
CA CYS E 268 -47.32 65.54 -24.33
C CYS E 268 -47.83 64.71 -23.16
N LYS E 269 -47.82 65.27 -21.94
CA LYS E 269 -48.13 64.50 -20.74
C LYS E 269 -49.47 63.76 -20.87
N GLN E 270 -50.48 64.44 -21.41
CA GLN E 270 -51.77 63.80 -21.60
C GLN E 270 -51.72 62.79 -22.74
N GLU E 271 -50.99 63.12 -23.82
CA GLU E 271 -50.90 62.19 -24.95
C GLU E 271 -50.14 60.93 -24.54
N CYS E 272 -49.13 61.07 -23.66
CA CYS E 272 -48.38 59.91 -23.19
C CYS E 272 -49.24 59.03 -22.30
N TYR E 273 -50.02 59.64 -21.42
CA TYR E 273 -50.93 58.89 -20.55
C TYR E 273 -51.92 58.06 -21.38
N ASP E 274 -52.53 58.69 -22.38
CA ASP E 274 -53.46 57.95 -23.24
C ASP E 274 -52.75 56.85 -24.02
N LEU E 275 -51.48 57.09 -24.39
CA LEU E 275 -50.69 56.10 -25.11
C LEU E 275 -50.47 54.85 -24.27
N PHE E 276 -50.12 55.04 -22.99
CA PHE E 276 -49.91 53.89 -22.11
C PHE E 276 -51.21 53.19 -21.79
N VAL E 277 -52.27 53.94 -21.51
CA VAL E 277 -53.56 53.33 -21.17
C VAL E 277 -54.07 52.49 -22.33
N GLN E 278 -53.96 53.02 -23.56
CA GLN E 278 -54.35 52.25 -24.74
C GLN E 278 -53.50 51.00 -24.90
N ALA E 279 -52.19 51.12 -24.64
CA ALA E 279 -51.32 49.95 -24.69
C ALA E 279 -51.78 48.90 -23.69
N ALA E 280 -52.10 49.32 -22.46
CA ALA E 280 -52.61 48.39 -21.47
C ALA E 280 -53.92 47.77 -21.92
N GLN E 281 -54.79 48.58 -22.54
CA GLN E 281 -56.08 48.06 -23.00
C GLN E 281 -55.90 47.00 -24.07
N GLN E 282 -54.94 47.19 -24.98
CA GLN E 282 -54.68 46.18 -26.01
C GLN E 282 -54.24 44.86 -25.40
N GLU E 283 -53.48 44.91 -24.31
CA GLU E 283 -53.02 43.69 -23.67
C GLU E 283 -54.16 42.98 -22.95
N LYS E 284 -55.07 43.73 -22.33
CA LYS E 284 -56.27 43.13 -21.77
C LYS E 284 -57.10 42.47 -22.87
N ASP E 285 -57.29 43.16 -23.99
CA ASP E 285 -57.99 42.57 -25.12
C ASP E 285 -57.22 41.37 -25.68
N TRP E 286 -55.90 41.45 -25.66
CA TRP E 286 -55.07 40.33 -26.09
C TRP E 286 -55.24 39.13 -25.16
N ALA E 287 -55.33 39.39 -23.84
CA ALA E 287 -55.55 38.31 -22.90
C ALA E 287 -56.91 37.65 -23.12
N ASP E 288 -57.91 38.42 -23.56
CA ASP E 288 -59.20 37.84 -23.88
C ASP E 288 -59.10 36.89 -25.06
N TYR E 289 -58.22 37.18 -26.02
CA TYR E 289 -58.04 36.30 -27.17
C TYR E 289 -57.25 35.05 -26.80
N LEU E 290 -56.34 35.15 -25.84
CA LEU E 290 -55.57 33.98 -25.43
C LEU E 290 -56.45 32.93 -24.78
N PHE E 291 -57.38 33.35 -23.93
CA PHE E 291 -58.18 32.44 -23.11
C PHE E 291 -59.63 32.32 -23.60
N ARG E 292 -59.86 32.57 -24.89
CA ARG E 292 -61.22 32.43 -25.42
C ARG E 292 -61.65 30.97 -25.53
N ASP E 293 -60.71 30.04 -25.62
CA ASP E 293 -61.01 28.61 -25.72
C ASP E 293 -60.77 27.88 -24.40
N GLY E 294 -60.52 28.60 -23.32
CA GLY E 294 -60.26 28.00 -22.02
C GLY E 294 -59.00 28.55 -21.40
N SER E 295 -58.84 28.23 -20.12
CA SER E 295 -57.72 28.72 -19.33
C SER E 295 -56.87 27.53 -18.87
N MET E 296 -55.92 27.80 -17.97
CA MET E 296 -55.02 26.77 -17.46
C MET E 296 -54.74 27.05 -15.99
N ILE E 297 -54.12 26.05 -15.35
CA ILE E 297 -53.79 26.15 -13.93
C ILE E 297 -52.85 27.34 -13.73
N GLY E 298 -53.29 28.30 -12.92
CA GLY E 298 -52.46 29.42 -12.54
C GLY E 298 -52.60 30.65 -13.40
N LEU E 299 -53.35 30.60 -14.51
CA LEU E 299 -53.45 31.74 -15.40
C LEU E 299 -54.77 31.68 -16.16
N ASN E 300 -55.51 32.77 -16.10
CA ASN E 300 -56.71 32.95 -16.91
C ASN E 300 -56.81 34.42 -17.31
N LYS E 301 -57.91 34.78 -17.99
CA LYS E 301 -58.08 36.16 -18.42
C LYS E 301 -58.08 37.10 -17.23
N ASP E 302 -58.77 36.73 -16.16
CA ASP E 302 -58.85 37.59 -14.98
C ASP E 302 -57.46 37.84 -14.40
N ILE E 303 -56.71 36.77 -14.18
CA ILE E 303 -55.38 36.88 -13.56
C ILE E 303 -54.44 37.71 -14.43
N LEU E 304 -54.42 37.42 -15.74
CA LEU E 304 -53.48 38.11 -16.64
C LEU E 304 -53.83 39.58 -16.78
N CYS E 305 -55.12 39.91 -16.86
CA CYS E 305 -55.52 41.31 -16.91
C CYS E 305 -55.16 42.04 -15.62
N GLN E 306 -55.21 41.33 -14.49
CA GLN E 306 -54.78 41.91 -13.22
C GLN E 306 -53.30 42.24 -13.25
N TYR E 307 -52.49 41.39 -13.88
CA TYR E 307 -51.06 41.68 -13.99
C TYR E 307 -50.79 42.87 -14.89
N VAL E 308 -51.62 43.07 -15.92
CA VAL E 308 -51.47 44.25 -16.79
C VAL E 308 -51.60 45.52 -15.97
N GLU E 309 -52.64 45.60 -15.13
CA GLU E 309 -52.84 46.80 -14.32
C GLU E 309 -51.73 46.97 -13.28
N TYR E 310 -51.25 45.87 -12.70
CA TYR E 310 -50.19 45.96 -11.70
C TYR E 310 -48.90 46.49 -12.32
N ILE E 311 -48.50 45.94 -13.46
CA ILE E 311 -47.22 46.33 -14.05
C ILE E 311 -47.30 47.70 -14.71
N THR E 312 -48.48 48.09 -15.20
CA THR E 312 -48.63 49.40 -15.83
C THR E 312 -48.40 50.52 -14.84
N ASN E 313 -48.99 50.42 -13.65
CA ASN E 313 -48.79 51.41 -12.60
C ASN E 313 -47.31 51.61 -12.31
N ILE E 314 -46.54 50.52 -12.26
CA ILE E 314 -45.13 50.60 -11.94
C ILE E 314 -44.37 51.34 -13.04
N ARG E 315 -44.63 51.00 -14.30
CA ARG E 315 -43.90 51.61 -15.40
C ARG E 315 -44.24 53.09 -15.54
N MET E 316 -45.52 53.43 -15.44
CA MET E 316 -45.93 54.81 -15.64
C MET E 316 -45.42 55.72 -14.52
N GLN E 317 -45.37 55.21 -13.28
CA GLN E 317 -44.81 56.01 -12.20
C GLN E 317 -43.33 56.28 -12.42
N ALA E 318 -42.61 55.33 -13.05
CA ALA E 318 -41.19 55.50 -13.29
C ALA E 318 -40.90 56.62 -14.28
N VAL E 319 -41.86 56.96 -15.14
CA VAL E 319 -41.67 58.01 -16.14
C VAL E 319 -42.56 59.22 -15.84
N GLY E 320 -43.00 59.37 -14.59
CA GLY E 320 -43.70 60.58 -14.18
C GLY E 320 -45.10 60.78 -14.73
N LEU E 321 -45.84 59.70 -14.95
CA LEU E 321 -47.21 59.77 -15.42
C LEU E 321 -48.17 59.36 -14.30
N ASP E 322 -49.41 59.82 -14.42
CA ASP E 322 -50.43 59.49 -13.44
C ASP E 322 -50.81 58.02 -13.54
N LEU E 323 -51.14 57.43 -12.40
CA LEU E 323 -51.51 56.02 -12.35
C LEU E 323 -52.93 55.82 -12.89
N PRO E 324 -53.12 55.02 -13.94
CA PRO E 324 -54.47 54.84 -14.49
C PRO E 324 -55.32 53.81 -13.77
N PHE E 325 -54.71 52.90 -13.01
CA PHE E 325 -55.42 51.80 -12.38
C PHE E 325 -55.34 51.92 -10.86
N GLN E 326 -56.16 51.12 -10.19
CA GLN E 326 -56.17 51.07 -8.74
C GLN E 326 -54.88 50.43 -8.23
N THR E 327 -54.45 50.88 -7.04
CA THR E 327 -53.30 50.25 -6.40
C THR E 327 -53.59 48.79 -6.12
N ARG E 328 -52.62 47.91 -6.38
CA ARG E 328 -52.82 46.49 -6.17
C ARG E 328 -51.47 45.81 -5.98
N SER E 329 -51.51 44.66 -5.31
CA SER E 329 -50.34 43.82 -5.12
C SER E 329 -50.17 42.88 -6.32
N ASN E 330 -48.96 42.34 -6.44
CA ASN E 330 -48.59 41.45 -7.54
C ASN E 330 -49.47 40.21 -7.55
N PRO E 331 -50.30 40.04 -8.59
CA PRO E 331 -51.20 38.87 -8.62
C PRO E 331 -50.49 37.57 -8.96
N ILE E 332 -49.27 37.62 -9.51
CA ILE E 332 -48.50 36.42 -9.80
C ILE E 332 -47.11 36.57 -9.19
N PRO E 333 -46.98 36.48 -7.86
CA PRO E 333 -45.66 36.69 -7.23
C PRO E 333 -44.61 35.68 -7.68
N TRP E 334 -45.01 34.54 -8.22
CA TRP E 334 -44.05 33.53 -8.65
C TRP E 334 -43.21 34.01 -9.83
N ILE E 335 -43.63 35.09 -10.50
CA ILE E 335 -42.88 35.57 -11.65
C ILE E 335 -41.60 36.27 -11.23
N ASN E 336 -41.49 36.66 -9.95
CA ASN E 336 -40.27 37.29 -9.47
C ASN E 336 -39.10 36.32 -9.48
N THR E 337 -39.38 35.02 -9.34
CA THR E 337 -38.34 34.00 -9.44
C THR E 337 -37.59 34.10 -10.76
N TRP E 338 -38.28 34.51 -11.83
CA TRP E 338 -37.75 34.50 -13.19
C TRP E 338 -37.16 35.84 -13.62
N LEU E 339 -37.39 36.91 -12.87
CA LEU E 339 -36.95 38.24 -13.28
C LEU E 339 -35.72 38.72 -12.49
N SER E 363 -21.22 20.72 32.88
CA SER E 363 -19.91 21.33 32.95
C SER E 363 -19.47 21.55 34.40
N GLU E 364 -18.30 22.19 34.57
CA GLU E 364 -17.76 22.44 35.90
C GLU E 364 -18.59 23.49 36.64
N VAL E 365 -18.64 23.36 37.97
CA VAL E 365 -19.47 24.22 38.81
C VAL E 365 -18.59 24.87 39.87
N ASP E 366 -18.93 26.10 40.23
CA ASP E 366 -18.23 26.86 41.27
C ASP E 366 -19.20 27.13 42.41
N THR E 367 -19.01 26.39 43.52
CA THR E 367 -19.88 26.56 44.68
C THR E 367 -19.75 27.96 45.28
N ASP E 368 -18.55 28.56 45.22
CA ASP E 368 -18.35 29.89 45.79
C ASP E 368 -19.24 30.93 45.12
N ASP E 369 -19.37 30.86 43.79
CA ASP E 369 -20.22 31.81 43.08
C ASP E 369 -21.69 31.63 43.46
N LEU E 370 -22.10 30.38 43.69
CA LEU E 370 -23.48 30.11 44.08
C LEU E 370 -23.75 30.52 45.51
N SER E 371 -22.74 30.41 46.39
CA SER E 371 -22.94 30.77 47.79
C SER E 371 -23.23 32.26 47.98
N ASN E 372 -22.84 33.10 47.00
CA ASN E 372 -23.20 34.52 47.00
C ASN E 372 -24.66 34.76 46.61
N PHE E 373 -25.55 33.80 46.82
CA PHE E 373 -26.94 33.89 46.43
C PHE E 373 -27.81 33.74 47.67
N GLN E 374 -28.81 34.63 47.80
CA GLN E 374 -29.73 34.62 48.93
C GLN E 374 -31.06 34.07 48.48
N LEU E 375 -31.52 33.00 49.15
CA LEU E 375 -32.78 32.36 48.78
C LEU E 375 -33.98 33.08 49.38
N ALA F 1 33.21 -56.43 53.16
CA ALA F 1 32.60 -56.80 51.88
C ALA F 1 32.06 -55.55 51.19
N TYR F 2 31.74 -55.69 49.90
CA TYR F 2 31.22 -54.55 49.15
C TYR F 2 29.77 -54.30 49.52
N THR F 3 29.44 -53.04 49.76
CA THR F 3 28.08 -52.61 50.07
C THR F 3 27.64 -51.53 49.09
N THR F 4 26.39 -51.61 48.65
CA THR F 4 25.85 -50.63 47.72
C THR F 4 25.47 -49.32 48.41
N PHE F 5 25.35 -49.30 49.73
CA PHE F 5 25.14 -48.04 50.45
C PHE F 5 25.78 -48.17 51.83
N SER F 6 27.05 -47.77 51.93
CA SER F 6 27.78 -47.86 53.19
C SER F 6 27.09 -47.02 54.27
N GLN F 7 26.94 -47.61 55.45
CA GLN F 7 26.21 -46.99 56.55
C GLN F 7 26.99 -45.89 57.25
N THR F 8 28.30 -45.84 57.08
CA THR F 8 29.14 -44.88 57.78
C THR F 8 29.11 -43.52 57.09
N LYS F 9 28.94 -42.46 57.87
CA LYS F 9 29.05 -41.11 57.33
C LYS F 9 30.52 -40.72 57.19
N ASN F 10 30.98 -40.54 55.96
CA ASN F 10 32.36 -40.16 55.68
C ASN F 10 32.39 -38.84 54.90
N ASP F 11 33.47 -38.09 55.08
CA ASP F 11 33.71 -36.89 54.28
C ASP F 11 34.27 -37.32 52.94
N GLN F 12 33.43 -37.28 51.90
CA GLN F 12 33.86 -37.78 50.60
C GLN F 12 35.00 -36.96 49.99
N LEU F 13 35.21 -35.72 50.45
CA LEU F 13 36.32 -34.94 49.93
C LEU F 13 37.67 -35.48 50.39
N LYS F 14 37.70 -36.24 51.48
CA LYS F 14 38.94 -36.75 52.05
C LYS F 14 39.19 -38.22 51.71
N GLU F 15 38.27 -38.88 51.03
CA GLU F 15 38.50 -40.26 50.63
C GLU F 15 39.47 -40.31 49.46
N PRO F 16 40.13 -41.45 49.25
CA PRO F 16 40.93 -41.64 48.04
C PRO F 16 40.05 -41.96 46.85
N MET F 17 40.66 -41.93 45.66
CA MET F 17 39.94 -42.31 44.46
C MET F 17 39.48 -43.76 44.55
N PHE F 18 40.36 -44.66 44.97
CA PHE F 18 40.07 -46.07 45.03
C PHE F 18 40.37 -46.62 46.42
N PHE F 19 39.74 -47.75 46.71
CA PHE F 19 39.99 -48.61 47.87
C PHE F 19 39.55 -47.99 49.19
N GLY F 20 38.96 -46.80 49.19
CA GLY F 20 38.40 -46.22 50.39
C GLY F 20 37.04 -46.82 50.71
N GLN F 21 36.27 -46.07 51.48
CA GLN F 21 34.91 -46.48 51.82
C GLN F 21 34.01 -46.38 50.60
N PRO F 22 33.25 -47.42 50.28
CA PRO F 22 32.30 -47.34 49.15
C PRO F 22 31.38 -46.13 49.25
N VAL F 23 31.15 -45.48 48.10
CA VAL F 23 30.34 -44.28 48.05
C VAL F 23 28.90 -44.58 48.50
N ASN F 24 28.35 -43.73 49.35
CA ASN F 24 26.95 -43.86 49.73
C ASN F 24 26.08 -42.84 49.00
N VAL F 25 26.06 -41.59 49.47
CA VAL F 25 25.20 -40.57 48.86
C VAL F 25 25.89 -40.00 47.63
N ALA F 26 25.14 -39.90 46.53
CA ALA F 26 25.65 -39.35 45.28
C ALA F 26 25.32 -37.86 45.23
N ARG F 27 26.35 -37.04 45.43
CA ARG F 27 26.19 -35.60 45.38
C ARG F 27 27.18 -35.02 44.38
N TYR F 28 26.78 -33.91 43.74
CA TYR F 28 27.57 -33.30 42.68
C TYR F 28 27.77 -31.81 42.90
N ASP F 29 27.63 -31.35 44.15
CA ASP F 29 27.88 -29.96 44.51
C ASP F 29 29.32 -29.69 44.87
N GLN F 30 30.14 -30.73 45.06
CA GLN F 30 31.53 -30.58 45.44
C GLN F 30 32.31 -31.77 44.93
N GLN F 31 33.60 -31.56 44.65
CA GLN F 31 34.45 -32.64 44.16
C GLN F 31 35.82 -32.57 44.82
N LYS F 32 36.38 -33.75 45.07
CA LYS F 32 37.79 -33.80 45.42
C LYS F 32 38.65 -33.47 44.20
N TYR F 33 38.37 -34.13 43.07
CA TYR F 33 39.03 -33.84 41.80
C TYR F 33 37.96 -33.42 40.82
N ASP F 34 37.98 -32.14 40.45
CA ASP F 34 36.95 -31.60 39.57
C ASP F 34 37.15 -32.01 38.11
N ILE F 35 38.25 -32.68 37.77
CA ILE F 35 38.44 -33.13 36.40
C ILE F 35 37.34 -34.09 36.00
N PHE F 36 36.90 -34.94 36.92
CA PHE F 36 35.88 -35.91 36.58
C PHE F 36 34.50 -35.26 36.51
N GLU F 37 34.26 -34.18 37.25
CA GLU F 37 33.02 -33.46 37.06
C GLU F 37 32.99 -32.77 35.71
N LYS F 38 34.12 -32.20 35.29
CA LYS F 38 34.21 -31.60 33.96
C LYS F 38 34.06 -32.65 32.87
N LEU F 39 34.61 -33.84 33.08
CA LEU F 39 34.47 -34.90 32.09
C LEU F 39 33.02 -35.35 31.96
N ILE F 40 32.29 -35.42 33.08
CA ILE F 40 30.87 -35.77 33.01
C ILE F 40 30.11 -34.73 32.21
N GLU F 41 30.25 -33.45 32.59
CA GLU F 41 29.53 -32.37 31.91
C GLU F 41 29.86 -32.37 30.42
N LYS F 42 31.14 -32.52 30.08
CA LYS F 42 31.54 -32.56 28.68
C LYS F 42 30.91 -33.75 27.96
N GLN F 43 30.87 -34.91 28.61
CA GLN F 43 30.29 -36.08 27.98
C GLN F 43 28.78 -35.92 27.80
N LEU F 44 28.10 -35.41 28.83
CA LEU F 44 26.66 -35.22 28.74
C LEU F 44 26.31 -34.22 27.65
N SER F 45 27.16 -33.22 27.43
CA SER F 45 26.89 -32.23 26.38
C SER F 45 27.12 -32.79 24.98
N PHE F 46 27.93 -33.84 24.86
CA PHE F 46 28.21 -34.49 23.58
C PHE F 46 27.19 -35.54 23.19
N PHE F 47 26.15 -35.77 24.01
CA PHE F 47 25.23 -36.88 23.80
C PHE F 47 24.71 -36.92 22.37
N TRP F 48 24.95 -38.04 21.71
CA TRP F 48 24.52 -38.24 20.33
C TRP F 48 23.98 -39.66 20.18
N ARG F 49 23.17 -39.85 19.13
CA ARG F 49 22.62 -41.14 18.80
C ARG F 49 23.02 -41.54 17.39
N PRO F 50 23.30 -42.82 17.14
CA PRO F 50 23.78 -43.21 15.80
C PRO F 50 22.77 -42.93 14.69
N GLU F 51 21.48 -43.10 14.99
CA GLU F 51 20.44 -42.97 13.96
C GLU F 51 20.29 -41.54 13.47
N GLU F 52 20.80 -40.55 14.21
CA GLU F 52 20.71 -39.17 13.78
C GLU F 52 21.78 -38.79 12.75
N VAL F 53 22.56 -39.76 12.27
CA VAL F 53 23.55 -39.55 11.22
C VAL F 53 23.13 -40.32 9.99
N ASP F 54 23.16 -39.66 8.83
CA ASP F 54 22.79 -40.29 7.58
C ASP F 54 23.94 -41.19 7.10
N VAL F 55 23.68 -42.49 7.03
CA VAL F 55 24.67 -43.45 6.56
C VAL F 55 24.17 -44.19 5.32
N SER F 56 23.15 -43.65 4.66
CA SER F 56 22.52 -44.36 3.55
C SER F 56 23.42 -44.42 2.32
N ARG F 57 24.17 -43.37 2.05
CA ARG F 57 25.01 -43.38 0.85
C ARG F 57 26.36 -44.06 1.09
N ASP F 58 26.55 -44.67 2.26
CA ASP F 58 27.79 -45.38 2.53
C ASP F 58 27.82 -46.75 1.87
N ARG F 59 26.65 -47.36 1.67
CA ARG F 59 26.59 -48.67 1.02
C ARG F 59 27.10 -48.61 -0.41
N ILE F 60 26.82 -47.51 -1.12
CA ILE F 60 27.28 -47.38 -2.49
C ILE F 60 28.79 -47.37 -2.53
N ASP F 61 29.39 -46.56 -1.66
CA ASP F 61 30.85 -46.44 -1.62
C ASP F 61 31.51 -47.76 -1.27
N TYR F 62 30.95 -48.48 -0.29
CA TYR F 62 31.57 -49.73 0.15
C TYR F 62 31.58 -50.76 -0.98
N GLN F 63 30.45 -50.90 -1.67
CA GLN F 63 30.38 -51.87 -2.77
C GLN F 63 31.33 -51.53 -3.89
N ALA F 64 31.65 -50.24 -4.07
CA ALA F 64 32.54 -49.82 -5.15
C ALA F 64 34.02 -49.97 -4.80
N LEU F 65 34.35 -50.14 -3.52
CA LEU F 65 35.74 -50.28 -3.13
C LEU F 65 36.35 -51.52 -3.76
N PRO F 66 37.67 -51.54 -3.96
CA PRO F 66 38.35 -52.79 -4.30
C PRO F 66 38.17 -53.83 -3.19
N GLU F 67 38.50 -55.08 -3.52
CA GLU F 67 38.28 -56.14 -2.54
C GLU F 67 39.20 -55.99 -1.34
N HIS F 68 40.46 -55.61 -1.57
CA HIS F 68 41.37 -55.45 -0.44
C HIS F 68 41.05 -54.21 0.40
N GLU F 69 40.31 -53.26 -0.16
CA GLU F 69 39.88 -52.10 0.62
C GLU F 69 38.61 -52.38 1.40
N LYS F 70 37.73 -53.25 0.89
CA LYS F 70 36.65 -53.77 1.71
C LYS F 70 37.22 -54.47 2.95
N HIS F 71 38.29 -55.25 2.75
CA HIS F 71 38.92 -55.97 3.85
C HIS F 71 39.50 -55.02 4.88
N ILE F 72 40.15 -53.94 4.43
CA ILE F 72 40.71 -52.96 5.35
C ILE F 72 39.61 -52.33 6.17
N PHE F 73 38.52 -51.92 5.50
CA PHE F 73 37.43 -51.25 6.20
C PHE F 73 36.77 -52.18 7.21
N ILE F 74 36.46 -53.41 6.79
CA ILE F 74 35.72 -54.32 7.65
C ILE F 74 36.58 -54.85 8.79
N SER F 75 37.87 -55.09 8.52
CA SER F 75 38.74 -55.53 9.61
C SER F 75 38.86 -54.45 10.68
N ASN F 76 38.96 -53.19 10.25
CA ASN F 76 39.02 -52.10 11.21
C ASN F 76 37.70 -51.95 11.96
N LEU F 77 36.59 -52.27 11.31
CA LEU F 77 35.29 -52.14 11.94
C LEU F 77 35.04 -53.31 12.91
N LYS F 78 35.51 -54.51 12.58
CA LYS F 78 35.43 -55.63 13.51
C LYS F 78 36.26 -55.36 14.75
N TYR F 79 37.47 -54.81 14.57
CA TYR F 79 38.35 -54.53 15.69
C TYR F 79 37.75 -53.45 16.60
N GLN F 80 37.12 -52.44 16.00
CA GLN F 80 36.45 -51.42 16.80
C GLN F 80 35.29 -52.01 17.58
N THR F 81 34.48 -52.87 16.95
CA THR F 81 33.36 -53.48 17.66
C THR F 81 33.85 -54.29 18.85
N LEU F 82 34.98 -54.98 18.70
CA LEU F 82 35.56 -55.74 19.81
C LEU F 82 35.95 -54.82 20.96
N LEU F 83 36.73 -53.79 20.68
CA LEU F 83 37.30 -52.97 21.74
C LEU F 83 36.20 -52.27 22.54
N ASP F 84 35.25 -51.62 21.86
CA ASP F 84 34.17 -50.98 22.57
C ASP F 84 33.15 -51.98 23.11
N SER F 85 33.26 -53.26 22.75
CA SER F 85 32.48 -54.29 23.45
C SER F 85 33.06 -54.54 24.84
N ILE F 86 34.38 -54.67 24.92
CA ILE F 86 35.05 -54.77 26.21
C ILE F 86 34.81 -53.49 27.01
N GLN F 87 35.02 -52.34 26.38
CA GLN F 87 34.85 -51.07 27.06
C GLN F 87 33.42 -50.79 27.49
N GLY F 88 32.44 -51.46 26.88
CA GLY F 88 31.05 -51.24 27.27
C GLY F 88 30.80 -51.65 28.72
N ARG F 89 31.29 -52.83 29.10
CA ARG F 89 31.00 -53.40 30.40
C ARG F 89 32.16 -53.28 31.40
N SER F 90 33.40 -53.28 30.91
CA SER F 90 34.54 -53.50 31.81
C SER F 90 34.75 -52.38 32.82
N PRO F 91 34.71 -51.10 32.46
CA PRO F 91 34.86 -50.07 33.49
C PRO F 91 33.84 -50.17 34.60
N ASN F 92 32.61 -50.58 34.27
CA ASN F 92 31.58 -50.73 35.30
C ASN F 92 31.89 -51.90 36.22
N VAL F 93 32.26 -53.06 35.64
CA VAL F 93 32.49 -54.25 36.44
C VAL F 93 33.78 -54.12 37.24
N ALA F 94 34.82 -53.54 36.64
CA ALA F 94 36.13 -53.53 37.26
C ALA F 94 36.34 -52.38 38.23
N LEU F 95 35.76 -51.21 37.97
CA LEU F 95 36.09 -50.03 38.75
C LEU F 95 35.04 -49.65 39.78
N LEU F 96 33.76 -49.87 39.50
CA LEU F 96 32.72 -49.51 40.46
C LEU F 96 32.90 -50.15 41.82
N PRO F 97 33.29 -51.42 41.96
CA PRO F 97 33.51 -51.98 43.31
C PRO F 97 34.71 -51.40 44.03
N LEU F 98 35.52 -50.55 43.38
CA LEU F 98 36.70 -50.00 44.01
C LEU F 98 36.62 -48.51 44.29
N ILE F 99 35.71 -47.79 43.63
CA ILE F 99 35.70 -46.33 43.69
C ILE F 99 35.10 -45.87 45.01
N SER F 100 35.69 -44.82 45.59
CA SER F 100 35.26 -44.32 46.88
C SER F 100 34.95 -42.82 46.88
N ILE F 101 34.95 -42.17 45.73
CA ILE F 101 34.48 -40.78 45.63
C ILE F 101 33.38 -40.71 44.58
N PRO F 102 32.34 -39.90 44.80
CA PRO F 102 31.16 -39.98 43.93
C PRO F 102 31.39 -39.46 42.53
N GLU F 103 32.21 -38.42 42.36
CA GLU F 103 32.41 -37.87 41.03
C GLU F 103 33.13 -38.84 40.11
N LEU F 104 34.03 -39.66 40.65
CA LEU F 104 34.69 -40.67 39.82
C LEU F 104 33.78 -41.87 39.59
N GLU F 105 32.91 -42.17 40.54
CA GLU F 105 31.94 -43.23 40.34
C GLU F 105 31.00 -42.89 39.19
N THR F 106 30.43 -41.67 39.19
CA THR F 106 29.49 -41.28 38.16
C THR F 106 30.17 -41.16 36.79
N TRP F 107 31.43 -40.72 36.78
CA TRP F 107 32.13 -40.63 35.49
C TRP F 107 32.32 -42.00 34.87
N VAL F 108 32.67 -43.01 35.68
CA VAL F 108 32.90 -44.35 35.13
C VAL F 108 31.61 -44.91 34.53
N GLU F 109 30.48 -44.61 35.16
CA GLU F 109 29.21 -45.08 34.62
C GLU F 109 28.82 -44.29 33.38
N THR F 110 29.11 -42.98 33.36
CA THR F 110 28.91 -42.19 32.14
C THR F 110 29.87 -42.62 31.05
N TRP F 111 31.13 -42.87 31.43
CA TRP F 111 32.11 -43.43 30.50
C TRP F 111 31.63 -44.74 29.92
N ALA F 112 31.17 -45.67 30.76
CA ALA F 112 30.71 -46.96 30.27
C ALA F 112 29.47 -46.80 29.41
N PHE F 113 28.55 -45.92 29.82
CA PHE F 113 27.32 -45.74 29.05
C PHE F 113 27.63 -45.23 27.64
N SER F 114 28.52 -44.25 27.53
CA SER F 114 28.86 -43.72 26.21
C SER F 114 29.48 -44.78 25.32
N GLU F 115 30.13 -45.79 25.92
CA GLU F 115 30.68 -46.86 25.12
C GLU F 115 29.59 -47.73 24.52
N THR F 116 28.44 -47.84 25.20
CA THR F 116 27.34 -48.60 24.63
C THR F 116 26.73 -47.89 23.42
N ILE F 117 26.76 -46.55 23.42
CA ILE F 117 26.37 -45.81 22.22
C ILE F 117 27.33 -46.12 21.08
N HIS F 118 28.62 -46.23 21.39
CA HIS F 118 29.60 -46.60 20.37
C HIS F 118 29.29 -47.99 19.80
N SER F 119 28.99 -48.95 20.67
CA SER F 119 28.66 -50.29 20.18
C SER F 119 27.39 -50.27 19.35
N ARG F 120 26.41 -49.47 19.75
CA ARG F 120 25.17 -49.38 18.98
C ARG F 120 25.42 -48.75 17.62
N SER F 121 26.36 -47.80 17.53
CA SER F 121 26.64 -47.19 16.25
C SER F 121 27.38 -48.14 15.32
N TYR F 122 28.24 -49.02 15.86
CA TYR F 122 28.90 -50.02 15.02
C TYR F 122 27.89 -50.94 14.36
N THR F 123 26.85 -51.35 15.10
CA THR F 123 25.77 -52.10 14.48
C THR F 123 25.06 -51.27 13.43
N HIS F 124 24.84 -49.99 13.72
CA HIS F 124 24.21 -49.09 12.76
C HIS F 124 25.04 -48.96 11.49
N ILE F 125 26.36 -48.82 11.64
CA ILE F 125 27.24 -48.75 10.48
C ILE F 125 27.20 -50.07 9.71
N ILE F 126 27.37 -51.18 10.42
CA ILE F 126 27.40 -52.50 9.78
C ILE F 126 26.08 -52.77 9.07
N ARG F 127 24.95 -52.45 9.71
CA ARG F 127 23.65 -52.74 9.12
C ARG F 127 23.43 -52.01 7.80
N ASN F 128 24.13 -50.89 7.58
CA ASN F 128 23.94 -50.07 6.40
C ASN F 128 25.07 -50.20 5.39
N ILE F 129 25.96 -51.18 5.55
CA ILE F 129 27.13 -51.30 4.68
C ILE F 129 27.28 -52.72 4.13
N VAL F 130 26.89 -53.71 4.93
CA VAL F 130 26.94 -55.09 4.48
C VAL F 130 25.52 -55.63 4.39
N ASN F 131 25.39 -56.76 3.68
CA ASN F 131 24.07 -57.33 3.46
C ASN F 131 23.63 -58.18 4.64
N ASP F 132 24.56 -58.93 5.23
CA ASP F 132 24.28 -59.77 6.40
C ASP F 132 25.20 -59.34 7.55
N PRO F 133 24.70 -58.59 8.53
CA PRO F 133 25.56 -58.23 9.67
C PRO F 133 26.08 -59.43 10.45
N SER F 134 25.40 -60.58 10.36
CA SER F 134 25.86 -61.78 11.05
C SER F 134 27.23 -62.22 10.55
N VAL F 135 27.51 -62.00 9.27
CA VAL F 135 28.80 -62.40 8.72
C VAL F 135 29.93 -61.67 9.44
N VAL F 136 29.71 -60.40 9.78
CA VAL F 136 30.73 -59.61 10.44
C VAL F 136 30.84 -59.96 11.92
N PHE F 137 29.70 -59.99 12.62
CA PHE F 137 29.71 -60.19 14.07
C PHE F 137 30.22 -61.57 14.45
N ASP F 138 29.86 -62.61 13.68
CA ASP F 138 30.30 -63.95 14.02
C ASP F 138 31.81 -64.11 13.91
N ASP F 139 32.45 -63.33 13.05
CA ASP F 139 33.89 -63.39 12.86
C ASP F 139 34.70 -62.70 13.95
N ILE F 140 34.06 -61.90 14.80
CA ILE F 140 34.81 -61.11 15.78
C ILE F 140 35.44 -62.00 16.85
N VAL F 141 34.74 -63.04 17.29
CA VAL F 141 35.24 -63.82 18.42
C VAL F 141 36.30 -64.83 17.98
N THR F 142 36.20 -65.32 16.75
CA THR F 142 37.09 -66.36 16.23
C THR F 142 38.27 -65.79 15.44
N ASN F 143 38.26 -64.50 15.13
CA ASN F 143 39.28 -63.91 14.27
C ASN F 143 40.67 -64.07 14.89
N GLU F 144 41.58 -64.68 14.13
CA GLU F 144 42.90 -65.02 14.66
C GLU F 144 43.70 -63.77 14.98
N GLN F 145 43.63 -62.75 14.12
CA GLN F 145 44.42 -61.53 14.34
C GLN F 145 43.83 -60.67 15.45
N ILE F 146 42.52 -60.76 15.67
CA ILE F 146 41.87 -59.96 16.71
C ILE F 146 41.96 -60.64 18.07
N GLN F 147 41.72 -61.96 18.12
CA GLN F 147 41.55 -62.64 19.39
C GLN F 147 42.80 -62.57 20.27
N LYS F 148 43.99 -62.52 19.66
CA LYS F 148 45.21 -62.46 20.46
C LYS F 148 45.24 -61.21 21.33
N ARG F 149 44.73 -60.09 20.81
CA ARG F 149 44.68 -58.86 21.57
C ARG F 149 43.44 -58.77 22.46
N ALA F 150 42.35 -59.42 22.07
CA ALA F 150 41.16 -59.43 22.93
C ALA F 150 41.46 -60.12 24.26
N GLU F 151 42.13 -61.26 24.24
CA GLU F 151 42.48 -61.93 25.49
C GLU F 151 43.51 -61.14 26.27
N GLY F 152 44.48 -60.53 25.57
CA GLY F 152 45.46 -59.72 26.26
C GLY F 152 44.83 -58.55 26.98
N ILE F 153 43.94 -57.83 26.30
CA ILE F 153 43.32 -56.65 26.88
C ILE F 153 42.40 -57.04 28.03
N SER F 154 41.56 -58.05 27.81
CA SER F 154 40.59 -58.45 28.82
C SER F 154 41.25 -59.08 30.05
N SER F 155 42.46 -59.63 29.91
CA SER F 155 43.11 -60.29 31.04
C SER F 155 43.47 -59.30 32.14
N TYR F 156 43.91 -58.09 31.77
CA TYR F 156 44.19 -57.08 32.80
C TYR F 156 42.92 -56.74 33.57
N TYR F 157 41.79 -56.65 32.87
CA TYR F 157 40.51 -56.45 33.54
C TYR F 157 40.16 -57.66 34.41
N ASP F 158 40.26 -58.87 33.83
CA ASP F 158 39.84 -60.08 34.53
C ASP F 158 40.64 -60.29 35.82
N GLU F 159 41.95 -60.05 35.76
CA GLU F 159 42.78 -60.24 36.96
C GLU F 159 42.43 -59.22 38.03
N LEU F 160 42.10 -57.99 37.63
CA LEU F 160 41.68 -56.99 38.60
C LEU F 160 40.33 -57.35 39.23
N ILE F 161 39.41 -57.87 38.42
CA ILE F 161 38.11 -58.27 38.95
C ILE F 161 38.26 -59.42 39.95
N GLU F 162 39.16 -60.36 39.66
CA GLU F 162 39.33 -61.53 40.52
C GLU F 162 39.90 -61.15 41.87
N MET F 163 41.01 -60.38 41.88
CA MET F 163 41.57 -59.95 43.14
C MET F 163 40.61 -59.09 43.93
N THR F 164 39.79 -58.27 43.24
CA THR F 164 38.83 -57.45 43.96
C THR F 164 37.80 -58.32 44.67
N SER F 165 37.35 -59.39 44.03
CA SER F 165 36.40 -60.29 44.67
C SER F 165 37.02 -60.96 45.88
N TYR F 166 38.26 -61.42 45.77
CA TYR F 166 38.96 -61.98 46.92
C TYR F 166 39.10 -60.94 48.03
N TRP F 167 39.41 -59.70 47.65
CA TRP F 167 39.60 -58.65 48.65
C TRP F 167 38.29 -58.34 49.38
N HIS F 168 37.15 -58.42 48.69
CA HIS F 168 35.88 -58.17 49.36
C HIS F 168 35.43 -59.35 50.21
N LEU F 169 35.69 -60.57 49.72
CA LEU F 169 35.20 -61.74 50.44
C LEU F 169 36.07 -62.07 51.65
N LEU F 170 37.40 -62.03 51.49
CA LEU F 170 38.32 -62.50 52.53
C LEU F 170 39.07 -61.40 53.25
N GLY F 171 39.26 -60.25 52.64
CA GLY F 171 40.08 -59.21 53.24
C GLY F 171 41.55 -59.53 53.11
N GLU F 172 42.37 -58.60 53.60
CA GLU F 172 43.81 -58.78 53.52
C GLU F 172 44.28 -59.86 54.49
N GLY F 173 45.26 -60.63 54.07
CA GLY F 173 45.83 -61.67 54.91
C GLY F 173 46.16 -62.93 54.14
N THR F 174 46.62 -63.96 54.84
CA THR F 174 46.89 -65.26 54.24
C THR F 174 45.73 -66.19 54.58
N HIS F 175 45.07 -66.72 53.55
CA HIS F 175 43.85 -67.48 53.71
C HIS F 175 43.99 -68.86 53.09
N THR F 176 43.15 -69.78 53.57
CA THR F 176 43.08 -71.14 53.05
C THR F 176 41.75 -71.33 52.33
N VAL F 177 41.81 -71.67 51.06
CA VAL F 177 40.64 -71.88 50.22
C VAL F 177 40.77 -73.27 49.62
N ASN F 178 40.03 -74.23 50.16
CA ASN F 178 40.07 -75.63 49.72
C ASN F 178 41.48 -76.19 49.74
N GLY F 179 42.10 -76.10 50.92
CA GLY F 179 43.45 -76.60 51.07
C GLY F 179 44.51 -75.61 50.63
N LYS F 180 44.48 -75.23 49.36
CA LYS F 180 45.47 -74.33 48.80
C LYS F 180 45.47 -72.98 49.52
N THR F 181 46.67 -72.44 49.73
CA THR F 181 46.85 -71.19 50.47
C THR F 181 46.75 -69.99 49.52
N VAL F 182 45.99 -68.98 49.93
CA VAL F 182 45.71 -67.80 49.13
C VAL F 182 46.08 -66.56 49.93
N THR F 183 46.93 -65.70 49.35
CA THR F 183 47.34 -64.45 50.00
C THR F 183 46.66 -63.29 49.30
N VAL F 184 45.90 -62.50 50.05
CA VAL F 184 45.21 -61.32 49.54
C VAL F 184 45.97 -60.09 50.02
N SER F 185 46.66 -59.43 49.10
CA SER F 185 47.45 -58.24 49.41
C SER F 185 46.78 -57.03 48.77
N LEU F 186 46.47 -56.02 49.60
CA LEU F 186 45.95 -54.77 49.07
C LEU F 186 46.99 -54.08 48.19
N ARG F 187 48.27 -54.22 48.54
CA ARG F 187 49.33 -53.66 47.72
C ARG F 187 49.36 -54.33 46.35
N GLU F 188 49.08 -55.64 46.29
CA GLU F 188 49.01 -56.32 45.01
C GLU F 188 47.75 -55.92 44.24
N LEU F 189 46.66 -55.61 44.96
CA LEU F 189 45.45 -55.14 44.30
C LEU F 189 45.66 -53.76 43.69
N LYS F 190 46.36 -52.88 44.41
CA LYS F 190 46.69 -51.56 43.86
C LYS F 190 47.58 -51.68 42.63
N LYS F 191 48.40 -52.73 42.57
CA LYS F 191 49.24 -52.94 41.40
C LYS F 191 48.42 -53.44 40.21
N LYS F 192 47.41 -54.26 40.45
CA LYS F 192 46.58 -54.74 39.35
C LYS F 192 45.68 -53.65 38.80
N LEU F 193 45.28 -52.70 39.65
CA LEU F 193 44.52 -51.55 39.17
C LEU F 193 45.38 -50.65 38.30
N TYR F 194 46.59 -50.32 38.78
CA TYR F 194 47.46 -49.42 38.03
C TYR F 194 47.82 -50.00 36.67
N LEU F 195 48.14 -51.30 36.62
CA LEU F 195 48.43 -51.93 35.33
C LEU F 195 47.20 -51.95 34.45
N CYS F 196 46.03 -52.18 35.04
CA CYS F 196 44.80 -52.21 34.24
C CYS F 196 44.53 -50.85 33.62
N LEU F 197 44.63 -49.77 34.43
CA LEU F 197 44.43 -48.44 33.91
C LEU F 197 45.44 -48.10 32.82
N MET F 198 46.68 -48.56 32.98
CA MET F 198 47.67 -48.37 31.93
C MET F 198 47.26 -49.09 30.66
N SER F 199 46.77 -50.34 30.79
CA SER F 199 46.31 -51.08 29.62
C SER F 199 45.10 -50.41 28.99
N VAL F 200 44.20 -49.87 29.82
CA VAL F 200 43.04 -49.17 29.29
C VAL F 200 43.45 -47.88 28.60
N ASN F 201 44.45 -47.18 29.16
CA ASN F 201 44.93 -45.96 28.52
C ASN F 201 45.51 -46.25 27.14
N ALA F 202 46.39 -47.25 27.04
CA ALA F 202 46.93 -47.62 25.75
C ALA F 202 45.83 -48.10 24.81
N LEU F 203 44.78 -48.74 25.34
CA LEU F 203 43.66 -49.17 24.52
C LEU F 203 42.95 -47.99 23.87
N GLU F 204 42.62 -46.97 24.66
CA GLU F 204 41.85 -45.86 24.14
C GLU F 204 42.69 -44.75 23.53
N ALA F 205 43.95 -44.61 23.96
CA ALA F 205 44.79 -43.53 23.45
C ALA F 205 45.69 -43.95 22.30
N ILE F 206 45.91 -45.25 22.09
CA ILE F 206 46.76 -45.71 21.00
C ILE F 206 45.98 -46.61 20.05
N ARG F 207 45.41 -47.70 20.58
CA ARG F 207 44.77 -48.69 19.72
C ARG F 207 43.63 -48.08 18.90
N PHE F 208 42.76 -47.30 19.55
CA PHE F 208 41.63 -46.73 18.83
C PHE F 208 42.05 -45.64 17.85
N TYR F 209 43.09 -44.87 18.19
CA TYR F 209 43.51 -43.81 17.28
C TYR F 209 44.19 -44.37 16.03
N VAL F 210 44.87 -45.51 16.16
CA VAL F 210 45.32 -46.21 14.96
C VAL F 210 44.11 -46.62 14.13
N SER F 211 43.01 -46.97 14.79
CA SER F 211 41.81 -47.34 14.06
C SER F 211 41.13 -46.12 13.45
N PHE F 212 41.18 -44.96 14.13
CA PHE F 212 40.62 -43.75 13.55
C PHE F 212 41.32 -43.38 12.25
N ALA F 213 42.64 -43.56 12.20
CA ALA F 213 43.40 -43.24 10.99
C ALA F 213 42.85 -43.99 9.78
N CYS F 214 42.45 -45.24 9.97
CA CYS F 214 41.88 -46.01 8.86
C CYS F 214 40.52 -45.46 8.46
N SER F 215 39.67 -45.17 9.44
CA SER F 215 38.32 -44.69 9.14
C SER F 215 38.35 -43.33 8.47
N PHE F 216 39.16 -42.41 8.98
CA PHE F 216 39.22 -41.06 8.46
C PHE F 216 39.98 -40.95 7.15
N ALA F 217 40.86 -41.90 6.85
CA ALA F 217 41.53 -41.89 5.54
C ALA F 217 40.52 -42.10 4.42
N PHE F 218 39.54 -42.97 4.63
CA PHE F 218 38.48 -43.14 3.63
C PHE F 218 37.70 -41.85 3.45
N ALA F 219 37.49 -41.11 4.53
CA ALA F 219 36.70 -39.88 4.44
C ALA F 219 37.47 -38.78 3.71
N GLU F 220 38.80 -38.79 3.82
CA GLU F 220 39.60 -37.83 3.07
C GLU F 220 39.46 -38.03 1.57
N ARG F 221 39.04 -39.22 1.14
CA ARG F 221 38.71 -39.48 -0.25
C ARG F 221 37.22 -39.33 -0.52
N GLU F 222 36.49 -38.69 0.41
CA GLU F 222 35.05 -38.47 0.29
C GLU F 222 34.29 -39.79 0.14
N LEU F 223 34.78 -40.84 0.81
CA LEU F 223 34.14 -42.14 0.82
C LEU F 223 33.75 -42.51 2.24
N MET F 224 32.70 -43.31 2.36
CA MET F 224 32.19 -43.77 3.66
C MET F 224 31.91 -42.58 4.58
N GLU F 225 31.32 -41.52 4.01
CA GLU F 225 31.20 -40.28 4.76
C GLU F 225 30.20 -40.37 5.89
N GLY F 226 29.25 -41.30 5.83
CA GLY F 226 28.37 -41.51 6.97
C GLY F 226 29.07 -42.18 8.13
N ASN F 227 29.87 -43.20 7.84
CA ASN F 227 30.70 -43.82 8.87
C ASN F 227 31.63 -42.81 9.53
N ALA F 228 32.26 -41.95 8.73
CA ALA F 228 33.23 -41.01 9.26
C ALA F 228 32.60 -39.98 10.20
N LYS F 229 31.36 -39.58 9.92
CA LYS F 229 30.69 -38.67 10.85
C LYS F 229 30.49 -39.32 12.21
N ILE F 230 30.10 -40.61 12.21
CA ILE F 230 29.92 -41.33 13.47
C ILE F 230 31.26 -41.54 14.16
N ILE F 231 32.29 -41.92 13.40
CA ILE F 231 33.61 -42.10 14.01
C ILE F 231 34.12 -40.77 14.56
N ARG F 232 33.77 -39.66 13.91
CA ARG F 232 34.15 -38.35 14.42
C ARG F 232 33.53 -38.10 15.79
N LEU F 233 32.26 -38.48 15.95
CA LEU F 233 31.60 -38.37 17.24
C LEU F 233 32.23 -39.31 18.26
N ILE F 234 32.61 -40.52 17.83
CA ILE F 234 33.30 -41.46 18.72
C ILE F 234 34.65 -40.89 19.13
N ALA F 235 35.41 -40.34 18.18
CA ALA F 235 36.72 -39.79 18.50
C ALA F 235 36.61 -38.63 19.48
N ARG F 236 35.53 -37.84 19.39
CA ARG F 236 35.33 -36.77 20.35
C ARG F 236 35.09 -37.32 21.75
N ASP F 237 34.30 -38.40 21.85
CA ASP F 237 34.15 -39.08 23.13
C ASP F 237 35.47 -39.69 23.58
N GLU F 238 36.19 -40.33 22.66
CA GLU F 238 37.42 -41.04 23.02
C GLU F 238 38.45 -40.11 23.64
N ALA F 239 38.49 -38.86 23.19
CA ALA F 239 39.42 -37.89 23.79
C ALA F 239 39.11 -37.67 25.26
N LEU F 240 37.83 -37.65 25.62
CA LEU F 240 37.46 -37.53 27.02
C LEU F 240 37.86 -38.77 27.81
N HIS F 241 37.67 -39.96 27.23
CA HIS F 241 37.97 -41.21 27.94
C HIS F 241 39.45 -41.29 28.30
N LEU F 242 40.33 -41.02 27.34
CA LEU F 242 41.76 -41.12 27.62
C LEU F 242 42.22 -40.02 28.56
N THR F 243 41.55 -38.87 28.55
CA THR F 243 41.86 -37.83 29.53
C THR F 243 41.54 -38.31 30.94
N GLY F 244 40.45 -39.05 31.10
CA GLY F 244 40.12 -39.59 32.41
C GLY F 244 41.18 -40.52 32.94
N THR F 245 41.60 -41.50 32.13
CA THR F 245 42.61 -42.44 32.57
C THR F 245 43.96 -41.77 32.78
N GLN F 246 44.26 -40.73 31.99
CA GLN F 246 45.49 -39.97 32.20
C GLN F 246 45.50 -39.32 33.57
N HIS F 247 44.38 -38.69 33.96
CA HIS F 247 44.32 -38.06 35.27
C HIS F 247 44.33 -39.09 36.39
N MET F 248 43.64 -40.22 36.21
CA MET F 248 43.70 -41.29 37.21
C MET F 248 45.12 -41.78 37.40
N LEU F 249 45.83 -42.03 36.30
CA LEU F 249 47.19 -42.55 36.38
C LEU F 249 48.13 -41.55 37.02
N ASN F 250 48.06 -40.28 36.59
CA ASN F 250 48.98 -39.28 37.12
C ASN F 250 48.70 -38.97 38.58
N LEU F 251 47.42 -39.00 38.99
CA LEU F 251 47.09 -38.81 40.40
C LEU F 251 47.60 -39.97 41.25
N LEU F 252 47.48 -41.20 40.74
CA LEU F 252 48.06 -42.34 41.45
C LEU F 252 49.58 -42.28 41.47
N ARG F 253 50.18 -41.93 40.33
CA ARG F 253 51.64 -41.90 40.22
C ARG F 253 52.26 -40.82 41.10
N SER F 254 51.61 -39.66 41.20
CA SER F 254 52.12 -38.54 41.97
C SER F 254 51.94 -38.71 43.48
N GLY F 255 51.18 -39.71 43.92
CA GLY F 255 50.97 -39.92 45.34
C GLY F 255 50.02 -38.95 46.00
N ALA F 256 49.34 -38.10 45.23
CA ALA F 256 48.39 -37.16 45.83
C ALA F 256 47.28 -37.89 46.56
N ASP F 257 46.81 -38.99 45.98
CA ASP F 257 45.67 -39.72 46.51
C ASP F 257 46.06 -40.71 47.60
N ASP F 258 47.14 -41.46 47.40
CA ASP F 258 47.60 -42.50 48.31
C ASP F 258 49.12 -42.49 48.42
N PRO F 259 49.67 -42.25 49.61
CA PRO F 259 51.14 -42.23 49.73
C PRO F 259 51.78 -43.53 49.26
N GLU F 260 51.17 -44.67 49.62
CA GLU F 260 51.66 -45.96 49.18
C GLU F 260 51.68 -46.07 47.66
N MET F 261 50.74 -45.41 46.99
CA MET F 261 50.55 -45.61 45.55
C MET F 261 51.71 -45.07 44.74
N ALA F 262 52.29 -43.93 45.15
CA ALA F 262 53.40 -43.34 44.40
C ALA F 262 54.58 -44.31 44.33
N GLU F 263 54.80 -45.07 45.40
CA GLU F 263 55.89 -46.04 45.41
C GLU F 263 55.54 -47.26 44.57
N ILE F 264 54.28 -47.70 44.61
CA ILE F 264 53.85 -48.84 43.82
C ILE F 264 53.95 -48.54 42.34
N ALA F 265 53.56 -47.32 41.93
CA ALA F 265 53.63 -46.94 40.52
C ALA F 265 55.06 -46.96 40.00
N GLU F 266 56.04 -46.73 40.89
CA GLU F 266 57.43 -46.79 40.46
C GLU F 266 57.88 -48.22 40.22
N GLU F 267 57.43 -49.16 41.06
CA GLU F 267 57.77 -50.56 40.84
C GLU F 267 57.19 -51.12 39.56
N CYS F 268 56.13 -50.50 39.03
CA CYS F 268 55.49 -50.96 37.81
C CYS F 268 55.99 -50.26 36.57
N LYS F 269 56.85 -49.24 36.71
CA LYS F 269 57.25 -48.41 35.57
C LYS F 269 57.78 -49.26 34.42
N GLN F 270 58.58 -50.28 34.72
CA GLN F 270 59.11 -51.13 33.65
C GLN F 270 58.01 -51.99 33.03
N GLU F 271 57.10 -52.52 33.86
CA GLU F 271 56.02 -53.34 33.33
C GLU F 271 55.05 -52.50 32.50
N CYS F 272 54.81 -51.24 32.91
CA CYS F 272 53.95 -50.35 32.14
C CYS F 272 54.59 -49.98 30.81
N TYR F 273 55.90 -49.68 30.82
CA TYR F 273 56.60 -49.39 29.58
C TYR F 273 56.49 -50.56 28.62
N ASP F 274 56.74 -51.78 29.10
CA ASP F 274 56.62 -52.96 28.26
C ASP F 274 55.19 -53.16 27.79
N LEU F 275 54.22 -52.79 28.62
CA LEU F 275 52.82 -52.90 28.25
C LEU F 275 52.50 -52.01 27.05
N PHE F 276 52.96 -50.76 27.08
CA PHE F 276 52.73 -49.84 25.97
C PHE F 276 53.51 -50.25 24.73
N VAL F 277 54.77 -50.66 24.91
CA VAL F 277 55.58 -51.07 23.78
C VAL F 277 54.95 -52.29 23.09
N GLN F 278 54.48 -53.25 23.88
CA GLN F 278 53.80 -54.41 23.31
C GLN F 278 52.53 -53.97 22.58
N ALA F 279 51.78 -53.02 23.16
CA ALA F 279 50.59 -52.50 22.49
C ALA F 279 50.95 -51.88 21.15
N ALA F 280 52.00 -51.07 21.13
CA ALA F 280 52.44 -50.45 19.87
C ALA F 280 52.87 -51.52 18.86
N GLN F 281 53.60 -52.54 19.33
CA GLN F 281 54.04 -53.58 18.42
C GLN F 281 52.86 -54.36 17.84
N GLN F 282 51.85 -54.64 18.67
CA GLN F 282 50.68 -55.38 18.20
C GLN F 282 49.93 -54.61 17.11
N GLU F 283 49.85 -53.29 17.24
CA GLU F 283 49.15 -52.50 16.23
C GLU F 283 49.94 -52.42 14.93
N LYS F 284 51.27 -52.34 15.02
CA LYS F 284 52.10 -52.43 13.81
C LYS F 284 51.85 -53.74 13.07
N ASP F 285 51.82 -54.86 13.80
CA ASP F 285 51.50 -56.14 13.17
C ASP F 285 50.09 -56.12 12.61
N TRP F 286 49.17 -55.45 13.29
CA TRP F 286 47.80 -55.32 12.77
C TRP F 286 47.81 -54.56 11.46
N ALA F 287 48.61 -53.51 11.37
CA ALA F 287 48.74 -52.78 10.10
C ALA F 287 49.38 -53.65 9.03
N ASP F 288 50.29 -54.54 9.42
CA ASP F 288 50.89 -55.46 8.47
C ASP F 288 49.83 -56.41 7.89
N TYR F 289 48.85 -56.79 8.71
CA TYR F 289 47.76 -57.64 8.23
C TYR F 289 46.76 -56.86 7.38
N LEU F 290 46.55 -55.58 7.70
CA LEU F 290 45.55 -54.78 6.98
C LEU F 290 45.94 -54.59 5.52
N PHE F 291 47.23 -54.36 5.25
CA PHE F 291 47.71 -54.00 3.91
C PHE F 291 48.42 -55.16 3.23
N ARG F 292 48.09 -56.40 3.60
CA ARG F 292 48.76 -57.55 2.99
C ARG F 292 48.38 -57.71 1.52
N ASP F 293 47.17 -57.30 1.13
CA ASP F 293 46.70 -57.45 -0.23
C ASP F 293 46.79 -56.15 -1.01
N GLY F 294 47.44 -55.13 -0.46
CA GLY F 294 47.54 -53.83 -1.09
C GLY F 294 47.15 -52.71 -0.15
N SER F 295 47.43 -51.50 -0.61
CA SER F 295 47.21 -50.29 0.16
C SER F 295 46.18 -49.42 -0.55
N MET F 296 46.04 -48.18 -0.09
CA MET F 296 45.11 -47.24 -0.67
C MET F 296 45.72 -45.85 -0.62
N ILE F 297 45.07 -44.92 -1.31
CA ILE F 297 45.54 -43.54 -1.34
C ILE F 297 45.59 -42.97 0.06
N GLY F 298 46.78 -42.59 0.50
CA GLY F 298 46.93 -41.94 1.79
C GLY F 298 47.26 -42.85 2.94
N LEU F 299 47.29 -44.17 2.74
CA LEU F 299 47.53 -45.06 3.87
C LEU F 299 48.15 -46.36 3.39
N ASN F 300 49.30 -46.72 3.97
CA ASN F 300 49.93 -48.02 3.76
C ASN F 300 50.59 -48.46 5.05
N LYS F 301 51.34 -49.57 4.99
CA LYS F 301 51.97 -50.10 6.20
C LYS F 301 52.93 -49.10 6.83
N ASP F 302 53.81 -48.49 6.02
CA ASP F 302 54.75 -47.53 6.56
C ASP F 302 54.03 -46.34 7.20
N ILE F 303 53.08 -45.75 6.47
CA ILE F 303 52.39 -44.57 6.97
C ILE F 303 51.68 -44.87 8.29
N LEU F 304 50.97 -46.00 8.34
CA LEU F 304 50.23 -46.32 9.56
C LEU F 304 51.17 -46.67 10.71
N CYS F 305 52.25 -47.40 10.41
CA CYS F 305 53.22 -47.74 11.45
C CYS F 305 53.93 -46.49 11.96
N GLN F 306 54.19 -45.53 11.08
CA GLN F 306 54.77 -44.26 11.50
C GLN F 306 53.82 -43.53 12.44
N TYR F 307 52.51 -43.62 12.17
CA TYR F 307 51.55 -43.02 13.08
C TYR F 307 51.52 -43.73 14.42
N VAL F 308 51.75 -45.04 14.42
CA VAL F 308 51.81 -45.78 15.69
C VAL F 308 52.92 -45.25 16.56
N GLU F 309 54.12 -45.08 15.98
CA GLU F 309 55.25 -44.54 16.74
C GLU F 309 55.00 -43.10 17.14
N TYR F 310 54.39 -42.31 16.26
CA TYR F 310 54.10 -40.92 16.58
C TYR F 310 53.12 -40.81 17.74
N ILE F 311 52.02 -41.58 17.68
CA ILE F 311 50.98 -41.43 18.69
C ILE F 311 51.40 -42.07 20.01
N THR F 312 52.22 -43.13 19.96
CA THR F 312 52.65 -43.78 21.18
C THR F 312 53.54 -42.87 22.03
N ASN F 313 54.52 -42.21 21.38
CA ASN F 313 55.38 -41.27 22.10
C ASN F 313 54.58 -40.20 22.83
N ILE F 314 53.53 -39.69 22.18
CA ILE F 314 52.72 -38.66 22.82
C ILE F 314 52.01 -39.22 24.05
N ARG F 315 51.42 -40.41 23.91
CA ARG F 315 50.65 -40.98 25.02
C ARG F 315 51.54 -41.36 26.19
N MET F 316 52.68 -41.99 25.91
CA MET F 316 53.53 -42.46 27.00
C MET F 316 54.11 -41.30 27.80
N GLN F 317 54.44 -40.20 27.13
CA GLN F 317 54.91 -39.02 27.84
C GLN F 317 53.82 -38.43 28.72
N ALA F 318 52.57 -38.53 28.31
CA ALA F 318 51.47 -37.97 29.09
C ALA F 318 51.30 -38.68 30.43
N VAL F 319 51.75 -39.92 30.55
CA VAL F 319 51.66 -40.67 31.78
C VAL F 319 53.05 -40.91 32.37
N GLY F 320 54.04 -40.11 31.95
CA GLY F 320 55.36 -40.14 32.57
C GLY F 320 56.22 -41.36 32.29
N LEU F 321 56.11 -41.95 31.10
CA LEU F 321 56.91 -43.09 30.71
C LEU F 321 57.94 -42.67 29.67
N ASP F 322 59.02 -43.46 29.57
CA ASP F 322 60.08 -43.17 28.62
C ASP F 322 59.61 -43.39 27.19
N LEU F 323 60.11 -42.58 26.27
CA LEU F 323 59.71 -42.69 24.88
C LEU F 323 60.40 -43.89 24.23
N PRO F 324 59.66 -44.86 23.69
CA PRO F 324 60.31 -46.03 23.09
C PRO F 324 60.73 -45.82 21.66
N PHE F 325 60.17 -44.83 20.95
CA PHE F 325 60.45 -44.63 19.54
C PHE F 325 61.16 -43.28 19.34
N GLN F 326 61.72 -43.13 18.15
CA GLN F 326 62.41 -41.92 17.76
C GLN F 326 61.41 -40.76 17.61
N THR F 327 61.89 -39.54 17.89
CA THR F 327 61.07 -38.36 17.69
C THR F 327 60.65 -38.26 16.23
N ARG F 328 59.40 -37.84 16.00
CA ARG F 328 58.86 -37.83 14.66
C ARG F 328 57.77 -36.77 14.56
N SER F 329 57.58 -36.26 13.35
CA SER F 329 56.45 -35.38 13.07
C SER F 329 55.24 -36.22 12.68
N ASN F 330 54.06 -35.61 12.80
CA ASN F 330 52.81 -36.29 12.49
C ASN F 330 52.80 -36.75 11.03
N PRO F 331 52.80 -38.06 10.78
CA PRO F 331 52.84 -38.53 9.38
C PRO F 331 51.52 -38.36 8.64
N ILE F 332 50.42 -38.18 9.35
CA ILE F 332 49.12 -37.97 8.72
C ILE F 332 48.46 -36.72 9.30
N PRO F 333 48.96 -35.52 8.97
CA PRO F 333 48.42 -34.30 9.59
C PRO F 333 46.94 -34.06 9.31
N TRP F 334 46.38 -34.68 8.27
CA TRP F 334 44.98 -34.48 7.96
C TRP F 334 44.04 -35.05 9.03
N ILE F 335 44.55 -35.90 9.92
CA ILE F 335 43.69 -36.50 10.93
C ILE F 335 43.29 -35.51 12.01
N ASN F 336 44.03 -34.41 12.15
CA ASN F 336 43.68 -33.41 13.16
C ASN F 336 42.36 -32.72 12.82
N THR F 337 42.01 -32.65 11.54
CA THR F 337 40.71 -32.12 11.15
C THR F 337 39.58 -32.86 11.85
N TRP F 338 39.76 -34.16 12.08
CA TRP F 338 38.69 -35.02 12.60
C TRP F 338 38.73 -35.20 14.11
N LEU F 339 39.80 -34.79 14.78
CA LEU F 339 39.93 -35.05 16.21
C LEU F 339 39.66 -33.83 17.07
N VAL F 340 39.62 -32.63 16.49
CA VAL F 340 39.42 -31.40 17.25
C VAL F 340 38.56 -30.45 16.42
N SER F 341 37.61 -29.78 17.10
CA SER F 341 36.80 -28.73 16.48
C SER F 341 36.10 -27.89 17.56
N GLN F 360 40.18 7.04 -1.71
CA GLN F 360 40.19 7.06 -0.24
C GLN F 360 41.52 7.64 0.28
N ILE F 361 41.73 8.92 0.00
CA ILE F 361 42.96 9.62 0.38
C ILE F 361 42.58 10.92 1.07
N ASP F 362 43.25 11.20 2.20
CA ASP F 362 43.09 12.47 2.91
C ASP F 362 43.83 13.55 2.13
N SER F 363 43.09 14.44 1.49
CA SER F 363 43.67 15.40 0.55
C SER F 363 44.25 16.64 1.22
N GLU F 364 44.02 16.84 2.52
CA GLU F 364 44.51 18.03 3.17
C GLU F 364 46.04 18.06 3.18
N VAL F 365 46.61 19.20 2.80
CA VAL F 365 48.05 19.41 2.83
C VAL F 365 48.35 20.69 3.60
N ASP F 366 49.48 20.69 4.30
CA ASP F 366 49.97 21.84 5.05
C ASP F 366 51.27 22.28 4.38
N THR F 367 51.20 23.36 3.60
CA THR F 367 52.41 23.86 2.94
C THR F 367 53.43 24.33 3.95
N ASP F 368 52.98 24.87 5.09
CA ASP F 368 53.90 25.31 6.12
C ASP F 368 54.73 24.14 6.66
N ASP F 369 54.08 22.99 6.87
CA ASP F 369 54.82 21.82 7.35
C ASP F 369 55.80 21.32 6.29
N LEU F 370 55.43 21.41 5.02
CA LEU F 370 56.34 21.00 3.95
C LEU F 370 57.46 22.01 3.77
N SER F 371 57.19 23.30 3.99
CA SER F 371 58.23 24.32 3.85
C SER F 371 59.36 24.12 4.85
N ASN F 372 59.14 23.31 5.89
CA ASN F 372 60.20 22.96 6.83
C ASN F 372 61.24 22.04 6.20
N PHE F 373 61.02 21.58 4.97
CA PHE F 373 61.93 20.66 4.30
C PHE F 373 63.09 21.42 3.66
N GLN F 374 64.30 20.90 3.85
CA GLN F 374 65.51 21.47 3.28
C GLN F 374 66.06 20.46 2.29
N LEU F 375 66.00 20.81 1.00
CA LEU F 375 66.39 19.88 -0.07
C LEU F 375 67.89 19.83 -0.31
N ALA G 1 35.33 -68.31 36.43
CA ALA G 1 35.48 -66.93 36.85
C ALA G 1 34.84 -65.98 35.84
N TYR G 2 34.64 -64.73 36.22
CA TYR G 2 34.07 -63.76 35.30
C TYR G 2 35.14 -63.31 34.31
N THR G 3 34.76 -63.23 33.03
CA THR G 3 35.64 -62.74 31.99
C THR G 3 34.94 -61.60 31.26
N THR G 4 35.70 -60.53 30.96
CA THR G 4 35.12 -59.38 30.27
C THR G 4 34.97 -59.61 28.78
N PHE G 5 35.60 -60.63 28.23
CA PHE G 5 35.34 -61.03 26.83
C PHE G 5 35.56 -62.54 26.73
N SER G 6 34.49 -63.30 26.94
CA SER G 6 34.54 -64.75 26.86
C SER G 6 34.94 -65.19 25.46
N GLN G 7 35.97 -66.03 25.38
CA GLN G 7 36.52 -66.44 24.09
C GLN G 7 35.69 -67.50 23.37
N THR G 8 34.65 -68.03 24.00
CA THR G 8 33.77 -69.00 23.33
C THR G 8 32.81 -68.28 22.39
N LYS G 9 32.75 -68.73 21.14
CA LYS G 9 31.77 -68.23 20.19
C LYS G 9 30.44 -68.93 20.46
N ASN G 10 29.47 -68.20 21.01
CA ASN G 10 28.18 -68.77 21.36
C ASN G 10 27.06 -68.03 20.65
N ASP G 11 25.95 -68.74 20.41
CA ASP G 11 24.75 -68.13 19.86
C ASP G 11 24.02 -67.40 20.98
N GLN G 12 24.13 -66.07 20.99
CA GLN G 12 23.55 -65.27 22.06
C GLN G 12 22.03 -65.33 22.07
N LEU G 13 21.41 -65.70 20.95
CA LEU G 13 19.95 -65.83 20.93
C LEU G 13 19.47 -67.00 21.77
N LYS G 14 20.33 -67.97 22.06
CA LYS G 14 19.96 -69.15 22.80
C LYS G 14 20.41 -69.12 24.26
N GLU G 15 21.16 -68.10 24.67
CA GLU G 15 21.57 -67.98 26.06
C GLU G 15 20.39 -67.54 26.93
N PRO G 16 20.45 -67.81 28.23
CA PRO G 16 19.44 -67.25 29.15
C PRO G 16 19.76 -65.79 29.46
N MET G 17 18.80 -65.14 30.12
CA MET G 17 19.05 -63.76 30.55
C MET G 17 20.22 -63.70 31.51
N PHE G 18 20.26 -64.59 32.49
CA PHE G 18 21.30 -64.57 33.51
C PHE G 18 21.99 -65.93 33.60
N PHE G 19 23.20 -65.90 34.14
CA PHE G 19 24.01 -67.05 34.53
C PHE G 19 24.50 -67.87 33.35
N GLY G 20 24.24 -67.45 32.12
CA GLY G 20 24.80 -68.11 30.96
C GLY G 20 26.24 -67.67 30.76
N GLN G 21 26.70 -67.82 29.53
CA GLN G 21 28.06 -67.39 29.23
C GLN G 21 28.15 -65.87 29.27
N PRO G 22 29.15 -65.30 29.94
CA PRO G 22 29.31 -63.85 29.94
C PRO G 22 29.31 -63.29 28.53
N VAL G 23 28.63 -62.15 28.35
CA VAL G 23 28.52 -61.54 27.04
C VAL G 23 29.89 -61.18 26.51
N ASN G 24 30.15 -61.54 25.25
CA ASN G 24 31.39 -61.11 24.62
C ASN G 24 31.14 -59.95 23.66
N VAL G 25 30.62 -60.26 22.48
CA VAL G 25 30.43 -59.23 21.47
C VAL G 25 29.11 -58.50 21.73
N ALA G 26 29.15 -57.18 21.66
CA ALA G 26 27.97 -56.33 21.83
C ALA G 26 27.40 -56.04 20.45
N ARG G 27 26.29 -56.68 20.12
CA ARG G 27 25.59 -56.47 18.87
C ARG G 27 24.14 -56.14 19.14
N TYR G 28 23.55 -55.34 18.24
CA TYR G 28 22.17 -54.88 18.42
C TYR G 28 21.35 -55.07 17.15
N ASP G 29 21.78 -55.96 16.27
CA ASP G 29 21.02 -56.29 15.07
C ASP G 29 20.02 -57.41 15.30
N GLN G 30 20.05 -58.04 16.47
CA GLN G 30 19.14 -59.13 16.82
C GLN G 30 18.99 -59.18 18.34
N GLN G 31 17.83 -59.62 18.79
CA GLN G 31 17.57 -59.75 20.22
C GLN G 31 16.81 -61.04 20.49
N LYS G 32 17.11 -61.66 21.63
CA LYS G 32 16.25 -62.73 22.11
C LYS G 32 14.94 -62.15 22.64
N TYR G 33 15.01 -61.10 23.46
CA TYR G 33 13.86 -60.37 23.94
C TYR G 33 13.97 -58.93 23.47
N ASP G 34 13.09 -58.53 22.55
CA ASP G 34 13.15 -57.18 22.00
C ASP G 34 12.60 -56.13 22.96
N ILE G 35 12.04 -56.54 24.09
CA ILE G 35 11.56 -55.57 25.07
C ILE G 35 12.72 -54.72 25.57
N PHE G 36 13.90 -55.30 25.73
CA PHE G 36 15.03 -54.53 26.23
C PHE G 36 15.61 -53.63 25.16
N GLU G 37 15.49 -54.01 23.89
CA GLU G 37 15.89 -53.10 22.83
C GLU G 37 14.94 -51.91 22.74
N LYS G 38 13.64 -52.15 22.90
CA LYS G 38 12.70 -51.05 22.90
C LYS G 38 12.93 -50.13 24.09
N LEU G 39 13.25 -50.71 25.25
CA LEU G 39 13.50 -49.89 26.43
C LEU G 39 14.75 -49.02 26.24
N ILE G 40 15.80 -49.57 25.63
CA ILE G 40 16.99 -48.77 25.36
C ILE G 40 16.65 -47.61 24.43
N GLU G 41 16.01 -47.92 23.30
CA GLU G 41 15.65 -46.88 22.33
C GLU G 41 14.78 -45.82 22.98
N LYS G 42 13.86 -46.23 23.86
CA LYS G 42 12.96 -45.29 24.48
C LYS G 42 13.68 -44.44 25.53
N GLN G 43 14.59 -45.05 26.28
CA GLN G 43 15.33 -44.29 27.28
C GLN G 43 16.25 -43.26 26.63
N LEU G 44 16.92 -43.66 25.54
CA LEU G 44 17.80 -42.73 24.83
C LEU G 44 17.02 -41.56 24.25
N SER G 45 15.78 -41.79 23.81
CA SER G 45 14.99 -40.70 23.24
C SER G 45 14.47 -39.75 24.31
N PHE G 46 14.39 -40.20 25.56
CA PHE G 46 13.95 -39.34 26.66
C PHE G 46 15.08 -38.53 27.27
N PHE G 47 16.31 -38.66 26.75
CA PHE G 47 17.46 -38.04 27.37
C PHE G 47 17.23 -36.56 27.64
N TRP G 48 17.37 -36.16 28.91
CA TRP G 48 17.16 -34.80 29.34
C TRP G 48 18.24 -34.41 30.33
N ARG G 49 18.45 -33.11 30.49
CA ARG G 49 19.42 -32.64 31.46
C ARG G 49 18.77 -31.70 32.46
N PRO G 50 19.14 -31.79 33.73
CA PRO G 50 18.48 -30.95 34.75
C PRO G 50 18.66 -29.46 34.52
N GLU G 51 19.84 -29.06 34.02
CA GLU G 51 20.14 -27.64 33.90
C GLU G 51 19.27 -26.94 32.85
N GLU G 52 18.68 -27.69 31.93
CA GLU G 52 17.80 -27.11 30.92
C GLU G 52 16.38 -26.87 31.44
N VAL G 53 16.15 -27.05 32.74
CA VAL G 53 14.85 -26.81 33.35
C VAL G 53 14.96 -25.60 34.27
N ASP G 54 14.00 -24.68 34.13
CA ASP G 54 13.97 -23.46 34.92
C ASP G 54 13.48 -23.76 36.33
N VAL G 55 14.34 -23.54 37.33
CA VAL G 55 14.00 -23.75 38.73
C VAL G 55 14.19 -22.47 39.55
N SER G 56 14.24 -21.31 38.89
CA SER G 56 14.54 -20.06 39.58
C SER G 56 13.42 -19.67 40.54
N ARG G 57 12.17 -19.92 40.16
CA ARG G 57 11.05 -19.61 41.03
C ARG G 57 11.02 -20.49 42.27
N ASP G 58 11.66 -21.66 42.23
CA ASP G 58 11.49 -22.64 43.31
C ASP G 58 12.13 -22.20 44.62
N ARG G 59 13.18 -21.39 44.57
CA ARG G 59 13.77 -20.89 45.81
C ARG G 59 12.79 -20.01 46.57
N ILE G 60 12.06 -19.15 45.85
CA ILE G 60 11.08 -18.27 46.49
C ILE G 60 9.94 -19.07 47.09
N ASP G 61 9.38 -20.02 46.33
CA ASP G 61 8.26 -20.80 46.85
C ASP G 61 8.67 -21.59 48.08
N TYR G 62 9.86 -22.21 48.05
CA TYR G 62 10.30 -23.03 49.17
C TYR G 62 10.47 -22.19 50.43
N GLN G 63 11.13 -21.03 50.31
CA GLN G 63 11.33 -20.18 51.47
C GLN G 63 10.01 -19.64 52.02
N ALA G 64 9.00 -19.50 51.16
CA ALA G 64 7.69 -19.00 51.57
C ALA G 64 6.83 -20.07 52.21
N LEU G 65 7.18 -21.35 52.04
CA LEU G 65 6.39 -22.44 52.58
C LEU G 65 6.32 -22.37 54.10
N PRO G 66 5.25 -22.89 54.70
CA PRO G 66 5.26 -23.12 56.15
C PRO G 66 6.40 -24.06 56.50
N GLU G 67 6.82 -24.00 57.76
CA GLU G 67 7.96 -24.81 58.17
C GLU G 67 7.64 -26.30 58.04
N HIS G 68 6.42 -26.71 58.41
CA HIS G 68 6.10 -28.12 58.33
C HIS G 68 5.96 -28.60 56.89
N GLU G 69 5.74 -27.68 55.95
CA GLU G 69 5.74 -28.05 54.54
C GLU G 69 7.15 -28.06 53.96
N LYS G 70 8.05 -27.21 54.49
CA LYS G 70 9.46 -27.36 54.19
C LYS G 70 9.94 -28.76 54.57
N HIS G 71 9.47 -29.27 55.71
CA HIS G 71 9.87 -30.59 56.16
C HIS G 71 9.40 -31.66 55.19
N ILE G 72 8.16 -31.54 54.69
CA ILE G 72 7.65 -32.53 53.74
C ILE G 72 8.48 -32.52 52.46
N PHE G 73 8.72 -31.34 51.90
CA PHE G 73 9.42 -31.25 50.62
C PHE G 73 10.86 -31.77 50.73
N ILE G 74 11.60 -31.30 51.75
CA ILE G 74 13.01 -31.64 51.83
C ILE G 74 13.20 -33.09 52.27
N SER G 75 12.31 -33.61 53.13
CA SER G 75 12.41 -35.02 53.51
C SER G 75 12.15 -35.92 52.31
N ASN G 76 11.15 -35.58 51.49
CA ASN G 76 10.89 -36.34 50.28
C ASN G 76 12.03 -36.20 49.28
N LEU G 77 12.69 -35.04 49.29
CA LEU G 77 13.82 -34.83 48.39
C LEU G 77 15.05 -35.60 48.86
N LYS G 78 15.26 -35.66 50.18
CA LYS G 78 16.35 -36.47 50.71
C LYS G 78 16.14 -37.95 50.41
N TYR G 79 14.90 -38.42 50.58
CA TYR G 79 14.61 -39.84 50.35
C TYR G 79 14.81 -40.21 48.88
N GLN G 80 14.41 -39.32 47.96
CA GLN G 80 14.65 -39.56 46.54
C GLN G 80 16.14 -39.62 46.23
N THR G 81 16.92 -38.70 46.82
CA THR G 81 18.37 -38.71 46.61
C THR G 81 18.98 -40.01 47.10
N LEU G 82 18.47 -40.54 48.22
CA LEU G 82 18.95 -41.81 48.75
C LEU G 82 18.69 -42.96 47.78
N LEU G 83 17.44 -43.11 47.33
CA LEU G 83 17.07 -44.27 46.53
C LEU G 83 17.81 -44.28 45.20
N ASP G 84 17.83 -43.15 44.49
CA ASP G 84 18.52 -43.10 43.22
C ASP G 84 20.05 -43.03 43.39
N SER G 85 20.55 -42.88 44.63
CA SER G 85 21.97 -43.11 44.86
C SER G 85 22.30 -44.60 44.79
N ILE G 86 21.48 -45.42 45.44
CA ILE G 86 21.61 -46.86 45.32
C ILE G 86 21.40 -47.30 43.88
N GLN G 87 20.34 -46.80 43.25
CA GLN G 87 20.02 -47.20 41.88
C GLN G 87 21.06 -46.74 40.87
N GLY G 88 21.89 -45.74 41.22
CA GLY G 88 22.91 -45.30 40.29
C GLY G 88 23.94 -46.37 40.00
N ARG G 89 24.42 -47.03 41.05
CA ARG G 89 25.52 -47.98 40.95
C ARG G 89 25.08 -49.43 41.00
N SER G 90 23.97 -49.72 41.68
CA SER G 90 23.67 -51.11 42.05
C SER G 90 23.31 -51.98 40.84
N PRO G 91 22.46 -51.56 39.90
CA PRO G 91 22.21 -52.43 38.74
C PRO G 91 23.48 -52.77 38.00
N ASN G 92 24.45 -51.86 37.97
CA ASN G 92 25.72 -52.12 37.31
C ASN G 92 26.55 -53.14 38.08
N VAL G 93 26.66 -52.96 39.41
CA VAL G 93 27.51 -53.83 40.21
C VAL G 93 26.88 -55.20 40.40
N ALA G 94 25.56 -55.25 40.58
CA ALA G 94 24.89 -56.50 40.92
C ALA G 94 24.49 -57.33 39.73
N LEU G 95 24.16 -56.70 38.60
CA LEU G 95 23.59 -57.45 37.47
C LEU G 95 24.57 -57.70 36.34
N LEU G 96 25.51 -56.77 36.08
CA LEU G 96 26.44 -56.96 34.97
C LEU G 96 27.26 -58.24 35.05
N PRO G 97 27.80 -58.65 36.21
CA PRO G 97 28.54 -59.93 36.24
C PRO G 97 27.67 -61.15 36.01
N LEU G 98 26.35 -61.01 35.90
CA LEU G 98 25.46 -62.14 35.73
C LEU G 98 24.78 -62.21 34.38
N ILE G 99 24.72 -61.10 33.64
CA ILE G 99 23.93 -61.04 32.41
C ILE G 99 24.66 -61.75 31.29
N SER G 100 23.90 -62.50 30.47
CA SER G 100 24.48 -63.29 29.39
C SER G 100 23.88 -63.02 28.01
N ILE G 101 23.02 -62.01 27.88
CA ILE G 101 22.57 -61.59 26.55
C ILE G 101 22.84 -60.10 26.39
N PRO G 102 23.26 -59.64 25.20
CA PRO G 102 23.75 -58.25 25.09
C PRO G 102 22.67 -57.19 25.24
N GLU G 103 21.45 -57.43 24.75
CA GLU G 103 20.44 -56.39 24.84
C GLU G 103 20.08 -56.10 26.29
N LEU G 104 20.13 -57.12 27.15
CA LEU G 104 19.87 -56.90 28.57
C LEU G 104 21.06 -56.26 29.27
N GLU G 105 22.28 -56.57 28.82
CA GLU G 105 23.46 -55.94 29.39
C GLU G 105 23.44 -54.43 29.12
N THR G 106 23.17 -54.05 27.87
CA THR G 106 23.15 -52.64 27.53
C THR G 106 21.99 -51.92 28.20
N TRP G 107 20.84 -52.58 28.37
CA TRP G 107 19.73 -51.93 29.06
C TRP G 107 20.09 -51.63 30.51
N VAL G 108 20.80 -52.54 31.17
CA VAL G 108 21.16 -52.31 32.57
C VAL G 108 22.08 -51.10 32.70
N GLU G 109 22.98 -50.92 31.74
CA GLU G 109 23.87 -49.76 31.78
C GLU G 109 23.12 -48.49 31.40
N THR G 110 22.18 -48.58 30.45
CA THR G 110 21.35 -47.44 30.13
C THR G 110 20.45 -47.09 31.31
N TRP G 111 19.89 -48.12 31.95
CA TRP G 111 19.12 -47.94 33.17
C TRP G 111 19.94 -47.25 34.25
N ALA G 112 21.15 -47.76 34.50
CA ALA G 112 22.01 -47.17 35.54
C ALA G 112 22.43 -45.75 35.16
N PHE G 113 22.77 -45.52 33.90
CA PHE G 113 23.19 -44.19 33.48
C PHE G 113 22.09 -43.17 33.69
N SER G 114 20.85 -43.53 33.34
CA SER G 114 19.76 -42.60 33.52
C SER G 114 19.55 -42.27 35.00
N GLU G 115 19.93 -43.19 35.90
CA GLU G 115 19.81 -42.91 37.31
C GLU G 115 20.80 -41.85 37.77
N THR G 116 21.98 -41.78 37.13
CA THR G 116 22.93 -40.74 37.52
C THR G 116 22.44 -39.36 37.12
N ILE G 117 21.66 -39.25 36.05
CA ILE G 117 21.02 -37.99 35.73
C ILE G 117 20.03 -37.60 36.82
N HIS G 118 19.30 -38.60 37.34
CA HIS G 118 18.39 -38.33 38.45
C HIS G 118 19.15 -37.81 39.66
N SER G 119 20.26 -38.47 40.01
CA SER G 119 21.04 -38.02 41.15
C SER G 119 21.58 -36.61 40.92
N ARG G 120 21.99 -36.32 39.69
CA ARG G 120 22.48 -34.98 39.39
C ARG G 120 21.37 -33.95 39.47
N SER G 121 20.15 -34.31 39.11
CA SER G 121 19.06 -33.34 39.19
C SER G 121 18.68 -33.05 40.63
N TYR G 122 18.78 -34.04 41.51
CA TYR G 122 18.52 -33.79 42.93
C TYR G 122 19.49 -32.76 43.48
N THR G 123 20.76 -32.85 43.09
CA THR G 123 21.72 -31.82 43.45
C THR G 123 21.32 -30.48 42.84
N HIS G 124 20.87 -30.51 41.58
CA HIS G 124 20.44 -29.27 40.92
C HIS G 124 19.29 -28.63 41.67
N ILE G 125 18.30 -29.42 42.08
CA ILE G 125 17.17 -28.88 42.83
C ILE G 125 17.62 -28.36 44.19
N ILE G 126 18.39 -29.17 44.93
CA ILE G 126 18.79 -28.80 46.28
C ILE G 126 19.61 -27.51 46.27
N ARG G 127 20.60 -27.44 45.38
CA ARG G 127 21.47 -26.26 45.36
C ARG G 127 20.73 -25.00 44.96
N ASN G 128 19.54 -25.11 44.36
CA ASN G 128 18.79 -23.95 43.91
C ASN G 128 17.65 -23.57 44.86
N ILE G 129 17.58 -24.15 46.05
CA ILE G 129 16.49 -23.84 46.96
C ILE G 129 17.03 -23.54 48.36
N VAL G 130 18.16 -24.14 48.72
CA VAL G 130 18.75 -23.91 50.03
C VAL G 130 20.09 -23.21 49.86
N ASN G 131 20.58 -22.66 50.97
CA ASN G 131 21.81 -21.87 50.92
C ASN G 131 23.05 -22.75 51.01
N ASP G 132 23.01 -23.79 51.85
CA ASP G 132 24.14 -24.72 52.00
C ASP G 132 23.65 -26.12 51.67
N PRO G 133 23.93 -26.64 50.47
CA PRO G 133 23.53 -28.02 50.15
C PRO G 133 24.17 -29.06 51.05
N SER G 134 25.31 -28.73 51.68
CA SER G 134 25.96 -29.69 52.57
C SER G 134 25.07 -30.06 53.75
N VAL G 135 24.24 -29.13 54.22
CA VAL G 135 23.35 -29.42 55.33
C VAL G 135 22.36 -30.52 54.93
N VAL G 136 21.91 -30.50 53.68
CA VAL G 136 20.95 -31.49 53.22
C VAL G 136 21.63 -32.84 52.96
N PHE G 137 22.75 -32.83 52.23
CA PHE G 137 23.39 -34.08 51.87
C PHE G 137 23.96 -34.80 53.09
N ASP G 138 24.55 -34.06 54.03
CA ASP G 138 25.08 -34.72 55.23
C ASP G 138 23.96 -35.32 56.06
N ASP G 139 22.75 -34.74 55.99
CA ASP G 139 21.65 -35.26 56.77
C ASP G 139 21.09 -36.56 56.20
N ILE G 140 21.41 -36.90 54.95
CA ILE G 140 20.90 -38.14 54.38
C ILE G 140 21.53 -39.32 55.10
N VAL G 141 22.80 -39.20 55.44
CA VAL G 141 23.52 -40.30 56.08
C VAL G 141 23.37 -40.29 57.60
N THR G 142 23.21 -39.12 58.22
CA THR G 142 23.17 -39.04 59.68
C THR G 142 21.76 -39.07 60.26
N ASN G 143 20.74 -38.71 59.49
CA ASN G 143 19.38 -38.73 60.02
C ASN G 143 18.93 -40.18 60.18
N GLU G 144 18.50 -40.54 61.39
CA GLU G 144 18.16 -41.92 61.66
C GLU G 144 16.84 -42.31 61.00
N GLN G 145 16.01 -41.34 60.64
CA GLN G 145 14.71 -41.64 60.05
C GLN G 145 14.83 -42.09 58.60
N ILE G 146 15.85 -41.63 57.89
CA ILE G 146 16.03 -41.96 56.48
C ILE G 146 16.81 -43.26 56.31
N GLN G 147 17.94 -43.38 57.03
CA GLN G 147 18.93 -44.43 56.77
C GLN G 147 18.38 -45.83 57.00
N LYS G 148 17.39 -45.98 57.88
CA LYS G 148 16.91 -47.32 58.23
C LYS G 148 16.48 -48.13 57.01
N ARG G 149 15.84 -47.49 56.02
CA ARG G 149 15.46 -48.30 54.86
C ARG G 149 16.51 -48.38 53.78
N ALA G 150 17.56 -47.57 53.85
CA ALA G 150 18.74 -47.88 53.06
C ALA G 150 19.15 -49.32 53.28
N GLU G 151 19.07 -49.81 54.53
CA GLU G 151 19.42 -51.19 54.83
C GLU G 151 18.48 -52.17 54.14
N GLY G 152 17.20 -51.84 54.04
CA GLY G 152 16.27 -52.74 53.40
C GLY G 152 16.58 -53.00 51.95
N ILE G 153 16.75 -51.94 51.16
CA ILE G 153 17.00 -52.12 49.72
C ILE G 153 18.40 -52.65 49.47
N SER G 154 19.40 -52.08 50.13
CA SER G 154 20.79 -52.44 49.82
C SER G 154 21.13 -53.87 50.20
N SER G 155 20.41 -54.45 51.19
CA SER G 155 20.75 -55.80 51.63
C SER G 155 20.49 -56.83 50.54
N TYR G 156 19.39 -56.68 49.78
CA TYR G 156 19.13 -57.59 48.67
C TYR G 156 20.20 -57.47 47.60
N TYR G 157 20.65 -56.24 47.32
CA TYR G 157 21.77 -56.05 46.40
C TYR G 157 23.05 -56.67 46.93
N ASP G 158 23.40 -56.36 48.19
CA ASP G 158 24.69 -56.76 48.75
C ASP G 158 24.82 -58.28 48.80
N GLU G 159 23.75 -58.99 49.19
CA GLU G 159 23.82 -60.45 49.28
C GLU G 159 24.00 -61.08 47.90
N LEU G 160 23.36 -60.52 46.88
CA LEU G 160 23.54 -61.04 45.53
C LEU G 160 24.97 -60.80 45.04
N ILE G 161 25.53 -59.64 45.36
CA ILE G 161 26.90 -59.33 44.97
C ILE G 161 27.88 -60.29 45.64
N GLU G 162 27.62 -60.63 46.91
CA GLU G 162 28.54 -61.50 47.63
C GLU G 162 28.51 -62.93 47.08
N MET G 163 27.32 -63.51 46.94
CA MET G 163 27.20 -64.85 46.39
C MET G 163 27.74 -64.91 44.96
N THR G 164 27.58 -63.83 44.20
CA THR G 164 28.12 -63.82 42.84
C THR G 164 29.64 -63.92 42.87
N SER G 165 30.28 -63.24 43.82
CA SER G 165 31.73 -63.31 43.94
C SER G 165 32.18 -64.73 44.33
N TYR G 166 31.48 -65.35 45.29
CA TYR G 166 31.81 -66.73 45.63
C TYR G 166 31.62 -67.66 44.44
N TRP G 167 30.55 -67.45 43.67
CA TRP G 167 30.27 -68.30 42.52
C TRP G 167 31.33 -68.15 41.44
N HIS G 168 31.88 -66.96 41.25
CA HIS G 168 32.90 -66.76 40.24
C HIS G 168 34.26 -67.30 40.69
N LEU G 169 34.58 -67.16 41.99
CA LEU G 169 35.90 -67.55 42.48
C LEU G 169 36.02 -69.06 42.67
N LEU G 170 34.99 -69.69 43.24
CA LEU G 170 35.06 -71.09 43.64
C LEU G 170 34.26 -72.02 42.76
N GLY G 171 33.23 -71.53 42.08
CA GLY G 171 32.35 -72.40 41.35
C GLY G 171 31.36 -73.07 42.28
N GLU G 172 30.47 -73.85 41.66
CA GLU G 172 29.43 -74.53 42.42
C GLU G 172 30.04 -75.68 43.23
N GLY G 173 29.51 -75.89 44.43
CA GLY G 173 30.00 -76.96 45.27
C GLY G 173 30.10 -76.61 46.74
N THR G 174 30.61 -77.54 47.54
CA THR G 174 30.85 -77.31 48.96
C THR G 174 32.34 -77.06 49.15
N HIS G 175 32.68 -75.89 49.68
CA HIS G 175 34.07 -75.47 49.82
C HIS G 175 34.37 -75.15 51.27
N THR G 176 35.65 -75.22 51.62
CA THR G 176 36.11 -74.83 52.95
C THR G 176 36.99 -73.60 52.78
N VAL G 177 36.62 -72.51 53.45
CA VAL G 177 37.29 -71.22 53.33
C VAL G 177 37.73 -70.82 54.72
N ASN G 178 39.03 -70.95 55.00
CA ASN G 178 39.60 -70.64 56.32
C ASN G 178 38.91 -71.44 57.41
N GLY G 179 38.88 -72.76 57.24
CA GLY G 179 38.22 -73.64 58.20
C GLY G 179 36.72 -73.76 57.99
N LYS G 180 36.01 -72.64 58.09
CA LYS G 180 34.56 -72.66 57.92
C LYS G 180 34.18 -73.18 56.55
N THR G 181 33.11 -73.98 56.50
CA THR G 181 32.65 -74.59 55.26
C THR G 181 31.66 -73.68 54.57
N VAL G 182 31.84 -73.51 53.26
CA VAL G 182 31.03 -72.60 52.44
C VAL G 182 30.44 -73.37 51.27
N THR G 183 29.12 -73.31 51.12
CA THR G 183 28.42 -74.00 50.05
C THR G 183 27.96 -72.97 49.01
N VAL G 184 28.38 -73.17 47.77
CA VAL G 184 27.99 -72.31 46.65
C VAL G 184 26.94 -73.06 45.85
N SER G 185 25.70 -72.61 45.93
CA SER G 185 24.60 -73.24 45.21
C SER G 185 24.12 -72.29 44.11
N LEU G 186 24.17 -72.76 42.86
CA LEU G 186 23.64 -71.97 41.76
C LEU G 186 22.14 -71.76 41.92
N ARG G 187 21.42 -72.74 42.45
CA ARG G 187 20.00 -72.57 42.72
C ARG G 187 19.77 -71.51 43.78
N GLU G 188 20.65 -71.44 44.78
CA GLU G 188 20.53 -70.38 45.79
C GLU G 188 20.95 -69.04 45.22
N LEU G 189 21.88 -69.04 44.26
CA LEU G 189 22.25 -67.79 43.60
C LEU G 189 21.11 -67.26 42.73
N LYS G 190 20.45 -68.15 41.98
CA LYS G 190 19.28 -67.74 41.21
C LYS G 190 18.16 -67.25 42.11
N LYS G 191 18.06 -67.81 43.31
CA LYS G 191 17.05 -67.39 44.25
C LYS G 191 17.34 -66.00 44.80
N LYS G 192 18.63 -65.67 44.97
CA LYS G 192 18.98 -64.34 45.46
C LYS G 192 18.82 -63.28 44.38
N LEU G 193 18.99 -63.65 43.11
CA LEU G 193 18.73 -62.70 42.03
C LEU G 193 17.24 -62.39 41.93
N TYR G 194 16.40 -63.43 41.92
CA TYR G 194 14.97 -63.22 41.81
C TYR G 194 14.44 -62.38 42.96
N LEU G 195 14.91 -62.65 44.18
CA LEU G 195 14.50 -61.83 45.30
C LEU G 195 14.98 -60.39 45.15
N CYS G 196 16.20 -60.21 44.63
CA CYS G 196 16.72 -58.87 44.44
C CYS G 196 15.90 -58.09 43.43
N LEU G 197 15.60 -58.72 42.28
CA LEU G 197 14.78 -58.05 41.26
C LEU G 197 13.39 -57.71 41.79
N MET G 198 12.84 -58.58 42.64
CA MET G 198 11.56 -58.26 43.27
C MET G 198 11.67 -57.02 44.14
N SER G 199 12.76 -56.91 44.92
CA SER G 199 12.95 -55.75 45.78
C SER G 199 13.15 -54.49 44.97
N VAL G 200 13.88 -54.58 43.85
CA VAL G 200 14.11 -53.41 43.01
C VAL G 200 12.82 -52.98 42.34
N ASN G 201 12.00 -53.96 41.93
CA ASN G 201 10.70 -53.64 41.35
C ASN G 201 9.82 -52.88 42.34
N ALA G 202 9.72 -53.38 43.57
CA ALA G 202 8.97 -52.67 44.60
C ALA G 202 9.55 -51.29 44.89
N LEU G 203 10.88 -51.15 44.76
CA LEU G 203 11.51 -49.86 44.94
C LEU G 203 11.05 -48.85 43.89
N GLU G 204 11.10 -49.25 42.61
CA GLU G 204 10.82 -48.31 41.54
C GLU G 204 9.34 -48.20 41.22
N ALA G 205 8.56 -49.25 41.48
CA ALA G 205 7.15 -49.22 41.16
C ALA G 205 6.27 -48.77 42.33
N ILE G 206 6.79 -48.83 43.56
CA ILE G 206 5.99 -48.44 44.72
C ILE G 206 6.66 -47.30 45.47
N ARG G 207 7.92 -47.52 45.91
CA ARG G 207 8.57 -46.54 46.78
C ARG G 207 8.69 -45.19 46.11
N PHE G 208 9.13 -45.17 44.85
CA PHE G 208 9.32 -43.88 44.17
C PHE G 208 8.00 -43.21 43.80
N TYR G 209 6.98 -44.00 43.46
CA TYR G 209 5.71 -43.39 43.07
C TYR G 209 4.98 -42.77 44.27
N VAL G 210 5.17 -43.33 45.46
CA VAL G 210 4.70 -42.66 46.66
C VAL G 210 5.40 -41.32 46.81
N SER G 211 6.67 -41.25 46.41
CA SER G 211 7.41 -40.00 46.48
C SER G 211 6.96 -39.01 45.42
N PHE G 212 6.56 -39.50 44.24
CA PHE G 212 6.05 -38.61 43.20
C PHE G 212 4.81 -37.86 43.67
N ALA G 213 3.94 -38.56 44.43
CA ALA G 213 2.72 -37.93 44.92
C ALA G 213 3.01 -36.67 45.73
N CYS G 214 4.07 -36.68 46.53
CA CYS G 214 4.41 -35.50 47.32
C CYS G 214 4.88 -34.36 46.43
N SER G 215 5.75 -34.64 45.47
CA SER G 215 6.24 -33.57 44.60
C SER G 215 5.12 -32.99 43.76
N PHE G 216 4.25 -33.85 43.22
CA PHE G 216 3.18 -33.36 42.36
C PHE G 216 2.05 -32.72 43.13
N ALA G 217 1.91 -33.04 44.42
CA ALA G 217 0.92 -32.35 45.24
C ALA G 217 1.26 -30.88 45.38
N PHE G 218 2.55 -30.57 45.54
CA PHE G 218 2.96 -29.16 45.57
C PHE G 218 2.67 -28.48 44.26
N ALA G 219 2.80 -29.20 43.15
CA ALA G 219 2.59 -28.60 41.84
C ALA G 219 1.11 -28.34 41.56
N GLU G 220 0.21 -29.16 42.11
CA GLU G 220 -1.22 -28.91 41.95
C GLU G 220 -1.64 -27.59 42.59
N ARG G 221 -0.86 -27.09 43.55
CA ARG G 221 -1.05 -25.78 44.13
C ARG G 221 -0.17 -24.72 43.48
N GLU G 222 0.39 -25.04 42.30
CA GLU G 222 1.25 -24.12 41.55
C GLU G 222 2.45 -23.66 42.38
N LEU G 223 2.96 -24.57 43.20
CA LEU G 223 4.15 -24.32 44.01
C LEU G 223 5.23 -25.32 43.63
N MET G 224 6.49 -24.90 43.78
CA MET G 224 7.65 -25.75 43.47
C MET G 224 7.54 -26.33 42.05
N GLU G 225 7.12 -25.49 41.10
CA GLU G 225 6.83 -25.99 39.76
C GLU G 225 8.09 -26.34 38.99
N GLY G 226 9.24 -25.77 39.35
CA GLY G 226 10.48 -26.18 38.71
C GLY G 226 10.89 -27.57 39.13
N ASN G 227 10.80 -27.87 40.42
CA ASN G 227 11.02 -29.24 40.90
C ASN G 227 10.07 -30.21 40.22
N ALA G 228 8.80 -29.83 40.10
CA ALA G 228 7.80 -30.72 39.52
C ALA G 228 8.08 -31.02 38.06
N LYS G 229 8.65 -30.06 37.31
CA LYS G 229 9.03 -30.36 35.94
C LYS G 229 10.11 -31.43 35.89
N ILE G 230 11.09 -31.36 36.80
CA ILE G 230 12.14 -32.37 36.84
C ILE G 230 11.58 -33.71 37.29
N ILE G 231 10.74 -33.71 38.33
CA ILE G 231 10.17 -34.97 38.81
C ILE G 231 9.34 -35.63 37.74
N ARG G 232 8.67 -34.84 36.89
CA ARG G 232 7.89 -35.43 35.80
C ARG G 232 8.79 -36.16 34.81
N LEU G 233 9.95 -35.57 34.48
CA LEU G 233 10.90 -36.26 33.61
C LEU G 233 11.45 -37.51 34.27
N ILE G 234 11.73 -37.45 35.58
CA ILE G 234 12.20 -38.62 36.31
C ILE G 234 11.13 -39.70 36.32
N ALA G 235 9.88 -39.31 36.57
CA ALA G 235 8.80 -40.28 36.60
C ALA G 235 8.62 -40.97 35.25
N ARG G 236 8.86 -40.24 34.15
CA ARG G 236 8.78 -40.86 32.83
C ARG G 236 9.87 -41.91 32.66
N ASP G 237 11.08 -41.63 33.18
CA ASP G 237 12.13 -42.64 33.18
C ASP G 237 11.74 -43.81 34.07
N GLU G 238 11.20 -43.52 35.26
CA GLU G 238 10.88 -44.57 36.21
C GLU G 238 9.89 -45.56 35.63
N ALA G 239 8.99 -45.08 34.78
CA ALA G 239 8.03 -45.96 34.12
C ALA G 239 8.75 -46.98 33.24
N LEU G 240 9.82 -46.57 32.58
CA LEU G 240 10.62 -47.52 31.80
C LEU G 240 11.34 -48.52 32.71
N HIS G 241 11.90 -48.02 33.82
CA HIS G 241 12.66 -48.89 34.72
C HIS G 241 11.79 -50.00 35.30
N LEU G 242 10.61 -49.66 35.81
CA LEU G 242 9.76 -50.69 36.40
C LEU G 242 9.22 -51.64 35.33
N THR G 243 9.05 -51.15 34.09
CA THR G 243 8.70 -52.06 33.01
C THR G 243 9.82 -53.05 32.73
N GLY G 244 11.08 -52.61 32.88
CA GLY G 244 12.18 -53.54 32.70
C GLY G 244 12.17 -54.67 33.71
N THR G 245 12.08 -54.34 35.00
CA THR G 245 12.10 -55.39 36.02
C THR G 245 10.86 -56.27 35.95
N GLN G 246 9.72 -55.70 35.57
CA GLN G 246 8.51 -56.51 35.40
C GLN G 246 8.71 -57.59 34.35
N HIS G 247 9.31 -57.23 33.22
CA HIS G 247 9.54 -58.23 32.17
C HIS G 247 10.58 -59.26 32.60
N MET G 248 11.64 -58.82 33.30
CA MET G 248 12.61 -59.77 33.83
C MET G 248 11.94 -60.76 34.77
N LEU G 249 11.11 -60.24 35.69
CA LEU G 249 10.46 -61.10 36.67
C LEU G 249 9.50 -62.07 36.01
N ASN G 250 8.67 -61.57 35.10
CA ASN G 250 7.68 -62.44 34.47
C ASN G 250 8.32 -63.45 33.53
N LEU G 251 9.41 -63.09 32.86
CA LEU G 251 10.11 -64.05 32.01
C LEU G 251 10.76 -65.15 32.84
N LEU G 252 11.35 -64.79 33.97
CA LEU G 252 11.91 -65.80 34.86
C LEU G 252 10.82 -66.67 35.47
N ARG G 253 9.72 -66.05 35.89
CA ARG G 253 8.66 -66.77 36.59
C ARG G 253 7.96 -67.77 35.67
N SER G 254 7.77 -67.42 34.41
CA SER G 254 7.07 -68.29 33.46
C SER G 254 7.91 -69.46 33.01
N GLY G 255 9.20 -69.48 33.31
CA GLY G 255 10.04 -70.56 32.85
C GLY G 255 10.37 -70.52 31.38
N ALA G 256 9.97 -69.45 30.68
CA ALA G 256 10.30 -69.32 29.26
C ALA G 256 11.80 -69.19 29.06
N ASP G 257 12.47 -68.44 29.94
CA ASP G 257 13.89 -68.19 29.76
C ASP G 257 14.73 -69.32 30.33
N ASP G 258 14.41 -69.77 31.55
CA ASP G 258 15.14 -70.83 32.21
C ASP G 258 14.15 -71.72 32.96
N PRO G 259 14.00 -72.99 32.56
CA PRO G 259 13.02 -73.86 33.24
C PRO G 259 13.26 -73.99 34.73
N GLU G 260 14.53 -74.10 35.14
CA GLU G 260 14.88 -74.16 36.56
C GLU G 260 14.35 -72.95 37.31
N MET G 261 14.25 -71.81 36.63
CA MET G 261 13.88 -70.57 37.31
C MET G 261 12.41 -70.60 37.73
N ALA G 262 11.54 -71.21 36.92
CA ALA G 262 10.12 -71.29 37.26
C ALA G 262 9.91 -72.03 38.58
N GLU G 263 10.67 -73.11 38.81
CA GLU G 263 10.58 -73.83 40.07
C GLU G 263 11.04 -72.96 41.24
N ILE G 264 12.11 -72.18 41.03
CA ILE G 264 12.64 -71.32 42.08
C ILE G 264 11.65 -70.19 42.39
N ALA G 265 11.04 -69.61 41.36
CA ALA G 265 10.07 -68.55 41.59
C ALA G 265 8.89 -69.05 42.42
N GLU G 266 8.56 -70.33 42.32
CA GLU G 266 7.48 -70.88 43.12
C GLU G 266 7.87 -71.00 44.59
N GLU G 267 9.12 -71.39 44.86
CA GLU G 267 9.58 -71.48 46.24
C GLU G 267 9.65 -70.12 46.91
N CYS G 268 9.81 -69.04 46.14
CA CYS G 268 9.94 -67.70 46.68
C CYS G 268 8.63 -66.95 46.74
N LYS G 269 7.55 -67.51 46.17
CA LYS G 269 6.31 -66.77 46.04
C LYS G 269 5.88 -66.17 47.37
N GLN G 270 6.03 -66.92 48.45
CA GLN G 270 5.71 -66.40 49.78
C GLN G 270 6.74 -65.37 50.23
N GLU G 271 8.02 -65.62 49.96
CA GLU G 271 9.05 -64.68 50.37
C GLU G 271 8.95 -63.38 49.58
N CYS G 272 8.57 -63.48 48.30
CA CYS G 272 8.36 -62.27 47.50
C CYS G 272 7.15 -61.48 47.96
N TYR G 273 6.05 -62.18 48.26
CA TYR G 273 4.86 -61.51 48.77
C TYR G 273 5.18 -60.75 50.05
N ASP G 274 5.91 -61.39 50.98
CA ASP G 274 6.29 -60.70 52.21
C ASP G 274 7.20 -59.52 51.93
N LEU G 275 8.03 -59.63 50.90
CA LEU G 275 8.93 -58.54 50.51
C LEU G 275 8.16 -57.31 50.04
N PHE G 276 7.15 -57.51 49.18
CA PHE G 276 6.36 -56.38 48.68
C PHE G 276 5.52 -55.76 49.77
N VAL G 277 4.87 -56.58 50.60
CA VAL G 277 4.05 -56.04 51.67
C VAL G 277 4.89 -55.23 52.63
N GLN G 278 6.08 -55.75 52.98
CA GLN G 278 6.98 -55.01 53.86
C GLN G 278 7.37 -53.67 53.26
N ALA G 279 7.65 -53.64 51.94
CA ALA G 279 7.97 -52.39 51.28
C ALA G 279 6.83 -51.39 51.44
N ALA G 280 5.59 -51.85 51.26
CA ALA G 280 4.44 -50.97 51.45
C ALA G 280 4.34 -50.51 52.89
N GLN G 281 4.58 -51.42 53.85
CA GLN G 281 4.50 -51.04 55.25
C GLN G 281 5.56 -50.00 55.60
N GLN G 282 6.75 -50.16 55.04
CA GLN G 282 7.82 -49.19 55.28
C GLN G 282 7.46 -47.82 54.69
N GLU G 283 6.79 -47.80 53.53
CA GLU G 283 6.38 -46.52 52.95
C GLU G 283 5.28 -45.87 53.78
N LYS G 284 4.38 -46.68 54.30
CA LYS G 284 3.41 -46.17 55.27
C LYS G 284 4.13 -45.58 56.47
N ASP G 285 5.18 -46.26 56.93
CA ASP G 285 5.98 -45.77 58.05
C ASP G 285 6.69 -44.47 57.68
N TRP G 286 7.15 -44.35 56.44
CA TRP G 286 7.76 -43.11 55.98
C TRP G 286 6.76 -41.97 55.94
N ALA G 287 5.53 -42.26 55.52
CA ALA G 287 4.51 -41.21 55.48
C ALA G 287 4.21 -40.66 56.86
N ASP G 288 4.35 -41.49 57.89
CA ASP G 288 4.16 -41.01 59.26
C ASP G 288 5.21 -39.98 59.65
N TYR G 289 6.44 -40.12 59.14
CA TYR G 289 7.49 -39.15 59.40
C TYR G 289 7.33 -37.88 58.57
N LEU G 290 6.77 -37.98 57.37
CA LEU G 290 6.59 -36.80 56.52
C LEU G 290 5.61 -35.82 57.16
N PHE G 291 4.54 -36.33 57.74
CA PHE G 291 3.48 -35.50 58.28
C PHE G 291 3.45 -35.45 59.80
N ARG G 292 4.59 -35.71 60.45
CA ARG G 292 4.63 -35.64 61.90
C ARG G 292 4.40 -34.22 62.42
N ASP G 293 4.69 -33.20 61.61
CA ASP G 293 4.54 -31.81 62.03
C ASP G 293 3.36 -31.12 61.36
N GLY G 294 2.52 -31.87 60.65
CA GLY G 294 1.38 -31.30 59.94
C GLY G 294 1.30 -31.77 58.51
N SER G 295 0.17 -31.44 57.89
CA SER G 295 -0.15 -31.86 56.52
C SER G 295 -0.32 -30.63 55.63
N MET G 296 -0.81 -30.87 54.41
CA MET G 296 -1.03 -29.82 53.43
C MET G 296 -2.31 -30.11 52.65
N ILE G 297 -2.74 -29.12 51.87
CA ILE G 297 -3.95 -29.29 51.06
C ILE G 297 -3.75 -30.43 50.08
N GLY G 298 -4.60 -31.44 50.17
CA GLY G 298 -4.59 -32.55 49.23
C GLY G 298 -3.76 -33.75 49.63
N LEU G 299 -3.04 -33.69 50.73
CA LEU G 299 -2.17 -34.79 51.10
C LEU G 299 -1.96 -34.82 52.61
N ASN G 300 -2.23 -35.99 53.21
CA ASN G 300 -1.92 -36.24 54.62
C ASN G 300 -1.51 -37.70 54.75
N LYS G 301 -1.29 -38.14 55.99
CA LYS G 301 -0.88 -39.52 56.22
C LYS G 301 -1.92 -40.50 55.69
N ASP G 302 -3.20 -40.25 55.98
CA ASP G 302 -4.28 -41.13 55.54
C ASP G 302 -4.33 -41.23 54.02
N ILE G 303 -4.32 -40.07 53.35
CA ILE G 303 -4.42 -40.06 51.89
C ILE G 303 -3.25 -40.81 51.27
N LEU G 304 -2.03 -40.55 51.76
CA LEU G 304 -0.85 -41.16 51.17
C LEU G 304 -0.80 -42.66 51.43
N CYS G 305 -1.18 -43.09 52.64
CA CYS G 305 -1.22 -44.53 52.91
C CYS G 305 -2.25 -45.24 52.05
N GLN G 306 -3.36 -44.57 51.74
CA GLN G 306 -4.32 -45.15 50.80
C GLN G 306 -3.70 -45.32 49.43
N TYR G 307 -2.88 -44.36 49.01
CA TYR G 307 -2.20 -44.47 47.72
C TYR G 307 -1.16 -45.57 47.73
N VAL G 308 -0.51 -45.81 48.87
CA VAL G 308 0.45 -46.90 48.96
C VAL G 308 -0.24 -48.23 48.69
N GLU G 309 -1.37 -48.47 49.38
CA GLU G 309 -2.12 -49.71 49.19
C GLU G 309 -2.70 -49.78 47.79
N TYR G 310 -3.16 -48.65 47.25
CA TYR G 310 -3.70 -48.63 45.90
C TYR G 310 -2.63 -49.01 44.88
N ILE G 311 -1.45 -48.42 44.97
CA ILE G 311 -0.41 -48.66 43.98
C ILE G 311 0.25 -50.02 44.20
N THR G 312 0.31 -50.51 45.45
CA THR G 312 0.94 -51.80 45.70
C THR G 312 0.15 -52.93 45.05
N ASN G 313 -1.16 -52.93 45.22
CA ASN G 313 -2.00 -53.95 44.60
C ASN G 313 -1.77 -54.01 43.09
N ILE G 314 -1.65 -52.83 42.45
CA ILE G 314 -1.45 -52.80 41.01
C ILE G 314 -0.11 -53.42 40.65
N ARG G 315 0.95 -53.05 41.37
CA ARG G 315 2.27 -53.55 41.04
C ARG G 315 2.40 -55.05 41.33
N MET G 316 1.86 -55.49 42.46
CA MET G 316 1.99 -56.91 42.83
C MET G 316 1.21 -57.81 41.88
N GLN G 317 0.05 -57.34 41.42
CA GLN G 317 -0.70 -58.13 40.45
C GLN G 317 0.04 -58.23 39.13
N ALA G 318 0.82 -57.21 38.77
CA ALA G 318 1.56 -57.21 37.52
C ALA G 318 2.65 -58.27 37.51
N VAL G 319 3.12 -58.70 38.68
CA VAL G 319 4.16 -59.73 38.79
C VAL G 319 3.60 -61.01 39.37
N GLY G 320 2.28 -61.21 39.27
CA GLY G 320 1.66 -62.47 39.65
C GLY G 320 1.63 -62.75 41.13
N LEU G 321 1.51 -61.72 41.96
CA LEU G 321 1.41 -61.88 43.39
C LEU G 321 0.01 -61.57 43.88
N ASP G 322 -0.34 -62.15 45.02
CA ASP G 322 -1.65 -61.93 45.60
C ASP G 322 -1.77 -60.50 46.13
N LEU G 323 -2.98 -59.96 46.03
CA LEU G 323 -3.22 -58.59 46.49
C LEU G 323 -3.31 -58.59 48.01
N PRO G 324 -2.45 -57.86 48.71
CA PRO G 324 -2.48 -57.89 50.18
C PRO G 324 -3.49 -56.93 50.80
N PHE G 325 -3.95 -55.91 50.08
CA PHE G 325 -4.82 -54.90 50.67
C PHE G 325 -6.19 -54.95 50.02
N GLN G 326 -7.14 -54.27 50.65
CA GLN G 326 -8.49 -54.24 50.10
C GLN G 326 -8.52 -53.44 48.80
N THR G 327 -9.40 -53.85 47.90
CA THR G 327 -9.59 -53.11 46.66
C THR G 327 -10.10 -51.71 46.96
N ARG G 328 -9.60 -50.73 46.20
CA ARG G 328 -9.97 -49.34 46.40
C ARG G 328 -9.75 -48.58 45.11
N SER G 329 -10.47 -47.48 44.95
CA SER G 329 -10.25 -46.63 43.81
C SER G 329 -9.09 -45.67 44.11
N ASN G 330 -8.54 -45.08 43.04
CA ASN G 330 -7.40 -44.19 43.14
C ASN G 330 -7.71 -43.01 44.06
N PRO G 331 -7.05 -42.93 45.21
CA PRO G 331 -7.36 -41.85 46.17
C PRO G 331 -6.83 -40.49 45.74
N ILE G 332 -5.89 -40.43 44.80
CA ILE G 332 -5.42 -39.15 44.28
C ILE G 332 -5.48 -39.18 42.75
N PRO G 333 -6.68 -39.09 42.15
CA PRO G 333 -6.78 -39.20 40.69
C PRO G 333 -6.02 -38.12 39.92
N TRP G 334 -5.70 -36.99 40.56
CA TRP G 334 -4.99 -35.92 39.88
C TRP G 334 -3.56 -36.29 39.52
N ILE G 335 -3.01 -37.37 40.08
CA ILE G 335 -1.63 -37.74 39.83
C ILE G 335 -1.42 -38.34 38.45
N ASN G 336 -2.47 -38.80 37.79
CA ASN G 336 -2.32 -39.39 36.47
C ASN G 336 -1.91 -38.35 35.44
N THR G 337 -2.27 -37.08 35.65
CA THR G 337 -1.84 -36.00 34.77
C THR G 337 -0.32 -35.95 34.65
N TRP G 338 0.40 -36.33 35.70
CA TRP G 338 1.85 -36.19 35.76
C TRP G 338 2.60 -37.46 35.38
N LEU G 339 1.92 -38.60 35.29
CA LEU G 339 2.60 -39.87 35.06
C LEU G 339 2.42 -40.41 33.65
N VAL G 340 2.07 -39.56 32.67
CA VAL G 340 1.92 -40.02 31.30
C VAL G 340 2.03 -38.80 30.37
N SER G 341 2.69 -39.01 29.23
CA SER G 341 2.77 -38.03 28.14
C SER G 341 3.18 -36.62 28.58
N GLN G 360 -32.88 -22.49 9.74
CA GLN G 360 -33.37 -23.13 10.95
C GLN G 360 -34.64 -23.97 10.70
N ILE G 361 -35.57 -23.43 9.92
CA ILE G 361 -36.87 -24.06 9.67
C ILE G 361 -37.12 -24.13 8.18
N ASP G 362 -37.54 -25.30 7.70
CA ASP G 362 -37.96 -25.50 6.31
C ASP G 362 -39.43 -25.12 6.19
N SER G 363 -39.73 -24.07 5.43
CA SER G 363 -41.08 -23.54 5.32
C SER G 363 -42.00 -24.39 4.45
N GLU G 364 -41.50 -25.45 3.83
CA GLU G 364 -42.29 -26.24 2.90
C GLU G 364 -43.40 -26.99 3.62
N VAL G 365 -44.60 -26.97 3.03
CA VAL G 365 -45.75 -27.73 3.51
C VAL G 365 -46.39 -28.44 2.32
N ASP G 366 -46.89 -29.65 2.55
CA ASP G 366 -47.61 -30.42 1.54
C ASP G 366 -49.04 -30.64 2.05
N THR G 367 -49.99 -29.87 1.52
CA THR G 367 -51.37 -29.99 1.97
C THR G 367 -51.96 -31.36 1.63
N ASP G 368 -51.58 -31.91 0.48
CA ASP G 368 -52.09 -33.23 0.08
C ASP G 368 -51.68 -34.29 1.09
N ASP G 369 -50.45 -34.22 1.58
CA ASP G 369 -49.99 -35.16 2.61
C ASP G 369 -50.75 -34.95 3.92
N LEU G 370 -51.11 -33.71 4.23
CA LEU G 370 -51.82 -33.43 5.47
C LEU G 370 -53.28 -33.88 5.43
N SER G 371 -53.95 -33.74 4.27
CA SER G 371 -55.35 -34.15 4.18
C SER G 371 -55.53 -35.66 4.31
N ASN G 372 -54.50 -36.45 4.03
CA ASN G 372 -54.53 -37.89 4.22
C ASN G 372 -54.42 -38.25 5.71
N PHE G 373 -54.81 -37.32 6.57
CA PHE G 373 -54.72 -37.47 8.02
C PHE G 373 -56.13 -37.39 8.59
N GLN G 374 -56.46 -38.30 9.50
CA GLN G 374 -57.78 -38.38 10.09
C GLN G 374 -57.74 -37.91 11.54
N LEU G 375 -58.52 -36.86 11.84
CA LEU G 375 -58.62 -36.33 13.19
C LEU G 375 -59.61 -37.11 14.04
N ALA H 1 -42.84 55.18 -48.49
CA ALA H 1 -42.00 55.56 -47.36
C ALA H 1 -41.47 54.33 -46.66
N TYR H 2 -40.48 54.51 -45.78
CA TYR H 2 -39.92 53.39 -45.02
C TYR H 2 -40.87 53.01 -43.89
N THR H 3 -41.09 51.70 -43.72
CA THR H 3 -41.91 51.17 -42.64
C THR H 3 -41.11 50.14 -41.86
N THR H 4 -41.25 50.16 -40.53
CA THR H 4 -40.52 49.22 -39.69
C THR H 4 -41.17 47.85 -39.65
N PHE H 5 -42.42 47.71 -40.10
CA PHE H 5 -43.03 46.39 -40.26
C PHE H 5 -44.05 46.46 -41.39
N SER H 6 -43.58 46.17 -42.61
CA SER H 6 -44.45 46.21 -43.78
C SER H 6 -45.60 45.21 -43.64
N GLN H 7 -46.80 45.65 -44.04
CA GLN H 7 -48.01 44.89 -43.82
C GLN H 7 -48.21 43.75 -44.81
N THR H 8 -47.49 43.74 -45.93
CA THR H 8 -47.69 42.73 -46.95
C THR H 8 -46.98 41.44 -46.58
N LYS H 9 -47.69 40.32 -46.67
CA LYS H 9 -47.08 39.01 -46.49
C LYS H 9 -46.38 38.64 -47.80
N ASN H 10 -45.05 38.64 -47.78
CA ASN H 10 -44.25 38.38 -48.97
C ASN H 10 -43.35 37.16 -48.75
N ASP H 11 -43.02 36.50 -49.85
CA ASP H 11 -42.07 35.39 -49.82
C ASP H 11 -40.66 35.99 -49.77
N GLN H 12 -40.06 35.96 -48.59
CA GLN H 12 -38.74 36.56 -48.40
C GLN H 12 -37.66 35.84 -49.19
N LEU H 13 -37.90 34.59 -49.57
CA LEU H 13 -36.93 33.85 -50.38
C LEU H 13 -36.81 34.40 -51.80
N LYS H 14 -37.82 35.14 -52.27
CA LYS H 14 -37.84 35.67 -53.62
C LYS H 14 -37.49 37.15 -53.67
N GLU H 15 -37.30 37.80 -52.52
CA GLU H 15 -36.93 39.21 -52.50
C GLU H 15 -35.46 39.39 -52.90
N PRO H 16 -35.11 40.58 -53.38
CA PRO H 16 -33.70 40.89 -53.61
C PRO H 16 -33.00 41.28 -52.32
N MET H 17 -31.66 41.39 -52.40
CA MET H 17 -30.89 41.84 -51.25
C MET H 17 -31.30 43.25 -50.83
N PHE H 18 -31.39 44.16 -51.80
CA PHE H 18 -31.67 45.56 -51.52
C PHE H 18 -32.87 46.03 -52.33
N PHE H 19 -33.50 47.11 -51.85
CA PHE H 19 -34.51 47.90 -52.52
C PHE H 19 -35.84 47.16 -52.71
N GLY H 20 -35.98 45.94 -52.21
CA GLY H 20 -37.24 45.24 -52.25
C GLY H 20 -38.17 45.73 -51.15
N GLN H 21 -39.12 44.88 -50.80
CA GLN H 21 -40.03 45.21 -49.71
C GLN H 21 -39.28 45.19 -48.38
N PRO H 22 -39.41 46.23 -47.56
CA PRO H 22 -38.74 46.21 -46.25
C PRO H 22 -39.09 44.97 -45.44
N VAL H 23 -38.09 44.42 -44.76
CA VAL H 23 -38.27 43.19 -44.00
C VAL H 23 -39.30 43.41 -42.89
N ASN H 24 -40.22 42.46 -42.77
CA ASN H 24 -41.20 42.52 -41.67
C ASN H 24 -40.83 41.53 -40.57
N VAL H 25 -41.12 40.25 -40.76
CA VAL H 25 -40.86 39.24 -39.75
C VAL H 25 -39.40 38.80 -39.82
N ALA H 26 -38.75 38.72 -38.66
CA ALA H 26 -37.37 38.27 -38.56
C ALA H 26 -37.38 36.77 -38.27
N ARG H 27 -37.06 35.97 -39.28
CA ARG H 27 -36.99 34.53 -39.17
C ARG H 27 -35.62 34.05 -39.65
N TYR H 28 -35.15 32.94 -39.06
CA TYR H 28 -33.82 32.42 -39.38
C TYR H 28 -33.85 30.93 -39.66
N ASP H 29 -35.01 30.38 -40.02
CA ASP H 29 -35.12 28.99 -40.40
C ASP H 29 -34.89 28.77 -41.89
N GLN H 30 -34.81 29.85 -42.67
CA GLN H 30 -34.59 29.78 -44.10
C GLN H 30 -33.89 31.06 -44.55
N GLN H 31 -33.08 30.93 -45.60
CA GLN H 31 -32.36 32.08 -46.15
C GLN H 31 -32.39 32.00 -47.68
N LYS H 32 -32.46 33.16 -48.32
CA LYS H 32 -32.18 33.22 -49.75
C LYS H 32 -30.69 32.99 -50.00
N TYR H 33 -29.85 33.72 -49.28
CA TYR H 33 -28.41 33.53 -49.31
C TYR H 33 -27.95 33.17 -47.90
N ASP H 34 -27.56 31.92 -47.70
CA ASP H 34 -27.18 31.46 -46.37
C ASP H 34 -25.78 31.92 -45.97
N ILE H 35 -25.04 32.58 -46.87
CA ILE H 35 -23.71 33.08 -46.51
C ILE H 35 -23.81 34.05 -45.34
N PHE H 36 -24.90 34.84 -45.30
CA PHE H 36 -25.06 35.82 -44.23
C PHE H 36 -25.47 35.14 -42.93
N GLU H 37 -26.16 34.01 -43.01
CA GLU H 37 -26.45 33.23 -41.81
C GLU H 37 -25.18 32.64 -41.22
N LYS H 38 -24.29 32.12 -42.07
CA LYS H 38 -23.02 31.60 -41.58
C LYS H 38 -22.17 32.70 -40.97
N LEU H 39 -22.20 33.89 -41.56
CA LEU H 39 -21.44 35.02 -41.03
C LEU H 39 -21.96 35.42 -39.65
N ILE H 40 -23.28 35.37 -39.45
CA ILE H 40 -23.85 35.68 -38.14
C ILE H 40 -23.34 34.70 -37.08
N GLU H 41 -23.47 33.40 -37.35
CA GLU H 41 -23.04 32.41 -36.37
C GLU H 41 -21.56 32.48 -36.09
N LYS H 42 -20.73 32.61 -37.14
CA LYS H 42 -19.29 32.69 -36.92
C LYS H 42 -18.93 33.90 -36.07
N GLN H 43 -19.58 35.03 -36.32
CA GLN H 43 -19.32 36.23 -35.52
C GLN H 43 -19.81 36.08 -34.09
N LEU H 44 -20.99 35.48 -33.90
CA LEU H 44 -21.50 35.27 -32.55
C LEU H 44 -20.60 34.32 -31.76
N SER H 45 -19.99 33.35 -32.43
CA SER H 45 -19.07 32.43 -31.75
C SER H 45 -17.74 33.10 -31.44
N PHE H 46 -17.41 34.19 -32.13
CA PHE H 46 -16.18 34.94 -31.88
C PHE H 46 -16.34 36.00 -30.79
N PHE H 47 -17.52 36.09 -30.16
CA PHE H 47 -17.79 37.19 -29.22
C PHE H 47 -16.70 37.29 -28.16
N TRP H 48 -16.10 38.48 -28.08
CA TRP H 48 -15.05 38.73 -27.11
C TRP H 48 -15.21 40.12 -26.53
N ARG H 49 -14.60 40.32 -25.36
CA ARG H 49 -14.60 41.60 -24.68
C ARG H 49 -13.18 42.09 -24.46
N PRO H 50 -12.93 43.40 -24.59
CA PRO H 50 -11.55 43.91 -24.47
C PRO H 50 -10.93 43.68 -23.10
N GLU H 51 -11.74 43.73 -22.03
CA GLU H 51 -11.20 43.62 -20.68
C GLU H 51 -10.67 42.23 -20.36
N GLU H 52 -11.06 41.21 -21.13
CA GLU H 52 -10.55 39.86 -20.89
C GLU H 52 -9.15 39.65 -21.48
N VAL H 53 -8.52 40.71 -21.96
CA VAL H 53 -7.17 40.67 -22.49
C VAL H 53 -6.26 41.48 -21.54
N ASP H 54 -5.14 40.89 -21.17
CA ASP H 54 -4.19 41.56 -20.29
C ASP H 54 -3.38 42.58 -21.09
N VAL H 55 -3.53 43.85 -20.74
CA VAL H 55 -2.80 44.95 -21.37
C VAL H 55 -1.94 45.69 -20.36
N SER H 56 -1.69 45.07 -19.21
CA SER H 56 -0.98 45.76 -18.13
C SER H 56 0.48 46.01 -18.50
N ARG H 57 1.11 45.06 -19.20
CA ARG H 57 2.52 45.23 -19.58
C ARG H 57 2.71 46.26 -20.68
N ASP H 58 1.64 46.70 -21.34
CA ASP H 58 1.77 47.54 -22.52
C ASP H 58 2.19 48.98 -22.20
N ARG H 59 1.83 49.49 -21.03
CA ARG H 59 2.26 50.85 -20.67
C ARG H 59 3.78 50.91 -20.55
N ILE H 60 4.38 49.89 -19.96
CA ILE H 60 5.83 49.84 -19.80
C ILE H 60 6.51 49.78 -21.16
N ASP H 61 6.02 48.90 -22.04
CA ASP H 61 6.59 48.78 -23.38
C ASP H 61 6.47 50.07 -24.16
N TYR H 62 5.30 50.72 -24.10
CA TYR H 62 5.09 51.93 -24.89
C TYR H 62 6.04 53.05 -24.46
N GLN H 63 6.17 53.27 -23.16
CA GLN H 63 7.06 54.33 -22.68
C GLN H 63 8.51 54.05 -23.04
N ALA H 64 8.88 52.76 -23.13
CA ALA H 64 10.24 52.35 -23.47
C ALA H 64 10.54 52.45 -24.97
N LEU H 65 9.52 52.59 -25.81
CA LEU H 65 9.75 52.65 -27.25
C LEU H 65 10.62 53.85 -27.61
N PRO H 66 11.38 53.77 -28.70
CA PRO H 66 12.02 54.96 -29.26
C PRO H 66 11.00 56.01 -29.64
N GLU H 67 11.48 57.24 -29.79
CA GLU H 67 10.57 58.36 -30.05
C GLU H 67 9.79 58.16 -31.35
N HIS H 68 10.48 57.73 -32.41
CA HIS H 68 9.80 57.53 -33.69
C HIS H 68 8.93 56.28 -33.69
N GLU H 69 9.16 55.35 -32.77
CA GLU H 69 8.28 54.19 -32.67
C GLU H 69 7.05 54.49 -31.83
N LYS H 70 7.15 55.40 -30.85
CA LYS H 70 5.96 55.96 -30.24
C LYS H 70 5.08 56.60 -31.29
N HIS H 71 5.71 57.29 -32.25
CA HIS H 71 4.97 57.93 -33.34
C HIS H 71 4.26 56.91 -34.22
N ILE H 72 4.94 55.81 -34.55
CA ILE H 72 4.34 54.78 -35.40
C ILE H 72 3.14 54.16 -34.71
N PHE H 73 3.27 53.80 -33.43
CA PHE H 73 2.20 53.10 -32.74
C PHE H 73 0.97 53.98 -32.61
N ILE H 74 1.15 55.21 -32.11
CA ILE H 74 -0.01 56.05 -31.80
C ILE H 74 -0.67 56.57 -33.07
N SER H 75 0.10 56.86 -34.12
CA SER H 75 -0.51 57.27 -35.37
C SER H 75 -1.37 56.16 -35.94
N ASN H 76 -0.88 54.92 -35.87
CA ASN H 76 -1.67 53.78 -36.33
C ASN H 76 -2.89 53.55 -35.44
N LEU H 77 -2.80 53.86 -34.16
CA LEU H 77 -3.93 53.67 -33.26
C LEU H 77 -5.00 54.73 -33.47
N LYS H 78 -4.60 55.97 -33.74
CA LYS H 78 -5.58 57.01 -34.04
C LYS H 78 -6.34 56.67 -35.32
N TYR H 79 -5.63 56.20 -36.34
CA TYR H 79 -6.26 55.86 -37.60
C TYR H 79 -7.24 54.71 -37.44
N GLN H 80 -6.90 53.72 -36.61
CA GLN H 80 -7.82 52.62 -36.33
C GLN H 80 -9.06 53.13 -35.62
N THR H 81 -8.88 54.00 -34.62
CA THR H 81 -10.01 54.55 -33.88
C THR H 81 -10.96 55.30 -34.81
N LEU H 82 -10.39 56.02 -35.78
CA LEU H 82 -11.21 56.75 -36.75
C LEU H 82 -12.07 55.80 -37.58
N LEU H 83 -11.45 54.79 -38.19
CA LEU H 83 -12.14 53.94 -39.15
C LEU H 83 -13.28 53.15 -38.50
N ASP H 84 -13.00 52.50 -37.38
CA ASP H 84 -14.06 51.75 -36.72
C ASP H 84 -15.05 52.65 -35.99
N SER H 85 -14.77 53.95 -35.90
CA SER H 85 -15.80 54.89 -35.46
C SER H 85 -16.84 55.07 -36.56
N ILE H 86 -16.38 55.27 -37.79
CA ILE H 86 -17.28 55.31 -38.94
C ILE H 86 -18.01 53.97 -39.08
N GLN H 87 -17.25 52.87 -39.01
CA GLN H 87 -17.83 51.54 -39.17
C GLN H 87 -18.78 51.16 -38.03
N GLY H 88 -18.69 51.82 -36.89
CA GLY H 88 -19.61 51.51 -35.81
C GLY H 88 -21.05 51.80 -36.16
N ARG H 89 -21.29 52.98 -36.75
CA ARG H 89 -22.63 53.46 -37.04
C ARG H 89 -23.04 53.34 -38.49
N SER H 90 -22.09 53.40 -39.43
CA SER H 90 -22.43 53.62 -40.83
C SER H 90 -23.17 52.46 -41.47
N PRO H 91 -22.77 51.19 -41.30
CA PRO H 91 -23.57 50.10 -41.88
C PRO H 91 -25.01 50.09 -41.43
N ASN H 92 -25.28 50.50 -40.19
CA ASN H 92 -26.66 50.55 -39.70
C ASN H 92 -27.45 51.66 -40.40
N VAL H 93 -26.87 52.86 -40.48
CA VAL H 93 -27.61 54.00 -41.01
C VAL H 93 -27.77 53.88 -42.53
N ALA H 94 -26.74 53.40 -43.23
CA ALA H 94 -26.74 53.43 -44.69
C ALA H 94 -27.42 52.22 -45.31
N LEU H 95 -27.33 51.05 -44.69
CA LEU H 95 -27.81 49.82 -45.33
C LEU H 95 -29.14 49.31 -44.80
N LEU H 96 -29.44 49.48 -43.51
CA LEU H 96 -30.69 48.95 -42.98
C LEU H 96 -31.94 49.45 -43.67
N PRO H 97 -32.08 50.74 -44.04
CA PRO H 97 -33.29 51.18 -44.75
C PRO H 97 -33.44 50.62 -46.16
N LEU H 98 -32.47 49.87 -46.67
CA LEU H 98 -32.52 49.36 -48.03
C LEU H 98 -32.69 47.84 -48.11
N ILE H 99 -32.40 47.11 -47.04
CA ILE H 99 -32.34 45.66 -47.08
C ILE H 99 -33.75 45.07 -47.09
N SER H 100 -33.93 44.00 -47.88
CA SER H 100 -35.24 43.37 -48.05
C SER H 100 -35.24 41.88 -47.74
N ILE H 101 -34.15 41.31 -47.24
CA ILE H 101 -34.16 39.92 -46.76
C ILE H 101 -33.67 39.89 -45.31
N PRO H 102 -34.26 39.05 -44.45
CA PRO H 102 -33.95 39.17 -43.02
C PRO H 102 -32.53 38.74 -42.65
N GLU H 103 -31.98 37.72 -43.34
CA GLU H 103 -30.64 37.26 -42.99
C GLU H 103 -29.58 38.32 -43.27
N LEU H 104 -29.78 39.15 -44.31
CA LEU H 104 -28.86 40.23 -44.58
C LEU H 104 -29.06 41.41 -43.63
N GLU H 105 -30.30 41.61 -43.17
CA GLU H 105 -30.57 42.66 -42.20
C GLU H 105 -29.86 42.39 -40.88
N THR H 106 -30.01 41.17 -40.34
CA THR H 106 -29.41 40.83 -39.06
C THR H 106 -27.88 40.78 -39.14
N TRP H 107 -27.33 40.36 -40.27
CA TRP H 107 -25.88 40.36 -40.40
C TRP H 107 -25.32 41.78 -40.32
N VAL H 108 -26.03 42.74 -40.93
CA VAL H 108 -25.55 44.13 -40.90
C VAL H 108 -25.55 44.66 -39.47
N GLU H 109 -26.55 44.28 -38.66
CA GLU H 109 -26.58 44.75 -37.28
C GLU H 109 -25.54 44.05 -36.43
N THR H 110 -25.31 42.75 -36.68
CA THR H 110 -24.22 42.05 -36.00
C THR H 110 -22.87 42.62 -36.42
N TRP H 111 -22.71 42.89 -37.72
CA TRP H 111 -21.52 43.56 -38.22
C TRP H 111 -21.28 44.88 -37.51
N ALA H 112 -22.32 45.71 -37.43
CA ALA H 112 -22.16 47.01 -36.77
C ALA H 112 -21.87 46.85 -35.28
N PHE H 113 -22.53 45.90 -34.62
CA PHE H 113 -22.32 45.74 -33.18
C PHE H 113 -20.88 45.36 -32.87
N SER H 114 -20.31 44.41 -33.63
CA SER H 114 -18.95 43.99 -33.39
C SER H 114 -17.96 45.13 -33.61
N GLU H 115 -18.32 46.10 -34.45
CA GLU H 115 -17.46 47.26 -34.64
C GLU H 115 -17.43 48.14 -33.41
N THR H 116 -18.52 48.17 -32.63
CA THR H 116 -18.53 48.94 -31.40
C THR H 116 -17.61 48.32 -30.35
N ILE H 117 -17.50 46.99 -30.36
CA ILE H 117 -16.53 46.33 -29.49
C ILE H 117 -15.11 46.72 -29.89
N HIS H 118 -14.86 46.82 -31.19
CA HIS H 118 -13.57 47.28 -31.68
C HIS H 118 -13.27 48.67 -31.16
N SER H 119 -14.26 49.58 -31.25
CA SER H 119 -14.06 50.92 -30.74
C SER H 119 -13.84 50.92 -29.23
N ARG H 120 -14.58 50.07 -28.51
CA ARG H 120 -14.39 49.98 -27.07
C ARG H 120 -13.02 49.43 -26.72
N SER H 121 -12.49 48.52 -27.53
CA SER H 121 -11.16 48.00 -27.26
C SER H 121 -10.07 49.04 -27.55
N TYR H 122 -10.29 49.90 -28.55
CA TYR H 122 -9.33 50.98 -28.80
C TYR H 122 -9.27 51.93 -27.61
N THR H 123 -10.42 52.23 -27.00
CA THR H 123 -10.40 53.01 -25.77
C THR H 123 -9.65 52.28 -24.66
N HIS H 124 -9.86 50.96 -24.57
CA HIS H 124 -9.19 50.15 -23.56
C HIS H 124 -7.67 50.22 -23.73
N ILE H 125 -7.19 50.16 -24.97
CA ILE H 125 -5.75 50.24 -25.22
C ILE H 125 -5.23 51.65 -24.89
N ILE H 126 -5.89 52.68 -25.41
CA ILE H 126 -5.41 54.05 -25.26
C ILE H 126 -5.32 54.43 -23.78
N ARG H 127 -6.37 54.13 -23.02
CA ARG H 127 -6.40 54.53 -21.61
C ARG H 127 -5.34 53.79 -20.80
N ASN H 128 -4.81 52.68 -21.31
CA ASN H 128 -3.82 51.88 -20.58
C ASN H 128 -2.39 52.10 -21.05
N ILE H 129 -2.12 53.14 -21.84
CA ILE H 129 -0.77 53.36 -22.35
C ILE H 129 -0.34 54.80 -22.11
N VAL H 130 -1.28 55.74 -22.13
CA VAL H 130 -0.97 57.14 -21.89
C VAL H 130 -1.69 57.60 -20.63
N ASN H 131 -1.25 58.76 -20.12
CA ASN H 131 -1.80 59.30 -18.88
C ASN H 131 -3.11 60.06 -19.13
N ASP H 132 -3.20 60.78 -20.25
CA ASP H 132 -4.38 61.54 -20.59
C ASP H 132 -4.94 61.04 -21.91
N PRO H 133 -5.99 60.21 -21.90
CA PRO H 133 -6.60 59.75 -23.16
C PRO H 133 -7.13 60.86 -24.03
N SER H 134 -7.43 62.03 -23.44
CA SER H 134 -7.91 63.15 -24.22
C SER H 134 -6.89 63.60 -25.26
N VAL H 135 -5.59 63.42 -24.98
CA VAL H 135 -4.55 63.84 -25.90
C VAL H 135 -4.65 63.08 -27.23
N VAL H 136 -4.98 61.79 -27.16
CA VAL H 136 -5.06 60.97 -28.38
C VAL H 136 -6.37 61.22 -29.11
N PHE H 137 -7.50 61.21 -28.39
CA PHE H 137 -8.80 61.32 -29.03
C PHE H 137 -8.99 62.68 -29.69
N ASP H 138 -8.51 63.75 -29.06
CA ASP H 138 -8.70 65.08 -29.63
C ASP H 138 -7.93 65.26 -30.93
N ASP H 139 -6.83 64.53 -31.10
CA ASP H 139 -6.03 64.65 -32.32
C ASP H 139 -6.64 63.93 -33.53
N ILE H 140 -7.65 63.08 -33.32
CA ILE H 140 -8.20 62.29 -34.42
C ILE H 140 -8.99 63.15 -35.41
N VAL H 141 -9.72 64.15 -34.92
CA VAL H 141 -10.61 64.87 -35.84
C VAL H 141 -9.88 65.95 -36.62
N THR H 142 -8.84 66.54 -36.06
CA THR H 142 -8.12 67.63 -36.71
C THR H 142 -6.89 67.17 -37.49
N ASN H 143 -6.46 65.92 -37.31
CA ASN H 143 -5.23 65.46 -37.94
C ASN H 143 -5.33 65.49 -39.46
N GLU H 144 -4.38 66.17 -40.10
CA GLU H 144 -4.45 66.39 -41.53
C GLU H 144 -4.23 65.10 -42.31
N GLN H 145 -3.25 64.28 -41.88
CA GLN H 145 -2.97 63.04 -42.60
C GLN H 145 -4.14 62.08 -42.54
N ILE H 146 -4.95 62.17 -41.48
CA ILE H 146 -6.14 61.34 -41.31
C ILE H 146 -7.35 61.96 -42.02
N GLN H 147 -7.52 63.28 -41.88
CA GLN H 147 -8.77 63.94 -42.25
C GLN H 147 -9.15 63.77 -43.72
N LYS H 148 -8.15 63.75 -44.61
CA LYS H 148 -8.46 63.63 -46.04
C LYS H 148 -9.23 62.35 -46.34
N ARG H 149 -8.88 61.25 -45.67
CA ARG H 149 -9.52 59.97 -45.87
C ARG H 149 -10.85 59.85 -45.12
N ALA H 150 -10.95 60.45 -43.94
CA ALA H 150 -12.22 60.45 -43.23
C ALA H 150 -13.31 61.09 -44.09
N GLU H 151 -12.99 62.21 -44.74
CA GLU H 151 -13.97 62.86 -45.62
C GLU H 151 -14.25 62.00 -46.84
N GLY H 152 -13.22 61.37 -47.41
CA GLY H 152 -13.41 60.51 -48.56
C GLY H 152 -14.29 59.32 -48.25
N ILE H 153 -14.00 58.64 -47.15
CA ILE H 153 -14.72 57.41 -46.80
C ILE H 153 -16.17 57.74 -46.43
N SER H 154 -16.36 58.74 -45.57
CA SER H 154 -17.71 59.04 -45.09
C SER H 154 -18.61 59.57 -46.20
N SER H 155 -18.01 60.19 -47.23
CA SER H 155 -18.82 60.78 -48.29
C SER H 155 -19.59 59.72 -49.06
N TYR H 156 -18.98 58.55 -49.28
CA TYR H 156 -19.71 57.46 -49.93
C TYR H 156 -20.92 57.05 -49.11
N TYR H 157 -20.75 56.99 -47.79
CA TYR H 157 -21.87 56.72 -46.90
C TYR H 157 -22.91 57.84 -46.96
N ASP H 158 -22.45 59.09 -46.82
CA ASP H 158 -23.37 60.22 -46.74
C ASP H 158 -24.22 60.35 -48.01
N GLU H 159 -23.60 60.17 -49.18
CA GLU H 159 -24.35 60.29 -50.43
C GLU H 159 -25.40 59.20 -50.55
N LEU H 160 -25.10 57.99 -50.09
CA LEU H 160 -26.08 56.91 -50.13
C LEU H 160 -27.22 57.17 -49.16
N ILE H 161 -26.91 57.72 -47.98
CA ILE H 161 -27.95 58.03 -47.00
C ILE H 161 -28.88 59.10 -47.55
N GLU H 162 -28.33 60.09 -48.27
CA GLU H 162 -29.13 61.20 -48.77
C GLU H 162 -30.09 60.74 -49.86
N MET H 163 -29.58 60.04 -50.88
CA MET H 163 -30.47 59.52 -51.92
C MET H 163 -31.50 58.55 -51.36
N THR H 164 -31.12 57.78 -50.33
CA THR H 164 -32.07 56.86 -49.70
C THR H 164 -33.23 57.63 -49.06
N SER H 165 -32.93 58.75 -48.41
CA SER H 165 -33.99 59.56 -47.81
C SER H 165 -34.92 60.13 -48.88
N TYR H 166 -34.35 60.63 -49.97
CA TYR H 166 -35.16 61.12 -51.08
C TYR H 166 -36.00 59.99 -51.69
N TRP H 167 -35.40 58.81 -51.84
CA TRP H 167 -36.12 57.69 -52.45
C TRP H 167 -37.28 57.22 -51.58
N HIS H 168 -37.15 57.30 -50.27
CA HIS H 168 -38.25 56.89 -49.40
C HIS H 168 -39.34 57.95 -49.35
N LEU H 169 -38.96 59.23 -49.39
CA LEU H 169 -39.94 60.31 -49.22
C LEU H 169 -40.75 60.54 -50.50
N LEU H 170 -40.08 60.57 -51.66
CA LEU H 170 -40.73 60.97 -52.91
C LEU H 170 -40.98 59.82 -53.87
N GLY H 171 -40.22 58.74 -53.78
CA GLY H 171 -40.31 57.68 -54.77
C GLY H 171 -39.60 58.08 -56.05
N GLU H 172 -39.57 57.14 -56.99
CA GLU H 172 -38.88 57.37 -58.25
C GLU H 172 -39.67 58.35 -59.13
N GLY H 173 -38.93 59.19 -59.85
CA GLY H 173 -39.54 60.17 -60.74
C GLY H 173 -38.85 61.51 -60.75
N THR H 174 -39.41 62.48 -61.49
CA THR H 174 -38.89 63.84 -61.52
C THR H 174 -39.73 64.70 -60.60
N HIS H 175 -39.10 65.30 -59.61
CA HIS H 175 -39.78 66.04 -58.55
C HIS H 175 -39.28 67.47 -58.46
N THR H 176 -40.13 68.34 -57.91
CA THR H 176 -39.82 69.73 -57.66
C THR H 176 -39.78 69.96 -56.15
N VAL H 177 -38.64 70.43 -55.65
CA VAL H 177 -38.44 70.68 -54.23
C VAL H 177 -37.97 72.12 -54.08
N ASN H 178 -38.87 73.01 -53.62
CA ASN H 178 -38.57 74.43 -53.45
C ASN H 178 -38.07 75.04 -54.76
N GLY H 179 -38.85 74.87 -55.81
CA GLY H 179 -38.48 75.42 -57.11
C GLY H 179 -37.51 74.53 -57.87
N LYS H 180 -36.34 74.29 -57.28
CA LYS H 180 -35.31 73.46 -57.92
C LYS H 180 -35.83 72.07 -58.20
N THR H 181 -35.45 71.53 -59.36
CA THR H 181 -35.90 70.21 -59.79
C THR H 181 -34.95 69.14 -59.28
N VAL H 182 -35.53 68.07 -58.73
CA VAL H 182 -34.77 66.98 -58.13
C VAL H 182 -35.21 65.67 -58.78
N THR H 183 -34.25 64.90 -59.28
CA THR H 183 -34.54 63.63 -59.94
C THR H 183 -34.18 62.49 -59.00
N VAL H 184 -35.16 61.64 -58.70
CA VAL H 184 -34.96 60.46 -57.87
C VAL H 184 -34.96 59.26 -58.81
N SER H 185 -33.78 58.71 -59.06
CA SER H 185 -33.63 57.55 -59.92
C SER H 185 -33.19 56.37 -59.08
N LEU H 186 -33.96 55.29 -59.11
CA LEU H 186 -33.53 54.06 -58.45
C LEU H 186 -32.24 53.52 -59.07
N ARG H 187 -32.09 53.70 -60.38
CA ARG H 187 -30.86 53.26 -61.05
C ARG H 187 -29.65 54.05 -60.53
N GLU H 188 -29.83 55.34 -60.24
CA GLU H 188 -28.74 56.11 -59.64
C GLU H 188 -28.54 55.73 -58.17
N LEU H 189 -29.60 55.32 -57.49
CA LEU H 189 -29.47 54.84 -56.12
C LEU H 189 -28.74 53.51 -56.04
N LYS H 190 -29.06 52.59 -56.96
CA LYS H 190 -28.34 51.32 -57.01
C LYS H 190 -26.86 51.52 -57.28
N LYS H 191 -26.51 52.58 -58.01
CA LYS H 191 -25.11 52.88 -58.30
C LYS H 191 -24.41 53.45 -57.08
N LYS H 192 -25.10 54.25 -56.27
CA LYS H 192 -24.50 54.77 -55.05
C LYS H 192 -24.34 53.69 -54.00
N LEU H 193 -25.23 52.69 -53.99
CA LEU H 193 -25.08 51.57 -53.07
C LEU H 193 -23.87 50.72 -53.47
N TYR H 194 -23.74 50.40 -54.75
CA TYR H 194 -22.64 49.58 -55.22
C TYR H 194 -21.28 50.25 -54.97
N LEU H 195 -21.18 51.55 -55.25
CA LEU H 195 -19.95 52.27 -54.99
C LEU H 195 -19.65 52.33 -53.49
N CYS H 196 -20.69 52.46 -52.66
CA CYS H 196 -20.49 52.50 -51.22
C CYS H 196 -19.92 51.18 -50.71
N LEU H 197 -20.52 50.07 -51.15
CA LEU H 197 -20.01 48.76 -50.74
C LEU H 197 -18.58 48.54 -51.22
N MET H 198 -18.24 49.05 -52.40
CA MET H 198 -16.86 48.99 -52.88
C MET H 198 -15.91 49.76 -51.98
N SER H 199 -16.32 50.95 -51.53
CA SER H 199 -15.49 51.75 -50.64
C SER H 199 -15.30 51.07 -49.30
N VAL H 200 -16.37 50.46 -48.77
CA VAL H 200 -16.28 49.77 -47.49
C VAL H 200 -15.41 48.52 -47.62
N ASN H 201 -15.49 47.84 -48.76
CA ASN H 201 -14.64 46.68 -49.00
C ASN H 201 -13.17 47.06 -48.94
N ALA H 202 -12.78 48.11 -49.67
CA ALA H 202 -11.41 48.58 -49.60
C ALA H 202 -11.05 49.06 -48.21
N LEU H 203 -12.01 49.62 -47.48
CA LEU H 203 -11.75 50.08 -46.12
C LEU H 203 -11.35 48.93 -45.21
N GLU H 204 -12.14 47.85 -45.21
CA GLU H 204 -11.92 46.76 -44.29
C GLU H 204 -10.93 45.73 -44.81
N ALA H 205 -10.80 45.61 -46.13
CA ALA H 205 -9.91 44.59 -46.69
C ALA H 205 -8.51 45.13 -47.00
N ILE H 206 -8.33 46.44 -47.09
CA ILE H 206 -7.01 46.98 -47.40
C ILE H 206 -6.54 47.91 -46.29
N ARG H 207 -7.33 48.96 -46.01
CA ARG H 207 -6.89 49.99 -45.08
C ARG H 207 -6.58 49.41 -43.70
N PHE H 208 -7.48 48.56 -43.19
CA PHE H 208 -7.28 48.00 -41.86
C PHE H 208 -6.15 46.99 -41.84
N TYR H 209 -5.96 46.25 -42.93
CA TYR H 209 -4.90 45.24 -42.94
C TYR H 209 -3.52 45.88 -43.02
N VAL H 210 -3.41 47.05 -43.66
CA VAL H 210 -2.18 47.81 -43.56
C VAL H 210 -1.93 48.21 -42.13
N SER H 211 -2.99 48.49 -41.37
CA SER H 211 -2.82 48.85 -39.96
C SER H 211 -2.49 47.64 -39.11
N PHE H 212 -3.05 46.47 -39.44
CA PHE H 212 -2.73 45.26 -38.69
C PHE H 212 -1.23 44.96 -38.75
N ALA H 213 -0.61 45.18 -39.91
CA ALA H 213 0.81 44.92 -40.06
C ALA H 213 1.64 45.70 -39.04
N CYS H 214 1.26 46.96 -38.79
CA CYS H 214 1.99 47.76 -37.81
C CYS H 214 1.83 47.21 -36.40
N SER H 215 0.60 46.84 -36.02
CA SER H 215 0.37 46.33 -34.67
C SER H 215 1.10 45.01 -34.46
N PHE H 216 1.04 44.10 -35.44
CA PHE H 216 1.65 42.79 -35.28
C PHE H 216 3.17 42.83 -35.43
N ALA H 217 3.71 43.85 -36.09
CA ALA H 217 5.17 43.97 -36.17
C ALA H 217 5.79 44.19 -34.80
N PHE H 218 5.14 45.00 -33.96
CA PHE H 218 5.63 45.18 -32.60
C PHE H 218 5.59 43.87 -31.82
N ALA H 219 4.57 43.04 -32.07
CA ALA H 219 4.43 41.79 -31.33
C ALA H 219 5.46 40.76 -31.77
N GLU H 220 5.91 40.81 -33.03
CA GLU H 220 6.97 39.92 -33.47
C GLU H 220 8.27 40.20 -32.73
N ARG H 221 8.42 41.40 -32.18
CA ARG H 221 9.53 41.75 -31.30
C ARG H 221 9.14 41.61 -29.83
N GLU H 222 8.04 40.92 -29.54
CA GLU H 222 7.55 40.69 -28.18
C GLU H 222 7.28 41.99 -27.44
N LEU H 223 6.81 43.01 -28.17
CA LEU H 223 6.44 44.30 -27.62
C LEU H 223 4.96 44.55 -27.89
N MET H 224 4.33 45.33 -26.99
CA MET H 224 2.91 45.67 -27.12
C MET H 224 2.06 44.42 -27.30
N GLU H 225 2.36 43.38 -26.53
CA GLU H 225 1.71 42.10 -26.72
C GLU H 225 0.25 42.11 -26.29
N GLY H 226 -0.14 43.04 -25.40
CA GLY H 226 -1.54 43.17 -25.06
C GLY H 226 -2.35 43.79 -26.18
N ASN H 227 -1.81 44.86 -26.78
CA ASN H 227 -2.45 45.45 -27.96
C ASN H 227 -2.59 44.42 -29.07
N ALA H 228 -1.54 43.62 -29.29
CA ALA H 228 -1.57 42.66 -30.39
C ALA H 228 -2.61 41.56 -30.18
N LYS H 229 -2.85 41.16 -28.92
CA LYS H 229 -3.90 40.18 -28.67
C LYS H 229 -5.26 40.74 -29.06
N ILE H 230 -5.49 42.01 -28.74
CA ILE H 230 -6.75 42.66 -29.10
C ILE H 230 -6.86 42.82 -30.60
N ILE H 231 -5.78 43.26 -31.25
CA ILE H 231 -5.81 43.41 -32.71
C ILE H 231 -6.04 42.05 -33.38
N ARG H 232 -5.50 40.98 -32.78
CA ARG H 232 -5.71 39.63 -33.31
C ARG H 232 -7.19 39.27 -33.30
N LEU H 233 -7.89 39.62 -32.21
CA LEU H 233 -9.32 39.40 -32.15
C LEU H 233 -10.06 40.28 -33.16
N ILE H 234 -9.62 41.52 -33.33
CA ILE H 234 -10.24 42.42 -34.31
C ILE H 234 -10.05 41.88 -35.71
N ALA H 235 -8.83 41.46 -36.04
CA ALA H 235 -8.56 40.94 -37.38
C ALA H 235 -9.38 39.70 -37.67
N ARG H 236 -9.65 38.89 -36.64
CA ARG H 236 -10.50 37.72 -36.84
C ARG H 236 -11.92 38.13 -37.20
N ASP H 237 -12.45 39.18 -36.54
CA ASP H 237 -13.73 39.74 -36.94
C ASP H 237 -13.67 40.35 -38.32
N GLU H 238 -12.60 41.11 -38.62
CA GLU H 238 -12.50 41.83 -39.88
C GLU H 238 -12.56 40.88 -41.08
N ALA H 239 -12.02 39.67 -40.94
CA ALA H 239 -12.07 38.71 -42.03
C ALA H 239 -13.51 38.35 -42.39
N LEU H 240 -14.39 38.28 -41.39
CA LEU H 240 -15.80 38.04 -41.67
C LEU H 240 -16.43 39.24 -42.37
N HIS H 241 -16.11 40.46 -41.92
CA HIS H 241 -16.73 41.65 -42.47
C HIS H 241 -16.44 41.78 -43.95
N LEU H 242 -15.18 41.65 -44.35
CA LEU H 242 -14.85 41.79 -45.77
C LEU H 242 -15.41 40.63 -46.58
N THR H 243 -15.60 39.47 -45.96
CA THR H 243 -16.29 38.38 -46.65
C THR H 243 -17.74 38.77 -46.94
N GLY H 244 -18.38 39.48 -46.00
CA GLY H 244 -19.75 39.92 -46.22
C GLY H 244 -19.88 40.84 -47.42
N THR H 245 -19.07 41.92 -47.45
CA THR H 245 -19.15 42.86 -48.56
C THR H 245 -18.70 42.25 -49.87
N GLN H 246 -17.76 41.31 -49.83
CA GLN H 246 -17.36 40.61 -51.04
C GLN H 246 -18.55 39.85 -51.63
N HIS H 247 -19.31 39.15 -50.80
CA HIS H 247 -20.47 38.41 -51.28
C HIS H 247 -21.57 39.35 -51.74
N MET H 248 -21.79 40.45 -51.02
CA MET H 248 -22.77 41.44 -51.46
C MET H 248 -22.43 41.98 -52.84
N LEU H 249 -21.17 42.37 -53.04
CA LEU H 249 -20.74 42.94 -54.32
C LEU H 249 -20.82 41.92 -55.45
N ASN H 250 -20.35 40.69 -55.20
CA ASN H 250 -20.33 39.68 -56.24
C ASN H 250 -21.74 39.22 -56.62
N LEU H 251 -22.65 39.18 -55.65
CA LEU H 251 -24.04 38.83 -55.96
C LEU H 251 -24.69 39.90 -56.83
N LEU H 252 -24.44 41.18 -56.51
CA LEU H 252 -24.96 42.26 -57.32
C LEU H 252 -24.31 42.26 -58.71
N ARG H 253 -23.00 42.06 -58.75
CA ARG H 253 -22.25 42.16 -60.00
C ARG H 253 -22.66 41.07 -61.00
N SER H 254 -22.90 39.86 -60.52
CA SER H 254 -23.24 38.76 -61.41
C SER H 254 -24.67 38.84 -61.92
N GLY H 255 -25.51 39.70 -61.35
CA GLY H 255 -26.89 39.82 -61.76
C GLY H 255 -27.80 38.70 -61.30
N ALA H 256 -27.30 37.78 -60.46
CA ALA H 256 -28.16 36.72 -59.94
C ALA H 256 -29.29 37.31 -59.11
N ASP H 257 -28.99 38.35 -58.33
CA ASP H 257 -29.98 38.93 -57.44
C ASP H 257 -30.89 39.92 -58.16
N ASP H 258 -30.31 40.78 -59.00
CA ASP H 258 -31.04 41.80 -59.74
C ASP H 258 -30.48 41.89 -61.16
N PRO H 259 -31.27 41.55 -62.18
CA PRO H 259 -30.75 41.61 -63.55
C PRO H 259 -30.27 43.00 -63.95
N GLU H 260 -31.01 44.04 -63.56
CA GLU H 260 -30.61 45.41 -63.83
C GLU H 260 -29.26 45.73 -63.19
N MET H 261 -28.95 45.12 -62.06
CA MET H 261 -27.78 45.50 -61.27
C MET H 261 -26.48 45.14 -61.97
N ALA H 262 -26.44 43.99 -62.66
CA ALA H 262 -25.21 43.58 -63.33
C ALA H 262 -24.80 44.60 -64.38
N GLU H 263 -25.76 45.15 -65.11
CA GLU H 263 -25.48 46.20 -66.08
C GLU H 263 -24.98 47.46 -65.37
N ILE H 264 -25.52 47.74 -64.18
CA ILE H 264 -25.10 48.92 -63.44
C ILE H 264 -23.69 48.76 -62.90
N ALA H 265 -23.35 47.57 -62.40
CA ALA H 265 -22.02 47.31 -61.87
C ALA H 265 -20.95 47.46 -62.93
N GLU H 266 -21.31 47.22 -64.20
CA GLU H 266 -20.33 47.37 -65.29
C GLU H 266 -20.04 48.84 -65.56
N GLU H 267 -21.04 49.71 -65.43
CA GLU H 267 -20.83 51.14 -65.61
C GLU H 267 -19.98 51.75 -64.51
N CYS H 268 -19.82 51.06 -63.37
CA CYS H 268 -18.96 51.51 -62.29
C CYS H 268 -17.55 50.96 -62.36
N LYS H 269 -17.28 50.05 -63.31
CA LYS H 269 -16.03 49.32 -63.34
C LYS H 269 -14.83 50.25 -63.26
N GLN H 270 -14.85 51.35 -64.00
CA GLN H 270 -13.73 52.28 -63.96
C GLN H 270 -13.69 53.04 -62.64
N GLU H 271 -14.84 53.46 -62.13
CA GLU H 271 -14.88 54.19 -60.86
C GLU H 271 -14.45 53.31 -59.69
N CYS H 272 -14.83 52.03 -59.72
CA CYS H 272 -14.41 51.11 -58.66
C CYS H 272 -12.91 50.87 -58.71
N TYR H 273 -12.37 50.66 -59.91
CA TYR H 273 -10.92 50.50 -60.04
C TYR H 273 -10.19 51.74 -59.53
N ASP H 274 -10.65 52.92 -59.96
CA ASP H 274 -10.04 54.17 -59.48
C ASP H 274 -10.24 54.34 -57.98
N LEU H 275 -11.38 53.86 -57.46
CA LEU H 275 -11.63 53.94 -56.03
C LEU H 275 -10.61 53.13 -55.24
N PHE H 276 -10.37 51.89 -55.68
CA PHE H 276 -9.41 51.03 -55.00
C PHE H 276 -7.98 51.54 -55.17
N VAL H 277 -7.63 51.96 -56.39
CA VAL H 277 -6.29 52.49 -56.63
C VAL H 277 -6.04 53.71 -55.78
N GLN H 278 -7.03 54.59 -55.66
CA GLN H 278 -6.89 55.75 -54.78
C GLN H 278 -6.66 55.32 -53.34
N ALA H 279 -7.40 54.31 -52.87
CA ALA H 279 -7.22 53.82 -51.51
C ALA H 279 -5.80 53.31 -51.28
N ALA H 280 -5.28 52.52 -52.22
CA ALA H 280 -3.92 51.99 -52.07
C ALA H 280 -2.89 53.12 -52.07
N GLN H 281 -3.06 54.11 -52.95
CA GLN H 281 -2.12 55.23 -53.00
C GLN H 281 -2.16 56.04 -51.71
N GLN H 282 -3.36 56.21 -51.13
CA GLN H 282 -3.49 56.94 -49.88
C GLN H 282 -2.75 56.22 -48.75
N GLU H 283 -2.80 54.88 -48.75
CA GLU H 283 -2.12 54.13 -47.70
C GLU H 283 -0.61 54.17 -47.87
N LYS H 284 -0.13 54.14 -49.14
CA LYS H 284 1.29 54.34 -49.38
C LYS H 284 1.75 55.69 -48.85
N ASP H 285 0.97 56.75 -49.09
CA ASP H 285 1.30 58.05 -48.53
C ASP H 285 1.25 58.02 -47.02
N TRP H 286 0.31 57.27 -46.45
CA TRP H 286 0.22 57.12 -45.01
C TRP H 286 1.45 56.41 -44.46
N ALA H 287 1.93 55.39 -45.18
CA ALA H 287 3.14 54.70 -44.75
C ALA H 287 4.36 55.60 -44.79
N ASP H 288 4.43 56.53 -45.74
CA ASP H 288 5.53 57.48 -45.76
C ASP H 288 5.51 58.38 -44.54
N TYR H 289 4.31 58.70 -44.03
CA TYR H 289 4.20 59.49 -42.82
C TYR H 289 4.51 58.67 -41.58
N LEU H 290 4.20 57.37 -41.60
CA LEU H 290 4.46 56.53 -40.43
C LEU H 290 5.95 56.38 -40.17
N PHE H 291 6.75 56.22 -41.22
CA PHE H 291 8.18 55.97 -41.07
C PHE H 291 9.02 57.19 -41.42
N ARG H 292 8.45 58.38 -41.31
CA ARG H 292 9.16 59.59 -41.66
C ARG H 292 10.35 59.83 -40.74
N ASP H 293 10.20 59.50 -39.46
CA ASP H 293 11.24 59.72 -38.46
C ASP H 293 12.11 58.49 -38.25
N GLY H 294 11.99 57.47 -39.08
CA GLY H 294 12.76 56.25 -38.92
C GLY H 294 11.87 55.01 -38.98
N SER H 295 12.54 53.87 -39.04
CA SER H 295 11.88 52.58 -39.16
C SER H 295 12.18 51.71 -37.94
N MET H 296 11.81 50.44 -38.02
CA MET H 296 12.04 49.48 -36.95
C MET H 296 12.37 48.13 -37.57
N ILE H 297 12.85 47.21 -36.72
CA ILE H 297 13.19 45.87 -37.19
C ILE H 297 11.95 45.20 -37.77
N GLY H 298 12.01 44.87 -39.06
CA GLY H 298 10.95 44.15 -39.72
C GLY H 298 9.91 44.99 -40.45
N LEU H 299 9.98 46.32 -40.36
CA LEU H 299 8.97 47.14 -41.01
C LEU H 299 9.53 48.51 -41.33
N ASN H 300 9.41 48.92 -42.59
CA ASN H 300 9.73 50.27 -43.04
C ASN H 300 8.75 50.65 -44.14
N LYS H 301 8.97 51.82 -44.75
CA LYS H 301 8.07 52.31 -45.79
C LYS H 301 8.01 51.33 -46.97
N ASP H 302 9.17 50.88 -47.44
CA ASP H 302 9.20 49.98 -48.60
C ASP H 302 8.46 48.69 -48.32
N ILE H 303 8.77 48.05 -47.19
CA ILE H 303 8.11 46.79 -46.84
C ILE H 303 6.61 46.99 -46.72
N LEU H 304 6.20 48.05 -46.02
CA LEU H 304 4.77 48.29 -45.82
C LEU H 304 4.07 48.62 -47.13
N CYS H 305 4.74 49.38 -47.99
CA CYS H 305 4.17 49.67 -49.30
C CYS H 305 4.08 48.41 -50.15
N GLN H 306 5.05 47.50 -50.02
CA GLN H 306 4.97 46.24 -50.75
C GLN H 306 3.77 45.42 -50.29
N TYR H 307 3.46 45.46 -49.00
CA TYR H 307 2.29 44.77 -48.51
C TYR H 307 1.00 45.43 -49.00
N VAL H 308 1.01 46.75 -49.18
CA VAL H 308 -0.15 47.44 -49.73
C VAL H 308 -0.46 46.91 -51.12
N GLU H 309 0.55 46.83 -51.98
CA GLU H 309 0.35 46.31 -53.33
C GLU H 309 -0.03 44.84 -53.29
N TYR H 310 0.57 44.07 -52.39
CA TYR H 310 0.27 42.65 -52.28
C TYR H 310 -1.20 42.44 -51.88
N ILE H 311 -1.65 43.13 -50.85
CA ILE H 311 -3.00 42.90 -50.35
C ILE H 311 -4.04 43.52 -51.28
N THR H 312 -3.70 44.60 -51.99
CA THR H 312 -4.66 45.24 -52.87
C THR H 312 -5.04 44.33 -54.04
N ASN H 313 -4.04 43.73 -54.69
CA ASN H 313 -4.30 42.82 -55.80
C ASN H 313 -5.24 41.69 -55.39
N ILE H 314 -5.06 41.15 -54.19
CA ILE H 314 -5.90 40.04 -53.73
C ILE H 314 -7.34 40.50 -53.56
N ARG H 315 -7.55 41.67 -52.93
CA ARG H 315 -8.91 42.15 -52.67
C ARG H 315 -9.61 42.53 -53.96
N MET H 316 -8.90 43.22 -54.87
CA MET H 316 -9.52 43.67 -56.11
C MET H 316 -9.89 42.48 -57.00
N GLN H 317 -9.07 41.42 -56.99
CA GLN H 317 -9.41 40.23 -57.75
C GLN H 317 -10.65 39.54 -57.20
N ALA H 318 -10.88 39.63 -55.89
CA ALA H 318 -12.04 38.99 -55.29
C ALA H 318 -13.35 39.61 -55.75
N VAL H 319 -13.33 40.86 -56.17
CA VAL H 319 -14.53 41.57 -56.63
C VAL H 319 -14.48 41.83 -58.14
N GLY H 320 -13.65 41.09 -58.87
CA GLY H 320 -13.65 41.15 -60.31
C GLY H 320 -13.06 42.41 -60.91
N LEU H 321 -12.08 43.01 -60.25
CA LEU H 321 -11.42 44.20 -60.75
C LEU H 321 -10.02 43.87 -61.22
N ASP H 322 -9.51 44.68 -62.14
CA ASP H 322 -8.18 44.47 -62.69
C ASP H 322 -7.11 44.76 -61.64
N LEU H 323 -6.02 44.00 -61.72
CA LEU H 323 -4.93 44.17 -60.78
C LEU H 323 -4.11 45.41 -61.14
N PRO H 324 -4.00 46.40 -60.24
CA PRO H 324 -3.26 47.62 -60.57
C PRO H 324 -1.76 47.50 -60.39
N PHE H 325 -1.29 46.54 -59.61
CA PHE H 325 0.13 46.42 -59.28
C PHE H 325 0.68 45.12 -59.84
N GLN H 326 2.01 45.03 -59.83
CA GLN H 326 2.71 43.84 -60.30
C GLN H 326 2.45 42.67 -59.36
N THR H 327 2.45 41.46 -59.93
CA THR H 327 2.34 40.25 -59.12
C THR H 327 3.50 40.19 -58.14
N ARG H 328 3.21 39.77 -56.91
CA ARG H 328 4.20 39.79 -55.85
C ARG H 328 3.88 38.72 -54.83
N SER H 329 4.91 38.25 -54.15
CA SER H 329 4.74 37.37 -53.02
C SER H 329 4.56 38.19 -51.75
N ASN H 330 3.98 37.56 -50.73
CA ASN H 330 3.72 38.23 -49.46
C ASN H 330 5.02 38.74 -48.86
N PRO H 331 5.22 40.06 -48.76
CA PRO H 331 6.49 40.57 -48.22
C PRO H 331 6.61 40.42 -46.73
N ILE H 332 5.52 40.17 -46.02
CA ILE H 332 5.58 39.96 -44.57
C ILE H 332 4.86 38.67 -44.21
N PRO H 333 5.44 37.51 -44.53
CA PRO H 333 4.75 36.24 -44.28
C PRO H 333 4.47 35.98 -42.83
N TRP H 334 5.17 36.64 -41.91
CA TRP H 334 4.94 36.42 -40.48
C TRP H 334 3.55 36.88 -40.04
N ILE H 335 2.87 37.68 -40.85
CA ILE H 335 1.57 38.18 -40.47
C ILE H 335 0.50 37.11 -40.53
N ASN H 336 0.76 36.02 -41.28
CA ASN H 336 -0.22 34.94 -41.35
C ASN H 336 -0.37 34.23 -40.00
N THR H 337 0.68 34.26 -39.17
CA THR H 337 0.58 33.74 -37.81
C THR H 337 -0.57 34.37 -37.05
N TRP H 338 -0.85 35.66 -37.33
CA TRP H 338 -1.83 36.42 -36.58
C TRP H 338 -3.20 36.46 -37.23
N LEU H 339 -3.32 36.01 -38.47
CA LEU H 339 -4.56 36.12 -39.24
C LEU H 339 -5.19 34.72 -39.31
N VAL H 340 -5.98 34.40 -38.28
CA VAL H 340 -6.72 33.14 -38.24
C VAL H 340 -8.03 33.29 -39.02
N ILE H 361 15.40 -7.13 -36.84
CA ILE H 361 15.76 -7.93 -38.00
C ILE H 361 15.24 -9.37 -37.86
N ASP H 362 14.61 -9.85 -38.92
CA ASP H 362 14.09 -11.22 -38.96
C ASP H 362 15.23 -12.20 -39.24
N SER H 363 15.37 -13.21 -38.38
CA SER H 363 16.47 -14.17 -38.47
C SER H 363 16.24 -15.24 -39.51
N GLU H 364 14.99 -15.45 -39.95
CA GLU H 364 14.65 -16.60 -40.79
C GLU H 364 15.28 -16.48 -42.17
N VAL H 365 15.85 -17.60 -42.65
CA VAL H 365 16.38 -17.71 -44.01
C VAL H 365 15.82 -18.97 -44.63
N ASP H 366 15.52 -18.91 -45.93
CA ASP H 366 15.03 -20.06 -46.70
C ASP H 366 16.05 -20.36 -47.79
N THR H 367 16.84 -21.42 -47.59
CA THR H 367 17.87 -21.77 -48.57
C THR H 367 17.25 -22.17 -49.91
N ASP H 368 16.10 -22.85 -49.87
CA ASP H 368 15.44 -23.26 -51.11
C ASP H 368 15.03 -22.05 -51.95
N ASP H 369 14.51 -21.01 -51.29
CA ASP H 369 14.10 -19.80 -52.02
C ASP H 369 15.29 -19.08 -52.63
N LEU H 370 16.43 -19.07 -51.92
CA LEU H 370 17.61 -18.40 -52.45
C LEU H 370 18.25 -19.19 -53.58
N SER H 371 18.19 -20.53 -53.52
CA SER H 371 18.76 -21.34 -54.59
C SER H 371 18.03 -21.14 -55.92
N ASN H 372 16.78 -20.68 -55.87
CA ASN H 372 16.03 -20.31 -57.07
C ASN H 372 16.52 -18.95 -57.57
N PHE H 373 17.82 -18.90 -57.87
CA PHE H 373 18.49 -17.67 -58.26
C PHE H 373 19.77 -18.04 -58.99
N GLN H 374 20.02 -17.37 -60.12
CA GLN H 374 21.20 -17.64 -60.93
C GLN H 374 22.17 -16.48 -60.82
N LEU H 375 23.40 -16.79 -60.43
CA LEU H 375 24.46 -15.79 -60.28
C LEU H 375 25.05 -15.38 -61.63
O3B CDP I . 62.09 -11.11 -15.37
PB CDP I . 63.23 -10.32 -14.80
O1B CDP I . 63.57 -10.67 -13.36
O2B CDP I . 64.42 -10.21 -15.72
O3A CDP I . 62.63 -8.81 -14.77
PA CDP I . 63.15 -7.61 -13.82
O1A CDP I . 62.17 -7.49 -12.67
O2A CDP I . 64.64 -7.74 -13.57
O5' CDP I . 62.92 -6.33 -14.76
C5' CDP I . 64.04 -5.69 -15.37
C4' CDP I . 63.66 -5.32 -16.79
O4' CDP I . 62.96 -6.41 -17.42
C3' CDP I . 62.69 -4.17 -16.82
O3' CDP I . 63.39 -2.91 -16.80
C2' CDP I . 61.91 -4.39 -18.09
O2' CDP I . 62.57 -3.77 -19.20
C1' CDP I . 61.95 -5.89 -18.31
N1 CDP I . 60.64 -6.47 -17.99
C2 CDP I . 59.65 -6.58 -19.00
O2 CDP I . 59.88 -6.16 -20.15
N3 CDP I . 58.44 -7.11 -18.72
C4 CDP I . 58.17 -7.56 -17.46
N4 CDP I . 56.96 -8.09 -17.19
C5 CDP I . 59.14 -7.47 -16.48
C6 CDP I . 60.37 -6.92 -16.75
PB DAT J . 55.64 -44.00 -16.28
O1B DAT J . 54.19 -44.24 -16.63
O2B DAT J . 56.17 -45.03 -15.30
O3B DAT J . 56.53 -43.75 -17.49
PA DAT J . 56.76 -41.86 -14.66
O1A DAT J . 57.37 -40.79 -15.52
O2A DAT J . 57.68 -42.86 -13.98
O3A DAT J . 55.59 -42.58 -15.52
O5' DAT J . 55.89 -41.18 -13.49
C5' DAT J . 54.52 -40.81 -13.71
C4' DAT J . 53.76 -40.91 -12.39
O4' DAT J . 52.74 -41.90 -12.49
C3' DAT J . 54.68 -41.33 -11.24
O3' DAT J . 54.50 -40.42 -10.15
C2' DAT J . 54.21 -42.69 -10.79
C1' DAT J . 52.82 -42.82 -11.40
N9 DAT J . 52.57 -44.20 -11.89
C8 DAT J . 53.40 -44.97 -12.61
N7 DAT J . 52.83 -46.18 -12.88
C5 DAT J . 51.61 -46.18 -12.30
C6 DAT J . 50.48 -47.13 -12.20
N6 DAT J . 50.53 -48.36 -12.76
N1 DAT J . 49.38 -46.74 -11.51
C2 DAT J . 49.31 -45.53 -10.93
N3 DAT J . 50.29 -44.61 -10.99
C4 DAT J . 51.44 -44.88 -11.65
MG MG K . 57.83 -44.95 -14.02
PG DTP L . 56.16 21.59 -38.29
O1G DTP L . 56.51 23.04 -38.62
O2G DTP L . 54.93 21.46 -37.41
O3G DTP L . 57.35 20.78 -37.81
PB DTP L . 56.01 19.54 -40.35
O1B DTP L . 55.29 19.48 -41.68
O2B DTP L . 57.51 19.30 -40.37
O3B DTP L . 55.65 20.99 -39.72
PA DTP L . 55.87 17.37 -38.44
O1A DTP L . 57.19 17.81 -37.84
O2A DTP L . 55.80 16.08 -39.20
O3A DTP L . 55.22 18.56 -39.32
O5' DTP L . 54.87 17.30 -37.19
C5' DTP L . 54.95 18.30 -36.16
C4' DTP L . 54.11 17.84 -34.98
O4' DTP L . 52.73 17.97 -35.33
C3' DTP L . 54.32 16.38 -34.64
O3' DTP L . 54.23 16.26 -33.22
C2' DTP L . 53.16 15.62 -35.27
C1' DTP L . 52.10 16.69 -35.41
N9 DTP L . 51.35 16.67 -36.69
C8 DTP L . 51.86 16.87 -37.92
N7 DTP L . 50.90 16.80 -38.88
C5 DTP L . 49.73 16.56 -38.24
C6 DTP L . 48.32 16.38 -38.63
N6 DTP L . 47.95 16.44 -39.93
N1 DTP L . 47.41 16.14 -37.66
C2 DTP L . 47.77 16.08 -36.36
N3 DTP L . 49.04 16.24 -35.92
C4 DTP L . 50.04 16.48 -36.81
MG MG M . 58.56 19.22 -38.55
O3B CDP N . 35.95 14.49 -52.17
PB CDP N . 34.76 14.67 -51.25
O1B CDP N . 35.04 15.49 -50.01
O2B CDP N . 33.48 15.03 -51.94
O3A CDP N . 34.52 13.21 -50.61
PA CDP N . 33.93 11.98 -51.47
O1A CDP N . 32.63 11.58 -50.85
O2A CDP N . 34.04 12.29 -52.95
O5' CDP N . 34.98 10.82 -51.13
C5' CDP N . 35.86 10.32 -52.13
C4' CDP N . 37.12 9.91 -51.40
O4' CDP N . 37.42 10.92 -50.44
C3' CDP N . 36.88 8.66 -50.58
O3' CDP N . 37.20 7.48 -51.33
C2' CDP N . 37.78 8.84 -49.38
O2' CDP N . 39.07 8.27 -49.63
C1' CDP N . 37.93 10.33 -49.24
N1 CDP N . 37.19 10.81 -48.07
C2 CDP N . 37.80 10.88 -46.81
O2 CDP N . 39.00 10.54 -46.68
N3 CDP N . 37.12 11.32 -45.74
C4 CDP N . 35.83 11.71 -45.87
N4 CDP N . 35.13 12.15 -44.79
C5 CDP N . 35.21 11.64 -47.11
C6 CDP N . 35.92 11.19 -48.21
PB DAT O . 31.12 47.86 -41.50
O1B DAT O . 30.19 48.83 -42.23
O2B DAT O . 31.08 48.08 -40.01
O3B DAT O . 32.49 47.76 -42.10
PA DAT O . 29.77 45.70 -42.91
O1A DAT O . 29.59 46.63 -44.10
O2A DAT O . 30.44 44.37 -43.17
O3A DAT O . 30.52 46.37 -41.66
O5' DAT O . 28.33 45.45 -42.21
C5' DAT O . 28.00 44.16 -41.70
C4' DAT O . 26.60 44.24 -41.08
O4' DAT O . 26.54 45.30 -40.13
C3' DAT O . 25.54 44.49 -42.12
O3' DAT O . 24.57 43.45 -42.03
C2' DAT O . 24.87 45.81 -41.74
C1' DAT O . 25.30 46.02 -40.30
N9 DAT O . 25.51 47.44 -39.95
C8 DAT O . 26.44 48.27 -40.44
N7 DAT O . 26.34 49.50 -39.88
C5 DAT O . 25.32 49.48 -39.01
C6 DAT O . 24.68 50.44 -38.08
N6 DAT O . 25.12 51.71 -37.98
N1 DAT O . 23.64 49.99 -37.35
C2 DAT O . 23.19 48.73 -37.44
N3 DAT O . 23.72 47.80 -38.26
C4 DAT O . 24.78 48.11 -39.05
MG MG P . 29.40 48.71 -44.16
PG DTP Q . 58.32 -15.91 -39.63
O1G DTP Q . 58.00 -15.01 -40.81
O2G DTP Q . 57.07 -16.39 -38.91
O3G DTP Q . 59.30 -17.02 -39.95
PB DTP Q . 59.71 -13.56 -38.61
O1B DTP Q . 60.70 -13.44 -37.49
O2B DTP Q . 60.21 -13.22 -40.01
O3B DTP Q . 59.12 -15.07 -38.50
PA DTP Q . 57.59 -11.66 -39.09
O1A DTP Q . 58.06 -10.28 -38.72
O2A DTP Q . 57.54 -12.09 -40.54
O3A DTP Q . 58.39 -12.73 -38.19
O5' DTP Q . 56.10 -11.85 -38.53
C5' DTP Q . 55.24 -12.84 -39.11
C4' DTP Q . 53.87 -12.73 -38.46
O4' DTP Q . 54.01 -13.05 -37.08
C3' DTP Q . 53.32 -11.33 -38.55
O3' DTP Q . 51.92 -11.43 -38.81
C2' DTP Q . 53.51 -10.72 -37.16
C1' DTP Q . 53.63 -11.94 -36.26
N9 DTP Q . 54.60 -11.82 -35.15
C8 DTP Q . 55.95 -11.81 -35.26
N7 DTP Q . 56.53 -11.72 -34.03
C5 DTP Q . 55.55 -11.67 -33.12
C6 DTP Q . 55.44 -11.58 -31.64
N6 DTP Q . 56.54 -11.52 -30.85
N1 DTP Q . 54.21 -11.58 -31.08
C2 DTP Q . 53.10 -11.65 -31.84
N3 DTP Q . 53.12 -11.74 -33.19
C4 DTP Q . 54.28 -11.75 -33.86
MG MG R . 58.89 -13.28 -41.62
O3B CDP S . -56.46 22.14 26.92
PB CDP S . -55.39 22.33 25.89
O1B CDP S . -55.21 23.76 25.45
O2B CDP S . -55.42 21.31 24.78
O3A CDP S . -54.02 21.97 26.67
PA CDP S . -53.43 22.88 27.87
O1A CDP S . -54.50 23.84 28.36
O2A CDP S . -52.09 23.38 27.41
O5' CDP S . -53.14 21.78 29.00
C5' CDP S . -53.48 22.01 30.36
C4' CDP S . -53.83 20.65 30.95
O4' CDP S . -54.40 19.83 29.91
C3' CDP S . -52.62 19.89 31.45
O3' CDP S . -52.43 20.07 32.85
C2' CDP S . -52.89 18.44 31.11
O2' CDP S . -53.43 17.76 32.24
C1' CDP S . -53.93 18.48 30.01
N1 CDP S . -53.30 18.05 28.75
C2 CDP S . -53.23 16.68 28.42
O2 CDP S . -53.70 15.83 29.20
N3 CDP S . -52.64 16.29 27.27
C4 CDP S . -52.11 17.20 26.42
N4 CDP S . -51.53 16.81 25.27
C5 CDP S . -52.19 18.56 26.73
C6 CDP S . -52.79 18.97 27.91
PB DAT T . -69.16 19.68 -5.66
O1B DAT T . -69.53 20.77 -6.63
O2B DAT T . -68.63 18.44 -6.35
O3B DAT T . -70.19 19.40 -4.59
PA DAT T . -67.68 21.57 -4.04
O1A DAT T . -68.59 22.66 -4.56
O2A DAT T . -67.72 21.24 -2.56
O3A DAT T . -67.84 20.19 -4.87
O5' DAT T . -66.17 21.97 -4.46
C5' DAT T . -65.16 20.97 -4.49
C4' DAT T . -63.93 21.51 -5.23
O4' DAT T . -63.78 20.89 -6.51
C3' DAT T . -64.04 23.00 -5.47
O3' DAT T . -62.84 23.62 -5.01
C2' DAT T . -64.15 23.19 -6.96
C1' DAT T . -63.68 21.86 -7.55
N9 DAT T . -64.50 21.42 -8.69
C8 DAT T . -65.85 21.30 -8.72
N7 DAT T . -66.28 20.85 -9.92
C5 DAT T . -65.20 20.69 -10.71
C6 DAT T . -64.93 20.25 -12.10
N6 DAT T . -65.93 19.88 -12.93
N1 DAT T . -63.64 20.21 -12.51
C2 DAT T . -62.63 20.57 -11.70
N3 DAT T . -62.80 20.98 -10.43
C4 DAT T . -64.03 21.07 -9.88
MG MG U . -69.87 22.80 -6.21
PG DTP V . -46.04 -4.66 54.72
O1G DTP V . -46.70 -3.34 54.37
O2G DTP V . -44.54 -4.66 54.51
O3G DTP V . -46.49 -5.24 56.05
PB DTP V . -48.09 -5.91 53.10
O1B DTP V . -49.08 -5.02 53.85
O2B DTP V . -48.35 -7.39 53.10
O3B DTP V . -46.58 -5.74 53.65
PA DTP V . -48.14 -4.03 50.89
O1A DTP V . -48.31 -2.92 51.92
O2A DTP V . -49.16 -4.18 49.79
O3A DTP V . -47.89 -5.48 51.56
O5' DTP V . -46.70 -3.77 50.20
C5' DTP V . -45.83 -2.75 50.69
C4' DTP V . -44.78 -2.49 49.63
O4' DTP V . -44.12 -3.73 49.34
C3' DTP V . -45.42 -2.02 48.33
O3' DTP V . -44.69 -0.89 47.84
C2' DTP V . -45.28 -3.17 47.34
C1' DTP V . -44.20 -4.04 47.95
N9 DTP V . -44.45 -5.50 47.84
C8 DTP V . -45.28 -6.23 48.61
N7 DTP V . -45.25 -7.53 48.26
C5 DTP V . -44.36 -7.67 47.25
C6 DTP V . -43.85 -8.77 46.41
N6 DTP V . -44.27 -10.04 46.58
N1 DTP V . -42.93 -8.46 45.47
C2 DTP V . -42.49 -7.20 45.28
N3 DTP V . -42.92 -6.16 46.01
C4 DTP V . -43.85 -6.31 46.98
MG MG W . -48.72 -2.96 53.96
O3B CDP X . -41.89 -27.57 40.73
PB CDP X . -42.82 -26.43 41.10
O1B CDP X . -42.11 -25.23 41.70
O2B CDP X . -44.07 -26.87 41.84
O3A CDP X . -43.37 -25.84 39.70
PA CDP X . -44.06 -26.75 38.56
O1A CDP X . -44.80 -27.90 39.20
O2A CDP X . -43.04 -26.99 37.46
O5' CDP X . -45.12 -25.70 37.99
C5' CDP X . -46.51 -25.88 38.25
C4' CDP X . -47.10 -24.53 38.62
O4' CDP X . -46.19 -23.78 39.43
C3' CDP X . -47.34 -23.68 37.38
O3' CDP X . -48.66 -23.87 36.87
C2' CDP X . -47.13 -22.26 37.87
O2' CDP X . -48.38 -21.70 38.27
C1' CDP X . -46.22 -22.38 39.07
N1 CDP X . -44.88 -21.90 38.72
C2 CDP X . -44.61 -20.52 38.67
O2 CDP X . -45.52 -19.69 38.94
N3 CDP X . -43.39 -20.07 38.33
C4 CDP X . -42.39 -20.95 38.03
N4 CDP X . -41.17 -20.49 37.69
C5 CDP X . -42.64 -22.32 38.07
C6 CDP X . -43.91 -22.78 38.42
PB DAT Y . -16.37 -23.76 63.03
O1B DAT Y . -15.74 -22.39 62.86
O2B DAT Y . -15.36 -24.82 63.41
O3B DAT Y . -17.63 -23.79 63.84
PA DAT Y . -17.51 -25.51 61.07
O1A DAT Y . -18.92 -25.19 60.64
O2A DAT Y . -17.29 -26.61 62.07
O3A DAT Y . -16.80 -24.14 61.52
O5' DAT Y . -16.61 -25.85 59.77
C5' DAT Y . -16.64 -25.01 58.61
C4' DAT Y . -15.46 -25.40 57.73
O4' DAT Y . -14.27 -24.72 58.15
C3' DAT Y . -15.19 -26.89 57.84
O3' DAT Y . -15.18 -27.45 56.52
C2' DAT Y . -13.80 -27.03 58.43
C1' DAT Y . -13.19 -25.64 58.30
N9 DAT Y . -12.41 -25.28 59.50
C8 DAT Y . -12.80 -25.36 60.78
N7 DAT Y . -11.82 -24.93 61.61
C5 DAT Y . -10.76 -24.57 60.85
C6 DAT Y . -9.40 -24.02 61.07
N6 DAT Y . -8.94 -23.77 62.33
N1 DAT Y . -8.63 -23.78 59.99
C2 DAT Y . -9.07 -24.02 58.75
N3 DAT Y . -10.29 -24.51 58.46
C4 DAT Y . -11.16 -24.80 59.45
MG MG Z . -16.15 -26.72 63.83
PG DTP AA . -68.53 0.40 24.95
O1G DTP AA . -69.96 0.85 24.78
O2G DTP AA . -67.74 0.44 23.66
O3G DTP AA . -68.36 -0.88 25.74
PB DTP AA . -67.67 1.66 27.44
O1B DTP AA . -67.69 3.11 27.82
O2B DTP AA . -68.65 0.76 28.18
O3B DTP AA . -67.87 1.61 25.83
PA DTP AA . -65.57 -0.23 28.14
O1A DTP AA . -64.87 0.08 29.45
O2A DTP AA . -66.59 -1.35 28.08
O3A DTP AA . -66.13 1.16 27.53
O5' DTP AA . -64.47 -0.61 27.04
C5' DTP AA . -64.80 -1.46 25.94
C4' DTP AA . -63.53 -1.87 25.22
O4' DTP AA . -62.93 -0.71 24.64
C3' DTP AA . -62.50 -2.47 26.15
O3' DTP AA . -61.87 -3.57 25.49
C2' DTP AA . -61.47 -1.38 26.40
C1' DTP AA . -61.62 -0.48 25.19
N9 DTP AA . -61.52 0.97 25.49
C8 DTP AA . -62.38 1.70 26.22
N7 DTP AA . -61.99 3.01 26.26
C5 DTP AA . -60.88 3.12 25.52
C6 DTP AA . -59.95 4.21 25.13
N6 DTP AA . -60.15 5.48 25.56
N1 DTP AA . -58.90 3.89 24.34
C2 DTP AA . -58.68 2.63 23.91
N3 DTP AA . -59.49 1.59 24.22
C4 DTP AA . -60.58 1.77 25.02
MG MG BA . -68.66 -1.30 27.77
FE1 FEO CA . -36.41 41.61 -27.04
FE2 FEO CA . -36.18 44.45 -25.71
O FEO CA . -35.79 42.68 -25.72
FE1 FEO DA . 34.42 -46.25 22.51
FE2 FEO DA . 36.35 -45.14 24.80
O FEO DA . 35.24 -44.88 23.39
FE1 FEO EA . 15.66 -42.86 39.41
FE2 FEO EA . 14.68 -45.72 38.45
O FEO EA . 15.08 -43.99 38.12
FE1 FEO FA . -13.54 47.03 -36.96
FE2 FEO FA . -14.81 45.76 -39.60
O FEO FA . -14.19 45.63 -37.90
#